data_5E9A
#
_entry.id   5E9A
#
_cell.length_a   146.426
_cell.length_b   106.831
_cell.length_c   164.244
_cell.angle_alpha   90.000
_cell.angle_beta   109.000
_cell.angle_gamma   90.000
#
_symmetry.space_group_name_H-M   'P 1 21 1'
#
loop_
_entity.id
_entity.type
_entity.pdbx_description
1 polymer Beta-galactosidase
2 non-polymer 'ZINC ION'
3 non-polymer 'ACETATE ION'
4 water water
#
_entity_poly.entity_id   1
_entity_poly.type   'polypeptide(L)'
_entity_poly.pdbx_seq_one_letter_code
;MNHKVHHHHHHIEGRHMELGTLEGSMTKFPLLSSKISGLLHGADYNPEQWLDHPDVLVRDVEMMKEARCNVMSVGIFSWS
ALEPEEGRYTFDWMDQVLNRLHENGISVFLATPSGARPAWMSQKYPQVLRVGRDRVPALHGGRHNHCMSSPVYREKVQLM
NGQLAKRYAHHPAVIGWHISNEYGGECHCDTCQGQFRDWLKARYVTLDALNKAWWSTFWSHTYTDWSQLESPSPQGENGV
HGLNLDWRRFNTDQVTRFCSEEIRPLKAENPALPATTNFMEYFNDYDYWKLAGVLDFISWDSYPMWHTRQDDIGLAAYTA
MYHDLMRTLKQGKPFVLMESTPSFTNWQPTSKLKKPGMHILSSLQAVAHGADSVQYFQWRKSRGSCEKFHGAVVDHVGHI
DTRVGREVAELGSILSALAPVAGSRVEAKVAIIFDWESRWAMDDAMGPRNAGLHYENTVADHYRALWAQGIAVDVINADC
DLQGYDLVIAPMLYMVREGVGERISAFVQAGGRFVATYWSGIVNETDLCFLNGFPGPLRPVLGIWAEEIDSLTDEQHNSV
AGVEGNALGLSGPYRASQLCEVIHLEGAAALATYGDDFYAGNPAVTVNLYGKGQAYYVASRNDQQFHADFFTALAKEMKL
PRAINTPLPEGVTAARRTDGESEFIFLQNYNADNQTVALPQDYQDIVHGGNLPRKLTLPAFGCQILTRKITQ
;
_entity_poly.pdbx_strand_id   A,B,C,D,E,F
#
loop_
_chem_comp.id
_chem_comp.type
_chem_comp.name
_chem_comp.formula
ACT non-polymer 'ACETATE ION' 'C2 H3 O2 -1'
ZN non-polymer 'ZINC ION' 'Zn 2'
#
# COMPACT_ATOMS: atom_id res chain seq x y z
N THR A 27 40.57 47.70 -27.12
CA THR A 27 42.03 47.37 -26.84
C THR A 27 42.26 46.24 -25.82
N LYS A 28 41.35 46.10 -24.85
CA LYS A 28 41.47 45.11 -23.76
C LYS A 28 40.09 44.93 -23.10
N PHE A 29 39.76 43.72 -22.67
CA PHE A 29 38.44 43.49 -22.09
C PHE A 29 38.39 43.97 -20.64
N PRO A 30 37.22 44.44 -20.17
CA PRO A 30 37.08 44.75 -18.76
C PRO A 30 37.19 43.50 -17.86
N LEU A 31 37.79 43.67 -16.70
CA LEU A 31 37.93 42.60 -15.73
C LEU A 31 36.57 42.27 -15.20
N LEU A 32 36.44 41.11 -14.56
CA LEU A 32 35.15 40.66 -14.01
C LEU A 32 34.45 41.63 -13.08
N SER A 33 35.26 42.43 -12.38
CA SER A 33 34.77 43.45 -11.45
C SER A 33 35.70 44.65 -11.50
N SER A 34 35.16 45.82 -11.23
CA SER A 34 35.96 47.03 -11.08
C SER A 34 36.85 46.93 -9.82
N LYS A 35 36.48 46.06 -8.87
CA LYS A 35 37.22 45.85 -7.61
C LYS A 35 38.53 45.07 -7.75
N ILE A 36 38.62 44.21 -8.75
CA ILE A 36 39.79 43.36 -8.89
C ILE A 36 40.70 43.99 -9.90
N SER A 37 41.94 43.55 -9.87
CA SER A 37 42.94 44.15 -10.69
C SER A 37 43.92 43.08 -11.25
N GLY A 38 43.69 41.78 -11.02
CA GLY A 38 44.51 40.75 -11.70
C GLY A 38 43.72 39.46 -11.91
N LEU A 39 44.45 38.34 -11.98
CA LEU A 39 43.85 37.03 -12.15
C LEU A 39 43.34 36.61 -10.80
N LEU A 40 42.21 35.89 -10.78
CA LEU A 40 41.65 35.26 -9.61
C LEU A 40 42.16 33.83 -9.47
N HIS A 41 42.20 33.40 -8.22
CA HIS A 41 42.60 32.11 -7.86
C HIS A 41 41.67 31.67 -6.75
N GLY A 42 41.02 30.52 -6.87
CA GLY A 42 40.03 30.14 -5.89
C GLY A 42 39.44 28.76 -5.92
N ALA A 43 38.27 28.61 -5.29
CA ALA A 43 37.66 27.30 -5.07
C ALA A 43 36.21 27.37 -4.65
N ASP A 44 35.47 26.32 -4.97
CA ASP A 44 34.19 26.07 -4.34
C ASP A 44 34.45 25.90 -2.84
N TYR A 45 33.69 26.63 -2.03
CA TYR A 45 33.88 26.63 -0.58
C TYR A 45 32.58 26.20 0.11
N ASN A 46 32.64 25.25 1.03
CA ASN A 46 31.43 24.75 1.67
C ASN A 46 31.62 24.74 3.17
N PRO A 47 31.78 25.92 3.75
CA PRO A 47 32.00 26.06 5.17
C PRO A 47 30.81 25.54 5.99
N GLU A 48 29.63 25.50 5.38
CA GLU A 48 28.45 24.99 6.08
C GLU A 48 28.57 23.54 6.53
N GLN A 49 29.51 22.79 5.95
CA GLN A 49 29.76 21.42 6.43
C GLN A 49 30.58 21.36 7.72
N TRP A 50 31.16 22.49 8.14
CA TRP A 50 32.18 22.57 9.19
C TRP A 50 31.82 23.51 10.37
N LEU A 51 30.56 23.99 10.45
CA LEU A 51 30.15 25.01 11.46
C LEU A 51 30.35 24.57 12.91
N ASP A 52 30.47 23.25 13.13
CA ASP A 52 30.80 22.71 14.44
C ASP A 52 32.25 22.88 14.84
N HIS A 53 33.11 23.35 13.94
CA HIS A 53 34.53 23.54 14.25
C HIS A 53 34.92 24.93 13.75
N PRO A 54 34.69 25.95 14.57
CA PRO A 54 35.10 27.33 14.23
C PRO A 54 36.59 27.52 14.00
N ASP A 55 37.39 26.69 14.66
CA ASP A 55 38.84 26.59 14.44
C ASP A 55 39.15 26.23 12.98
N VAL A 56 38.33 25.39 12.36
CA VAL A 56 38.49 25.06 10.93
C VAL A 56 38.18 26.25 10.04
N LEU A 57 37.15 27.00 10.40
CA LEU A 57 36.78 28.19 9.61
C LEU A 57 37.82 29.35 9.62
N VAL A 58 38.44 29.57 10.78
CA VAL A 58 39.51 30.53 10.95
C VAL A 58 40.74 30.07 10.15
N ARG A 59 41.13 28.80 10.32
CA ARG A 59 42.22 28.17 9.56
C ARG A 59 41.99 28.19 8.05
N ASP A 60 40.74 27.95 7.64
CA ASP A 60 40.40 27.99 6.22
C ASP A 60 40.89 29.27 5.65
N VAL A 61 40.59 30.36 6.33
CA VAL A 61 40.91 31.67 5.79
C VAL A 61 42.43 32.01 5.82
N GLU A 62 43.11 31.62 6.89
CA GLU A 62 44.54 31.82 7.02
C GLU A 62 45.22 31.12 5.86
N MET A 63 44.77 29.88 5.61
CA MET A 63 45.40 29.08 4.54
C MET A 63 45.05 29.62 3.14
N MET A 64 43.86 30.19 2.98
CA MET A 64 43.48 30.79 1.71
C MET A 64 44.48 31.86 1.32
N LYS A 65 44.80 32.70 2.28
CA LYS A 65 45.70 33.79 2.04
C LYS A 65 47.11 33.30 1.86
N GLU A 66 47.50 32.27 2.63
CA GLU A 66 48.77 31.58 2.42
C GLU A 66 48.94 31.07 1.00
N ALA A 67 47.89 30.49 0.44
CA ALA A 67 47.86 29.93 -0.91
C ALA A 67 47.64 30.96 -2.01
N ARG A 68 47.42 32.22 -1.64
CA ARG A 68 47.00 33.30 -2.54
C ARG A 68 45.76 32.97 -3.35
N CYS A 69 44.75 32.46 -2.65
CA CYS A 69 43.40 32.46 -3.18
C CYS A 69 42.71 33.77 -2.81
N ASN A 70 42.07 34.41 -3.80
CA ASN A 70 41.32 35.67 -3.63
C ASN A 70 39.89 35.59 -4.08
N VAL A 71 39.42 34.39 -4.39
CA VAL A 71 38.02 34.22 -4.71
C VAL A 71 37.53 32.90 -4.20
N MET A 72 36.30 32.84 -3.68
CA MET A 72 35.64 31.56 -3.43
C MET A 72 34.23 31.60 -3.99
N SER A 73 33.73 30.44 -4.36
CA SER A 73 32.33 30.31 -4.70
C SER A 73 31.59 29.72 -3.52
N VAL A 74 30.56 30.42 -3.04
CA VAL A 74 29.85 30.08 -1.80
C VAL A 74 28.36 29.88 -2.09
N GLY A 75 27.74 28.96 -1.36
CA GLY A 75 26.30 28.79 -1.39
C GLY A 75 25.71 27.74 -2.32
N ILE A 76 26.58 27.03 -3.03
CA ILE A 76 26.15 26.20 -4.15
C ILE A 76 25.20 25.10 -3.73
N PHE A 77 25.56 24.39 -2.66
CA PHE A 77 24.72 23.31 -2.16
C PHE A 77 24.20 23.59 -0.77
N SER A 78 23.76 24.83 -0.56
CA SER A 78 23.44 25.35 0.76
C SER A 78 21.95 25.47 1.05
N TRP A 79 21.08 24.85 0.25
CA TRP A 79 19.62 25.10 0.41
C TRP A 79 19.15 24.70 1.80
N SER A 80 19.60 23.55 2.28
CA SER A 80 19.13 23.03 3.54
C SER A 80 19.79 23.71 4.72
N ALA A 81 20.95 24.33 4.45
CA ALA A 81 21.62 25.17 5.41
C ALA A 81 21.03 26.60 5.44
N LEU A 82 20.21 26.95 4.46
CA LEU A 82 19.58 28.28 4.38
C LEU A 82 18.11 28.24 4.69
N GLU A 83 17.47 27.12 4.38
CA GLU A 83 16.06 26.93 4.61
C GLU A 83 15.85 25.48 5.07
N PRO A 84 16.20 25.19 6.34
CA PRO A 84 15.99 23.80 6.85
C PRO A 84 14.51 23.36 6.96
N GLU A 85 13.59 24.32 7.17
CA GLU A 85 12.13 24.08 7.13
C GLU A 85 11.55 25.03 6.13
N GLU A 86 10.45 24.62 5.51
CA GLU A 86 9.77 25.51 4.57
C GLU A 86 9.47 26.91 5.13
N GLY A 87 9.90 27.96 4.43
CA GLY A 87 9.59 29.34 4.85
C GLY A 87 10.37 29.88 6.04
N ARG A 88 11.20 29.06 6.67
CA ARG A 88 12.09 29.46 7.77
C ARG A 88 13.59 29.49 7.32
N TYR A 89 14.18 30.69 7.35
CA TYR A 89 15.55 30.92 6.90
C TYR A 89 16.60 31.06 8.01
N THR A 90 17.84 30.70 7.73
CA THR A 90 18.94 30.77 8.69
C THR A 90 20.19 31.23 7.98
N PHE A 91 20.33 32.54 7.78
CA PHE A 91 21.44 33.12 7.01
C PHE A 91 22.69 33.47 7.82
N ASP A 92 22.71 33.25 9.14
CA ASP A 92 23.75 33.85 10.00
C ASP A 92 25.14 33.36 9.63
N TRP A 93 25.33 32.05 9.56
CA TRP A 93 26.60 31.49 9.14
C TRP A 93 27.16 32.12 7.83
N MET A 94 26.25 32.41 6.89
CA MET A 94 26.62 32.99 5.62
C MET A 94 27.02 34.47 5.75
N ASP A 95 26.29 35.21 6.59
CA ASP A 95 26.69 36.58 6.95
C ASP A 95 28.10 36.57 7.44
N GLN A 96 28.39 35.62 8.33
CA GLN A 96 29.70 35.49 8.98
C GLN A 96 30.75 35.16 7.92
N VAL A 97 30.43 34.18 7.06
CA VAL A 97 31.37 33.67 6.07
C VAL A 97 31.76 34.80 5.10
N LEU A 98 30.74 35.50 4.61
CA LEU A 98 30.96 36.64 3.71
C LEU A 98 31.74 37.80 4.34
N ASN A 99 31.43 38.13 5.60
CA ASN A 99 32.20 39.16 6.34
C ASN A 99 33.67 38.77 6.54
N ARG A 100 33.92 37.50 6.84
CA ARG A 100 35.29 37.01 7.06
C ARG A 100 36.13 36.95 5.80
N LEU A 101 35.51 36.52 4.72
CA LEU A 101 36.23 36.55 3.48
C LEU A 101 36.54 38.00 3.07
N HIS A 102 35.59 38.91 3.28
CA HIS A 102 35.76 40.32 2.93
C HIS A 102 36.83 41.00 3.75
N GLU A 103 36.80 40.76 5.06
CA GLU A 103 37.85 41.23 6.00
C GLU A 103 39.27 40.77 5.60
N ASN A 104 39.35 39.59 4.97
CA ASN A 104 40.59 39.03 4.55
C ASN A 104 40.90 39.16 3.04
N GLY A 105 40.23 40.10 2.38
CA GLY A 105 40.55 40.40 1.01
C GLY A 105 40.27 39.30 0.00
N ILE A 106 39.21 38.53 0.25
CA ILE A 106 38.78 37.43 -0.64
C ILE A 106 37.39 37.71 -1.17
N SER A 107 37.28 37.77 -2.50
CA SER A 107 36.02 37.99 -3.19
C SER A 107 35.18 36.74 -3.25
N VAL A 108 33.90 36.91 -3.50
CA VAL A 108 32.99 35.79 -3.52
C VAL A 108 32.15 35.80 -4.76
N PHE A 109 32.07 34.65 -5.42
CA PHE A 109 30.94 34.36 -6.33
C PHE A 109 29.82 33.70 -5.51
N LEU A 110 28.74 34.45 -5.26
CA LEU A 110 27.64 33.91 -4.46
C LEU A 110 26.76 33.09 -5.40
N ALA A 111 26.46 31.84 -4.98
CA ALA A 111 25.64 30.92 -5.77
C ALA A 111 24.19 30.88 -5.35
N THR A 112 23.31 30.62 -6.32
CA THR A 112 21.94 30.31 -6.01
C THR A 112 21.96 28.82 -5.81
N PRO A 113 21.25 28.33 -4.78
CA PRO A 113 21.34 26.90 -4.37
C PRO A 113 20.48 25.90 -5.18
N SER A 114 19.89 26.29 -6.30
CA SER A 114 19.01 25.40 -7.05
C SER A 114 19.61 24.07 -7.53
N GLY A 115 20.92 23.89 -7.45
CA GLY A 115 21.57 22.59 -7.76
C GLY A 115 21.10 21.37 -6.94
N ALA A 116 20.55 21.60 -5.76
CA ALA A 116 20.08 20.51 -4.87
C ALA A 116 18.99 21.01 -3.87
N ARG A 117 17.75 20.64 -4.14
CA ARG A 117 16.63 20.87 -3.23
C ARG A 117 16.78 20.14 -1.92
N PRO A 118 16.20 20.68 -0.85
CA PRO A 118 16.17 19.93 0.39
C PRO A 118 15.25 18.70 0.28
N ALA A 119 15.43 17.75 1.20
CA ALA A 119 14.55 16.57 1.34
C ALA A 119 13.11 16.94 1.65
N TRP A 120 12.86 17.92 2.53
CA TRP A 120 11.46 18.35 2.84
C TRP A 120 10.68 18.79 1.60
N MET A 121 11.36 19.48 0.69
CA MET A 121 10.77 19.97 -0.54
C MET A 121 10.37 18.83 -1.46
N SER A 122 11.19 17.79 -1.53
CA SER A 122 10.89 16.62 -2.33
C SER A 122 9.65 15.90 -1.84
N GLN A 123 9.67 15.63 -0.53
CA GLN A 123 8.58 14.97 0.19
C GLN A 123 7.25 15.73 0.04
N LYS A 124 7.24 17.05 0.27
CA LYS A 124 6.00 17.84 0.21
C LYS A 124 5.52 18.16 -1.23
N TYR A 125 6.46 18.47 -2.13
CA TYR A 125 6.13 18.76 -3.52
C TYR A 125 6.90 17.84 -4.47
N PRO A 126 6.47 16.58 -4.61
CA PRO A 126 7.04 15.59 -5.52
C PRO A 126 7.13 16.00 -7.01
N GLN A 127 6.35 16.98 -7.45
CA GLN A 127 6.47 17.49 -8.81
C GLN A 127 7.86 18.12 -9.14
N VAL A 128 8.67 18.45 -8.13
CA VAL A 128 9.99 19.04 -8.36
C VAL A 128 10.96 17.94 -8.79
N LEU A 129 10.60 16.69 -8.53
CA LEU A 129 11.39 15.57 -9.01
C LEU A 129 11.12 15.37 -10.47
N ARG A 130 12.08 14.71 -11.15
CA ARG A 130 12.00 14.40 -12.59
C ARG A 130 11.32 13.08 -12.86
N VAL A 131 10.75 12.96 -14.06
CA VAL A 131 10.42 11.66 -14.66
C VAL A 131 11.45 11.39 -15.75
N GLY A 132 12.06 10.19 -15.70
CA GLY A 132 13.11 9.77 -16.63
C GLY A 132 12.60 9.53 -18.04
N ARG A 133 13.54 9.46 -19.00
CA ARG A 133 13.27 9.11 -20.39
C ARG A 133 12.55 7.79 -20.55
N ASP A 134 12.88 6.85 -19.67
CA ASP A 134 12.20 5.56 -19.61
C ASP A 134 10.88 5.59 -18.85
N ARG A 135 10.41 6.81 -18.54
CA ARG A 135 9.21 7.10 -17.77
C ARG A 135 9.26 6.65 -16.30
N VAL A 136 10.41 6.22 -15.81
CA VAL A 136 10.59 5.94 -14.39
C VAL A 136 10.63 7.26 -13.57
N PRO A 137 9.74 7.37 -12.55
CA PRO A 137 9.78 8.61 -11.73
C PRO A 137 10.94 8.52 -10.76
N ALA A 138 11.71 9.59 -10.62
CA ALA A 138 12.82 9.67 -9.69
C ALA A 138 12.31 9.80 -8.26
N LEU A 139 13.10 9.26 -7.34
CA LEU A 139 12.95 9.55 -5.92
C LEU A 139 13.92 10.66 -5.51
N HIS A 140 13.80 11.11 -4.26
CA HIS A 140 14.67 12.16 -3.75
C HIS A 140 16.11 11.62 -3.77
N GLY A 141 17.06 12.49 -4.06
CA GLY A 141 18.44 12.16 -3.96
C GLY A 141 19.23 12.76 -5.09
N GLY A 142 20.55 12.60 -5.04
CA GLY A 142 21.39 13.11 -6.11
C GLY A 142 21.39 14.63 -6.16
N ARG A 143 21.48 15.18 -7.37
CA ARG A 143 21.65 16.61 -7.58
C ARG A 143 21.33 16.95 -9.02
N HIS A 144 21.20 18.25 -9.32
CA HIS A 144 20.99 18.71 -10.69
C HIS A 144 19.83 18.04 -11.45
N ASN A 145 18.84 17.55 -10.70
CA ASN A 145 17.81 16.64 -11.23
C ASN A 145 16.39 17.14 -10.92
N HIS A 146 16.22 18.46 -11.01
CA HIS A 146 14.90 19.09 -10.91
C HIS A 146 14.14 19.06 -12.25
N CYS A 147 12.82 18.89 -12.18
CA CYS A 147 11.92 19.21 -13.28
C CYS A 147 11.94 20.71 -13.60
N MET A 148 12.06 21.06 -14.87
CA MET A 148 12.32 22.45 -15.28
C MET A 148 11.09 23.22 -15.64
N SER A 149 9.98 22.49 -15.69
CA SER A 149 8.64 23.05 -15.85
C SER A 149 8.01 23.38 -14.50
N SER A 150 8.26 22.56 -13.47
CA SER A 150 7.59 22.68 -12.17
C SER A 150 7.38 24.12 -11.63
N PRO A 151 6.12 24.58 -11.58
CA PRO A 151 5.86 25.92 -11.06
C PRO A 151 6.24 26.13 -9.58
N VAL A 152 6.13 25.07 -8.79
CA VAL A 152 6.54 25.10 -7.40
C VAL A 152 8.03 25.37 -7.31
N TYR A 153 8.83 24.58 -8.01
CA TYR A 153 10.27 24.73 -7.90
C TYR A 153 10.76 26.07 -8.42
N ARG A 154 10.19 26.50 -9.53
CA ARG A 154 10.54 27.81 -10.07
C ARG A 154 10.15 28.93 -9.09
N GLU A 155 9.05 28.75 -8.37
CA GLU A 155 8.59 29.75 -7.38
C GLU A 155 9.46 29.79 -6.14
N LYS A 156 9.90 28.60 -5.70
CA LYS A 156 10.82 28.47 -4.54
C LYS A 156 12.22 29.00 -4.85
N VAL A 157 12.61 28.83 -6.10
CA VAL A 157 13.83 29.41 -6.55
C VAL A 157 13.73 30.89 -6.53
N GLN A 158 12.64 31.46 -7.06
CA GLN A 158 12.39 32.92 -7.00
C GLN A 158 12.46 33.45 -5.57
N LEU A 159 11.81 32.75 -4.64
CA LEU A 159 11.79 33.18 -3.25
C LEU A 159 13.16 33.16 -2.66
N MET A 160 13.84 32.02 -2.80
CA MET A 160 15.21 31.87 -2.32
C MET A 160 16.16 32.90 -2.93
N ASN A 161 16.08 33.07 -4.26
CA ASN A 161 16.99 33.98 -4.91
C ASN A 161 16.71 35.41 -4.51
N GLY A 162 15.44 35.72 -4.23
CA GLY A 162 15.02 37.05 -3.78
C GLY A 162 15.61 37.37 -2.42
N GLN A 163 15.64 36.37 -1.56
CA GLN A 163 16.24 36.52 -0.26
C GLN A 163 17.75 36.80 -0.38
N LEU A 164 18.44 35.94 -1.09
CA LEU A 164 19.87 36.07 -1.32
C LEU A 164 20.19 37.43 -1.92
N ALA A 165 19.36 37.89 -2.84
CA ALA A 165 19.63 39.16 -3.50
C ALA A 165 19.39 40.35 -2.56
N LYS A 166 18.27 40.37 -1.87
CA LYS A 166 17.95 41.50 -0.98
C LYS A 166 18.91 41.54 0.22
N ARG A 167 19.41 40.38 0.64
CA ARG A 167 20.34 40.32 1.74
C ARG A 167 21.77 40.63 1.29
N TYR A 168 22.17 40.15 0.11
CA TYR A 168 23.58 40.13 -0.26
C TYR A 168 23.99 40.83 -1.55
N ALA A 169 23.05 41.36 -2.34
CA ALA A 169 23.47 42.00 -3.62
C ALA A 169 24.34 43.27 -3.48
N HIS A 170 24.52 43.78 -2.27
CA HIS A 170 25.40 44.91 -2.00
C HIS A 170 26.43 44.55 -0.95
N HIS A 171 26.68 43.27 -0.73
CA HIS A 171 27.74 42.88 0.16
C HIS A 171 29.04 43.13 -0.61
N PRO A 172 29.95 43.92 -0.02
CA PRO A 172 31.17 44.28 -0.74
C PRO A 172 32.03 43.09 -1.18
N ALA A 173 31.91 41.95 -0.51
CA ALA A 173 32.60 40.72 -0.96
C ALA A 173 32.20 40.23 -2.34
N VAL A 174 30.91 40.37 -2.64
CA VAL A 174 30.26 39.68 -3.75
C VAL A 174 30.67 40.37 -5.04
N ILE A 175 31.17 39.58 -6.00
CA ILE A 175 31.57 40.10 -7.35
C ILE A 175 30.80 39.47 -8.46
N GLY A 176 29.97 38.49 -8.16
CA GLY A 176 29.13 37.91 -9.18
C GLY A 176 28.27 36.79 -8.65
N TRP A 177 27.39 36.34 -9.53
CA TRP A 177 26.42 35.26 -9.26
C TRP A 177 26.77 33.94 -9.98
N HIS A 178 26.76 32.88 -9.20
CA HIS A 178 27.01 31.54 -9.69
C HIS A 178 25.63 30.88 -9.75
N ILE A 179 25.04 30.91 -10.93
CA ILE A 179 23.66 30.49 -11.06
C ILE A 179 23.56 28.96 -11.04
N SER A 180 22.96 28.42 -9.97
CA SER A 180 22.77 26.98 -9.83
C SER A 180 24.12 26.27 -9.81
N ASN A 181 24.14 25.05 -10.33
CA ASN A 181 25.39 24.33 -10.58
C ASN A 181 25.16 23.33 -11.68
N GLU A 182 26.00 23.40 -12.73
CA GLU A 182 26.10 22.38 -13.78
C GLU A 182 24.75 21.86 -14.25
N TYR A 183 23.93 22.78 -14.75
CA TYR A 183 22.66 22.45 -15.32
C TYR A 183 22.84 21.28 -16.30
N GLY A 184 21.93 20.30 -16.23
CA GLY A 184 22.02 19.09 -17.01
C GLY A 184 20.79 18.19 -16.89
N GLY A 185 20.60 17.30 -17.88
CA GLY A 185 19.52 16.31 -17.87
C GLY A 185 18.21 16.88 -18.38
N GLU A 186 17.19 16.02 -18.34
CA GLU A 186 15.92 16.24 -19.04
C GLU A 186 14.79 15.58 -18.24
N CYS A 187 13.56 16.13 -18.37
CA CYS A 187 12.38 15.63 -17.65
C CYS A 187 11.28 15.29 -18.62
N HIS A 188 10.63 14.15 -18.39
CA HIS A 188 9.60 13.64 -19.27
C HIS A 188 8.26 13.57 -18.55
N CYS A 189 8.10 14.31 -17.46
CA CYS A 189 6.84 14.27 -16.72
C CYS A 189 5.78 14.93 -17.58
N ASP A 190 4.51 14.71 -17.22
CA ASP A 190 3.38 15.20 -18.02
C ASP A 190 3.37 16.71 -18.16
N THR A 191 3.90 17.44 -17.19
CA THR A 191 3.94 18.88 -17.35
C THR A 191 4.90 19.26 -18.46
N CYS A 192 6.06 18.62 -18.46
CA CYS A 192 7.09 18.83 -19.49
C CYS A 192 6.61 18.40 -20.89
N GLN A 193 5.78 17.37 -20.95
CA GLN A 193 5.13 16.97 -22.23
C GLN A 193 4.19 18.07 -22.74
N GLY A 194 3.43 18.69 -21.83
CA GLY A 194 2.50 19.76 -22.18
C GLY A 194 3.24 20.95 -22.70
N GLN A 195 4.29 21.32 -21.98
CA GLN A 195 5.17 22.39 -22.34
C GLN A 195 5.79 22.14 -23.75
N PHE A 196 6.26 20.92 -23.98
CA PHE A 196 6.87 20.53 -25.23
C PHE A 196 5.90 20.61 -26.39
N ARG A 197 4.70 20.08 -26.18
CA ARG A 197 3.60 20.26 -27.16
C ARG A 197 3.35 21.74 -27.54
N ASP A 198 3.27 22.61 -26.53
CA ASP A 198 3.10 24.04 -26.77
C ASP A 198 4.25 24.63 -27.61
N TRP A 199 5.46 24.21 -27.29
CA TRP A 199 6.69 24.70 -27.95
C TRP A 199 6.64 24.32 -29.45
N LEU A 200 6.34 23.04 -29.71
CA LEU A 200 6.21 22.53 -31.08
C LEU A 200 5.17 23.34 -31.82
N LYS A 201 4.05 23.59 -31.16
CA LYS A 201 2.95 24.32 -31.77
C LYS A 201 3.28 25.76 -32.06
N ALA A 202 4.11 26.39 -31.24
CA ALA A 202 4.65 27.69 -31.60
C ALA A 202 5.63 27.65 -32.81
N ARG A 203 6.48 26.62 -32.87
CA ARG A 203 7.55 26.52 -33.85
C ARG A 203 7.05 26.22 -35.25
N TYR A 204 6.33 25.13 -35.44
CA TYR A 204 5.68 24.77 -36.69
C TYR A 204 4.31 25.24 -36.40
N VAL A 205 3.61 25.86 -37.30
CA VAL A 205 2.31 26.40 -36.83
C VAL A 205 1.16 25.39 -36.96
N THR A 206 1.27 24.49 -37.95
CA THR A 206 0.28 23.46 -38.22
C THR A 206 0.93 22.09 -38.09
N LEU A 207 0.12 21.07 -37.92
CA LEU A 207 0.65 19.71 -37.90
C LEU A 207 1.20 19.32 -39.25
N ASP A 208 0.67 19.98 -40.28
CA ASP A 208 1.15 19.83 -41.64
C ASP A 208 2.65 20.09 -41.78
N ALA A 209 3.04 21.28 -41.29
CA ALA A 209 4.44 21.68 -41.28
C ALA A 209 5.34 20.65 -40.54
N LEU A 210 4.87 20.23 -39.37
CA LEU A 210 5.58 19.31 -38.50
C LEU A 210 5.82 17.99 -39.20
N ASN A 211 4.73 17.41 -39.71
CA ASN A 211 4.73 16.09 -40.36
C ASN A 211 5.66 16.10 -41.56
N LYS A 212 5.59 17.17 -42.32
CA LYS A 212 6.52 17.31 -43.42
C LYS A 212 7.94 17.41 -42.96
N ALA A 213 8.19 18.27 -41.97
CA ALA A 213 9.56 18.50 -41.44
C ALA A 213 10.23 17.21 -40.90
N TRP A 214 9.39 16.30 -40.38
CA TRP A 214 9.85 15.09 -39.77
C TRP A 214 9.71 13.87 -40.68
N TRP A 215 9.10 14.07 -41.87
CA TRP A 215 8.84 12.98 -42.81
C TRP A 215 8.08 11.84 -42.10
N SER A 216 7.03 12.20 -41.38
CA SER A 216 6.34 11.26 -40.49
C SER A 216 5.40 10.28 -41.15
N THR A 217 5.17 10.38 -42.46
CA THR A 217 4.46 9.37 -43.20
C THR A 217 5.23 8.03 -43.19
N PHE A 218 6.56 8.08 -43.12
CA PHE A 218 7.36 6.91 -42.94
C PHE A 218 6.85 6.14 -41.73
N TRP A 219 6.67 4.83 -41.88
CA TRP A 219 6.14 3.99 -40.81
C TRP A 219 4.83 4.49 -40.20
N SER A 220 4.02 5.14 -41.03
CA SER A 220 2.69 5.63 -40.63
C SER A 220 2.72 6.35 -39.28
N HIS A 221 3.66 7.29 -39.13
CA HIS A 221 3.77 8.07 -37.89
C HIS A 221 3.04 9.43 -37.89
N THR A 222 2.19 9.64 -38.90
CA THR A 222 1.49 10.89 -39.09
C THR A 222 0.75 11.35 -37.84
N TYR A 223 1.14 12.53 -37.37
CA TYR A 223 0.48 13.13 -36.21
C TYR A 223 -0.76 13.91 -36.70
N THR A 224 -1.95 13.50 -36.25
CA THR A 224 -3.21 14.13 -36.65
C THR A 224 -3.82 14.99 -35.53
N ASP A 225 -3.13 15.10 -34.41
CA ASP A 225 -3.58 15.92 -33.32
C ASP A 225 -2.38 16.21 -32.45
N TRP A 226 -2.39 17.40 -31.83
CA TRP A 226 -1.24 17.84 -31.05
C TRP A 226 -1.02 17.03 -29.79
N SER A 227 -2.11 16.54 -29.20
CA SER A 227 -2.02 15.72 -27.99
C SER A 227 -1.35 14.37 -28.23
N GLN A 228 -1.17 13.96 -29.49
CA GLN A 228 -0.44 12.72 -29.85
C GLN A 228 1.08 12.83 -29.73
N LEU A 229 1.62 14.06 -29.82
CA LEU A 229 3.05 14.27 -29.71
C LEU A 229 3.50 13.95 -28.32
N GLU A 230 4.66 13.32 -28.25
CA GLU A 230 5.22 12.78 -27.01
C GLU A 230 6.78 12.82 -27.07
N SER A 231 7.41 13.07 -25.94
CA SER A 231 8.87 13.04 -25.85
C SER A 231 9.33 11.66 -26.19
N PRO A 232 10.53 11.52 -26.72
CA PRO A 232 11.04 10.18 -26.98
C PRO A 232 11.12 9.28 -25.76
N SER A 233 11.10 7.98 -26.02
CA SER A 233 11.27 6.98 -24.97
C SER A 233 11.67 5.65 -25.60
N PRO A 234 12.40 4.83 -24.85
CA PRO A 234 12.83 3.52 -25.41
C PRO A 234 11.63 2.58 -25.73
N GLN A 235 10.57 2.62 -24.92
CA GLN A 235 9.38 1.74 -25.10
C GLN A 235 8.30 2.36 -25.98
N GLY A 236 8.59 3.52 -26.56
CA GLY A 236 7.61 4.28 -27.33
C GLY A 236 8.16 4.66 -28.67
N GLU A 237 8.53 5.92 -28.83
CA GLU A 237 9.16 6.37 -30.07
C GLU A 237 10.55 7.01 -29.88
N ASN A 238 11.56 6.44 -30.50
CA ASN A 238 12.87 7.07 -30.57
C ASN A 238 13.57 6.94 -31.92
N GLY A 239 12.79 6.70 -32.97
CA GLY A 239 13.27 6.60 -34.36
C GLY A 239 12.88 7.78 -35.24
N VAL A 240 12.12 8.73 -34.72
CA VAL A 240 11.78 9.93 -35.50
C VAL A 240 12.78 11.04 -35.19
N HIS A 241 13.70 11.27 -36.13
CA HIS A 241 14.89 12.12 -35.90
C HIS A 241 14.51 13.52 -35.57
N GLY A 242 13.54 14.05 -36.31
CA GLY A 242 13.03 15.40 -36.12
C GLY A 242 12.59 15.67 -34.69
N LEU A 243 11.95 14.63 -34.11
CA LEU A 243 11.42 14.67 -32.76
C LEU A 243 12.56 14.76 -31.75
N ASN A 244 13.50 13.80 -31.84
CA ASN A 244 14.71 13.75 -30.98
C ASN A 244 15.53 15.05 -30.99
N LEU A 245 15.65 15.63 -32.17
CA LEU A 245 16.36 16.87 -32.37
C LEU A 245 15.62 18.02 -31.71
N ASP A 246 14.34 18.16 -32.02
CA ASP A 246 13.58 19.26 -31.39
C ASP A 246 13.45 19.10 -29.86
N TRP A 247 13.48 17.86 -29.38
CA TRP A 247 13.47 17.60 -27.94
C TRP A 247 14.69 18.24 -27.28
N ARG A 248 15.84 18.07 -27.90
CA ARG A 248 17.06 18.74 -27.45
C ARG A 248 17.05 20.26 -27.56
N ARG A 249 16.44 20.78 -28.60
CA ARG A 249 16.27 22.19 -28.72
C ARG A 249 15.34 22.69 -27.63
N PHE A 250 14.27 21.94 -27.40
CA PHE A 250 13.28 22.31 -26.41
C PHE A 250 13.91 22.36 -25.03
N ASN A 251 14.64 21.32 -24.66
CA ASN A 251 15.36 21.28 -23.37
C ASN A 251 16.32 22.46 -23.20
N THR A 252 16.96 22.88 -24.29
CA THR A 252 17.88 23.98 -24.28
C THR A 252 17.13 25.25 -23.90
N ASP A 253 15.93 25.40 -24.49
CA ASP A 253 15.07 26.55 -24.25
C ASP A 253 14.52 26.53 -22.84
N GLN A 254 14.26 25.34 -22.31
CA GLN A 254 13.78 25.16 -20.93
C GLN A 254 14.79 25.66 -19.91
N VAL A 255 16.06 25.29 -20.10
CA VAL A 255 17.11 25.64 -19.16
C VAL A 255 17.51 27.08 -19.35
N THR A 256 17.49 27.54 -20.59
CA THR A 256 17.75 28.95 -20.84
C THR A 256 16.70 29.84 -20.13
N ARG A 257 15.43 29.47 -20.21
CA ARG A 257 14.36 30.22 -19.52
C ARG A 257 14.48 30.08 -17.99
N PHE A 258 14.78 28.86 -17.54
CA PHE A 258 15.03 28.59 -16.12
C PHE A 258 16.12 29.48 -15.58
N CYS A 259 17.21 29.53 -16.33
CA CYS A 259 18.35 30.36 -15.97
C CYS A 259 18.02 31.85 -15.97
N SER A 260 17.32 32.36 -16.98
CA SER A 260 16.87 33.77 -17.00
C SER A 260 16.09 34.13 -15.77
N GLU A 261 15.15 33.27 -15.41
CA GLU A 261 14.26 33.50 -14.28
C GLU A 261 15.03 33.51 -12.98
N GLU A 262 16.02 32.63 -12.84
CA GLU A 262 16.88 32.65 -11.69
C GLU A 262 17.56 34.00 -11.57
N ILE A 263 17.98 34.56 -12.72
CA ILE A 263 18.84 35.75 -12.76
C ILE A 263 18.09 37.04 -12.37
N ARG A 264 16.85 37.15 -12.80
CA ARG A 264 16.12 38.41 -12.71
C ARG A 264 15.88 39.03 -11.34
N PRO A 265 15.47 38.25 -10.35
CA PRO A 265 15.38 38.86 -9.02
C PRO A 265 16.72 39.35 -8.49
N LEU A 266 17.83 38.71 -8.92
CA LEU A 266 19.20 39.13 -8.53
C LEU A 266 19.54 40.49 -9.13
N LYS A 267 19.33 40.62 -10.43
CA LYS A 267 19.56 41.85 -11.15
C LYS A 267 18.65 42.99 -10.65
N ALA A 268 17.47 42.63 -10.20
CA ALA A 268 16.54 43.62 -9.70
C ALA A 268 17.18 44.41 -8.54
N GLU A 269 17.92 43.72 -7.65
CA GLU A 269 18.56 44.37 -6.47
C GLU A 269 19.88 45.06 -6.77
N ASN A 270 20.52 44.70 -7.87
CA ASN A 270 21.82 45.25 -8.26
C ASN A 270 22.16 44.79 -9.69
N PRO A 271 21.77 45.62 -10.66
CA PRO A 271 22.02 45.34 -12.09
C PRO A 271 23.51 45.25 -12.52
N ALA A 272 24.43 45.63 -11.62
CA ALA A 272 25.84 45.73 -11.90
C ALA A 272 26.58 44.44 -11.64
N LEU A 273 25.95 43.50 -10.93
CA LEU A 273 26.62 42.26 -10.67
C LEU A 273 26.41 41.32 -11.84
N PRO A 274 27.52 40.81 -12.44
CA PRO A 274 27.41 39.84 -13.55
C PRO A 274 26.95 38.44 -13.08
N ALA A 275 26.32 37.69 -13.97
CA ALA A 275 25.90 36.34 -13.67
C ALA A 275 26.52 35.38 -14.68
N THR A 276 26.93 34.22 -14.16
CA THR A 276 27.30 33.04 -14.96
C THR A 276 26.68 31.75 -14.39
N THR A 277 26.76 30.69 -15.19
CA THR A 277 26.51 29.33 -14.74
C THR A 277 27.62 28.47 -15.29
N ASN A 278 28.00 27.43 -14.55
CA ASN A 278 29.23 26.71 -14.85
C ASN A 278 28.98 25.58 -15.86
N PHE A 279 29.60 25.70 -17.04
CA PHE A 279 29.48 24.71 -18.09
C PHE A 279 30.38 23.50 -17.90
N MET A 280 30.03 22.40 -18.58
CA MET A 280 30.77 21.12 -18.51
C MET A 280 31.46 20.78 -19.86
N GLU A 281 32.39 19.83 -19.76
CA GLU A 281 33.24 19.41 -20.89
C GLU A 281 32.41 18.90 -22.06
N TYR A 282 32.58 19.51 -23.23
CA TYR A 282 31.86 19.13 -24.47
C TYR A 282 30.41 18.65 -24.21
N PHE A 283 29.69 19.35 -23.32
CA PHE A 283 28.45 18.84 -22.77
C PHE A 283 27.42 18.68 -23.85
N ASN A 284 26.72 17.56 -23.86
CA ASN A 284 25.85 17.25 -24.97
C ASN A 284 24.37 17.66 -24.83
N ASP A 285 23.85 17.71 -23.60
CA ASP A 285 22.39 17.90 -23.35
C ASP A 285 21.82 19.23 -23.91
N TYR A 286 22.60 20.31 -23.82
CA TYR A 286 22.13 21.67 -24.17
C TYR A 286 23.08 22.36 -25.12
N ASP A 287 22.51 23.17 -26.02
CA ASP A 287 23.29 23.99 -26.93
C ASP A 287 23.76 25.23 -26.16
N TYR A 288 25.05 25.20 -25.80
CA TYR A 288 25.60 26.25 -24.94
C TYR A 288 25.60 27.60 -25.59
N TRP A 289 25.65 27.65 -26.92
CA TRP A 289 25.46 28.91 -27.63
C TRP A 289 24.15 29.66 -27.27
N LYS A 290 23.08 28.93 -26.96
CA LYS A 290 21.80 29.51 -26.64
C LYS A 290 21.79 29.92 -25.21
N LEU A 291 22.20 29.01 -24.33
CA LEU A 291 22.27 29.28 -22.89
C LEU A 291 23.22 30.43 -22.57
N ALA A 292 24.27 30.57 -23.36
CA ALA A 292 25.24 31.62 -23.17
C ALA A 292 24.68 33.02 -23.36
N GLY A 293 23.64 33.14 -24.19
CA GLY A 293 23.05 34.46 -24.46
C GLY A 293 22.32 35.10 -23.28
N VAL A 294 22.21 34.39 -22.17
CA VAL A 294 21.51 34.84 -20.97
C VAL A 294 22.52 35.24 -19.85
N LEU A 295 23.79 34.90 -20.04
CA LEU A 295 24.86 35.11 -19.04
C LEU A 295 25.65 36.33 -19.41
N ASP A 296 26.33 36.91 -18.42
CA ASP A 296 27.20 38.08 -18.66
C ASP A 296 28.60 37.63 -19.03
N PHE A 297 29.03 36.50 -18.42
CA PHE A 297 30.30 35.85 -18.74
C PHE A 297 30.28 34.35 -18.59
N ILE A 298 31.22 33.72 -19.28
CA ILE A 298 31.26 32.27 -19.38
C ILE A 298 32.17 31.70 -18.32
N SER A 299 31.77 30.54 -17.79
CA SER A 299 32.55 29.73 -16.87
C SER A 299 32.42 28.22 -17.14
N TRP A 300 33.49 27.45 -16.93
CA TRP A 300 33.36 25.98 -16.99
C TRP A 300 34.23 25.20 -16.07
N ASP A 301 34.01 23.88 -16.14
CA ASP A 301 34.54 22.91 -15.20
C ASP A 301 35.30 21.83 -15.96
N SER A 302 36.59 21.69 -15.68
CA SER A 302 37.49 20.87 -16.50
C SER A 302 38.20 19.84 -15.67
N TYR A 303 37.97 18.57 -16.00
CA TYR A 303 38.62 17.48 -15.32
C TYR A 303 39.24 16.49 -16.28
N PRO A 304 40.29 16.90 -17.00
CA PRO A 304 40.90 16.01 -17.92
C PRO A 304 41.61 14.82 -17.23
N MET A 305 41.56 13.61 -17.81
CA MET A 305 42.20 12.46 -17.23
C MET A 305 43.69 12.43 -17.55
N TRP A 306 44.43 13.35 -16.93
CA TRP A 306 45.90 13.48 -17.20
C TRP A 306 46.62 12.17 -16.85
N HIS A 307 47.63 11.86 -17.65
CA HIS A 307 48.57 10.75 -17.43
C HIS A 307 47.95 9.39 -17.52
N THR A 308 46.83 9.27 -18.23
CA THR A 308 46.16 7.96 -18.36
C THR A 308 46.40 7.30 -19.71
N ARG A 309 47.06 7.97 -20.63
CA ARG A 309 47.25 7.43 -21.97
C ARG A 309 48.72 7.43 -22.26
N GLN A 310 49.11 6.90 -23.42
CA GLN A 310 50.49 6.96 -23.98
C GLN A 310 51.24 8.27 -23.67
N ASP A 311 50.58 9.42 -23.85
CA ASP A 311 51.14 10.74 -23.62
C ASP A 311 49.94 11.64 -23.34
N ASP A 312 50.15 12.92 -23.02
CA ASP A 312 49.08 13.86 -22.68
C ASP A 312 48.86 14.92 -23.77
N ILE A 313 49.43 14.68 -24.96
CA ILE A 313 49.46 15.71 -26.01
C ILE A 313 48.07 15.87 -26.59
N GLY A 314 47.53 14.78 -27.08
CA GLY A 314 46.15 14.76 -27.57
C GLY A 314 45.15 15.38 -26.59
N LEU A 315 45.23 14.93 -25.33
CA LEU A 315 44.32 15.34 -24.30
C LEU A 315 44.42 16.83 -24.03
N ALA A 316 45.65 17.31 -24.15
CA ALA A 316 45.92 18.72 -23.91
C ALA A 316 45.28 19.53 -25.01
N ALA A 317 45.41 19.09 -26.26
CA ALA A 317 44.84 19.82 -27.38
C ALA A 317 43.30 19.82 -27.30
N TYR A 318 42.74 18.70 -26.90
CA TYR A 318 41.28 18.57 -26.70
C TYR A 318 40.76 19.55 -25.66
N THR A 319 41.49 19.65 -24.54
CA THR A 319 41.16 20.60 -23.50
C THR A 319 41.23 22.05 -24.01
N ALA A 320 42.36 22.37 -24.62
CA ALA A 320 42.66 23.65 -25.18
C ALA A 320 41.63 24.14 -26.20
N MET A 321 41.17 23.22 -27.06
CA MET A 321 40.04 23.54 -27.95
C MET A 321 38.77 23.93 -27.19
N TYR A 322 38.43 23.23 -26.10
CA TYR A 322 37.24 23.62 -25.38
C TYR A 322 37.40 25.00 -24.68
N HIS A 323 38.61 25.27 -24.16
CA HIS A 323 38.90 26.59 -23.61
C HIS A 323 38.60 27.64 -24.67
N ASP A 324 39.14 27.44 -25.86
CA ASP A 324 38.87 28.34 -26.96
C ASP A 324 37.37 28.52 -27.24
N LEU A 325 36.62 27.45 -27.18
CA LEU A 325 35.17 27.51 -27.37
C LEU A 325 34.53 28.47 -26.35
N MET A 326 34.89 28.25 -25.09
CA MET A 326 34.42 29.05 -23.97
C MET A 326 34.74 30.54 -24.16
N ARG A 327 35.98 30.87 -24.56
CA ARG A 327 36.31 32.27 -24.97
C ARG A 327 35.51 32.79 -26.18
N THR A 328 35.29 31.92 -27.18
CA THR A 328 34.55 32.28 -28.40
C THR A 328 33.05 32.58 -28.20
N LEU A 329 32.45 31.91 -27.21
CA LEU A 329 31.03 32.09 -26.89
C LEU A 329 30.64 33.55 -26.64
N LYS A 330 31.57 34.38 -26.18
CA LYS A 330 31.33 35.83 -26.09
C LYS A 330 32.39 36.62 -26.83
N GLN A 331 32.75 36.14 -28.01
CA GLN A 331 33.61 36.87 -28.93
C GLN A 331 34.89 37.39 -28.32
N GLY A 332 35.69 36.49 -27.74
CA GLY A 332 36.99 36.84 -27.16
C GLY A 332 36.97 37.22 -25.68
N LYS A 333 35.80 37.54 -25.12
CA LYS A 333 35.74 37.91 -23.71
C LYS A 333 36.29 36.75 -22.89
N PRO A 334 37.30 36.99 -22.00
CA PRO A 334 37.82 36.02 -21.04
C PRO A 334 36.74 35.32 -20.21
N PHE A 335 37.03 34.09 -19.80
CA PHE A 335 36.12 33.26 -19.08
C PHE A 335 36.74 32.88 -17.74
N VAL A 336 35.94 32.24 -16.88
CA VAL A 336 36.39 31.77 -15.59
C VAL A 336 36.51 30.25 -15.70
N LEU A 337 37.60 29.67 -15.20
CA LEU A 337 37.69 28.24 -14.97
C LEU A 337 37.12 28.06 -13.58
N MET A 338 35.83 27.75 -13.50
CA MET A 338 35.11 27.68 -12.22
C MET A 338 35.45 26.47 -11.39
N GLU A 339 35.78 25.39 -12.06
CA GLU A 339 36.20 24.21 -11.38
C GLU A 339 37.33 23.52 -12.11
N SER A 340 38.11 22.77 -11.33
CA SER A 340 39.16 21.87 -11.77
C SER A 340 39.66 21.19 -10.53
N THR A 341 40.42 20.11 -10.65
CA THR A 341 41.01 19.48 -9.47
C THR A 341 42.47 19.94 -9.32
N PRO A 342 42.89 20.21 -8.06
CA PRO A 342 44.32 20.37 -7.78
C PRO A 342 45.07 19.05 -7.84
N SER A 343 44.37 17.92 -7.84
CA SER A 343 45.02 16.63 -7.82
C SER A 343 44.28 15.57 -8.65
N PHE A 344 43.31 14.89 -8.05
CA PHE A 344 42.56 13.80 -8.70
C PHE A 344 41.11 14.06 -8.50
N THR A 345 40.32 13.27 -9.19
CA THR A 345 38.87 13.28 -8.99
C THR A 345 38.47 11.98 -8.34
N ASN A 346 37.18 11.89 -8.02
CA ASN A 346 36.57 10.69 -7.40
C ASN A 346 35.67 9.83 -8.31
N TRP A 347 35.41 10.26 -9.53
CA TRP A 347 34.37 9.63 -10.36
C TRP A 347 34.92 8.99 -11.65
N GLN A 348 36.20 9.08 -11.92
CA GLN A 348 36.78 8.47 -13.10
C GLN A 348 37.29 7.07 -12.83
N PRO A 349 37.56 6.28 -13.89
CA PRO A 349 38.03 4.90 -13.68
C PRO A 349 39.26 4.79 -12.75
N THR A 350 40.18 5.74 -12.92
CA THR A 350 41.29 5.92 -11.99
C THR A 350 41.24 7.33 -11.41
N SER A 351 41.89 7.52 -10.26
CA SER A 351 42.08 8.80 -9.59
C SER A 351 43.54 9.21 -9.54
N LYS A 352 44.14 9.26 -10.73
CA LYS A 352 45.56 9.61 -10.93
C LYS A 352 45.92 10.95 -10.34
N LEU A 353 47.04 10.97 -9.61
CA LEU A 353 47.68 12.21 -9.23
C LEU A 353 48.26 12.95 -10.46
N LYS A 354 48.09 14.27 -10.50
CA LYS A 354 48.85 15.13 -11.36
C LYS A 354 50.30 15.07 -10.86
N LYS A 355 51.18 14.88 -11.81
CA LYS A 355 52.58 14.71 -11.56
C LYS A 355 53.08 16.10 -11.26
N PRO A 356 54.19 16.22 -10.53
CA PRO A 356 54.73 17.51 -10.18
C PRO A 356 54.91 18.41 -11.41
N GLY A 357 54.40 19.63 -11.27
CA GLY A 357 54.40 20.60 -12.37
C GLY A 357 53.13 20.65 -13.15
N MET A 358 52.43 19.53 -13.25
CA MET A 358 51.26 19.45 -14.13
C MET A 358 50.09 20.32 -13.64
N HIS A 359 49.98 20.54 -12.34
CA HIS A 359 48.89 21.39 -11.86
C HIS A 359 49.07 22.84 -12.32
N ILE A 360 50.30 23.30 -12.23
CA ILE A 360 50.66 24.61 -12.77
C ILE A 360 50.41 24.65 -14.24
N LEU A 361 50.92 23.65 -14.97
CA LEU A 361 50.72 23.59 -16.39
C LEU A 361 49.25 23.56 -16.84
N SER A 362 48.43 22.73 -16.22
CA SER A 362 47.01 22.63 -16.62
C SER A 362 46.21 23.90 -16.31
N SER A 363 46.56 24.51 -15.18
CA SER A 363 45.91 25.72 -14.74
C SER A 363 46.32 26.86 -15.63
N LEU A 364 47.62 26.95 -15.94
CA LEU A 364 48.13 27.99 -16.84
C LEU A 364 47.69 27.83 -18.29
N GLN A 365 47.37 26.62 -18.67
CA GLN A 365 46.79 26.38 -19.96
C GLN A 365 45.42 27.05 -20.04
N ALA A 366 44.61 26.95 -19.00
CA ALA A 366 43.36 27.68 -19.03
C ALA A 366 43.61 29.15 -19.24
N VAL A 367 44.49 29.71 -18.44
CA VAL A 367 44.85 31.11 -18.56
C VAL A 367 45.35 31.44 -19.95
N ALA A 368 46.18 30.56 -20.49
CA ALA A 368 46.73 30.75 -21.83
C ALA A 368 45.69 30.95 -22.96
N HIS A 369 44.56 30.26 -22.83
CA HIS A 369 43.48 30.34 -23.82
C HIS A 369 42.33 31.28 -23.46
N GLY A 370 42.49 32.07 -22.39
CA GLY A 370 41.52 33.12 -22.07
C GLY A 370 40.94 33.11 -20.68
N ALA A 371 41.37 32.22 -19.79
CA ALA A 371 40.88 32.27 -18.41
C ALA A 371 41.45 33.44 -17.66
N ASP A 372 40.56 34.15 -16.96
CA ASP A 372 40.90 35.25 -16.07
C ASP A 372 40.78 34.83 -14.63
N SER A 373 40.38 33.57 -14.41
CA SER A 373 40.33 32.98 -13.08
C SER A 373 40.60 31.47 -13.17
N VAL A 374 41.41 30.93 -12.23
CA VAL A 374 41.62 29.50 -12.10
C VAL A 374 41.04 29.13 -10.76
N GLN A 375 39.97 28.36 -10.76
CA GLN A 375 39.32 27.92 -9.54
C GLN A 375 39.16 26.41 -9.53
N TYR A 376 39.03 25.86 -8.33
CA TYR A 376 38.96 24.43 -8.13
C TYR A 376 37.66 23.93 -7.48
N PHE A 377 37.31 22.67 -7.76
CA PHE A 377 36.37 22.03 -6.91
C PHE A 377 37.08 21.53 -5.63
N GLN A 378 36.52 22.13 -4.58
CA GLN A 378 36.83 22.08 -3.20
C GLN A 378 38.14 22.71 -2.72
N TRP A 379 37.91 23.70 -1.85
CA TRP A 379 38.87 24.23 -0.95
C TRP A 379 39.29 23.16 0.04
N ARG A 380 38.29 22.52 0.70
CA ARG A 380 38.55 21.51 1.72
C ARG A 380 37.73 20.26 1.48
N LYS A 381 38.39 19.10 1.49
CA LYS A 381 37.71 17.85 1.22
C LYS A 381 36.59 17.64 2.22
N SER A 382 35.42 17.24 1.73
CA SER A 382 34.32 16.71 2.54
C SER A 382 34.85 15.51 3.27
N ARG A 383 34.31 15.27 4.45
CA ARG A 383 34.78 14.19 5.31
C ARG A 383 34.02 12.89 5.04
N GLY A 384 32.76 13.05 4.68
CA GLY A 384 31.88 11.94 4.33
C GLY A 384 31.28 12.22 2.97
N SER A 385 30.60 11.22 2.45
CA SER A 385 29.88 11.32 1.17
C SER A 385 30.75 11.23 -0.07
N CYS A 386 30.09 11.18 -1.23
CA CYS A 386 30.67 10.60 -2.46
C CYS A 386 31.90 11.30 -3.01
N GLU A 387 32.14 12.54 -2.57
CA GLU A 387 33.28 13.32 -3.04
C GLU A 387 34.30 13.61 -1.97
N LYS A 388 34.30 12.80 -0.91
CA LYS A 388 35.35 12.82 0.09
C LYS A 388 36.74 12.39 -0.44
N PHE A 389 36.79 11.66 -1.55
CA PHE A 389 38.09 11.36 -2.16
C PHE A 389 38.29 12.13 -3.47
N HIS A 390 37.65 13.29 -3.57
CA HIS A 390 37.93 14.21 -4.66
C HIS A 390 39.02 15.10 -4.10
N GLY A 391 39.94 15.52 -4.97
CA GLY A 391 41.04 16.37 -4.54
C GLY A 391 40.55 17.73 -4.07
N ALA A 392 41.34 18.34 -3.21
CA ALA A 392 41.08 19.71 -2.73
C ALA A 392 42.40 20.33 -2.35
N VAL A 393 42.35 21.63 -2.05
CA VAL A 393 43.50 22.33 -1.54
C VAL A 393 43.89 21.81 -0.18
N VAL A 394 42.91 21.67 0.70
CA VAL A 394 43.14 21.23 2.07
C VAL A 394 42.65 19.80 2.14
N ASP A 395 43.62 18.89 2.32
CA ASP A 395 43.34 17.45 2.46
C ASP A 395 42.67 17.20 3.82
N HIS A 396 42.32 15.94 4.12
CA HIS A 396 41.85 15.53 5.45
C HIS A 396 42.84 15.74 6.58
N VAL A 397 44.10 15.91 6.22
CA VAL A 397 45.17 16.05 7.17
C VAL A 397 45.14 17.43 7.78
N GLY A 398 44.41 18.37 7.18
CA GLY A 398 44.01 19.63 7.87
C GLY A 398 44.88 20.86 7.61
N HIS A 399 45.87 20.71 6.75
CA HIS A 399 46.80 21.79 6.49
C HIS A 399 47.18 21.74 5.03
N ILE A 400 48.02 22.65 4.54
CA ILE A 400 48.47 22.65 3.13
C ILE A 400 49.98 22.48 2.97
N ASP A 401 50.65 21.97 3.99
CA ASP A 401 52.00 21.47 3.86
C ASP A 401 52.01 20.02 3.36
N THR A 402 51.44 19.86 2.17
CA THR A 402 51.45 18.65 1.36
C THR A 402 51.93 19.00 -0.06
N ARG A 403 52.31 17.97 -0.83
CA ARG A 403 52.77 18.21 -2.19
C ARG A 403 51.73 19.00 -2.98
N VAL A 404 50.47 18.58 -2.86
CA VAL A 404 49.35 19.26 -3.53
C VAL A 404 49.25 20.68 -3.05
N GLY A 405 49.18 20.84 -1.75
CA GLY A 405 49.08 22.15 -1.19
C GLY A 405 50.17 23.09 -1.64
N ARG A 406 51.42 22.60 -1.59
CA ARG A 406 52.56 23.43 -1.98
C ARG A 406 52.51 23.84 -3.45
N GLU A 407 51.95 23.00 -4.33
CA GLU A 407 51.95 23.34 -5.74
C GLU A 407 50.86 24.34 -6.03
N VAL A 408 49.75 24.20 -5.31
CA VAL A 408 48.67 25.17 -5.32
C VAL A 408 49.19 26.57 -4.90
N ALA A 409 49.88 26.62 -3.77
CA ALA A 409 50.45 27.89 -3.28
C ALA A 409 51.42 28.49 -4.28
N GLU A 410 52.32 27.69 -4.76
CA GLU A 410 53.22 28.09 -5.82
C GLU A 410 52.47 28.65 -7.07
N LEU A 411 51.35 28.00 -7.47
CA LEU A 411 50.52 28.53 -8.56
C LEU A 411 49.87 29.87 -8.20
N GLY A 412 49.46 29.99 -6.95
CA GLY A 412 49.02 31.27 -6.40
C GLY A 412 50.04 32.37 -6.64
N SER A 413 51.29 32.10 -6.32
CA SER A 413 52.32 33.09 -6.58
C SER A 413 52.39 33.45 -8.04
N ILE A 414 52.47 32.42 -8.87
CA ILE A 414 52.55 32.62 -10.32
C ILE A 414 51.39 33.48 -10.87
N LEU A 415 50.19 33.15 -10.44
CA LEU A 415 49.02 33.90 -10.87
C LEU A 415 49.07 35.39 -10.43
N SER A 416 49.42 35.62 -9.17
CA SER A 416 49.48 37.00 -8.69
C SER A 416 50.56 37.77 -9.45
N ALA A 417 51.59 37.07 -9.94
CA ALA A 417 52.60 37.70 -10.81
C ALA A 417 52.14 37.91 -12.24
N LEU A 418 50.94 37.42 -12.61
CA LEU A 418 50.42 37.59 -14.01
C LEU A 418 49.24 38.61 -14.11
N ALA A 419 49.21 39.62 -13.27
CA ALA A 419 48.13 40.63 -13.33
C ALA A 419 47.93 41.26 -14.70
N PRO A 420 49.03 41.56 -15.42
CA PRO A 420 48.82 42.18 -16.73
C PRO A 420 48.04 41.33 -17.76
N VAL A 421 48.03 40.03 -17.57
CA VAL A 421 47.31 39.12 -18.45
C VAL A 421 45.78 39.25 -18.28
N ALA A 422 45.32 39.67 -17.11
CA ALA A 422 43.90 39.85 -16.86
C ALA A 422 43.30 40.80 -17.89
N GLY A 423 42.24 40.35 -18.57
CA GLY A 423 41.52 41.19 -19.58
C GLY A 423 42.09 41.16 -21.00
N SER A 424 43.29 40.56 -21.14
CA SER A 424 44.00 40.57 -22.41
C SER A 424 43.25 39.69 -23.42
N ARG A 425 43.44 39.99 -24.72
CA ARG A 425 42.73 39.35 -25.84
C ARG A 425 43.52 38.27 -26.55
N VAL A 426 42.79 37.41 -27.26
CA VAL A 426 43.37 36.34 -28.09
C VAL A 426 42.98 36.71 -29.50
N GLU A 427 43.97 36.91 -30.37
CA GLU A 427 43.72 37.33 -31.74
C GLU A 427 43.85 36.16 -32.65
N ALA A 428 42.73 35.49 -32.88
CA ALA A 428 42.67 34.34 -33.76
C ALA A 428 42.22 34.78 -35.14
N LYS A 429 42.95 34.35 -36.15
CA LYS A 429 42.51 34.49 -37.54
C LYS A 429 41.98 33.17 -38.11
N VAL A 430 41.99 32.10 -37.31
CA VAL A 430 41.46 30.79 -37.69
C VAL A 430 40.18 30.52 -36.92
N ALA A 431 39.18 29.98 -37.61
CA ALA A 431 37.95 29.54 -36.95
C ALA A 431 37.67 28.10 -37.30
N ILE A 432 37.25 27.36 -36.27
CA ILE A 432 36.81 25.99 -36.43
C ILE A 432 35.39 25.90 -35.96
N ILE A 433 34.55 25.28 -36.78
CA ILE A 433 33.16 25.13 -36.44
C ILE A 433 32.86 23.90 -35.62
N PHE A 434 32.27 24.12 -34.45
CA PHE A 434 31.69 23.07 -33.63
C PHE A 434 30.25 23.47 -33.38
N ASP A 435 29.33 22.70 -33.94
CA ASP A 435 27.93 23.09 -33.98
C ASP A 435 27.01 22.07 -33.31
N TRP A 436 26.34 22.48 -32.24
CA TRP A 436 25.56 21.54 -31.44
C TRP A 436 24.47 20.86 -32.24
N GLU A 437 23.72 21.62 -33.06
CA GLU A 437 22.57 21.09 -33.80
C GLU A 437 23.01 20.08 -34.84
N SER A 438 24.06 20.44 -35.58
CA SER A 438 24.69 19.50 -36.51
C SER A 438 25.12 18.24 -35.77
N ARG A 439 25.86 18.40 -34.68
CA ARG A 439 26.24 17.28 -33.84
C ARG A 439 25.05 16.38 -33.45
N TRP A 440 23.99 16.99 -32.96
CA TRP A 440 22.83 16.22 -32.45
C TRP A 440 22.18 15.39 -33.53
N ALA A 441 21.93 16.01 -34.67
CA ALA A 441 21.30 15.33 -35.79
C ALA A 441 22.22 14.26 -36.37
N MET A 442 23.55 14.50 -36.36
CA MET A 442 24.51 13.57 -36.92
C MET A 442 24.55 12.33 -36.03
N ASP A 443 24.74 12.51 -34.72
CA ASP A 443 24.88 11.38 -33.78
C ASP A 443 23.59 10.59 -33.63
N ASP A 444 22.45 11.21 -33.86
CA ASP A 444 21.18 10.51 -33.74
C ASP A 444 20.88 9.69 -34.96
N ALA A 445 21.46 10.05 -36.09
CA ALA A 445 21.10 9.43 -37.35
C ALA A 445 21.54 7.97 -37.35
N MET A 446 20.85 7.15 -38.13
CA MET A 446 21.18 5.74 -38.24
C MET A 446 22.03 5.59 -39.46
N GLY A 447 23.33 5.34 -39.23
CA GLY A 447 24.35 5.42 -40.27
C GLY A 447 24.97 6.80 -40.31
N PRO A 448 26.13 6.93 -40.97
CA PRO A 448 26.80 5.86 -41.75
C PRO A 448 27.83 5.05 -40.99
N ARG A 449 27.87 5.13 -39.67
CA ARG A 449 28.79 4.34 -38.91
C ARG A 449 28.30 4.27 -37.48
N ASN A 450 27.32 3.41 -37.26
CA ASN A 450 26.74 3.34 -35.94
C ASN A 450 27.71 2.90 -34.86
N ALA A 451 28.85 2.28 -35.25
CA ALA A 451 29.91 1.88 -34.29
C ALA A 451 30.61 3.11 -33.69
N GLY A 452 30.58 4.24 -34.40
CA GLY A 452 31.04 5.52 -33.85
C GLY A 452 31.54 6.52 -34.88
N LEU A 453 31.08 7.77 -34.73
CA LEU A 453 31.50 8.91 -35.56
C LEU A 453 32.59 9.73 -34.89
N HIS A 454 32.56 9.86 -33.57
CA HIS A 454 33.64 10.50 -32.82
C HIS A 454 33.82 11.96 -33.25
N TYR A 455 32.72 12.71 -33.22
CA TYR A 455 32.72 14.12 -33.65
C TYR A 455 33.72 15.02 -32.92
N GLU A 456 33.65 14.98 -31.60
CA GLU A 456 34.52 15.80 -30.76
C GLU A 456 35.99 15.57 -31.12
N ASN A 457 36.33 14.30 -31.14
CA ASN A 457 37.66 13.83 -31.48
C ASN A 457 38.09 14.21 -32.86
N THR A 458 37.20 14.12 -33.84
CA THR A 458 37.54 14.48 -35.21
C THR A 458 37.82 15.97 -35.30
N VAL A 459 36.94 16.78 -34.68
CA VAL A 459 37.13 18.23 -34.72
C VAL A 459 38.48 18.54 -34.09
N ALA A 460 38.68 18.02 -32.91
CA ALA A 460 39.95 18.19 -32.24
C ALA A 460 41.16 17.74 -33.06
N ASP A 461 41.02 16.68 -33.86
CA ASP A 461 42.16 16.25 -34.72
C ASP A 461 42.56 17.35 -35.69
N HIS A 462 41.59 18.11 -36.19
CA HIS A 462 41.90 19.28 -37.02
C HIS A 462 42.56 20.35 -36.15
N TYR A 463 41.96 20.67 -35.03
CA TYR A 463 42.52 21.67 -34.12
C TYR A 463 44.00 21.44 -33.78
N ARG A 464 44.34 20.18 -33.51
CA ARG A 464 45.66 19.81 -33.06
C ARG A 464 46.83 20.23 -33.96
N ALA A 465 46.63 20.15 -35.27
CA ALA A 465 47.66 20.54 -36.20
C ALA A 465 47.93 22.03 -36.18
N LEU A 466 46.97 22.83 -35.67
CA LEU A 466 47.14 24.30 -35.56
C LEU A 466 47.73 24.70 -34.21
N TRP A 467 47.16 24.15 -33.16
CA TRP A 467 47.66 24.24 -31.82
C TRP A 467 49.11 23.79 -31.70
N ALA A 468 49.51 22.70 -32.38
CA ALA A 468 50.92 22.33 -32.52
C ALA A 468 51.86 23.39 -33.10
N GLN A 469 51.29 24.28 -33.90
CA GLN A 469 52.02 25.40 -34.45
C GLN A 469 51.87 26.69 -33.63
N GLY A 470 51.12 26.66 -32.57
CA GLY A 470 50.90 27.86 -31.80
C GLY A 470 50.10 28.92 -32.55
N ILE A 471 49.17 28.49 -33.40
CA ILE A 471 48.27 29.38 -34.12
C ILE A 471 46.94 29.38 -33.35
N ALA A 472 46.46 30.58 -33.10
CA ALA A 472 45.23 30.82 -32.38
C ALA A 472 43.91 30.45 -33.16
N VAL A 473 42.97 29.84 -32.44
CA VAL A 473 41.72 29.37 -33.04
C VAL A 473 40.52 29.84 -32.22
N ASP A 474 39.48 30.32 -32.91
CA ASP A 474 38.17 30.49 -32.30
C ASP A 474 37.32 29.34 -32.69
N VAL A 475 36.51 28.85 -31.77
CA VAL A 475 35.67 27.69 -32.01
C VAL A 475 34.21 28.14 -32.01
N ILE A 476 33.79 28.51 -33.20
CA ILE A 476 32.48 29.07 -33.45
C ILE A 476 31.47 27.98 -33.75
N ASN A 477 30.22 28.36 -33.86
CA ASN A 477 29.25 27.44 -34.46
C ASN A 477 28.93 27.95 -35.85
N ALA A 478 28.01 27.29 -36.56
CA ALA A 478 27.72 27.68 -37.93
C ALA A 478 26.91 29.00 -38.13
N ASP A 479 26.46 29.63 -37.03
CA ASP A 479 25.68 30.89 -37.06
C ASP A 479 26.61 32.08 -36.94
N CYS A 480 27.83 31.88 -36.48
CA CYS A 480 28.77 32.99 -36.29
C CYS A 480 29.23 33.63 -37.58
N ASP A 481 29.56 34.91 -37.47
CA ASP A 481 29.96 35.71 -38.60
C ASP A 481 31.39 35.36 -38.94
N LEU A 482 31.66 35.08 -40.21
CA LEU A 482 32.96 34.57 -40.64
C LEU A 482 33.96 35.66 -41.07
N GLN A 483 33.52 36.90 -41.07
CA GLN A 483 34.23 37.98 -41.78
C GLN A 483 35.61 38.29 -41.27
N GLY A 484 35.80 38.33 -39.95
CA GLY A 484 37.13 38.53 -39.37
C GLY A 484 38.18 37.43 -39.58
N TYR A 485 37.83 36.29 -40.16
CA TYR A 485 38.77 35.19 -40.23
C TYR A 485 39.45 35.12 -41.61
N ASP A 486 40.61 34.52 -41.63
CA ASP A 486 41.28 34.17 -42.86
C ASP A 486 40.95 32.74 -43.28
N LEU A 487 40.78 31.86 -42.27
CA LEU A 487 40.66 30.42 -42.45
C LEU A 487 39.51 29.93 -41.56
N VAL A 488 38.56 29.21 -42.17
CA VAL A 488 37.41 28.59 -41.47
C VAL A 488 37.42 27.08 -41.81
N ILE A 489 37.33 26.26 -40.78
CA ILE A 489 37.45 24.84 -40.89
C ILE A 489 36.17 24.22 -40.37
N ALA A 490 35.55 23.32 -41.14
CA ALA A 490 34.26 22.69 -40.74
C ALA A 490 34.35 21.18 -40.95
N PRO A 491 34.84 20.46 -39.92
CA PRO A 491 34.86 19.04 -39.99
C PRO A 491 33.44 18.52 -39.73
N MET A 492 32.95 17.69 -40.66
CA MET A 492 31.64 17.03 -40.52
C MET A 492 30.51 18.02 -40.17
N LEU A 493 30.39 19.11 -40.91
CA LEU A 493 29.26 20.01 -40.74
C LEU A 493 28.07 19.38 -41.47
N TYR A 494 27.56 18.32 -40.83
CA TYR A 494 26.49 17.46 -41.32
C TYR A 494 25.26 18.26 -41.66
N MET A 495 24.89 19.18 -40.78
CA MET A 495 23.74 20.04 -40.98
C MET A 495 24.20 21.37 -41.45
N VAL A 496 23.61 21.83 -42.54
CA VAL A 496 23.87 23.15 -43.07
C VAL A 496 22.55 23.87 -43.08
N ARG A 497 22.35 24.69 -42.06
CA ARG A 497 21.11 25.46 -41.96
C ARG A 497 21.04 26.61 -42.94
N GLU A 498 19.88 27.27 -43.02
CA GLU A 498 19.64 28.39 -43.93
C GLU A 498 20.56 29.52 -43.59
N GLY A 499 21.14 30.14 -44.61
CA GLY A 499 22.16 31.19 -44.45
C GLY A 499 23.58 30.68 -44.42
N VAL A 500 23.80 29.45 -43.93
CA VAL A 500 25.17 28.97 -43.64
C VAL A 500 26.01 28.78 -44.89
N GLY A 501 25.46 28.09 -45.87
CA GLY A 501 26.15 27.88 -47.15
C GLY A 501 26.40 29.17 -47.88
N GLU A 502 25.54 30.18 -47.61
CA GLU A 502 25.61 31.48 -48.31
C GLU A 502 26.71 32.31 -47.70
N ARG A 503 26.70 32.35 -46.38
CA ARG A 503 27.80 32.98 -45.66
C ARG A 503 29.14 32.36 -45.98
N ILE A 504 29.22 31.04 -45.95
CA ILE A 504 30.48 30.37 -46.29
C ILE A 504 30.95 30.78 -47.71
N SER A 505 30.01 30.69 -48.66
CA SER A 505 30.27 30.98 -50.04
C SER A 505 30.74 32.38 -50.24
N ALA A 506 30.07 33.33 -49.57
CA ALA A 506 30.50 34.73 -49.56
C ALA A 506 31.92 34.95 -48.95
N PHE A 507 32.19 34.24 -47.86
CA PHE A 507 33.49 34.27 -47.18
C PHE A 507 34.61 33.80 -48.09
N VAL A 508 34.38 32.71 -48.79
CA VAL A 508 35.41 32.25 -49.73
C VAL A 508 35.58 33.21 -50.89
N GLN A 509 34.45 33.64 -51.42
CA GLN A 509 34.44 34.54 -52.57
C GLN A 509 35.25 35.78 -52.28
N ALA A 510 35.07 36.32 -51.08
CA ALA A 510 35.79 37.53 -50.66
C ALA A 510 37.29 37.31 -50.35
N GLY A 511 37.83 36.12 -50.58
CA GLY A 511 39.24 35.83 -50.34
C GLY A 511 39.50 34.85 -49.23
N GLY A 512 38.44 34.41 -48.52
CA GLY A 512 38.61 33.49 -47.41
C GLY A 512 39.07 32.15 -47.92
N ARG A 513 39.59 31.34 -47.01
CA ARG A 513 39.88 29.95 -47.26
C ARG A 513 39.06 29.04 -46.35
N PHE A 514 38.43 28.05 -46.97
CA PHE A 514 37.50 27.13 -46.31
C PHE A 514 38.01 25.66 -46.42
N VAL A 515 37.83 24.89 -45.34
CA VAL A 515 38.16 23.50 -45.34
C VAL A 515 36.98 22.74 -44.74
N ALA A 516 36.50 21.74 -45.50
CA ALA A 516 35.43 20.88 -45.03
C ALA A 516 35.80 19.45 -45.35
N THR A 517 35.15 18.55 -44.62
CA THR A 517 35.39 17.15 -44.75
C THR A 517 34.16 16.38 -45.20
N TYR A 518 34.44 15.10 -45.47
CA TYR A 518 33.45 14.04 -45.56
C TYR A 518 32.27 14.30 -44.60
N TRP A 519 31.08 13.92 -45.01
CA TRP A 519 29.86 14.05 -44.21
C TRP A 519 29.55 15.48 -43.74
N SER A 520 29.77 16.43 -44.65
CA SER A 520 29.30 17.80 -44.47
C SER A 520 28.21 18.07 -45.50
N GLY A 521 27.28 18.96 -45.17
CA GLY A 521 26.26 19.41 -46.11
C GLY A 521 25.29 18.31 -46.50
N ILE A 522 24.68 17.67 -45.51
CA ILE A 522 23.84 16.48 -45.73
C ILE A 522 22.36 16.73 -45.47
N VAL A 523 22.08 17.47 -44.41
CA VAL A 523 20.69 17.71 -44.02
C VAL A 523 20.43 19.15 -43.68
N ASN A 524 19.15 19.47 -43.45
CA ASN A 524 18.75 20.84 -43.06
C ASN A 524 18.35 20.88 -41.62
N GLU A 525 17.73 21.98 -41.20
CA GLU A 525 17.27 22.24 -39.80
C GLU A 525 16.51 21.08 -39.18
N THR A 526 15.73 20.34 -39.95
CA THR A 526 14.96 19.20 -39.37
C THR A 526 15.42 17.82 -39.82
N ASP A 527 16.63 17.73 -40.34
CA ASP A 527 17.27 16.45 -40.63
C ASP A 527 16.70 15.78 -41.90
N LEU A 528 16.17 16.61 -42.79
CA LEU A 528 15.82 16.20 -44.15
C LEU A 528 17.03 16.33 -45.05
N CYS A 529 17.33 15.26 -45.81
CA CYS A 529 18.45 15.25 -46.71
C CYS A 529 18.22 16.22 -47.84
N PHE A 530 19.31 16.84 -48.29
CA PHE A 530 19.30 17.64 -49.49
C PHE A 530 19.15 16.75 -50.68
N LEU A 531 18.55 17.28 -51.73
CA LEU A 531 18.21 16.53 -52.94
C LEU A 531 19.01 16.94 -54.14
N ASN A 532 19.89 17.90 -53.94
CA ASN A 532 20.74 18.44 -55.01
C ASN A 532 22.14 17.81 -55.09
N GLY A 533 22.37 16.73 -54.33
CA GLY A 533 23.66 16.07 -54.29
C GLY A 533 24.49 16.60 -53.13
N PHE A 534 25.24 15.69 -52.51
CA PHE A 534 26.02 16.01 -51.31
C PHE A 534 27.40 16.58 -51.54
N PRO A 535 27.51 17.82 -51.11
CA PRO A 535 27.88 18.62 -49.97
C PRO A 535 26.78 19.74 -49.94
N GLY A 536 25.74 19.60 -50.76
CA GLY A 536 24.51 20.35 -50.63
C GLY A 536 24.63 21.84 -50.95
N PRO A 537 24.19 22.70 -50.01
CA PRO A 537 24.47 24.15 -50.13
C PRO A 537 25.95 24.49 -50.26
N LEU A 538 26.86 23.59 -49.92
CA LEU A 538 28.33 23.75 -50.08
C LEU A 538 28.92 23.18 -51.35
N ARG A 539 28.10 22.46 -52.11
CA ARG A 539 28.55 21.89 -53.39
C ARG A 539 29.22 22.88 -54.40
N PRO A 540 28.64 24.08 -54.62
CA PRO A 540 29.30 25.03 -55.51
C PRO A 540 30.67 25.55 -55.03
N VAL A 541 30.80 25.89 -53.76
CA VAL A 541 32.08 26.41 -53.24
C VAL A 541 33.17 25.35 -53.19
N LEU A 542 32.79 24.13 -52.87
CA LEU A 542 33.77 23.05 -52.77
C LEU A 542 34.14 22.44 -54.11
N GLY A 543 33.27 22.64 -55.12
CA GLY A 543 33.53 22.23 -56.48
C GLY A 543 33.67 20.73 -56.63
N ILE A 544 32.90 19.97 -55.83
CA ILE A 544 32.90 18.50 -55.89
C ILE A 544 31.52 18.02 -55.52
N TRP A 545 31.22 16.80 -55.96
CA TRP A 545 30.01 16.04 -55.62
C TRP A 545 30.44 14.76 -54.88
N ALA A 546 29.88 14.56 -53.70
CA ALA A 546 30.14 13.37 -52.92
C ALA A 546 29.03 12.39 -53.16
N GLU A 547 29.29 11.41 -54.01
CA GLU A 547 28.28 10.45 -54.42
C GLU A 547 27.87 9.54 -53.30
N GLU A 548 28.82 9.01 -52.56
CA GLU A 548 28.50 8.05 -51.54
C GLU A 548 29.59 8.05 -50.54
N ILE A 549 29.31 7.56 -49.37
CA ILE A 549 30.30 7.43 -48.28
C ILE A 549 30.49 5.97 -47.95
N ASP A 550 31.73 5.54 -47.88
CA ASP A 550 31.98 4.19 -47.46
C ASP A 550 32.25 4.24 -45.95
N SER A 551 31.85 3.18 -45.27
CA SER A 551 32.07 2.98 -43.83
C SER A 551 33.09 1.82 -43.61
N LEU A 552 34.05 1.98 -42.71
CA LEU A 552 35.12 1.00 -42.48
C LEU A 552 35.06 0.45 -41.05
N THR A 553 35.25 -0.86 -40.88
CA THR A 553 35.39 -1.41 -39.52
C THR A 553 36.70 -0.92 -38.93
N ASP A 554 36.80 -1.08 -37.63
CA ASP A 554 38.04 -0.72 -36.91
C ASP A 554 39.32 -1.48 -37.35
N GLU A 555 39.18 -2.56 -38.09
CA GLU A 555 40.32 -3.31 -38.59
C GLU A 555 40.73 -2.85 -39.99
N GLN A 556 39.96 -1.98 -40.66
CA GLN A 556 40.17 -1.69 -42.07
C GLN A 556 40.71 -0.34 -42.30
N HIS A 557 41.48 -0.17 -43.38
CA HIS A 557 42.16 1.08 -43.71
C HIS A 557 42.29 1.29 -45.19
N ASN A 558 42.64 2.50 -45.55
CA ASN A 558 42.93 2.90 -46.92
C ASN A 558 44.06 3.87 -46.71
N SER A 559 44.54 4.48 -47.78
CA SER A 559 45.64 5.41 -47.69
C SER A 559 45.39 6.58 -48.64
N VAL A 560 45.99 7.71 -48.32
CA VAL A 560 45.87 8.90 -49.11
C VAL A 560 47.27 9.30 -49.47
N ALA A 561 47.50 9.57 -50.76
CA ALA A 561 48.82 9.95 -51.24
C ALA A 561 48.73 11.19 -52.06
N GLY A 562 49.66 12.10 -51.84
CA GLY A 562 49.67 13.38 -52.58
C GLY A 562 49.96 13.23 -54.06
N VAL A 563 49.41 14.15 -54.85
CA VAL A 563 49.64 14.21 -56.29
C VAL A 563 50.93 15.01 -56.44
N GLU A 564 51.85 14.51 -57.25
CA GLU A 564 53.10 15.21 -57.51
C GLU A 564 52.84 16.66 -57.93
N GLY A 565 53.57 17.56 -57.29
CA GLY A 565 53.42 18.98 -57.48
C GLY A 565 52.26 19.67 -56.79
N ASN A 566 51.43 18.92 -56.05
CA ASN A 566 50.24 19.54 -55.44
C ASN A 566 50.61 20.75 -54.61
N ALA A 567 49.70 21.73 -54.59
CA ALA A 567 49.94 23.04 -53.94
C ALA A 567 50.27 23.02 -52.45
N LEU A 568 49.89 22.01 -51.71
CA LEU A 568 50.24 21.94 -50.30
C LEU A 568 51.44 21.04 -50.05
N GLY A 569 52.09 20.56 -51.07
CA GLY A 569 53.21 19.65 -50.85
C GLY A 569 52.86 18.37 -50.11
N LEU A 570 51.62 17.93 -50.14
CA LEU A 570 51.23 16.69 -49.43
C LEU A 570 51.91 15.48 -50.08
N SER A 571 52.27 14.49 -49.28
CA SER A 571 53.05 13.38 -49.80
C SER A 571 52.53 12.10 -49.20
N GLY A 572 52.97 11.73 -48.01
CA GLY A 572 52.45 10.55 -47.32
C GLY A 572 53.15 9.27 -47.79
N PRO A 573 52.42 8.15 -47.95
CA PRO A 573 50.97 8.15 -47.77
C PRO A 573 50.55 8.23 -46.31
N TYR A 574 49.28 8.56 -46.10
CA TYR A 574 48.70 8.68 -44.78
C TYR A 574 47.59 7.68 -44.64
N ARG A 575 47.34 7.25 -43.42
CA ARG A 575 46.33 6.29 -43.14
C ARG A 575 44.97 6.97 -43.19
N ALA A 576 44.02 6.29 -43.80
CA ALA A 576 42.65 6.68 -43.79
C ALA A 576 41.80 5.55 -43.11
N SER A 577 40.91 5.94 -42.20
CA SER A 577 40.16 5.00 -41.41
C SER A 577 38.72 5.45 -41.28
N GLN A 578 37.84 4.47 -41.03
CA GLN A 578 36.44 4.70 -40.61
C GLN A 578 35.44 5.25 -41.67
N LEU A 579 35.79 6.31 -42.37
CA LEU A 579 34.93 6.88 -43.33
C LEU A 579 35.75 7.37 -44.55
N CYS A 580 35.33 6.95 -45.75
CA CYS A 580 35.96 7.33 -47.02
C CYS A 580 34.83 7.57 -47.99
N GLU A 581 34.77 8.78 -48.53
CA GLU A 581 33.76 9.15 -49.47
C GLU A 581 34.35 9.00 -50.86
N VAL A 582 33.46 8.70 -51.82
CA VAL A 582 33.80 8.64 -53.23
C VAL A 582 33.28 9.92 -53.85
N ILE A 583 34.22 10.73 -54.37
CA ILE A 583 33.91 12.06 -54.89
C ILE A 583 34.25 12.23 -56.37
N HIS A 584 33.64 13.27 -56.94
CA HIS A 584 33.78 13.62 -58.33
C HIS A 584 34.14 15.08 -58.45
N LEU A 585 35.13 15.36 -59.28
CA LEU A 585 35.55 16.73 -59.53
C LEU A 585 34.52 17.50 -60.34
N GLU A 586 34.19 18.70 -59.88
CA GLU A 586 33.27 19.60 -60.56
C GLU A 586 33.87 20.99 -60.50
N GLY A 587 35.10 21.12 -61.02
CA GLY A 587 35.86 22.36 -60.97
C GLY A 587 37.11 22.24 -60.11
N ALA A 588 37.01 21.50 -59.02
CA ALA A 588 38.15 21.36 -58.12
C ALA A 588 39.24 20.50 -58.74
N ALA A 589 40.44 20.67 -58.24
CA ALA A 589 41.60 19.89 -58.66
C ALA A 589 41.92 18.97 -57.51
N ALA A 590 42.52 17.83 -57.84
CA ALA A 590 42.84 16.85 -56.84
C ALA A 590 44.20 17.11 -56.25
N LEU A 591 44.25 17.31 -54.94
CA LEU A 591 45.54 17.38 -54.23
C LEU A 591 46.14 16.03 -53.82
N ALA A 592 45.29 15.01 -53.63
CA ALA A 592 45.72 13.68 -53.21
C ALA A 592 44.67 12.65 -53.64
N THR A 593 45.10 11.39 -53.80
CA THR A 593 44.21 10.29 -54.17
C THR A 593 44.29 9.09 -53.20
N TYR A 594 43.23 8.28 -53.17
CA TYR A 594 43.24 7.02 -52.43
C TYR A 594 44.25 6.06 -53.07
N GLY A 595 44.85 5.24 -52.22
CA GLY A 595 45.82 4.25 -52.63
C GLY A 595 45.26 2.84 -52.69
N ASP A 596 44.03 2.64 -52.21
CA ASP A 596 43.48 1.31 -52.04
C ASP A 596 41.96 1.21 -52.22
N ASP A 597 41.47 -0.03 -52.25
CA ASP A 597 40.02 -0.41 -52.38
C ASP A 597 39.55 -0.15 -53.80
N PHE A 598 38.26 -0.33 -54.08
CA PHE A 598 37.74 -0.11 -55.44
C PHE A 598 37.80 1.33 -55.91
N TYR A 599 37.96 2.25 -54.98
CA TYR A 599 38.06 3.65 -55.35
C TYR A 599 39.51 4.10 -55.40
N ALA A 600 40.46 3.16 -55.50
CA ALA A 600 41.86 3.52 -55.67
C ALA A 600 42.08 4.42 -56.90
N GLY A 601 43.00 5.37 -56.74
CA GLY A 601 43.30 6.38 -57.76
C GLY A 601 42.32 7.53 -57.79
N ASN A 602 41.24 7.46 -57.03
CA ASN A 602 40.25 8.51 -57.08
C ASN A 602 40.68 9.69 -56.22
N PRO A 603 40.16 10.90 -56.55
CA PRO A 603 40.45 12.04 -55.67
C PRO A 603 40.06 11.76 -54.22
N ALA A 604 40.99 12.06 -53.32
CA ALA A 604 40.81 11.98 -51.86
C ALA A 604 40.83 13.36 -51.14
N VAL A 605 41.61 14.30 -51.70
CA VAL A 605 41.73 15.65 -51.19
C VAL A 605 41.70 16.59 -52.40
N THR A 606 40.88 17.65 -52.29
CA THR A 606 40.72 18.58 -53.36
C THR A 606 40.74 20.02 -52.90
N VAL A 607 41.00 20.91 -53.87
CA VAL A 607 40.95 22.36 -53.70
C VAL A 607 40.20 22.96 -54.89
N ASN A 608 39.34 23.93 -54.60
CA ASN A 608 38.54 24.62 -55.61
C ASN A 608 38.76 26.11 -55.46
N LEU A 609 38.93 26.78 -56.59
CA LEU A 609 39.06 28.22 -56.68
C LEU A 609 37.62 28.78 -56.79
N TYR A 610 37.29 29.76 -55.95
CA TYR A 610 35.96 30.31 -55.89
C TYR A 610 36.11 31.77 -55.47
N GLY A 611 35.76 32.68 -56.35
CA GLY A 611 36.09 34.08 -56.17
C GLY A 611 37.60 34.19 -56.02
N LYS A 612 38.03 34.95 -55.01
CA LYS A 612 39.45 35.10 -54.71
C LYS A 612 39.88 34.14 -53.63
N GLY A 613 38.96 33.32 -53.09
CA GLY A 613 39.31 32.30 -52.10
C GLY A 613 39.49 30.88 -52.65
N GLN A 614 39.91 29.99 -51.78
CA GLN A 614 40.00 28.59 -52.12
C GLN A 614 39.28 27.75 -51.06
N ALA A 615 38.56 26.73 -51.51
CA ALA A 615 37.84 25.80 -50.66
C ALA A 615 38.41 24.38 -50.81
N TYR A 616 38.81 23.79 -49.70
CA TYR A 616 39.43 22.48 -49.65
C TYR A 616 38.43 21.47 -49.16
N TYR A 617 38.50 20.26 -49.70
CA TYR A 617 37.64 19.15 -49.28
C TYR A 617 38.52 17.93 -49.03
N VAL A 618 38.31 17.31 -47.87
CA VAL A 618 39.01 16.13 -47.43
C VAL A 618 37.97 15.01 -47.29
N ALA A 619 38.14 14.01 -48.16
CA ALA A 619 37.08 13.04 -48.42
C ALA A 619 37.14 11.88 -47.46
N SER A 620 38.24 11.76 -46.69
CA SER A 620 38.37 10.69 -45.72
C SER A 620 38.97 11.13 -44.38
N ARG A 621 38.60 10.39 -43.35
CA ARG A 621 39.20 10.55 -42.01
C ARG A 621 40.65 10.04 -41.93
N ASN A 622 41.58 10.99 -41.82
CA ASN A 622 43.04 10.73 -41.97
C ASN A 622 43.82 10.88 -40.69
N ASP A 623 45.06 10.37 -40.73
CA ASP A 623 45.92 10.31 -39.53
C ASP A 623 46.50 11.68 -39.16
N GLN A 624 47.15 11.71 -38.01
CA GLN A 624 47.67 12.92 -37.42
C GLN A 624 48.71 13.51 -38.31
N GLN A 625 49.47 12.69 -39.02
CA GLN A 625 50.51 13.21 -39.89
C GLN A 625 49.91 14.00 -41.05
N PHE A 626 48.77 13.54 -41.53
CA PHE A 626 48.06 14.21 -42.61
C PHE A 626 47.68 15.61 -42.19
N HIS A 627 47.10 15.73 -41.01
CA HIS A 627 46.63 17.04 -40.53
C HIS A 627 47.79 18.00 -40.28
N ALA A 628 48.91 17.44 -39.82
CA ALA A 628 50.14 18.19 -39.58
C ALA A 628 50.71 18.74 -40.88
N ASP A 629 50.82 17.89 -41.90
CA ASP A 629 51.31 18.30 -43.24
C ASP A 629 50.38 19.30 -43.89
N PHE A 630 49.10 18.98 -43.87
CA PHE A 630 48.05 19.79 -44.49
C PHE A 630 48.02 21.20 -43.91
N PHE A 631 47.95 21.27 -42.59
CA PHE A 631 47.79 22.55 -41.96
C PHE A 631 49.10 23.33 -41.72
N THR A 632 50.24 22.66 -41.63
CA THR A 632 51.46 23.45 -41.60
C THR A 632 51.74 24.04 -42.95
N ALA A 633 51.48 23.31 -44.03
CA ALA A 633 51.60 23.90 -45.38
C ALA A 633 50.63 25.05 -45.60
N LEU A 634 49.38 24.83 -45.24
CA LEU A 634 48.37 25.84 -45.42
C LEU A 634 48.65 27.08 -44.59
N ALA A 635 49.28 26.93 -43.42
CA ALA A 635 49.61 28.09 -42.57
C ALA A 635 50.76 28.87 -43.14
N LYS A 636 51.74 28.16 -43.69
CA LYS A 636 52.89 28.78 -44.36
C LYS A 636 52.43 29.54 -45.57
N GLU A 637 51.67 28.90 -46.43
CA GLU A 637 51.14 29.57 -47.60
C GLU A 637 50.28 30.81 -47.24
N MET A 638 49.35 30.66 -46.30
CA MET A 638 48.46 31.77 -45.88
C MET A 638 49.14 32.81 -44.99
N LYS A 639 50.34 32.54 -44.51
CA LYS A 639 51.09 33.44 -43.60
C LYS A 639 50.28 33.77 -42.37
N LEU A 640 49.72 32.75 -41.77
CA LEU A 640 48.95 32.88 -40.56
C LEU A 640 49.93 33.23 -39.42
N PRO A 641 49.54 34.16 -38.53
CA PRO A 641 50.38 34.54 -37.38
C PRO A 641 50.47 33.44 -36.36
N ARG A 642 51.67 33.19 -35.84
CA ARG A 642 51.90 32.22 -34.79
C ARG A 642 52.20 32.93 -33.47
N ALA A 643 52.05 32.22 -32.35
CA ALA A 643 52.40 32.75 -31.06
C ALA A 643 53.91 33.13 -31.02
N ILE A 644 54.80 32.22 -31.42
CA ILE A 644 56.24 32.45 -31.65
C ILE A 644 56.64 31.93 -33.02
N ASN A 645 57.53 32.66 -33.66
CA ASN A 645 58.04 32.28 -34.96
C ASN A 645 59.26 31.37 -34.84
N THR A 646 59.06 30.15 -34.35
CA THR A 646 60.13 29.19 -34.25
C THR A 646 59.49 27.84 -34.33
N PRO A 647 60.25 26.84 -34.79
CA PRO A 647 59.65 25.51 -34.83
C PRO A 647 59.41 25.01 -33.40
N LEU A 648 58.25 24.39 -33.14
CA LEU A 648 57.96 23.82 -31.85
C LEU A 648 58.08 22.31 -31.90
N PRO A 649 58.88 21.70 -31.00
CA PRO A 649 58.92 20.23 -30.96
C PRO A 649 57.55 19.60 -30.65
N GLU A 650 57.43 18.31 -30.94
CA GLU A 650 56.16 17.61 -30.76
C GLU A 650 55.78 17.65 -29.30
N GLY A 651 54.52 17.95 -29.01
CA GLY A 651 54.06 18.09 -27.62
C GLY A 651 54.35 19.43 -26.94
N VAL A 652 55.03 20.33 -27.63
CA VAL A 652 55.25 21.67 -27.16
C VAL A 652 54.33 22.57 -27.96
N THR A 653 53.64 23.48 -27.27
CA THR A 653 52.69 24.38 -27.90
C THR A 653 52.94 25.74 -27.34
N ALA A 654 52.28 26.71 -27.94
CA ALA A 654 52.44 28.08 -27.54
C ALA A 654 51.14 28.82 -27.74
N ALA A 655 50.76 29.67 -26.81
CA ALA A 655 49.52 30.46 -26.90
C ALA A 655 49.87 31.88 -26.65
N ARG A 656 49.10 32.81 -27.22
CA ARG A 656 49.40 34.23 -27.10
C ARG A 656 48.18 35.06 -26.64
N ARG A 657 48.37 35.89 -25.63
CA ARG A 657 47.37 36.91 -25.29
C ARG A 657 48.02 38.28 -25.36
N THR A 658 47.21 39.32 -25.58
CA THR A 658 47.71 40.68 -25.75
C THR A 658 46.76 41.72 -25.20
N ASP A 659 47.33 42.77 -24.59
CA ASP A 659 46.58 43.98 -24.18
C ASP A 659 46.67 45.14 -25.20
N GLY A 660 47.20 44.87 -26.39
CA GLY A 660 47.34 45.89 -27.42
C GLY A 660 48.69 46.55 -27.33
N GLU A 661 49.37 46.39 -26.20
CA GLU A 661 50.65 47.01 -25.95
C GLU A 661 51.77 45.97 -25.77
N SER A 662 51.52 44.97 -24.95
CA SER A 662 52.40 43.82 -24.83
C SER A 662 51.75 42.55 -25.41
N GLU A 663 52.56 41.52 -25.69
CA GLU A 663 52.06 40.17 -25.90
C GLU A 663 52.62 39.24 -24.82
N PHE A 664 51.79 38.29 -24.38
CA PHE A 664 52.15 37.29 -23.39
C PHE A 664 52.09 35.91 -24.06
N ILE A 665 53.24 35.23 -24.14
CA ILE A 665 53.41 33.95 -24.83
C ILE A 665 53.54 32.84 -23.83
N PHE A 666 52.60 31.91 -23.88
CA PHE A 666 52.61 30.76 -22.99
C PHE A 666 53.24 29.57 -23.73
N LEU A 667 54.46 29.25 -23.36
CA LEU A 667 55.14 28.09 -23.88
C LEU A 667 54.86 26.93 -22.99
N GLN A 668 54.44 25.82 -23.57
CA GLN A 668 53.94 24.70 -22.78
C GLN A 668 54.55 23.43 -23.29
N ASN A 669 54.95 22.57 -22.36
CA ASN A 669 55.53 21.28 -22.70
C ASN A 669 54.70 20.21 -22.00
N TYR A 670 53.88 19.53 -22.80
CA TYR A 670 53.04 18.42 -22.36
C TYR A 670 53.76 17.08 -22.42
N ASN A 671 55.00 17.03 -22.88
CA ASN A 671 55.77 15.79 -22.85
C ASN A 671 56.21 15.49 -21.43
N ALA A 672 56.63 14.25 -21.21
CA ALA A 672 57.03 13.79 -19.88
C ALA A 672 58.54 13.81 -19.72
N ASP A 673 59.23 14.46 -20.63
CA ASP A 673 60.66 14.71 -20.52
C ASP A 673 60.99 16.15 -20.90
N ASN A 674 62.26 16.54 -20.75
CA ASN A 674 62.69 17.89 -21.05
C ASN A 674 62.64 18.15 -22.52
N GLN A 675 62.30 19.38 -22.87
CA GLN A 675 62.20 19.78 -24.23
C GLN A 675 62.80 21.18 -24.43
N THR A 676 63.62 21.36 -25.46
CA THR A 676 64.39 22.58 -25.71
C THR A 676 63.87 23.34 -26.93
N VAL A 677 63.63 24.64 -26.73
CA VAL A 677 63.15 25.53 -27.79
C VAL A 677 64.15 26.68 -28.03
N ALA A 678 64.28 27.07 -29.29
CA ALA A 678 65.07 28.24 -29.70
C ALA A 678 64.18 29.50 -29.89
N LEU A 679 64.51 30.58 -29.21
CA LEU A 679 63.72 31.82 -29.30
C LEU A 679 64.18 32.63 -30.50
N PRO A 680 63.23 33.14 -31.32
CA PRO A 680 63.64 33.96 -32.47
C PRO A 680 63.93 35.46 -32.16
N GLN A 681 63.58 35.94 -30.95
CA GLN A 681 63.80 37.35 -30.53
C GLN A 681 64.11 37.38 -29.05
N ASP A 682 64.02 38.57 -28.43
CA ASP A 682 64.22 38.72 -26.98
C ASP A 682 62.94 39.07 -26.25
N TYR A 683 62.71 38.36 -25.14
CA TYR A 683 61.52 38.47 -24.30
C TYR A 683 61.95 38.64 -22.83
N GLN A 684 61.05 39.13 -21.98
CA GLN A 684 61.33 39.21 -20.53
C GLN A 684 60.71 38.05 -19.73
N GLY A 690 63.47 39.71 -15.60
CA GLY A 690 64.55 40.01 -16.53
C GLY A 690 64.47 39.29 -17.88
N ASN A 691 65.58 39.21 -18.61
CA ASN A 691 65.58 38.68 -19.99
C ASN A 691 65.98 37.24 -20.09
N LEU A 692 65.10 36.50 -20.75
CA LEU A 692 65.24 35.05 -20.90
C LEU A 692 66.34 34.73 -21.89
N PRO A 693 67.05 33.61 -21.65
CA PRO A 693 68.10 33.20 -22.59
C PRO A 693 67.54 32.97 -23.99
N ARG A 694 68.45 32.86 -24.97
CA ARG A 694 68.12 32.57 -26.40
C ARG A 694 67.61 31.13 -26.69
N LYS A 695 67.68 30.30 -25.66
CA LYS A 695 67.54 28.90 -25.81
C LYS A 695 67.05 28.36 -24.48
N LEU A 696 65.92 27.68 -24.53
CA LEU A 696 65.11 27.49 -23.36
C LEU A 696 64.80 26.02 -23.23
N THR A 697 65.14 25.43 -22.09
CA THR A 697 64.69 24.08 -21.77
C THR A 697 63.50 24.14 -20.86
N LEU A 698 62.38 23.61 -21.36
CA LEU A 698 61.22 23.43 -20.55
C LEU A 698 61.35 22.05 -19.87
N PRO A 699 61.15 22.02 -18.53
CA PRO A 699 61.05 20.72 -17.90
C PRO A 699 59.84 19.90 -18.37
N ALA A 700 59.81 18.62 -18.06
CA ALA A 700 58.59 17.84 -18.18
C ALA A 700 57.40 18.61 -17.60
N PHE A 701 56.32 18.72 -18.33
CA PHE A 701 55.07 19.35 -17.87
C PHE A 701 55.34 20.78 -17.46
N GLY A 702 56.28 21.39 -18.16
CA GLY A 702 56.78 22.70 -17.80
C GLY A 702 56.05 23.76 -18.57
N CYS A 703 56.12 24.98 -18.06
CA CYS A 703 55.51 26.13 -18.70
C CYS A 703 56.32 27.38 -18.40
N GLN A 704 56.59 28.16 -19.41
CA GLN A 704 57.20 29.45 -19.22
C GLN A 704 56.52 30.55 -20.00
N ILE A 705 56.32 31.68 -19.34
CA ILE A 705 55.59 32.78 -19.86
C ILE A 705 56.59 33.87 -20.25
N LEU A 706 56.58 34.21 -21.53
CA LEU A 706 57.51 35.17 -22.15
C LEU A 706 56.69 36.40 -22.44
N THR A 707 57.25 37.57 -22.21
CA THR A 707 56.50 38.81 -22.46
C THR A 707 57.36 39.71 -23.31
N ARG A 708 56.72 40.67 -23.95
CA ARG A 708 57.39 41.50 -24.91
C ARG A 708 56.52 42.61 -25.40
N LYS A 709 57.11 43.73 -25.80
CA LYS A 709 56.32 44.79 -26.41
C LYS A 709 56.21 44.65 -27.91
N ILE A 710 55.06 45.06 -28.43
CA ILE A 710 54.70 44.81 -29.84
C ILE A 710 55.17 45.97 -30.70
N THR B 27 7.29 -31.32 -63.25
CA THR B 27 8.54 -31.00 -64.02
C THR B 27 9.07 -29.55 -63.82
N LYS B 28 8.18 -28.62 -63.49
CA LYS B 28 8.53 -27.21 -63.30
C LYS B 28 7.45 -26.44 -62.51
N PHE B 29 7.82 -25.77 -61.42
CA PHE B 29 6.81 -25.14 -60.53
C PHE B 29 6.02 -24.03 -61.25
N PRO B 30 4.80 -23.73 -60.76
CA PRO B 30 4.05 -22.61 -61.37
C PRO B 30 4.67 -21.27 -61.02
N LEU B 31 4.60 -20.33 -61.95
CA LEU B 31 5.02 -18.94 -61.68
C LEU B 31 4.09 -18.28 -60.68
N LEU B 32 4.52 -17.15 -60.10
CA LEU B 32 3.71 -16.45 -59.06
C LEU B 32 2.34 -15.99 -59.55
N SER B 33 2.26 -15.70 -60.84
CA SER B 33 1.02 -15.26 -61.48
C SER B 33 0.96 -15.79 -62.93
N SER B 34 -0.27 -16.01 -63.42
CA SER B 34 -0.50 -16.28 -64.85
C SER B 34 -0.11 -15.11 -65.77
N LYS B 35 -0.06 -13.90 -65.20
CA LYS B 35 0.35 -12.69 -65.92
C LYS B 35 1.83 -12.53 -66.15
N ILE B 36 2.67 -13.16 -65.33
CA ILE B 36 4.13 -13.00 -65.46
C ILE B 36 4.74 -14.17 -66.19
N SER B 37 5.91 -13.94 -66.78
CA SER B 37 6.59 -14.92 -67.63
C SER B 37 8.09 -15.12 -67.37
N GLY B 38 8.61 -14.47 -66.32
CA GLY B 38 10.03 -14.49 -66.01
C GLY B 38 10.26 -14.12 -64.55
N LEU B 39 11.50 -13.74 -64.28
CA LEU B 39 11.91 -13.42 -62.93
C LEU B 39 11.38 -12.05 -62.64
N LEU B 40 10.95 -11.81 -61.41
CA LEU B 40 10.57 -10.46 -61.00
C LEU B 40 11.76 -9.65 -60.44
N HIS B 41 11.65 -8.33 -60.59
CA HIS B 41 12.66 -7.38 -60.14
C HIS B 41 11.90 -6.17 -59.64
N GLY B 42 12.17 -5.77 -58.40
CA GLY B 42 11.49 -4.64 -57.87
C GLY B 42 11.90 -4.15 -56.51
N ALA B 43 10.94 -3.60 -55.80
CA ALA B 43 11.19 -2.92 -54.52
C ALA B 43 9.95 -2.62 -53.69
N ASP B 44 10.19 -2.39 -52.41
CA ASP B 44 9.20 -1.71 -51.60
C ASP B 44 9.10 -0.31 -52.18
N TYR B 45 7.88 0.18 -52.35
CA TYR B 45 7.66 1.49 -52.94
C TYR B 45 6.74 2.29 -52.03
N ASN B 46 7.18 3.49 -51.65
CA ASN B 46 6.41 4.36 -50.74
C ASN B 46 6.04 5.73 -51.31
N PRO B 47 5.24 5.77 -52.38
CA PRO B 47 4.86 7.03 -53.02
C PRO B 47 4.09 7.97 -52.11
N GLU B 48 3.34 7.46 -51.16
CA GLU B 48 2.53 8.29 -50.26
C GLU B 48 3.33 9.33 -49.47
N GLN B 49 4.62 9.08 -49.34
CA GLN B 49 5.57 10.07 -48.81
C GLN B 49 5.90 11.20 -49.81
N TRP B 50 5.50 11.09 -51.07
CA TRP B 50 5.92 12.03 -52.11
C TRP B 50 4.75 12.69 -52.88
N LEU B 51 3.53 12.60 -52.37
CA LEU B 51 2.36 13.11 -53.10
C LEU B 51 2.41 14.61 -53.39
N ASP B 52 3.21 15.36 -52.66
CA ASP B 52 3.39 16.78 -52.93
C ASP B 52 4.31 17.07 -54.07
N HIS B 53 4.90 16.05 -54.71
CA HIS B 53 5.78 16.26 -55.86
C HIS B 53 5.41 15.28 -56.94
N PRO B 54 4.36 15.59 -57.73
CA PRO B 54 3.90 14.64 -58.78
C PRO B 54 4.98 14.33 -59.84
N ASP B 55 5.85 15.30 -60.10
CA ASP B 55 7.02 15.11 -60.90
C ASP B 55 7.84 13.89 -60.49
N VAL B 56 8.07 13.74 -59.18
CA VAL B 56 8.77 12.61 -58.61
C VAL B 56 8.06 11.29 -58.92
N LEU B 57 6.74 11.26 -58.75
CA LEU B 57 5.94 10.03 -59.01
C LEU B 57 6.03 9.57 -60.48
N VAL B 58 6.04 10.53 -61.40
CA VAL B 58 6.24 10.28 -62.83
C VAL B 58 7.67 9.73 -63.12
N ARG B 59 8.66 10.46 -62.62
CA ARG B 59 10.06 10.08 -62.74
C ARG B 59 10.33 8.68 -62.15
N ASP B 60 9.66 8.41 -61.03
CA ASP B 60 9.69 7.11 -60.40
C ASP B 60 9.43 6.06 -61.42
N VAL B 61 8.30 6.18 -62.11
CA VAL B 61 7.86 5.09 -63.01
C VAL B 61 8.76 4.97 -64.24
N GLU B 62 9.20 6.12 -64.78
CA GLU B 62 10.16 6.13 -65.89
C GLU B 62 11.43 5.37 -65.53
N MET B 63 11.99 5.62 -64.35
CA MET B 63 13.25 4.99 -63.94
C MET B 63 13.05 3.52 -63.62
N MET B 64 11.89 3.20 -63.05
CA MET B 64 11.50 1.81 -62.82
C MET B 64 11.59 1.02 -64.09
N LYS B 65 11.09 1.55 -65.18
CA LYS B 65 11.17 0.83 -66.45
C LYS B 65 12.58 0.80 -66.98
N GLU B 66 13.28 1.91 -66.83
CA GLU B 66 14.67 1.99 -67.28
C GLU B 66 15.62 1.09 -66.44
N ALA B 67 15.21 0.74 -65.22
CA ALA B 67 15.93 -0.23 -64.36
C ALA B 67 15.48 -1.67 -64.54
N ARG B 68 14.45 -1.89 -65.37
CA ARG B 68 13.84 -3.19 -65.57
C ARG B 68 13.19 -3.75 -64.30
N CYS B 69 12.47 -2.90 -63.60
CA CYS B 69 11.75 -3.32 -62.43
C CYS B 69 10.32 -3.57 -62.84
N ASN B 70 9.87 -4.80 -62.63
CA ASN B 70 8.52 -5.22 -63.01
C ASN B 70 7.59 -5.54 -61.82
N VAL B 71 8.06 -5.28 -60.59
CA VAL B 71 7.19 -5.41 -59.42
C VAL B 71 7.48 -4.38 -58.29
N MET B 72 6.45 -3.92 -57.59
CA MET B 72 6.64 -3.07 -56.41
C MET B 72 5.72 -3.59 -55.35
N SER B 73 6.17 -3.58 -54.09
CA SER B 73 5.29 -3.82 -52.94
C SER B 73 4.74 -2.47 -52.50
N VAL B 74 3.43 -2.38 -52.32
CA VAL B 74 2.80 -1.09 -52.08
C VAL B 74 1.84 -1.21 -50.89
N GLY B 75 1.78 -0.13 -50.11
CA GLY B 75 0.89 -0.02 -49.00
C GLY B 75 1.33 -0.52 -47.65
N ILE B 76 2.59 -0.84 -47.47
CA ILE B 76 3.03 -1.55 -46.26
C ILE B 76 2.87 -0.70 -44.99
N PHE B 77 3.16 0.58 -45.08
CA PHE B 77 3.10 1.44 -43.92
C PHE B 77 2.16 2.59 -44.22
N SER B 78 1.06 2.29 -44.91
CA SER B 78 0.17 3.29 -45.44
C SER B 78 -1.08 3.55 -44.61
N TRP B 79 -1.23 2.91 -43.46
CA TRP B 79 -2.49 3.00 -42.72
C TRP B 79 -2.94 4.45 -42.46
N SER B 80 -2.04 5.31 -42.00
CA SER B 80 -2.42 6.69 -41.75
C SER B 80 -2.57 7.46 -43.07
N ALA B 81 -1.99 6.96 -44.17
CA ALA B 81 -2.27 7.46 -45.52
C ALA B 81 -3.60 6.95 -46.17
N LEU B 82 -4.21 5.93 -45.56
CA LEU B 82 -5.45 5.35 -46.01
C LEU B 82 -6.61 5.72 -45.06
N GLU B 83 -6.35 5.82 -43.75
CA GLU B 83 -7.40 6.08 -42.76
C GLU B 83 -6.86 7.12 -41.77
N PRO B 84 -6.73 8.38 -42.22
CA PRO B 84 -6.24 9.45 -41.35
C PRO B 84 -7.08 9.75 -40.12
N GLU B 85 -8.38 9.46 -40.18
CA GLU B 85 -9.26 9.51 -39.00
C GLU B 85 -9.99 8.21 -38.97
N GLU B 86 -10.46 7.86 -37.78
CA GLU B 86 -11.24 6.63 -37.61
C GLU B 86 -12.50 6.64 -38.49
N GLY B 87 -12.72 5.56 -39.22
CA GLY B 87 -13.86 5.42 -40.12
C GLY B 87 -13.77 6.10 -41.47
N ARG B 88 -12.89 7.09 -41.62
CA ARG B 88 -12.78 7.84 -42.88
C ARG B 88 -11.55 7.47 -43.76
N TYR B 89 -11.82 6.95 -44.95
CA TYR B 89 -10.81 6.41 -45.85
C TYR B 89 -10.44 7.34 -46.98
N THR B 90 -9.18 7.28 -47.44
CA THR B 90 -8.67 8.11 -48.55
C THR B 90 -7.83 7.23 -49.45
N PHE B 91 -8.46 6.61 -50.45
CA PHE B 91 -7.82 5.59 -51.32
C PHE B 91 -7.41 6.14 -52.67
N ASP B 92 -7.64 7.42 -52.92
CA ASP B 92 -7.50 7.99 -54.27
C ASP B 92 -6.06 7.83 -54.74
N TRP B 93 -5.12 8.28 -53.90
CA TRP B 93 -3.68 8.23 -54.22
C TRP B 93 -3.21 6.82 -54.60
N MET B 94 -3.76 5.81 -53.91
CA MET B 94 -3.42 4.41 -54.17
C MET B 94 -4.04 3.93 -55.45
N ASP B 95 -5.29 4.34 -55.70
CA ASP B 95 -5.93 4.09 -56.98
C ASP B 95 -4.99 4.54 -58.08
N GLN B 96 -4.40 5.74 -57.90
CA GLN B 96 -3.58 6.38 -58.95
C GLN B 96 -2.31 5.59 -59.15
N VAL B 97 -1.68 5.21 -58.05
CA VAL B 97 -0.43 4.48 -58.11
C VAL B 97 -0.62 3.16 -58.85
N LEU B 98 -1.64 2.42 -58.44
CA LEU B 98 -1.88 1.11 -59.01
C LEU B 98 -2.22 1.18 -60.49
N ASN B 99 -2.99 2.20 -60.87
CA ASN B 99 -3.29 2.42 -62.28
C ASN B 99 -2.03 2.70 -63.09
N ARG B 100 -1.21 3.60 -62.58
CA ARG B 100 0.00 4.03 -63.23
C ARG B 100 0.98 2.90 -63.39
N LEU B 101 1.17 2.11 -62.33
CA LEU B 101 2.06 0.97 -62.41
C LEU B 101 1.56 -0.03 -63.42
N HIS B 102 0.23 -0.20 -63.49
CA HIS B 102 -0.35 -1.14 -64.44
C HIS B 102 -0.21 -0.64 -65.85
N GLU B 103 -0.48 0.65 -66.07
CA GLU B 103 -0.28 1.23 -67.41
C GLU B 103 1.15 1.07 -67.89
N ASN B 104 2.11 0.95 -66.96
CA ASN B 104 3.53 0.87 -67.30
C ASN B 104 4.18 -0.52 -67.21
N GLY B 105 3.33 -1.53 -66.99
CA GLY B 105 3.73 -2.93 -67.10
C GLY B 105 4.43 -3.39 -65.87
N ILE B 106 3.98 -2.85 -64.74
CA ILE B 106 4.59 -3.14 -63.43
C ILE B 106 3.53 -3.68 -62.52
N SER B 107 3.76 -4.90 -62.03
CA SER B 107 2.87 -5.54 -61.09
C SER B 107 3.11 -5.08 -59.67
N VAL B 108 2.15 -5.45 -58.83
CA VAL B 108 2.10 -5.02 -57.46
C VAL B 108 1.83 -6.21 -56.52
N PHE B 109 2.64 -6.33 -55.47
CA PHE B 109 2.26 -7.05 -54.27
C PHE B 109 1.64 -5.99 -53.38
N LEU B 110 0.32 -6.05 -53.22
CA LEU B 110 -0.41 -5.12 -52.36
C LEU B 110 -0.37 -5.60 -50.93
N ALA B 111 -0.01 -4.70 -50.02
CA ALA B 111 0.24 -5.04 -48.64
C ALA B 111 -0.92 -4.63 -47.72
N THR B 112 -1.16 -5.44 -46.70
CA THR B 112 -2.03 -5.00 -45.63
C THR B 112 -1.11 -4.19 -44.72
N PRO B 113 -1.62 -3.05 -44.20
CA PRO B 113 -0.82 -2.05 -43.50
C PRO B 113 -0.67 -2.24 -41.99
N SER B 114 -1.03 -3.42 -41.50
CA SER B 114 -0.94 -3.78 -40.07
C SER B 114 0.46 -3.72 -39.43
N GLY B 115 1.52 -3.61 -40.24
CA GLY B 115 2.85 -3.24 -39.77
C GLY B 115 3.05 -1.98 -38.92
N ALA B 116 2.13 -1.03 -38.99
CA ALA B 116 2.22 0.17 -38.20
C ALA B 116 0.88 0.87 -38.09
N ARG B 117 0.29 0.84 -36.91
CA ARG B 117 -1.00 1.48 -36.69
C ARG B 117 -0.91 3.05 -36.61
N PRO B 118 -2.01 3.76 -36.94
CA PRO B 118 -1.98 5.21 -36.81
C PRO B 118 -1.99 5.68 -35.36
N ALA B 119 -1.49 6.88 -35.15
CA ALA B 119 -1.35 7.43 -33.79
C ALA B 119 -2.69 7.63 -33.06
N TRP B 120 -3.74 8.00 -33.83
CA TRP B 120 -5.13 8.08 -33.29
C TRP B 120 -5.62 6.75 -32.70
N MET B 121 -5.29 5.64 -33.37
CA MET B 121 -5.64 4.29 -32.91
C MET B 121 -4.96 3.92 -31.58
N SER B 122 -3.68 4.28 -31.45
CA SER B 122 -2.96 4.06 -30.21
C SER B 122 -3.57 4.92 -29.14
N GLN B 123 -3.89 6.16 -29.48
CA GLN B 123 -4.48 7.10 -28.53
C GLN B 123 -5.86 6.63 -28.03
N LYS B 124 -6.72 6.21 -28.94
CA LYS B 124 -8.09 5.85 -28.57
C LYS B 124 -8.16 4.47 -27.94
N TYR B 125 -7.44 3.51 -28.50
CA TYR B 125 -7.47 2.12 -28.06
C TYR B 125 -6.07 1.61 -27.65
N PRO B 126 -5.57 2.05 -26.49
CA PRO B 126 -4.29 1.66 -25.94
C PRO B 126 -4.07 0.16 -25.86
N GLN B 127 -5.14 -0.61 -25.80
CA GLN B 127 -5.07 -2.08 -25.82
C GLN B 127 -4.32 -2.63 -27.06
N VAL B 128 -4.23 -1.81 -28.12
CA VAL B 128 -3.47 -2.22 -29.29
C VAL B 128 -1.95 -2.24 -29.07
N LEU B 129 -1.48 -1.48 -28.09
CA LEU B 129 -0.06 -1.44 -27.72
C LEU B 129 0.27 -2.68 -26.93
N ARG B 130 1.53 -3.12 -27.00
CA ARG B 130 2.03 -4.27 -26.21
C ARG B 130 2.44 -3.90 -24.79
N VAL B 131 2.57 -4.96 -24.00
CA VAL B 131 3.25 -4.95 -22.73
C VAL B 131 4.49 -5.82 -22.90
N GLY B 132 5.64 -5.30 -22.45
CA GLY B 132 6.91 -5.98 -22.62
C GLY B 132 7.05 -7.15 -21.69
N ARG B 133 8.00 -8.03 -21.95
CA ARG B 133 8.40 -9.09 -21.02
C ARG B 133 8.69 -8.57 -19.59
N ASP B 134 9.34 -7.41 -19.49
CA ASP B 134 9.59 -6.81 -18.18
C ASP B 134 8.36 -6.13 -17.62
N ARG B 135 7.20 -6.38 -18.23
CA ARG B 135 5.92 -5.82 -17.80
C ARG B 135 5.75 -4.28 -17.98
N VAL B 136 6.69 -3.67 -18.72
CA VAL B 136 6.63 -2.24 -19.04
C VAL B 136 5.66 -2.15 -20.19
N PRO B 137 4.64 -1.27 -20.06
CA PRO B 137 3.73 -1.05 -21.16
C PRO B 137 4.43 -0.18 -22.17
N ALA B 138 4.24 -0.50 -23.46
CA ALA B 138 4.75 0.35 -24.55
C ALA B 138 3.86 1.58 -24.76
N LEU B 139 4.49 2.64 -25.23
CA LEU B 139 3.79 3.81 -25.71
C LEU B 139 3.73 3.70 -27.24
N HIS B 140 2.95 4.56 -27.86
CA HIS B 140 2.86 4.59 -29.32
C HIS B 140 4.23 4.80 -29.98
N GLY B 141 4.38 4.28 -31.17
CA GLY B 141 5.59 4.47 -31.91
C GLY B 141 6.21 3.16 -32.34
N GLY B 142 7.28 3.27 -33.12
CA GLY B 142 7.96 2.12 -33.68
C GLY B 142 7.10 1.41 -34.72
N ARG B 143 7.21 0.10 -34.76
CA ARG B 143 6.51 -0.69 -35.75
C ARG B 143 6.48 -2.15 -35.31
N HIS B 144 5.66 -2.96 -35.99
CA HIS B 144 5.61 -4.42 -35.76
C HIS B 144 5.38 -4.80 -34.30
N ASN B 145 4.74 -3.91 -33.55
CA ASN B 145 4.68 -3.98 -32.10
C ASN B 145 3.21 -3.92 -31.55
N HIS B 146 2.31 -4.58 -32.25
CA HIS B 146 0.87 -4.61 -31.90
C HIS B 146 0.59 -5.81 -31.00
N CYS B 147 -0.43 -5.67 -30.14
CA CYS B 147 -0.88 -6.80 -29.31
C CYS B 147 -1.62 -7.77 -30.23
N MET B 148 -1.21 -9.04 -30.20
CA MET B 148 -1.77 -10.04 -31.16
C MET B 148 -3.06 -10.71 -30.68
N SER B 149 -3.40 -10.45 -29.41
CA SER B 149 -4.69 -10.78 -28.81
C SER B 149 -5.71 -9.70 -29.01
N SER B 150 -5.30 -8.45 -29.10
CA SER B 150 -6.25 -7.32 -28.98
C SER B 150 -7.45 -7.45 -29.95
N PRO B 151 -8.68 -7.62 -29.41
CA PRO B 151 -9.86 -7.73 -30.28
C PRO B 151 -10.09 -6.51 -31.16
N VAL B 152 -9.86 -5.33 -30.60
CA VAL B 152 -9.99 -4.08 -31.36
C VAL B 152 -9.04 -4.05 -32.55
N TYR B 153 -7.76 -4.43 -32.35
CA TYR B 153 -6.79 -4.37 -33.47
C TYR B 153 -7.16 -5.38 -34.54
N ARG B 154 -7.58 -6.56 -34.11
CA ARG B 154 -7.94 -7.65 -35.03
C ARG B 154 -9.15 -7.29 -35.87
N GLU B 155 -10.10 -6.65 -35.23
CA GLU B 155 -11.27 -6.11 -35.91
C GLU B 155 -10.95 -4.93 -36.83
N LYS B 156 -10.12 -3.98 -36.37
CA LYS B 156 -9.64 -2.89 -37.24
C LYS B 156 -8.90 -3.40 -38.46
N VAL B 157 -8.06 -4.43 -38.28
CA VAL B 157 -7.36 -5.07 -39.39
C VAL B 157 -8.33 -5.74 -40.35
N GLN B 158 -9.29 -6.49 -39.82
CA GLN B 158 -10.37 -7.05 -40.66
C GLN B 158 -11.05 -6.00 -41.55
N LEU B 159 -11.49 -4.89 -40.94
CA LEU B 159 -12.09 -3.77 -41.69
C LEU B 159 -11.18 -3.26 -42.81
N MET B 160 -9.97 -2.82 -42.44
CA MET B 160 -9.01 -2.33 -43.43
C MET B 160 -8.78 -3.37 -44.52
N ASN B 161 -8.48 -4.59 -44.15
CA ASN B 161 -8.20 -5.60 -45.15
C ASN B 161 -9.39 -5.87 -46.06
N GLY B 162 -10.60 -5.81 -45.48
CA GLY B 162 -11.87 -5.89 -46.25
C GLY B 162 -12.04 -4.74 -47.26
N GLN B 163 -11.65 -3.54 -46.85
CA GLN B 163 -11.69 -2.38 -47.75
C GLN B 163 -10.75 -2.58 -48.92
N LEU B 164 -9.52 -2.93 -48.58
CA LEU B 164 -8.49 -3.14 -49.57
C LEU B 164 -8.90 -4.22 -50.54
N ALA B 165 -9.47 -5.31 -50.02
CA ALA B 165 -9.81 -6.44 -50.87
C ALA B 165 -10.94 -6.04 -51.82
N LYS B 166 -11.98 -5.41 -51.25
CA LYS B 166 -13.19 -5.05 -51.99
C LYS B 166 -12.91 -4.04 -53.07
N ARG B 167 -12.06 -3.09 -52.76
CA ARG B 167 -11.58 -2.16 -53.79
C ARG B 167 -10.51 -2.70 -54.81
N TYR B 168 -9.61 -3.60 -54.41
CA TYR B 168 -8.47 -3.92 -55.27
C TYR B 168 -8.25 -5.39 -55.61
N ALA B 169 -8.99 -6.29 -55.00
CA ALA B 169 -8.73 -7.71 -55.25
C ALA B 169 -8.83 -8.13 -56.73
N HIS B 170 -9.46 -7.30 -57.56
CA HIS B 170 -9.52 -7.53 -59.02
C HIS B 170 -8.84 -6.44 -59.85
N HIS B 171 -8.04 -5.60 -59.20
CA HIS B 171 -7.21 -4.68 -59.96
C HIS B 171 -6.14 -5.47 -60.72
N PRO B 172 -6.03 -5.25 -62.06
CA PRO B 172 -5.10 -6.05 -62.92
C PRO B 172 -3.59 -5.97 -62.53
N ALA B 173 -3.14 -4.82 -62.00
CA ALA B 173 -1.84 -4.71 -61.31
C ALA B 173 -1.50 -5.76 -60.24
N VAL B 174 -2.48 -6.13 -59.40
CA VAL B 174 -2.21 -6.91 -58.18
C VAL B 174 -1.98 -8.34 -58.49
N ILE B 175 -0.84 -8.86 -58.04
CA ILE B 175 -0.46 -10.25 -58.28
C ILE B 175 -0.36 -11.09 -57.02
N GLY B 176 -0.55 -10.47 -55.85
CA GLY B 176 -0.28 -11.14 -54.57
C GLY B 176 -0.42 -10.24 -53.38
N TRP B 177 -0.54 -10.85 -52.22
CA TRP B 177 -0.76 -10.16 -50.96
C TRP B 177 0.50 -10.27 -50.07
N HIS B 178 0.95 -9.09 -49.62
CA HIS B 178 2.08 -8.90 -48.72
C HIS B 178 1.46 -8.70 -47.37
N ILE B 179 1.30 -9.77 -46.63
CA ILE B 179 0.60 -9.70 -45.34
C ILE B 179 1.52 -9.08 -44.26
N SER B 180 1.06 -7.93 -43.75
CA SER B 180 1.75 -7.14 -42.74
C SER B 180 3.18 -6.84 -43.18
N ASN B 181 4.09 -6.72 -42.22
CA ASN B 181 5.54 -6.59 -42.48
C ASN B 181 6.38 -7.13 -41.33
N GLU B 182 7.23 -8.09 -41.64
CA GLU B 182 8.15 -8.68 -40.67
C GLU B 182 7.50 -8.89 -39.32
N TYR B 183 6.52 -9.79 -39.25
CA TYR B 183 5.92 -10.11 -37.97
C TYR B 183 7.05 -10.45 -37.01
N GLY B 184 6.91 -10.03 -35.75
CA GLY B 184 7.91 -10.32 -34.70
C GLY B 184 7.57 -9.72 -33.33
N GLY B 185 8.20 -10.24 -32.29
CA GLY B 185 8.00 -9.78 -30.91
C GLY B 185 6.87 -10.51 -30.19
N GLU B 186 6.63 -10.11 -28.96
CA GLU B 186 5.74 -10.83 -28.06
C GLU B 186 5.04 -9.82 -27.17
N CYS B 187 3.93 -10.24 -26.57
CA CYS B 187 3.16 -9.37 -25.71
C CYS B 187 2.83 -10.13 -24.46
N HIS B 188 2.82 -9.43 -23.32
CA HIS B 188 2.59 -10.03 -22.01
C HIS B 188 1.47 -9.28 -21.27
N CYS B 189 0.60 -8.56 -21.98
CA CYS B 189 -0.56 -7.89 -21.34
C CYS B 189 -1.52 -8.95 -20.86
N ASP B 190 -2.37 -8.60 -19.90
CA ASP B 190 -3.26 -9.58 -19.23
C ASP B 190 -4.10 -10.41 -20.21
N THR B 191 -4.53 -9.80 -21.30
CA THR B 191 -5.29 -10.52 -22.31
C THR B 191 -4.48 -11.66 -22.95
N CYS B 192 -3.25 -11.38 -23.36
CA CYS B 192 -2.34 -12.43 -23.85
C CYS B 192 -2.04 -13.49 -22.79
N GLN B 193 -1.88 -13.10 -21.53
CA GLN B 193 -1.74 -14.08 -20.42
C GLN B 193 -2.95 -15.03 -20.38
N GLY B 194 -4.15 -14.44 -20.43
CA GLY B 194 -5.41 -15.17 -20.55
C GLY B 194 -5.42 -16.16 -21.71
N GLN B 195 -5.11 -15.69 -22.92
CA GLN B 195 -4.95 -16.61 -24.07
C GLN B 195 -3.91 -17.72 -23.80
N PHE B 196 -2.81 -17.35 -23.13
CA PHE B 196 -1.73 -18.29 -22.86
C PHE B 196 -2.20 -19.38 -21.90
N ARG B 197 -2.98 -19.00 -20.90
CA ARG B 197 -3.56 -20.00 -19.97
C ARG B 197 -4.50 -20.99 -20.67
N ASP B 198 -5.41 -20.44 -21.48
CA ASP B 198 -6.31 -21.28 -22.29
C ASP B 198 -5.54 -22.23 -23.20
N TRP B 199 -4.52 -21.67 -23.89
CA TRP B 199 -3.65 -22.42 -24.77
C TRP B 199 -3.06 -23.61 -24.01
N LEU B 200 -2.53 -23.36 -22.81
CA LEU B 200 -1.82 -24.40 -22.04
C LEU B 200 -2.79 -25.48 -21.63
N LYS B 201 -3.95 -25.03 -21.18
CA LYS B 201 -4.98 -25.94 -20.76
C LYS B 201 -5.49 -26.80 -21.88
N ALA B 202 -5.59 -26.28 -23.11
CA ALA B 202 -5.96 -27.11 -24.24
C ALA B 202 -4.86 -28.08 -24.59
N ARG B 203 -3.60 -27.73 -24.33
CA ARG B 203 -2.45 -28.58 -24.70
C ARG B 203 -2.26 -29.73 -23.71
N TYR B 204 -2.02 -29.40 -22.45
CA TYR B 204 -2.01 -30.38 -21.35
C TYR B 204 -3.41 -30.30 -20.85
N VAL B 205 -4.05 -31.39 -20.46
CA VAL B 205 -5.50 -31.25 -20.09
C VAL B 205 -5.63 -30.91 -18.59
N THR B 206 -4.69 -31.43 -17.80
CA THR B 206 -4.65 -31.30 -16.36
C THR B 206 -3.37 -30.65 -15.92
N LEU B 207 -3.42 -29.98 -14.78
CA LEU B 207 -2.20 -29.44 -14.14
C LEU B 207 -1.21 -30.54 -13.74
N ASP B 208 -1.68 -31.77 -13.67
CA ASP B 208 -0.86 -32.92 -13.41
C ASP B 208 0.16 -33.12 -14.53
N ALA B 209 -0.35 -33.17 -15.77
CA ALA B 209 0.44 -33.40 -16.96
C ALA B 209 1.46 -32.26 -17.20
N LEU B 210 1.04 -31.04 -16.93
CA LEU B 210 1.86 -29.85 -17.08
C LEU B 210 3.00 -29.87 -16.05
N ASN B 211 2.65 -30.08 -14.77
CA ASN B 211 3.66 -30.14 -13.69
C ASN B 211 4.74 -31.20 -13.94
N LYS B 212 4.34 -32.35 -14.48
CA LYS B 212 5.29 -33.44 -14.80
C LYS B 212 6.13 -33.16 -16.02
N ALA B 213 5.51 -32.51 -17.00
CA ALA B 213 6.17 -32.16 -18.26
C ALA B 213 7.34 -31.17 -18.05
N TRP B 214 7.07 -30.20 -17.15
CA TRP B 214 7.98 -29.13 -16.79
C TRP B 214 8.84 -29.39 -15.52
N TRP B 215 8.61 -30.52 -14.84
CA TRP B 215 9.40 -30.90 -13.65
C TRP B 215 9.32 -29.83 -12.56
N SER B 216 8.10 -29.34 -12.36
CA SER B 216 7.89 -28.16 -11.55
C SER B 216 8.04 -28.38 -10.02
N THR B 217 8.27 -29.61 -9.59
CA THR B 217 8.51 -29.86 -8.18
C THR B 217 9.85 -29.26 -7.78
N PHE B 218 10.82 -29.33 -8.70
CA PHE B 218 12.07 -28.58 -8.60
C PHE B 218 11.78 -27.15 -8.17
N TRP B 219 12.44 -26.72 -7.10
CA TRP B 219 12.23 -25.40 -6.47
C TRP B 219 10.76 -25.09 -6.11
N SER B 220 9.99 -26.14 -5.81
CA SER B 220 8.64 -25.97 -5.27
C SER B 220 7.80 -25.05 -6.15
N HIS B 221 7.92 -25.24 -7.47
CA HIS B 221 7.19 -24.45 -8.46
C HIS B 221 5.90 -25.13 -8.92
N THR B 222 5.42 -26.12 -8.17
CA THR B 222 4.14 -26.77 -8.50
C THR B 222 2.95 -25.81 -8.68
N TYR B 223 2.36 -25.87 -9.87
CA TYR B 223 1.15 -25.12 -10.18
C TYR B 223 -0.11 -25.92 -9.72
N THR B 224 -0.87 -25.32 -8.81
CA THR B 224 -2.11 -25.90 -8.29
C THR B 224 -3.36 -25.16 -8.77
N ASP B 225 -3.20 -24.20 -9.67
CA ASP B 225 -4.34 -23.55 -10.31
C ASP B 225 -3.88 -22.87 -11.60
N TRP B 226 -4.77 -22.87 -12.59
CA TRP B 226 -4.47 -22.35 -13.91
C TRP B 226 -4.23 -20.87 -13.89
N SER B 227 -4.81 -20.18 -12.92
CA SER B 227 -4.57 -18.72 -12.76
C SER B 227 -3.18 -18.36 -12.21
N GLN B 228 -2.40 -19.35 -11.76
CA GLN B 228 -1.03 -19.14 -11.29
C GLN B 228 -0.03 -19.11 -12.43
N LEU B 229 -0.47 -19.55 -13.61
CA LEU B 229 0.40 -19.59 -14.79
C LEU B 229 0.54 -18.20 -15.36
N GLU B 230 1.79 -17.90 -15.72
CA GLU B 230 2.20 -16.56 -16.09
C GLU B 230 3.31 -16.70 -17.13
N SER B 231 3.33 -15.79 -18.09
CA SER B 231 4.41 -15.76 -19.08
C SER B 231 5.71 -15.43 -18.36
N PRO B 232 6.86 -15.82 -18.94
CA PRO B 232 8.15 -15.48 -18.32
C PRO B 232 8.41 -13.99 -18.12
N SER B 233 9.12 -13.66 -17.04
CA SER B 233 9.57 -12.29 -16.79
C SER B 233 10.91 -12.31 -16.05
N PRO B 234 11.74 -11.26 -16.25
CA PRO B 234 12.98 -11.17 -15.45
C PRO B 234 12.75 -11.02 -13.94
N GLN B 235 11.68 -10.33 -13.53
CA GLN B 235 11.34 -10.17 -12.09
C GLN B 235 10.42 -11.27 -11.49
N GLY B 236 9.99 -12.20 -12.34
CA GLY B 236 9.13 -13.28 -11.93
C GLY B 236 9.84 -14.59 -12.19
N GLU B 237 9.35 -15.35 -13.16
CA GLU B 237 9.87 -16.67 -13.43
C GLU B 237 10.51 -16.71 -14.82
N ASN B 238 11.77 -17.13 -14.90
CA ASN B 238 12.37 -17.45 -16.19
C ASN B 238 13.33 -18.62 -16.18
N GLY B 239 13.31 -19.44 -15.13
CA GLY B 239 14.15 -20.63 -15.03
C GLY B 239 13.44 -21.96 -15.32
N VAL B 240 12.12 -21.87 -15.60
CA VAL B 240 11.33 -23.06 -15.89
C VAL B 240 11.31 -23.23 -17.38
N HIS B 241 12.11 -24.17 -17.84
CA HIS B 241 12.39 -24.31 -19.26
C HIS B 241 11.17 -24.64 -20.06
N GLY B 242 10.33 -25.54 -19.53
CA GLY B 242 9.11 -25.95 -20.23
C GLY B 242 8.18 -24.78 -20.54
N LEU B 243 8.10 -23.86 -19.56
CA LEU B 243 7.34 -22.62 -19.65
C LEU B 243 7.83 -21.74 -20.78
N ASN B 244 9.16 -21.56 -20.84
CA ASN B 244 9.81 -20.70 -21.86
C ASN B 244 9.57 -21.23 -23.25
N LEU B 245 9.78 -22.52 -23.39
CA LEU B 245 9.55 -23.22 -24.63
C LEU B 245 8.09 -23.08 -25.12
N ASP B 246 7.16 -23.46 -24.27
CA ASP B 246 5.73 -23.30 -24.62
C ASP B 246 5.26 -21.83 -24.86
N TRP B 247 5.91 -20.87 -24.23
CA TRP B 247 5.64 -19.47 -24.47
C TRP B 247 6.00 -19.12 -25.88
N ARG B 248 7.11 -19.68 -26.37
CA ARG B 248 7.49 -19.52 -27.78
C ARG B 248 6.55 -20.20 -28.77
N ARG B 249 6.09 -21.38 -28.40
CA ARG B 249 5.12 -22.12 -29.17
C ARG B 249 3.82 -21.36 -29.22
N PHE B 250 3.44 -20.84 -28.07
CA PHE B 250 2.24 -20.05 -27.97
C PHE B 250 2.30 -18.81 -28.85
N ASN B 251 3.43 -18.09 -28.84
CA ASN B 251 3.58 -16.91 -29.70
C ASN B 251 3.49 -17.27 -31.17
N THR B 252 4.14 -18.38 -31.55
CA THR B 252 4.07 -18.87 -32.90
C THR B 252 2.63 -19.07 -33.37
N ASP B 253 1.81 -19.75 -32.56
CA ASP B 253 0.38 -19.97 -32.88
C ASP B 253 -0.41 -18.67 -32.85
N GLN B 254 -0.10 -17.76 -31.92
CA GLN B 254 -0.73 -16.42 -31.92
C GLN B 254 -0.56 -15.71 -33.26
N VAL B 255 0.64 -15.75 -33.82
CA VAL B 255 0.95 -15.06 -35.08
C VAL B 255 0.41 -15.78 -36.29
N THR B 256 0.49 -17.11 -36.26
CA THR B 256 -0.10 -17.92 -37.34
C THR B 256 -1.65 -17.65 -37.45
N ARG B 257 -2.33 -17.57 -36.30
CA ARG B 257 -3.76 -17.21 -36.27
C ARG B 257 -4.00 -15.79 -36.72
N PHE B 258 -3.17 -14.87 -36.23
CA PHE B 258 -3.24 -13.47 -36.65
C PHE B 258 -3.13 -13.29 -38.18
N CYS B 259 -2.20 -14.06 -38.78
CA CYS B 259 -1.92 -14.03 -40.21
C CYS B 259 -3.08 -14.62 -41.01
N SER B 260 -3.64 -15.75 -40.54
CA SER B 260 -4.83 -16.40 -41.17
C SER B 260 -6.00 -15.48 -41.24
N GLU B 261 -6.33 -14.87 -40.10
CA GLU B 261 -7.41 -13.90 -40.00
C GLU B 261 -7.24 -12.69 -40.91
N GLU B 262 -6.00 -12.22 -41.07
CA GLU B 262 -5.66 -11.21 -42.06
C GLU B 262 -5.94 -11.66 -43.51
N ILE B 263 -5.57 -12.89 -43.84
CA ILE B 263 -5.67 -13.38 -45.22
C ILE B 263 -7.15 -13.54 -45.65
N ARG B 264 -7.99 -14.05 -44.74
CA ARG B 264 -9.33 -14.52 -45.11
C ARG B 264 -10.24 -13.53 -45.84
N PRO B 265 -10.44 -12.30 -45.32
CA PRO B 265 -11.26 -11.38 -46.09
C PRO B 265 -10.69 -11.02 -47.47
N LEU B 266 -9.39 -11.25 -47.68
CA LEU B 266 -8.76 -11.03 -48.97
C LEU B 266 -9.09 -12.20 -49.88
N LYS B 267 -9.03 -13.41 -49.31
CA LYS B 267 -9.36 -14.60 -50.10
C LYS B 267 -10.82 -14.59 -50.48
N ALA B 268 -11.62 -14.09 -49.57
CA ALA B 268 -13.04 -13.89 -49.78
C ALA B 268 -13.40 -13.05 -50.98
N GLU B 269 -12.59 -12.05 -51.30
CA GLU B 269 -12.85 -11.28 -52.52
C GLU B 269 -12.22 -11.87 -53.75
N ASN B 270 -11.23 -12.74 -53.60
CA ASN B 270 -10.55 -13.33 -54.74
C ASN B 270 -9.66 -14.45 -54.28
N PRO B 271 -10.15 -15.67 -54.41
CA PRO B 271 -9.37 -16.80 -53.93
C PRO B 271 -8.16 -17.17 -54.80
N ALA B 272 -7.98 -16.54 -55.94
CA ALA B 272 -6.86 -16.89 -56.82
C ALA B 272 -5.56 -16.14 -56.51
N LEU B 273 -5.64 -15.08 -55.69
CA LEU B 273 -4.48 -14.24 -55.37
C LEU B 273 -3.71 -14.88 -54.22
N PRO B 274 -2.40 -15.11 -54.40
CA PRO B 274 -1.61 -15.74 -53.36
C PRO B 274 -1.31 -14.74 -52.24
N ALA B 275 -0.94 -15.24 -51.07
CA ALA B 275 -0.54 -14.41 -49.95
C ALA B 275 0.74 -14.95 -49.34
N THR B 276 1.67 -14.02 -49.07
CA THR B 276 2.88 -14.23 -48.30
C THR B 276 3.03 -13.17 -47.18
N THR B 277 3.95 -13.45 -46.27
CA THR B 277 4.45 -12.49 -45.29
C THR B 277 5.97 -12.64 -45.26
N ASN B 278 6.65 -11.51 -45.18
CA ASN B 278 8.11 -11.45 -45.36
C ASN B 278 8.89 -11.87 -44.08
N PHE B 279 9.67 -12.94 -44.21
CA PHE B 279 10.43 -13.53 -43.13
C PHE B 279 11.79 -12.84 -42.91
N MET B 280 12.38 -13.07 -41.75
CA MET B 280 13.68 -12.52 -41.42
C MET B 280 14.78 -13.58 -41.30
N GLU B 281 16.02 -13.11 -41.50
CA GLU B 281 17.25 -13.86 -41.30
C GLU B 281 17.28 -14.69 -40.00
N TYR B 282 17.38 -16.00 -40.16
CA TYR B 282 17.41 -16.95 -39.05
C TYR B 282 16.50 -16.62 -37.85
N PHE B 283 15.33 -16.04 -38.13
CA PHE B 283 14.49 -15.37 -37.11
C PHE B 283 14.16 -16.31 -35.98
N ASN B 284 14.35 -15.85 -34.76
CA ASN B 284 14.24 -16.69 -33.58
C ASN B 284 12.87 -16.70 -32.92
N ASP B 285 12.12 -15.61 -32.97
CA ASP B 285 10.85 -15.48 -32.22
C ASP B 285 9.79 -16.52 -32.51
N TYR B 286 9.69 -16.93 -33.79
CA TYR B 286 8.60 -17.80 -34.30
C TYR B 286 9.11 -19.00 -35.12
N ASP B 287 8.48 -20.16 -34.92
CA ASP B 287 8.75 -21.33 -35.75
C ASP B 287 8.15 -21.08 -37.13
N TYR B 288 8.97 -20.61 -38.04
CA TYR B 288 8.56 -20.44 -39.42
C TYR B 288 7.93 -21.66 -40.13
N TRP B 289 8.27 -22.88 -39.72
CA TRP B 289 7.59 -24.07 -40.22
C TRP B 289 6.10 -24.08 -39.91
N LYS B 290 5.68 -23.47 -38.82
CA LYS B 290 4.24 -23.35 -38.53
C LYS B 290 3.57 -22.17 -39.24
N LEU B 291 4.25 -21.04 -39.31
CA LEU B 291 3.68 -19.85 -39.91
C LEU B 291 3.59 -20.00 -41.42
N ALA B 292 4.47 -20.84 -41.99
CA ALA B 292 4.50 -21.06 -43.45
C ALA B 292 3.28 -21.82 -43.95
N GLY B 293 2.71 -22.66 -43.06
CA GLY B 293 1.50 -23.43 -43.33
C GLY B 293 0.23 -22.65 -43.63
N VAL B 294 0.25 -21.36 -43.42
CA VAL B 294 -0.87 -20.49 -43.69
C VAL B 294 -0.63 -19.66 -44.94
N LEU B 295 0.56 -19.75 -45.56
CA LEU B 295 0.89 -18.88 -46.69
C LEU B 295 0.87 -19.68 -47.97
N ASP B 296 0.68 -19.02 -49.10
CA ASP B 296 0.77 -19.68 -50.40
C ASP B 296 2.21 -19.81 -50.86
N PHE B 297 2.98 -18.73 -50.69
CA PHE B 297 4.40 -18.77 -51.02
C PHE B 297 5.24 -18.07 -49.93
N ILE B 298 6.54 -18.35 -49.96
CA ILE B 298 7.51 -17.87 -48.98
C ILE B 298 8.30 -16.69 -49.55
N SER B 299 8.52 -15.68 -48.72
CA SER B 299 9.30 -14.54 -49.08
C SER B 299 10.13 -14.12 -47.87
N TRP B 300 11.34 -13.62 -48.11
CA TRP B 300 12.18 -13.13 -46.99
C TRP B 300 13.06 -11.96 -47.30
N ASP B 301 13.66 -11.43 -46.22
CA ASP B 301 14.41 -10.19 -46.24
C ASP B 301 15.86 -10.45 -45.82
N SER B 302 16.85 -10.13 -46.65
CA SER B 302 18.24 -10.56 -46.42
C SER B 302 19.15 -9.38 -46.48
N TYR B 303 19.80 -9.09 -45.35
CA TYR B 303 20.83 -8.04 -45.28
C TYR B 303 22.12 -8.56 -44.68
N PRO B 304 22.84 -9.44 -45.40
CA PRO B 304 24.17 -9.88 -44.95
C PRO B 304 25.18 -8.72 -44.88
N MET B 305 26.02 -8.68 -43.84
CA MET B 305 27.06 -7.62 -43.72
C MET B 305 28.27 -7.87 -44.63
N TRP B 306 28.09 -7.67 -45.93
CA TRP B 306 29.17 -7.96 -46.86
C TRP B 306 30.42 -7.09 -46.61
N HIS B 307 31.58 -7.75 -46.77
CA HIS B 307 32.89 -7.12 -46.76
C HIS B 307 33.29 -6.60 -45.38
N THR B 308 32.69 -7.11 -44.30
CA THR B 308 33.07 -6.68 -42.97
C THR B 308 34.03 -7.60 -42.25
N ARG B 309 34.28 -8.77 -42.82
CA ARG B 309 35.15 -9.76 -42.25
C ARG B 309 36.32 -9.97 -43.14
N GLN B 310 37.22 -10.81 -42.65
CA GLN B 310 38.42 -11.30 -43.38
C GLN B 310 38.14 -11.58 -44.85
N ASP B 311 37.05 -12.29 -45.11
CA ASP B 311 36.55 -12.59 -46.44
C ASP B 311 35.02 -12.73 -46.31
N ASP B 312 34.34 -12.91 -47.46
CA ASP B 312 32.91 -13.06 -47.50
C ASP B 312 32.45 -14.51 -47.68
N ILE B 313 33.33 -15.49 -47.47
CA ILE B 313 33.01 -16.85 -47.88
C ILE B 313 32.04 -17.46 -46.91
N GLY B 314 32.34 -17.37 -45.64
CA GLY B 314 31.47 -17.95 -44.64
C GLY B 314 30.12 -17.28 -44.55
N LEU B 315 30.11 -15.98 -44.70
CA LEU B 315 28.86 -15.24 -44.77
C LEU B 315 28.04 -15.74 -45.96
N ALA B 316 28.70 -16.00 -47.08
CA ALA B 316 28.03 -16.39 -48.29
C ALA B 316 27.30 -17.69 -48.11
N ALA B 317 27.97 -18.65 -47.49
CA ALA B 317 27.39 -19.96 -47.24
C ALA B 317 26.25 -19.86 -46.22
N TYR B 318 26.44 -19.02 -45.23
CA TYR B 318 25.41 -18.78 -44.23
C TYR B 318 24.10 -18.22 -44.81
N THR B 319 24.26 -17.30 -45.76
CA THR B 319 23.12 -16.76 -46.48
C THR B 319 22.50 -17.82 -47.38
N ALA B 320 23.33 -18.54 -48.12
CA ALA B 320 22.89 -19.60 -48.99
C ALA B 320 22.08 -20.64 -48.23
N MET B 321 22.61 -21.12 -47.13
CA MET B 321 21.84 -22.06 -46.35
C MET B 321 20.42 -21.56 -46.03
N TYR B 322 20.26 -20.28 -45.63
CA TYR B 322 18.93 -19.77 -45.32
C TYR B 322 18.04 -19.70 -46.56
N HIS B 323 18.63 -19.37 -47.71
CA HIS B 323 17.92 -19.40 -48.97
C HIS B 323 17.31 -20.80 -49.16
N ASP B 324 18.14 -21.82 -49.01
CA ASP B 324 17.72 -23.25 -49.10
C ASP B 324 16.59 -23.60 -48.15
N LEU B 325 16.68 -23.10 -46.93
CA LEU B 325 15.59 -23.24 -45.97
C LEU B 325 14.27 -22.61 -46.50
N MET B 326 14.35 -21.41 -47.03
CA MET B 326 13.18 -20.72 -47.50
C MET B 326 12.52 -21.51 -48.63
N ARG B 327 13.34 -22.08 -49.50
CA ARG B 327 12.84 -22.95 -50.58
C ARG B 327 12.20 -24.21 -49.98
N THR B 328 12.86 -24.76 -48.97
CA THR B 328 12.48 -26.07 -48.46
C THR B 328 11.14 -26.03 -47.73
N LEU B 329 10.88 -24.92 -47.05
CA LEU B 329 9.62 -24.70 -46.36
C LEU B 329 8.35 -25.13 -47.11
N LYS B 330 8.33 -24.97 -48.43
CA LYS B 330 7.27 -25.52 -49.27
C LYS B 330 7.75 -26.54 -50.33
N GLN B 331 8.60 -27.48 -49.89
CA GLN B 331 9.16 -28.58 -50.74
C GLN B 331 9.64 -28.19 -52.15
N GLY B 332 10.58 -27.28 -52.24
CA GLY B 332 11.19 -26.92 -53.52
C GLY B 332 10.53 -25.76 -54.24
N LYS B 333 9.37 -25.29 -53.75
CA LYS B 333 8.66 -24.22 -54.41
C LYS B 333 9.51 -22.95 -54.35
N PRO B 334 9.75 -22.30 -55.50
CA PRO B 334 10.54 -21.05 -55.48
C PRO B 334 9.97 -20.01 -54.51
N PHE B 335 10.82 -19.14 -54.00
CA PHE B 335 10.42 -18.13 -53.03
C PHE B 335 10.72 -16.74 -53.62
N VAL B 336 10.24 -15.70 -52.94
CA VAL B 336 10.51 -14.30 -53.26
C VAL B 336 11.56 -13.72 -52.28
N LEU B 337 12.59 -13.08 -52.83
CA LEU B 337 13.47 -12.26 -52.01
C LEU B 337 12.81 -10.88 -51.89
N MET B 338 11.99 -10.73 -50.86
CA MET B 338 11.11 -9.56 -50.76
C MET B 338 11.86 -8.27 -50.52
N GLU B 339 13.00 -8.39 -49.83
CA GLU B 339 13.83 -7.23 -49.45
C GLU B 339 15.30 -7.59 -49.41
N SER B 340 16.07 -6.60 -49.82
CA SER B 340 17.52 -6.63 -49.78
C SER B 340 17.98 -5.19 -50.01
N THR B 341 19.25 -4.90 -49.81
CA THR B 341 19.72 -3.53 -50.12
C THR B 341 20.53 -3.54 -51.40
N PRO B 342 20.29 -2.56 -52.24
CA PRO B 342 21.17 -2.41 -53.38
C PRO B 342 22.58 -1.94 -52.98
N SER B 343 22.79 -1.42 -51.76
CA SER B 343 24.07 -0.85 -51.38
C SER B 343 24.32 -1.18 -49.93
N PHE B 344 23.86 -0.33 -49.01
CA PHE B 344 24.08 -0.49 -47.56
C PHE B 344 22.76 -0.43 -46.79
N THR B 345 22.84 -0.78 -45.52
CA THR B 345 21.73 -0.58 -44.61
C THR B 345 22.01 0.62 -43.73
N ASN B 346 21.04 0.95 -42.88
CA ASN B 346 21.15 2.06 -41.91
C ASN B 346 21.43 1.63 -40.45
N TRP B 347 21.21 0.36 -40.13
CA TRP B 347 21.05 -0.13 -38.73
C TRP B 347 22.18 -1.09 -38.25
N GLN B 348 23.20 -1.35 -39.05
CA GLN B 348 24.30 -2.24 -38.60
C GLN B 348 25.42 -1.37 -38.00
N PRO B 349 26.39 -2.00 -37.36
CA PRO B 349 27.56 -1.20 -36.89
C PRO B 349 28.27 -0.40 -37.98
N THR B 350 28.36 -0.95 -39.19
CA THR B 350 28.89 -0.24 -40.35
C THR B 350 27.85 -0.23 -41.49
N SER B 351 27.97 0.71 -42.41
CA SER B 351 27.08 0.85 -43.58
C SER B 351 27.98 0.73 -44.81
N LYS B 352 28.71 -0.36 -44.84
CA LYS B 352 29.59 -0.66 -45.98
C LYS B 352 28.87 -0.68 -47.29
N LEU B 353 29.51 -0.10 -48.28
CA LEU B 353 29.07 -0.20 -49.65
C LEU B 353 29.39 -1.61 -50.20
N LYS B 354 28.44 -2.16 -50.95
CA LYS B 354 28.68 -3.30 -51.81
C LYS B 354 29.71 -2.87 -52.83
N LYS B 355 30.73 -3.70 -52.97
CA LYS B 355 31.78 -3.47 -53.93
C LYS B 355 31.26 -3.73 -55.33
N PRO B 356 31.89 -3.14 -56.34
CA PRO B 356 31.46 -3.38 -57.70
C PRO B 356 31.28 -4.85 -58.04
N GLY B 357 30.08 -5.18 -58.51
CA GLY B 357 29.68 -6.54 -58.84
C GLY B 357 28.93 -7.30 -57.78
N MET B 358 29.15 -6.95 -56.52
CA MET B 358 28.58 -7.70 -55.41
C MET B 358 27.05 -7.63 -55.35
N HIS B 359 26.46 -6.52 -55.75
CA HIS B 359 25.02 -6.49 -55.77
C HIS B 359 24.42 -7.52 -56.74
N ILE B 360 24.99 -7.55 -57.93
CA ILE B 360 24.67 -8.58 -58.89
C ILE B 360 24.82 -9.94 -58.26
N LEU B 361 25.97 -10.21 -57.63
CA LEU B 361 26.26 -11.57 -57.11
C LEU B 361 25.30 -12.01 -55.98
N SER B 362 25.05 -11.12 -55.01
CA SER B 362 24.15 -11.41 -53.86
C SER B 362 22.69 -11.56 -54.26
N SER B 363 22.27 -10.82 -55.27
CA SER B 363 20.96 -11.00 -55.88
C SER B 363 20.86 -12.34 -56.64
N LEU B 364 21.80 -12.58 -57.54
CA LEU B 364 21.83 -13.84 -58.28
C LEU B 364 22.05 -15.05 -57.40
N GLN B 365 22.66 -14.89 -56.24
CA GLN B 365 22.71 -15.96 -55.26
C GLN B 365 21.31 -16.37 -54.82
N ALA B 366 20.47 -15.40 -54.54
CA ALA B 366 19.11 -15.66 -54.12
C ALA B 366 18.39 -16.46 -55.22
N VAL B 367 18.57 -16.04 -56.46
CA VAL B 367 17.97 -16.72 -57.58
C VAL B 367 18.55 -18.16 -57.64
N ALA B 368 19.88 -18.28 -57.57
CA ALA B 368 20.53 -19.60 -57.67
C ALA B 368 19.96 -20.64 -56.73
N HIS B 369 19.42 -20.21 -55.60
CA HIS B 369 19.00 -21.15 -54.56
C HIS B 369 17.49 -21.20 -54.45
N GLY B 370 16.81 -20.63 -55.44
CA GLY B 370 15.36 -20.73 -55.60
C GLY B 370 14.49 -19.48 -55.58
N ALA B 371 15.06 -18.28 -55.61
CA ALA B 371 14.21 -17.11 -55.64
C ALA B 371 13.75 -16.89 -57.08
N ASP B 372 12.47 -16.57 -57.22
CA ASP B 372 11.89 -16.17 -58.51
C ASP B 372 11.63 -14.67 -58.58
N SER B 373 12.02 -13.95 -57.53
CA SER B 373 11.96 -12.48 -57.50
C SER B 373 13.11 -11.92 -56.71
N VAL B 374 13.68 -10.80 -57.17
CA VAL B 374 14.72 -10.08 -56.42
C VAL B 374 14.20 -8.70 -56.18
N GLN B 375 14.01 -8.40 -54.90
CA GLN B 375 13.47 -7.10 -54.53
C GLN B 375 14.30 -6.45 -53.44
N TYR B 376 14.16 -5.13 -53.38
CA TYR B 376 14.96 -4.27 -52.54
C TYR B 376 14.11 -3.57 -51.53
N PHE B 377 14.69 -3.29 -50.35
CA PHE B 377 14.07 -2.38 -49.50
C PHE B 377 14.52 -1.06 -50.00
N GLN B 378 13.44 -0.37 -50.37
CA GLN B 378 13.22 0.94 -50.92
C GLN B 378 13.74 1.15 -52.30
N TRP B 379 12.84 1.74 -53.06
CA TRP B 379 13.05 2.15 -54.41
C TRP B 379 13.66 3.54 -54.36
N ARG B 380 13.09 4.39 -53.51
CA ARG B 380 13.52 5.76 -53.30
C ARG B 380 13.84 5.93 -51.84
N LYS B 381 14.99 6.49 -51.56
CA LYS B 381 15.31 6.89 -50.20
C LYS B 381 14.31 7.87 -49.59
N SER B 382 13.89 7.56 -48.36
CA SER B 382 13.10 8.51 -47.60
C SER B 382 13.99 9.71 -47.34
N ARG B 383 13.36 10.89 -47.25
CA ARG B 383 14.09 12.12 -47.15
C ARG B 383 14.49 12.40 -45.72
N GLY B 384 13.66 11.91 -44.81
CA GLY B 384 13.82 12.10 -43.38
C GLY B 384 13.57 10.77 -42.72
N SER B 385 13.59 10.82 -41.38
CA SER B 385 13.32 9.65 -40.56
C SER B 385 14.37 8.55 -40.66
N CYS B 386 14.20 7.52 -39.86
CA CYS B 386 15.32 6.67 -39.48
C CYS B 386 15.94 5.78 -40.55
N GLU B 387 15.25 5.58 -41.67
CA GLU B 387 15.84 4.84 -42.80
C GLU B 387 16.32 5.70 -43.96
N LYS B 388 16.49 7.00 -43.72
CA LYS B 388 16.92 7.94 -44.79
C LYS B 388 18.30 7.65 -45.34
N PHE B 389 19.15 7.03 -44.54
CA PHE B 389 20.44 6.54 -45.01
C PHE B 389 20.40 5.04 -45.16
N HIS B 390 19.24 4.45 -45.43
CA HIS B 390 19.21 3.08 -45.95
C HIS B 390 19.38 3.19 -47.44
N GLY B 391 20.01 2.20 -48.03
CA GLY B 391 20.13 2.15 -49.48
C GLY B 391 18.82 2.02 -50.27
N ALA B 392 18.85 2.47 -51.52
CA ALA B 392 17.70 2.37 -52.40
C ALA B 392 18.17 2.51 -53.84
N VAL B 393 17.24 2.36 -54.78
CA VAL B 393 17.61 2.45 -56.17
C VAL B 393 17.86 3.90 -56.48
N VAL B 394 16.97 4.76 -55.98
CA VAL B 394 16.97 6.19 -56.24
C VAL B 394 17.45 6.85 -54.96
N ASP B 395 18.65 7.44 -55.05
CA ASP B 395 19.26 8.23 -54.03
C ASP B 395 18.59 9.60 -53.98
N HIS B 396 18.87 10.33 -52.89
CA HIS B 396 18.45 11.70 -52.69
C HIS B 396 18.78 12.58 -53.86
N VAL B 397 19.78 12.19 -54.62
CA VAL B 397 20.17 12.95 -55.76
C VAL B 397 19.09 12.90 -56.85
N GLY B 398 18.14 11.95 -56.78
CA GLY B 398 16.90 12.01 -57.57
C GLY B 398 16.91 11.31 -58.93
N HIS B 399 18.01 10.65 -59.25
CA HIS B 399 18.13 9.89 -60.49
C HIS B 399 18.85 8.54 -60.24
N ILE B 400 19.03 7.70 -61.26
CA ILE B 400 19.76 6.43 -61.11
C ILE B 400 20.97 6.32 -62.00
N ASP B 401 21.48 7.45 -62.49
CA ASP B 401 22.84 7.56 -63.03
C ASP B 401 23.88 7.75 -61.90
N THR B 402 23.86 6.79 -60.99
CA THR B 402 24.85 6.62 -59.93
C THR B 402 25.47 5.22 -60.09
N ARG B 403 26.53 4.95 -59.35
CA ARG B 403 27.14 3.61 -59.40
C ARG B 403 26.14 2.51 -58.97
N VAL B 404 25.43 2.79 -57.89
CA VAL B 404 24.39 1.86 -57.39
C VAL B 404 23.30 1.72 -58.45
N GLY B 405 22.81 2.84 -58.95
CA GLY B 405 21.79 2.85 -59.98
C GLY B 405 22.13 2.02 -61.20
N ARG B 406 23.28 2.31 -61.80
CA ARG B 406 23.78 1.58 -62.97
C ARG B 406 23.93 0.08 -62.74
N GLU B 407 24.39 -0.36 -61.58
CA GLU B 407 24.44 -1.79 -61.29
C GLU B 407 23.05 -2.40 -61.07
N VAL B 408 22.13 -1.69 -60.46
CA VAL B 408 20.76 -2.21 -60.37
C VAL B 408 20.17 -2.46 -61.78
N ALA B 409 20.42 -1.50 -62.68
CA ALA B 409 19.86 -1.53 -64.03
C ALA B 409 20.46 -2.69 -64.80
N GLU B 410 21.76 -2.84 -64.67
CA GLU B 410 22.46 -3.96 -65.25
C GLU B 410 21.91 -5.25 -64.71
N LEU B 411 21.72 -5.34 -63.40
CA LEU B 411 21.06 -6.53 -62.85
C LEU B 411 19.69 -6.77 -63.45
N GLY B 412 18.90 -5.71 -63.62
CA GLY B 412 17.63 -5.82 -64.31
C GLY B 412 17.69 -6.45 -65.70
N SER B 413 18.66 -6.03 -66.50
CA SER B 413 18.98 -6.73 -67.78
C SER B 413 19.28 -8.21 -67.65
N ILE B 414 20.13 -8.57 -66.72
CA ILE B 414 20.48 -9.96 -66.55
C ILE B 414 19.23 -10.79 -66.12
N LEU B 415 18.43 -10.26 -65.20
CA LEU B 415 17.21 -10.97 -64.73
C LEU B 415 16.14 -11.15 -65.84
N SER B 416 15.91 -10.14 -66.68
CA SER B 416 15.04 -10.33 -67.86
C SER B 416 15.59 -11.41 -68.84
N ALA B 417 16.92 -11.43 -69.02
CA ALA B 417 17.56 -12.49 -69.83
C ALA B 417 17.41 -13.88 -69.21
N LEU B 418 17.06 -13.97 -67.92
CA LEU B 418 17.00 -15.27 -67.22
C LEU B 418 15.55 -15.73 -67.01
N ALA B 419 14.66 -15.37 -67.92
CA ALA B 419 13.27 -15.84 -67.89
C ALA B 419 13.04 -17.37 -67.78
N PRO B 420 13.77 -18.21 -68.57
CA PRO B 420 13.67 -19.67 -68.45
C PRO B 420 13.91 -20.27 -67.05
N VAL B 421 14.73 -19.60 -66.22
CA VAL B 421 15.00 -20.06 -64.85
C VAL B 421 13.73 -20.01 -63.98
N ALA B 422 12.86 -19.04 -64.24
CA ALA B 422 11.65 -18.88 -63.41
C ALA B 422 10.90 -20.21 -63.32
N GLY B 423 10.43 -20.57 -62.13
CA GLY B 423 9.76 -21.83 -61.91
C GLY B 423 10.65 -23.07 -61.83
N SER B 424 11.93 -23.00 -62.26
CA SER B 424 12.83 -24.18 -62.18
C SER B 424 13.08 -24.67 -60.74
N ARG B 425 13.47 -25.93 -60.62
CA ARG B 425 13.58 -26.66 -59.35
C ARG B 425 15.03 -26.92 -58.96
N VAL B 426 15.21 -27.20 -57.68
CA VAL B 426 16.50 -27.53 -57.07
C VAL B 426 16.46 -28.96 -56.58
N GLU B 427 17.23 -29.84 -57.20
CA GLU B 427 17.15 -31.26 -56.92
C GLU B 427 18.23 -31.66 -55.94
N ALA B 428 17.87 -31.69 -54.67
CA ALA B 428 18.80 -31.92 -53.58
C ALA B 428 18.61 -33.34 -53.10
N LYS B 429 19.70 -34.10 -52.97
CA LYS B 429 19.71 -35.41 -52.33
C LYS B 429 20.31 -35.41 -50.92
N VAL B 430 20.73 -34.24 -50.44
CA VAL B 430 21.25 -34.07 -49.09
C VAL B 430 20.25 -33.20 -48.36
N ALA B 431 20.01 -33.52 -47.08
CA ALA B 431 19.20 -32.69 -46.21
C ALA B 431 19.96 -32.39 -44.92
N ILE B 432 19.83 -31.15 -44.43
CA ILE B 432 20.37 -30.76 -43.12
C ILE B 432 19.22 -30.35 -42.25
N ILE B 433 19.28 -30.74 -40.98
CA ILE B 433 18.21 -30.41 -40.04
C ILE B 433 18.52 -29.10 -39.32
N PHE B 434 17.59 -28.16 -39.40
CA PHE B 434 17.56 -26.93 -38.61
C PHE B 434 16.17 -26.85 -38.01
N ASP B 435 16.08 -27.01 -36.70
CA ASP B 435 14.79 -27.20 -36.02
C ASP B 435 14.56 -26.14 -34.92
N TRP B 436 13.54 -25.32 -35.12
CA TRP B 436 13.25 -24.23 -34.19
C TRP B 436 13.00 -24.68 -32.75
N GLU B 437 12.27 -25.77 -32.57
CA GLU B 437 11.98 -26.22 -31.21
C GLU B 437 13.22 -26.70 -30.52
N SER B 438 14.06 -27.48 -31.23
CA SER B 438 15.32 -27.98 -30.68
C SER B 438 16.24 -26.83 -30.31
N ARG B 439 16.30 -25.84 -31.21
CA ARG B 439 17.08 -24.64 -31.00
C ARG B 439 16.62 -23.91 -29.77
N TRP B 440 15.31 -23.70 -29.64
CA TRP B 440 14.76 -22.97 -28.50
C TRP B 440 15.08 -23.60 -27.16
N ALA B 441 14.92 -24.90 -27.06
CA ALA B 441 15.16 -25.57 -25.82
C ALA B 441 16.64 -25.61 -25.57
N MET B 442 17.42 -25.84 -26.63
CA MET B 442 18.88 -25.94 -26.50
C MET B 442 19.53 -24.62 -26.03
N ASP B 443 19.08 -23.49 -26.58
CA ASP B 443 19.58 -22.16 -26.20
C ASP B 443 19.09 -21.74 -24.83
N ASP B 444 17.88 -22.13 -24.47
CA ASP B 444 17.34 -21.73 -23.18
C ASP B 444 17.99 -22.48 -21.99
N ALA B 445 18.55 -23.66 -22.25
CA ALA B 445 19.20 -24.48 -21.21
C ALA B 445 20.38 -23.77 -20.53
N MET B 446 20.60 -24.15 -19.27
CA MET B 446 21.73 -23.74 -18.49
C MET B 446 22.71 -24.88 -18.62
N GLY B 447 23.70 -24.66 -19.46
CA GLY B 447 24.66 -25.67 -19.86
C GLY B 447 24.38 -26.25 -21.25
N PRO B 448 25.41 -26.85 -21.86
CA PRO B 448 26.70 -27.09 -21.24
C PRO B 448 27.77 -26.01 -21.54
N ARG B 449 27.40 -24.93 -22.24
CA ARG B 449 28.35 -23.83 -22.50
C ARG B 449 27.62 -22.49 -22.58
N ASN B 450 27.31 -21.92 -21.42
CA ASN B 450 26.57 -20.62 -21.39
C ASN B 450 27.27 -19.47 -22.17
N ALA B 451 28.59 -19.54 -22.27
CA ALA B 451 29.32 -18.57 -23.04
C ALA B 451 28.91 -18.58 -24.49
N GLY B 452 28.39 -19.69 -24.98
CA GLY B 452 27.87 -19.76 -26.37
C GLY B 452 27.86 -21.14 -27.03
N LEU B 453 26.70 -21.50 -27.60
CA LEU B 453 26.51 -22.71 -28.43
C LEU B 453 26.62 -22.48 -29.94
N HIS B 454 26.19 -21.31 -30.42
CA HIS B 454 26.35 -20.91 -31.81
C HIS B 454 25.74 -21.93 -32.75
N TYR B 455 24.47 -22.24 -32.51
CA TYR B 455 23.72 -23.25 -33.26
C TYR B 455 23.66 -23.00 -34.77
N GLU B 456 23.33 -21.77 -35.16
CA GLU B 456 23.15 -21.39 -36.57
C GLU B 456 24.48 -21.50 -37.27
N ASN B 457 25.50 -20.98 -36.60
CA ASN B 457 26.88 -21.09 -37.04
C ASN B 457 27.45 -22.54 -37.19
N THR B 458 27.02 -23.44 -36.30
CA THR B 458 27.45 -24.81 -36.31
C THR B 458 26.79 -25.61 -37.43
N VAL B 459 25.51 -25.35 -37.62
CA VAL B 459 24.79 -26.01 -38.67
C VAL B 459 25.47 -25.57 -39.97
N ALA B 460 25.65 -24.27 -40.13
CA ALA B 460 26.22 -23.70 -41.35
C ALA B 460 27.67 -24.17 -41.63
N ASP B 461 28.40 -24.49 -40.57
CA ASP B 461 29.76 -25.03 -40.74
C ASP B 461 29.70 -26.37 -41.47
N HIS B 462 28.69 -27.18 -41.16
CA HIS B 462 28.42 -28.41 -41.88
C HIS B 462 28.02 -28.08 -43.32
N TYR B 463 27.05 -27.18 -43.48
CA TYR B 463 26.55 -26.80 -44.78
C TYR B 463 27.65 -26.38 -45.75
N ARG B 464 28.65 -25.71 -45.22
CA ARG B 464 29.64 -25.06 -46.05
C ARG B 464 30.51 -26.08 -46.78
N ALA B 465 30.87 -27.17 -46.13
CA ALA B 465 31.67 -28.18 -46.80
C ALA B 465 30.96 -28.80 -48.04
N LEU B 466 29.61 -28.77 -48.03
CA LEU B 466 28.78 -29.27 -49.18
C LEU B 466 28.62 -28.20 -50.26
N TRP B 467 28.24 -26.99 -49.81
CA TRP B 467 28.15 -25.77 -50.62
C TRP B 467 29.46 -25.46 -51.39
N ALA B 468 30.59 -25.71 -50.77
CA ALA B 468 31.89 -25.54 -51.44
C ALA B 468 32.11 -26.52 -52.59
N GLN B 469 31.41 -27.66 -52.58
CA GLN B 469 31.46 -28.65 -53.66
C GLN B 469 30.38 -28.49 -54.75
N GLY B 470 29.53 -27.48 -54.62
CA GLY B 470 28.36 -27.34 -55.49
C GLY B 470 27.30 -28.43 -55.34
N ILE B 471 27.12 -28.95 -54.12
CA ILE B 471 26.13 -30.00 -53.83
C ILE B 471 24.91 -29.39 -53.11
N ALA B 472 23.75 -29.52 -53.76
CA ALA B 472 22.49 -29.01 -53.31
C ALA B 472 22.08 -29.64 -51.96
N VAL B 473 21.45 -28.81 -51.14
CA VAL B 473 20.97 -29.19 -49.82
C VAL B 473 19.61 -28.57 -49.57
N ASP B 474 18.67 -29.37 -49.09
CA ASP B 474 17.46 -28.84 -48.49
C ASP B 474 17.70 -28.70 -47.01
N VAL B 475 17.06 -27.71 -46.40
CA VAL B 475 17.20 -27.46 -44.95
C VAL B 475 15.83 -27.70 -44.32
N ILE B 476 15.67 -28.92 -43.83
CA ILE B 476 14.41 -29.42 -43.28
C ILE B 476 14.43 -29.27 -41.78
N ASN B 477 13.26 -29.37 -41.16
CA ASN B 477 13.23 -29.61 -39.74
C ASN B 477 13.05 -31.08 -39.44
N ALA B 478 13.05 -31.42 -38.15
CA ALA B 478 12.98 -32.80 -37.71
C ALA B 478 11.64 -33.52 -38.02
N ASP B 479 10.63 -32.78 -38.44
CA ASP B 479 9.31 -33.34 -38.76
C ASP B 479 9.17 -33.70 -40.24
N CYS B 480 10.11 -33.29 -41.08
CA CYS B 480 10.01 -33.62 -42.50
C CYS B 480 10.35 -35.07 -42.80
N ASP B 481 9.84 -35.50 -43.95
CA ASP B 481 10.02 -36.86 -44.43
C ASP B 481 11.42 -36.98 -45.04
N LEU B 482 12.17 -38.00 -44.63
CA LEU B 482 13.60 -38.15 -45.01
C LEU B 482 13.84 -39.00 -46.24
N GLN B 483 12.75 -39.50 -46.81
CA GLN B 483 12.82 -40.70 -47.64
C GLN B 483 13.36 -40.43 -49.07
N GLY B 484 13.18 -39.23 -49.60
CA GLY B 484 13.83 -38.84 -50.87
C GLY B 484 15.35 -38.52 -50.84
N TYR B 485 15.95 -38.44 -49.65
CA TYR B 485 17.33 -38.00 -49.51
C TYR B 485 18.24 -39.20 -49.42
N ASP B 486 19.47 -39.07 -49.88
CA ASP B 486 20.53 -40.08 -49.63
C ASP B 486 21.32 -39.83 -48.33
N LEU B 487 21.42 -38.54 -47.94
CA LEU B 487 22.23 -38.08 -46.80
C LEU B 487 21.43 -37.10 -45.94
N VAL B 488 21.36 -37.40 -44.64
CA VAL B 488 20.75 -36.52 -43.66
C VAL B 488 21.78 -36.19 -42.59
N ILE B 489 21.87 -34.90 -42.29
CA ILE B 489 22.82 -34.34 -41.35
C ILE B 489 22.04 -33.55 -40.30
N ALA B 490 22.35 -33.80 -39.04
CA ALA B 490 21.66 -33.28 -37.88
C ALA B 490 22.68 -32.76 -36.84
N PRO B 491 23.18 -31.54 -37.04
CA PRO B 491 24.08 -30.93 -36.07
C PRO B 491 23.29 -30.52 -34.84
N MET B 492 23.72 -31.01 -33.69
CA MET B 492 23.13 -30.63 -32.41
C MET B 492 21.61 -30.70 -32.43
N LEU B 493 21.11 -31.90 -32.74
CA LEU B 493 19.68 -32.19 -32.65
C LEU B 493 19.35 -32.53 -31.21
N TYR B 494 19.44 -31.48 -30.40
CA TYR B 494 19.29 -31.54 -28.96
C TYR B 494 17.96 -32.20 -28.58
N MET B 495 16.89 -31.80 -29.25
CA MET B 495 15.55 -32.33 -29.00
C MET B 495 15.16 -33.33 -30.05
N VAL B 496 14.85 -34.56 -29.64
CA VAL B 496 14.37 -35.60 -30.56
C VAL B 496 12.97 -35.95 -30.15
N ARG B 497 12.00 -35.43 -30.89
CA ARG B 497 10.59 -35.59 -30.51
C ARG B 497 10.09 -36.96 -30.94
N GLU B 498 8.89 -37.31 -30.50
CA GLU B 498 8.29 -38.61 -30.85
C GLU B 498 8.21 -38.78 -32.35
N GLY B 499 8.61 -39.94 -32.82
CA GLY B 499 8.70 -40.23 -34.26
C GLY B 499 10.04 -39.99 -34.93
N VAL B 500 10.83 -39.07 -34.41
CA VAL B 500 11.99 -38.57 -35.15
C VAL B 500 13.04 -39.64 -35.17
N GLY B 501 13.34 -40.16 -33.98
CA GLY B 501 14.28 -41.25 -33.82
C GLY B 501 13.91 -42.46 -34.67
N GLU B 502 12.61 -42.72 -34.74
CA GLU B 502 12.06 -43.86 -35.49
C GLU B 502 12.23 -43.61 -36.99
N ARG B 503 11.79 -42.46 -37.47
CA ARG B 503 11.99 -42.10 -38.87
C ARG B 503 13.45 -42.14 -39.26
N ILE B 504 14.32 -41.60 -38.40
CA ILE B 504 15.74 -41.55 -38.70
C ILE B 504 16.30 -42.96 -38.87
N SER B 505 15.99 -43.80 -37.89
CA SER B 505 16.44 -45.19 -37.89
C SER B 505 16.01 -45.94 -39.13
N ALA B 506 14.73 -45.79 -39.47
CA ALA B 506 14.13 -46.36 -40.69
C ALA B 506 14.86 -45.90 -41.90
N PHE B 507 15.11 -44.60 -41.99
CA PHE B 507 15.82 -44.01 -43.14
C PHE B 507 17.21 -44.67 -43.35
N VAL B 508 17.94 -44.87 -42.24
CA VAL B 508 19.27 -45.48 -42.29
C VAL B 508 19.17 -46.96 -42.63
N GLN B 509 18.25 -47.65 -41.99
CA GLN B 509 18.04 -49.07 -42.25
C GLN B 509 17.73 -49.36 -43.71
N ALA B 510 16.86 -48.55 -44.28
CA ALA B 510 16.59 -48.64 -45.70
C ALA B 510 17.79 -48.22 -46.63
N GLY B 511 18.98 -47.96 -46.08
CA GLY B 511 20.16 -47.61 -46.89
C GLY B 511 20.60 -46.14 -46.84
N GLY B 512 19.85 -45.29 -46.13
CA GLY B 512 20.27 -43.91 -45.91
C GLY B 512 21.57 -43.71 -45.10
N ARG B 513 22.17 -42.53 -45.24
CA ARG B 513 23.31 -42.17 -44.42
C ARG B 513 23.05 -40.96 -43.52
N PHE B 514 23.45 -41.09 -42.27
CA PHE B 514 23.05 -40.15 -41.24
C PHE B 514 24.26 -39.66 -40.50
N VAL B 515 24.27 -38.36 -40.24
CA VAL B 515 25.36 -37.72 -39.49
C VAL B 515 24.77 -36.86 -38.35
N ALA B 516 25.24 -37.10 -37.15
CA ALA B 516 24.82 -36.34 -35.98
C ALA B 516 26.06 -35.99 -35.22
N THR B 517 25.97 -34.96 -34.41
CA THR B 517 27.10 -34.50 -33.70
C THR B 517 26.79 -34.61 -32.25
N TYR B 518 27.81 -34.30 -31.46
CA TYR B 518 27.69 -33.94 -30.03
C TYR B 518 26.40 -33.14 -29.68
N TRP B 519 25.86 -33.42 -28.51
CA TRP B 519 24.69 -32.73 -28.03
C TRP B 519 23.47 -32.87 -28.93
N SER B 520 23.29 -34.09 -29.44
CA SER B 520 22.05 -34.55 -30.07
C SER B 520 21.35 -35.66 -29.24
N GLY B 521 20.03 -35.73 -29.33
CA GLY B 521 19.27 -36.72 -28.58
C GLY B 521 19.37 -36.59 -27.07
N ILE B 522 19.09 -35.40 -26.57
CA ILE B 522 19.22 -35.07 -25.17
C ILE B 522 17.90 -34.94 -24.43
N VAL B 523 16.88 -34.37 -25.10
CA VAL B 523 15.58 -34.12 -24.46
C VAL B 523 14.39 -34.39 -25.38
N ASN B 524 13.19 -34.35 -24.80
CA ASN B 524 11.97 -34.58 -25.53
C ASN B 524 11.19 -33.26 -25.69
N GLU B 525 9.92 -33.35 -26.09
CA GLU B 525 9.10 -32.21 -26.48
C GLU B 525 9.02 -31.10 -25.42
N THR B 526 9.19 -31.43 -24.14
CA THR B 526 9.14 -30.46 -23.06
C THR B 526 10.46 -30.25 -22.32
N ASP B 527 11.57 -30.67 -22.91
CA ASP B 527 12.91 -30.44 -22.35
C ASP B 527 13.18 -31.32 -21.14
N LEU B 528 12.60 -32.52 -21.13
CA LEU B 528 12.95 -33.53 -20.13
C LEU B 528 14.07 -34.37 -20.73
N CYS B 529 15.14 -34.57 -19.96
CA CYS B 529 16.25 -35.40 -20.43
C CYS B 529 15.88 -36.84 -20.52
N PHE B 530 16.35 -37.51 -21.55
CA PHE B 530 16.19 -38.95 -21.67
C PHE B 530 16.98 -39.65 -20.58
N LEU B 531 16.49 -40.81 -20.14
CA LEU B 531 17.11 -41.60 -19.09
C LEU B 531 17.83 -42.84 -19.61
N ASN B 532 17.76 -43.10 -20.91
CA ASN B 532 18.32 -44.33 -21.48
C ASN B 532 19.79 -44.21 -21.94
N GLY B 533 20.57 -43.28 -21.37
CA GLY B 533 21.86 -42.87 -21.97
C GLY B 533 21.82 -42.01 -23.24
N PHE B 534 22.67 -41.01 -23.32
CA PHE B 534 22.65 -40.10 -24.46
C PHE B 534 23.35 -40.54 -25.71
N PRO B 535 22.56 -40.75 -26.74
CA PRO B 535 22.07 -39.92 -27.81
C PRO B 535 20.58 -40.36 -27.82
N GLY B 536 20.12 -40.99 -26.73
CA GLY B 536 18.69 -41.24 -26.51
C GLY B 536 18.00 -42.16 -27.50
N PRO B 537 16.94 -41.65 -28.18
CA PRO B 537 16.37 -42.35 -29.34
C PRO B 537 17.36 -42.67 -30.48
N LEU B 538 18.46 -41.94 -30.62
CA LEU B 538 19.44 -42.18 -31.70
C LEU B 538 20.56 -43.11 -31.27
N ARG B 539 20.53 -43.52 -30.01
CA ARG B 539 21.53 -44.43 -29.51
C ARG B 539 21.72 -45.74 -30.31
N PRO B 540 20.61 -46.46 -30.62
CA PRO B 540 20.74 -47.67 -31.45
C PRO B 540 21.39 -47.42 -32.82
N VAL B 541 20.83 -46.51 -33.60
CA VAL B 541 21.31 -46.28 -34.96
C VAL B 541 22.78 -45.82 -34.98
N LEU B 542 23.17 -45.01 -34.01
CA LEU B 542 24.53 -44.45 -33.97
C LEU B 542 25.53 -45.44 -33.41
N GLY B 543 25.04 -46.33 -32.56
CA GLY B 543 25.87 -47.39 -32.05
C GLY B 543 26.95 -46.95 -31.07
N ILE B 544 26.69 -45.84 -30.37
CA ILE B 544 27.60 -45.23 -29.38
C ILE B 544 26.83 -44.80 -28.14
N TRP B 545 27.55 -44.66 -27.04
CA TRP B 545 27.00 -44.03 -25.84
C TRP B 545 27.81 -42.78 -25.54
N ALA B 546 27.13 -41.64 -25.44
CA ALA B 546 27.78 -40.38 -25.04
C ALA B 546 27.64 -40.19 -23.55
N GLU B 547 28.72 -40.49 -22.80
CA GLU B 547 28.68 -40.48 -21.34
C GLU B 547 28.59 -39.07 -20.81
N GLU B 548 29.40 -38.18 -21.35
CA GLU B 548 29.51 -36.85 -20.80
C GLU B 548 30.13 -35.90 -21.84
N ILE B 549 29.80 -34.61 -21.66
CA ILE B 549 30.20 -33.52 -22.57
C ILE B 549 31.06 -32.57 -21.79
N ASP B 550 32.22 -32.23 -22.36
CA ASP B 550 33.20 -31.35 -21.76
C ASP B 550 33.10 -30.02 -22.45
N SER B 551 33.28 -28.94 -21.68
CA SER B 551 33.03 -27.58 -22.12
C SER B 551 34.36 -26.84 -22.06
N LEU B 552 34.70 -26.12 -23.13
CA LEU B 552 36.03 -25.52 -23.27
C LEU B 552 35.91 -24.00 -23.46
N THR B 553 36.81 -23.30 -22.78
CA THR B 553 36.87 -21.85 -22.86
C THR B 553 37.34 -21.49 -24.26
N ASP B 554 37.22 -20.21 -24.60
CA ASP B 554 37.71 -19.76 -25.92
C ASP B 554 39.22 -19.90 -26.15
N GLU B 555 40.01 -20.07 -25.08
CA GLU B 555 41.47 -20.24 -25.21
C GLU B 555 41.87 -21.71 -25.30
N GLN B 556 40.94 -22.66 -25.16
CA GLN B 556 41.28 -24.08 -25.04
C GLN B 556 40.85 -24.87 -26.25
N HIS B 557 41.69 -25.84 -26.61
CA HIS B 557 41.48 -26.61 -27.80
C HIS B 557 41.89 -28.05 -27.59
N ASN B 558 41.45 -28.93 -28.48
CA ASN B 558 41.89 -30.32 -28.52
C ASN B 558 42.14 -30.57 -29.99
N SER B 559 42.48 -31.80 -30.35
CA SER B 559 42.66 -32.12 -31.74
C SER B 559 42.02 -33.48 -32.00
N VAL B 560 41.68 -33.71 -33.26
CA VAL B 560 41.09 -34.97 -33.70
C VAL B 560 41.98 -35.50 -34.82
N ALA B 561 42.31 -36.78 -34.77
CA ALA B 561 43.20 -37.35 -35.79
C ALA B 561 42.60 -38.64 -36.35
N GLY B 562 42.75 -38.84 -37.65
CA GLY B 562 42.27 -40.07 -38.25
C GLY B 562 43.01 -41.29 -37.71
N VAL B 563 42.26 -42.37 -37.52
CA VAL B 563 42.81 -43.71 -37.36
C VAL B 563 43.33 -44.16 -38.73
N GLU B 564 44.41 -44.93 -38.74
CA GLU B 564 44.97 -45.47 -39.95
C GLU B 564 44.03 -46.44 -40.62
N GLY B 565 43.89 -46.32 -41.93
CA GLY B 565 42.89 -47.06 -42.69
C GLY B 565 41.42 -46.65 -42.55
N ASN B 566 41.09 -45.52 -41.91
CA ASN B 566 39.67 -45.16 -41.75
C ASN B 566 38.98 -44.94 -43.13
N ALA B 567 37.73 -45.39 -43.24
CA ALA B 567 36.94 -45.38 -44.50
C ALA B 567 36.80 -44.01 -45.15
N LEU B 568 36.80 -42.94 -44.37
CA LEU B 568 36.70 -41.61 -44.95
C LEU B 568 38.03 -40.98 -45.33
N GLY B 569 39.14 -41.65 -45.04
CA GLY B 569 40.45 -41.12 -45.35
C GLY B 569 40.78 -39.90 -44.52
N LEU B 570 40.09 -39.73 -43.38
CA LEU B 570 40.40 -38.60 -42.41
C LEU B 570 41.85 -38.63 -41.91
N SER B 571 42.50 -37.48 -41.85
CA SER B 571 43.88 -37.40 -41.40
C SER B 571 44.10 -36.34 -40.28
N GLY B 572 44.29 -35.09 -40.66
CA GLY B 572 44.55 -34.04 -39.70
C GLY B 572 45.99 -33.99 -39.18
N PRO B 573 46.18 -33.72 -37.87
CA PRO B 573 45.17 -33.39 -36.87
C PRO B 573 44.33 -32.17 -37.16
N TYR B 574 43.05 -32.21 -36.78
CA TYR B 574 42.13 -31.10 -36.89
C TYR B 574 41.91 -30.53 -35.51
N ARG B 575 41.61 -29.24 -35.46
CA ARG B 575 41.42 -28.58 -34.20
C ARG B 575 40.01 -28.83 -33.76
N ALA B 576 39.83 -29.03 -32.47
CA ALA B 576 38.50 -29.10 -31.89
C ALA B 576 38.41 -28.05 -30.80
N SER B 577 37.28 -27.35 -30.74
CA SER B 577 37.07 -26.33 -29.73
C SER B 577 35.73 -26.48 -29.11
N GLN B 578 35.56 -25.74 -28.03
CA GLN B 578 34.28 -25.45 -27.39
C GLN B 578 33.55 -26.60 -26.71
N LEU B 579 33.30 -27.70 -27.44
CA LEU B 579 32.68 -28.90 -26.87
C LEU B 579 33.34 -30.19 -27.34
N CYS B 580 33.55 -31.11 -26.39
CA CYS B 580 34.18 -32.41 -26.62
C CYS B 580 33.45 -33.47 -25.81
N GLU B 581 32.85 -34.44 -26.49
CA GLU B 581 32.08 -35.51 -25.84
C GLU B 581 32.96 -36.73 -25.62
N VAL B 582 32.74 -37.37 -24.46
CA VAL B 582 33.39 -38.66 -24.16
C VAL B 582 32.42 -39.79 -24.45
N ILE B 583 32.72 -40.55 -25.51
CA ILE B 583 31.82 -41.60 -26.00
C ILE B 583 32.42 -43.01 -25.84
N HIS B 584 31.52 -44.00 -25.91
CA HIS B 584 31.82 -45.44 -25.79
C HIS B 584 31.19 -46.16 -26.96
N LEU B 585 31.99 -46.97 -27.63
CA LEU B 585 31.55 -47.72 -28.78
C LEU B 585 30.55 -48.81 -28.34
N GLU B 586 29.46 -48.98 -29.08
CA GLU B 586 28.52 -50.05 -28.80
C GLU B 586 28.14 -50.68 -30.12
N GLY B 587 29.15 -51.09 -30.89
CA GLY B 587 28.93 -51.57 -32.25
C GLY B 587 29.51 -50.68 -33.32
N ALA B 588 29.55 -49.36 -33.08
CA ALA B 588 30.18 -48.46 -34.04
C ALA B 588 31.70 -48.68 -34.06
N ALA B 589 32.35 -48.30 -35.17
CA ALA B 589 33.82 -48.30 -35.30
C ALA B 589 34.39 -46.87 -35.27
N ALA B 590 35.62 -46.70 -34.77
CA ALA B 590 36.24 -45.37 -34.64
C ALA B 590 36.91 -44.92 -35.94
N LEU B 591 36.50 -43.75 -36.45
CA LEU B 591 37.11 -43.16 -37.64
C LEU B 591 38.27 -42.25 -37.26
N ALA B 592 38.17 -41.68 -36.06
CA ALA B 592 39.19 -40.79 -35.57
C ALA B 592 39.18 -40.74 -34.05
N THR B 593 40.32 -40.35 -33.48
CA THR B 593 40.48 -40.24 -32.01
C THR B 593 40.94 -38.84 -31.53
N TYR B 594 40.79 -38.60 -30.24
CA TYR B 594 41.28 -37.37 -29.64
C TYR B 594 42.81 -37.37 -29.45
N GLY B 595 43.46 -36.25 -29.70
CA GLY B 595 44.91 -36.12 -29.49
C GLY B 595 45.36 -35.76 -28.07
N ASP B 596 44.46 -35.16 -27.28
CA ASP B 596 44.87 -34.47 -26.08
C ASP B 596 43.87 -34.57 -24.95
N ASP B 597 44.25 -34.05 -23.78
CA ASP B 597 43.42 -34.00 -22.52
C ASP B 597 43.30 -35.40 -21.94
N PHE B 598 42.56 -35.56 -20.84
CA PHE B 598 42.43 -36.89 -20.23
C PHE B 598 41.69 -37.95 -21.08
N TYR B 599 40.93 -37.54 -22.09
CA TYR B 599 40.26 -38.46 -23.01
C TYR B 599 41.03 -38.62 -24.33
N ALA B 600 42.34 -38.32 -24.33
CA ALA B 600 43.22 -38.56 -25.48
C ALA B 600 43.21 -40.00 -25.84
N GLY B 601 43.22 -40.31 -27.13
CA GLY B 601 43.17 -41.69 -27.58
C GLY B 601 41.77 -42.27 -27.68
N ASN B 602 40.77 -41.65 -27.04
CA ASN B 602 39.38 -42.10 -27.14
C ASN B 602 38.73 -41.76 -28.46
N PRO B 603 37.66 -42.47 -28.84
CA PRO B 603 37.01 -42.19 -30.11
C PRO B 603 36.37 -40.81 -30.16
N ALA B 604 36.60 -40.10 -31.25
CA ALA B 604 36.07 -38.76 -31.48
C ALA B 604 35.14 -38.68 -32.68
N VAL B 605 35.39 -39.50 -33.70
CA VAL B 605 34.50 -39.65 -34.83
C VAL B 605 34.21 -41.13 -35.07
N THR B 606 32.92 -41.46 -35.23
CA THR B 606 32.50 -42.85 -35.41
C THR B 606 31.53 -43.09 -36.57
N VAL B 607 31.55 -44.33 -37.07
CA VAL B 607 30.55 -44.83 -38.03
C VAL B 607 29.91 -46.12 -37.55
N ASN B 608 28.61 -46.23 -37.79
CA ASN B 608 27.88 -47.45 -37.42
C ASN B 608 27.05 -48.01 -38.55
N LEU B 609 27.19 -49.33 -38.79
CA LEU B 609 26.42 -50.02 -39.80
C LEU B 609 25.06 -50.36 -39.22
N TYR B 610 23.99 -50.04 -39.93
CA TYR B 610 22.67 -50.31 -39.38
C TYR B 610 21.79 -50.53 -40.57
N GLY B 611 21.21 -51.73 -40.66
CA GLY B 611 20.50 -52.14 -41.87
C GLY B 611 21.48 -52.10 -43.02
N LYS B 612 21.08 -51.45 -44.12
CA LYS B 612 21.96 -51.27 -45.25
C LYS B 612 22.69 -49.93 -45.18
N GLY B 613 22.38 -49.10 -44.18
CA GLY B 613 22.93 -47.76 -44.10
C GLY B 613 23.99 -47.57 -43.03
N GLN B 614 24.55 -46.34 -43.04
CA GLN B 614 25.60 -45.95 -42.12
C GLN B 614 25.27 -44.64 -41.41
N ALA B 615 25.48 -44.64 -40.12
CA ALA B 615 25.24 -43.52 -39.27
C ALA B 615 26.56 -43.11 -38.59
N TYR B 616 26.94 -41.84 -38.83
CA TYR B 616 28.18 -41.27 -38.35
C TYR B 616 27.91 -40.36 -37.16
N TYR B 617 28.86 -40.29 -36.24
CA TYR B 617 28.78 -39.37 -35.09
C TYR B 617 30.11 -38.68 -34.90
N VAL B 618 30.02 -37.37 -34.79
CA VAL B 618 31.18 -36.51 -34.58
C VAL B 618 31.01 -35.90 -33.19
N ALA B 619 31.94 -36.27 -32.30
CA ALA B 619 31.85 -36.02 -30.86
C ALA B 619 32.39 -34.67 -30.39
N SER B 620 32.98 -33.91 -31.30
CA SER B 620 33.53 -32.61 -30.95
C SER B 620 33.36 -31.63 -32.08
N ARG B 621 33.37 -30.35 -31.70
CA ARG B 621 33.19 -29.24 -32.65
C ARG B 621 34.50 -28.95 -33.35
N ASN B 622 34.57 -29.28 -34.62
CA ASN B 622 35.82 -29.31 -35.37
C ASN B 622 35.94 -28.18 -36.41
N ASP B 623 37.15 -27.99 -36.93
CA ASP B 623 37.44 -26.83 -37.79
C ASP B 623 36.89 -27.00 -39.18
N GLN B 624 36.99 -25.94 -39.96
CA GLN B 624 36.55 -25.93 -41.34
C GLN B 624 37.24 -27.04 -42.16
N GLN B 625 38.52 -27.33 -41.89
CA GLN B 625 39.26 -28.38 -42.60
C GLN B 625 38.68 -29.77 -42.35
N PHE B 626 38.38 -30.06 -41.09
CA PHE B 626 37.69 -31.30 -40.75
C PHE B 626 36.45 -31.51 -41.60
N HIS B 627 35.57 -30.52 -41.61
CA HIS B 627 34.31 -30.58 -42.36
C HIS B 627 34.54 -30.84 -43.84
N ALA B 628 35.57 -30.21 -44.38
CA ALA B 628 35.90 -30.32 -45.78
C ALA B 628 36.31 -31.74 -46.10
N ASP B 629 37.23 -32.32 -45.31
CA ASP B 629 37.70 -33.74 -45.54
C ASP B 629 36.56 -34.73 -45.36
N PHE B 630 35.82 -34.54 -44.29
CA PHE B 630 34.66 -35.37 -43.98
C PHE B 630 33.61 -35.41 -45.08
N PHE B 631 33.17 -34.24 -45.51
CA PHE B 631 32.10 -34.20 -46.45
C PHE B 631 32.52 -34.34 -47.88
N THR B 632 33.76 -34.03 -48.25
CA THR B 632 34.18 -34.31 -49.62
C THR B 632 34.36 -35.81 -49.78
N ALA B 633 34.92 -36.47 -48.77
CA ALA B 633 35.11 -37.94 -48.76
C ALA B 633 33.79 -38.64 -48.84
N LEU B 634 32.91 -38.24 -47.95
CA LEU B 634 31.57 -38.79 -47.90
C LEU B 634 30.84 -38.57 -49.21
N ALA B 635 31.01 -37.41 -49.84
CA ALA B 635 30.32 -37.11 -51.11
C ALA B 635 30.87 -37.95 -52.26
N LYS B 636 32.19 -38.07 -52.35
CA LYS B 636 32.82 -38.97 -53.31
C LYS B 636 32.32 -40.40 -53.13
N GLU B 637 32.39 -40.88 -51.91
CA GLU B 637 31.98 -42.25 -51.66
C GLU B 637 30.55 -42.47 -52.02
N MET B 638 29.68 -41.53 -51.64
CA MET B 638 28.26 -41.68 -51.90
C MET B 638 27.90 -41.33 -53.33
N LYS B 639 28.83 -40.72 -54.06
CA LYS B 639 28.63 -40.28 -55.44
C LYS B 639 27.47 -39.25 -55.56
N LEU B 640 27.42 -38.32 -54.61
CA LEU B 640 26.40 -37.28 -54.61
C LEU B 640 26.55 -36.39 -55.85
N PRO B 641 25.44 -35.95 -56.44
CA PRO B 641 25.55 -35.12 -57.64
C PRO B 641 26.04 -33.69 -57.32
N ARG B 642 26.90 -33.17 -58.18
CA ARG B 642 27.36 -31.77 -58.10
C ARG B 642 26.80 -30.90 -59.20
N ALA B 643 26.75 -29.61 -58.97
CA ALA B 643 26.30 -28.70 -59.98
C ALA B 643 27.28 -28.75 -61.17
N ILE B 644 28.59 -28.76 -60.91
CA ILE B 644 29.62 -28.99 -61.95
C ILE B 644 30.62 -30.01 -61.53
N ASN B 645 31.03 -30.82 -62.49
CA ASN B 645 31.97 -31.88 -62.21
C ASN B 645 33.39 -31.40 -62.48
N THR B 646 33.78 -30.36 -61.75
CA THR B 646 35.16 -29.79 -61.80
C THR B 646 35.58 -29.19 -60.44
N PRO B 647 36.88 -29.13 -60.14
CA PRO B 647 37.20 -28.69 -58.79
C PRO B 647 36.96 -27.22 -58.64
N LEU B 648 36.31 -26.82 -57.55
CA LEU B 648 35.97 -25.42 -57.34
C LEU B 648 36.93 -24.83 -56.36
N PRO B 649 37.61 -23.75 -56.76
CA PRO B 649 38.55 -23.10 -55.83
C PRO B 649 37.84 -22.58 -54.56
N GLU B 650 38.63 -22.35 -53.53
CA GLU B 650 38.06 -21.91 -52.24
C GLU B 650 37.38 -20.55 -52.41
N GLY B 651 36.13 -20.46 -51.98
CA GLY B 651 35.33 -19.25 -52.16
C GLY B 651 34.56 -19.20 -53.48
N VAL B 652 34.80 -20.19 -54.35
CA VAL B 652 33.95 -20.37 -55.52
C VAL B 652 32.94 -21.47 -55.27
N THR B 653 31.69 -21.21 -55.62
CA THR B 653 30.61 -22.18 -55.46
C THR B 653 29.75 -22.27 -56.73
N ALA B 654 28.87 -23.26 -56.74
CA ALA B 654 28.06 -23.57 -57.90
C ALA B 654 26.75 -24.06 -57.39
N ALA B 655 25.67 -23.56 -57.99
CA ALA B 655 24.32 -23.96 -57.65
C ALA B 655 23.58 -24.30 -58.96
N ARG B 656 22.73 -25.32 -58.89
CA ARG B 656 22.01 -25.82 -60.05
C ARG B 656 20.52 -25.68 -59.89
N ARG B 657 19.86 -25.18 -60.93
CA ARG B 657 18.39 -25.28 -61.04
C ARG B 657 18.03 -25.95 -62.38
N THR B 658 16.82 -26.54 -62.44
CA THR B 658 16.39 -27.28 -63.63
C THR B 658 14.88 -27.21 -63.87
N ASP B 659 14.50 -27.06 -65.16
CA ASP B 659 13.09 -27.19 -65.61
C ASP B 659 12.75 -28.62 -66.08
N GLY B 660 13.75 -29.51 -66.05
CA GLY B 660 13.56 -30.90 -66.40
C GLY B 660 14.08 -31.12 -67.78
N GLU B 661 14.34 -30.05 -68.50
CA GLU B 661 14.90 -30.15 -69.82
C GLU B 661 16.29 -29.58 -69.88
N SER B 662 16.43 -28.34 -69.40
CA SER B 662 17.75 -27.71 -69.25
C SER B 662 18.19 -27.68 -67.76
N GLU B 663 19.50 -27.50 -67.56
CA GLU B 663 20.04 -27.08 -66.27
C GLU B 663 20.62 -25.66 -66.33
N PHE B 664 20.50 -24.92 -65.24
CA PHE B 664 21.11 -23.59 -65.10
C PHE B 664 22.10 -23.60 -63.95
N ILE B 665 23.38 -23.49 -64.31
CA ILE B 665 24.45 -23.48 -63.33
C ILE B 665 24.89 -22.04 -63.00
N PHE B 666 24.81 -21.71 -61.71
CA PHE B 666 25.25 -20.40 -61.22
C PHE B 666 26.63 -20.55 -60.58
N LEU B 667 27.66 -20.12 -61.32
CA LEU B 667 29.01 -20.06 -60.83
C LEU B 667 29.15 -18.78 -60.07
N GLN B 668 29.62 -18.86 -58.82
CA GLN B 668 29.74 -17.68 -57.94
C GLN B 668 31.15 -17.57 -57.30
N ASN B 669 31.83 -16.44 -57.50
CA ASN B 669 33.11 -16.18 -56.87
C ASN B 669 32.89 -15.17 -55.77
N TYR B 670 32.95 -15.63 -54.54
CA TYR B 670 32.87 -14.70 -53.38
C TYR B 670 34.23 -14.08 -52.96
N ASN B 671 35.31 -14.41 -53.65
CA ASN B 671 36.61 -13.85 -53.34
C ASN B 671 36.68 -12.41 -53.82
N ALA B 672 37.63 -11.67 -53.29
CA ALA B 672 37.90 -10.29 -53.72
C ALA B 672 38.93 -10.20 -54.87
N ASP B 673 39.28 -11.32 -55.51
CA ASP B 673 40.10 -11.31 -56.72
C ASP B 673 39.54 -12.27 -57.73
N ASN B 674 40.12 -12.24 -58.92
CA ASN B 674 39.83 -13.17 -60.01
C ASN B 674 40.04 -14.62 -59.68
N GLN B 675 39.19 -15.43 -60.28
CA GLN B 675 39.17 -16.81 -59.99
C GLN B 675 38.90 -17.51 -61.33
N THR B 676 39.80 -18.41 -61.74
CA THR B 676 39.68 -19.08 -63.04
C THR B 676 39.40 -20.53 -62.86
N VAL B 677 38.40 -21.00 -63.58
CA VAL B 677 37.83 -22.34 -63.47
C VAL B 677 37.81 -22.94 -64.89
N ALA B 678 37.95 -24.26 -64.99
CA ALA B 678 37.75 -24.99 -66.23
C ALA B 678 36.34 -25.65 -66.28
N LEU B 679 35.70 -25.62 -67.44
CA LEU B 679 34.41 -26.29 -67.63
C LEU B 679 34.63 -27.67 -68.22
N PRO B 680 34.09 -28.74 -67.60
CA PRO B 680 34.33 -30.08 -68.12
C PRO B 680 33.35 -30.47 -69.25
N GLN B 681 32.42 -29.58 -69.59
CA GLN B 681 31.45 -29.77 -70.67
C GLN B 681 31.38 -28.49 -71.44
N ASP B 682 30.51 -28.46 -72.44
CA ASP B 682 30.24 -27.22 -73.14
C ASP B 682 28.88 -26.71 -72.71
N TYR B 683 28.83 -25.42 -72.42
CA TYR B 683 27.64 -24.75 -71.89
C TYR B 683 27.32 -23.52 -72.71
N GLN B 684 26.07 -23.11 -72.76
CA GLN B 684 25.74 -21.85 -73.45
C GLN B 684 25.65 -20.69 -72.46
N ASP B 685 25.90 -19.50 -72.99
CA ASP B 685 25.68 -18.25 -72.29
C ASP B 685 24.24 -17.84 -72.52
N ILE B 686 23.42 -18.21 -71.56
CA ILE B 686 22.00 -17.85 -71.56
C ILE B 686 21.77 -16.35 -71.64
N VAL B 687 22.69 -15.57 -71.09
CA VAL B 687 22.54 -14.10 -71.01
C VAL B 687 22.99 -13.44 -72.32
N HIS B 688 24.31 -13.51 -72.59
CA HIS B 688 24.97 -12.74 -73.65
C HIS B 688 24.99 -13.44 -75.01
N GLY B 689 24.60 -14.72 -75.08
CA GLY B 689 24.64 -15.50 -76.33
C GLY B 689 25.91 -16.33 -76.57
N GLY B 690 25.72 -17.47 -77.25
CA GLY B 690 26.83 -18.32 -77.68
C GLY B 690 27.25 -19.32 -76.64
N ASN B 691 28.33 -20.02 -76.95
CA ASN B 691 28.92 -20.99 -76.05
C ASN B 691 30.03 -20.35 -75.28
N LEU B 692 30.01 -20.55 -73.97
CA LEU B 692 31.11 -20.17 -73.11
C LEU B 692 32.38 -20.95 -73.47
N PRO B 693 33.55 -20.32 -73.31
CA PRO B 693 34.78 -21.08 -73.49
C PRO B 693 35.02 -22.06 -72.37
N ARG B 694 35.93 -22.98 -72.61
CA ARG B 694 36.32 -23.98 -71.63
C ARG B 694 37.04 -23.46 -70.39
N LYS B 695 37.77 -22.35 -70.52
CA LYS B 695 38.52 -21.72 -69.44
C LYS B 695 37.74 -20.45 -69.09
N LEU B 696 37.35 -20.30 -67.84
CA LEU B 696 36.44 -19.25 -67.51
C LEU B 696 36.92 -18.53 -66.28
N THR B 697 37.24 -17.25 -66.47
CA THR B 697 37.73 -16.38 -65.41
C THR B 697 36.58 -15.59 -64.83
N LEU B 698 36.27 -15.85 -63.58
CA LEU B 698 35.28 -15.10 -62.86
C LEU B 698 35.99 -13.96 -62.19
N PRO B 699 35.44 -12.76 -62.36
CA PRO B 699 35.94 -11.61 -61.64
C PRO B 699 35.66 -11.63 -60.12
N ALA B 700 36.29 -10.70 -59.42
CA ALA B 700 36.08 -10.53 -58.01
C ALA B 700 34.59 -10.27 -57.80
N PHE B 701 33.98 -10.95 -56.84
CA PHE B 701 32.52 -10.85 -56.63
C PHE B 701 31.72 -11.09 -57.92
N GLY B 702 32.17 -12.06 -58.71
CA GLY B 702 31.58 -12.31 -60.02
C GLY B 702 30.59 -13.44 -59.96
N CYS B 703 29.76 -13.50 -61.00
CA CYS B 703 28.85 -14.59 -61.20
C CYS B 703 28.65 -14.83 -62.66
N GLN B 704 28.73 -16.07 -63.10
CA GLN B 704 28.34 -16.37 -64.46
C GLN B 704 27.38 -17.56 -64.55
N ILE B 705 26.42 -17.47 -65.46
CA ILE B 705 25.34 -18.45 -65.57
C ILE B 705 25.47 -19.31 -66.83
N LEU B 706 25.67 -20.59 -66.60
CA LEU B 706 25.93 -21.56 -67.65
C LEU B 706 24.60 -22.25 -67.87
N THR B 707 24.23 -22.50 -69.11
CA THR B 707 23.03 -23.27 -69.36
C THR B 707 23.32 -24.45 -70.28
N ARG B 708 22.56 -25.53 -70.17
CA ARG B 708 22.91 -26.72 -70.93
C ARG B 708 21.78 -27.71 -70.87
N LYS B 709 21.62 -28.50 -71.94
CA LYS B 709 20.56 -29.53 -72.01
C LYS B 709 20.96 -30.85 -71.41
N ILE B 710 20.06 -31.45 -70.65
CA ILE B 710 20.39 -32.65 -69.85
C ILE B 710 20.41 -33.94 -70.69
N THR C 27 41.09 -30.45 23.71
CA THR C 27 42.07 -31.25 22.86
C THR C 27 41.56 -31.65 21.44
N LYS C 28 40.23 -31.76 21.28
CA LYS C 28 39.61 -32.11 20.03
C LYS C 28 38.14 -31.63 20.08
N PHE C 29 37.62 -31.08 18.99
CA PHE C 29 36.23 -30.61 18.96
C PHE C 29 35.26 -31.76 18.93
N PRO C 30 34.06 -31.57 19.51
CA PRO C 30 33.03 -32.62 19.40
C PRO C 30 32.59 -32.82 17.94
N LEU C 31 32.16 -34.03 17.60
CA LEU C 31 31.56 -34.29 16.29
C LEU C 31 30.20 -33.59 16.20
N LEU C 32 29.65 -33.52 15.00
CA LEU C 32 28.32 -32.89 14.76
C LEU C 32 27.19 -33.56 15.52
N SER C 33 27.27 -34.88 15.69
CA SER C 33 26.30 -35.63 16.47
C SER C 33 27.01 -36.69 17.32
N SER C 34 26.32 -37.14 18.38
CA SER C 34 26.76 -38.30 19.16
C SER C 34 26.66 -39.62 18.33
N LYS C 35 25.79 -39.61 17.33
CA LYS C 35 25.57 -40.76 16.44
C LYS C 35 26.66 -41.09 15.44
N ILE C 36 27.39 -40.07 15.02
CA ILE C 36 28.42 -40.25 14.00
C ILE C 36 29.79 -40.36 14.61
N SER C 37 30.70 -40.96 13.86
CA SER C 37 32.01 -41.34 14.37
C SER C 37 33.17 -40.98 13.44
N GLY C 38 32.90 -40.27 12.35
CA GLY C 38 33.93 -39.96 11.38
C GLY C 38 33.46 -38.86 10.48
N LEU C 39 34.03 -38.80 9.29
CA LEU C 39 33.67 -37.77 8.32
C LEU C 39 32.36 -38.11 7.67
N LEU C 40 31.54 -37.13 7.36
CA LEU C 40 30.31 -37.39 6.59
C LEU C 40 30.56 -37.19 5.09
N HIS C 41 29.79 -37.94 4.30
CA HIS C 41 29.89 -37.92 2.85
C HIS C 41 28.50 -37.96 2.32
N GLY C 42 28.09 -36.99 1.51
CA GLY C 42 26.69 -36.97 1.11
C GLY C 42 26.22 -35.96 0.09
N ALA C 43 24.92 -35.65 0.12
CA ALA C 43 24.32 -34.83 -0.91
C ALA C 43 22.96 -34.22 -0.55
N ASP C 44 22.64 -33.07 -1.18
CA ASP C 44 21.25 -32.62 -1.30
C ASP C 44 20.46 -33.68 -2.08
N TYR C 45 19.31 -34.07 -1.54
CA TYR C 45 18.55 -35.20 -2.07
C TYR C 45 17.07 -34.78 -2.20
N ASN C 46 16.52 -34.92 -3.40
CA ASN C 46 15.16 -34.43 -3.66
C ASN C 46 14.31 -35.54 -4.22
N PRO C 47 14.00 -36.54 -3.38
CA PRO C 47 13.23 -37.71 -3.79
C PRO C 47 11.81 -37.35 -4.19
N GLU C 48 11.30 -36.26 -3.64
CA GLU C 48 9.96 -35.77 -3.98
C GLU C 48 9.72 -35.50 -5.46
N GLN C 49 10.79 -35.42 -6.25
CA GLN C 49 10.70 -35.25 -7.69
C GLN C 49 10.46 -36.58 -8.37
N TRP C 50 10.62 -37.67 -7.64
CA TRP C 50 10.71 -39.05 -8.20
C TRP C 50 9.68 -40.05 -7.60
N LEU C 51 8.65 -39.53 -6.93
CA LEU C 51 7.67 -40.40 -6.23
C LEU C 51 6.90 -41.35 -7.17
N ASP C 52 6.79 -40.99 -8.43
CA ASP C 52 6.22 -41.86 -9.45
C ASP C 52 7.07 -43.08 -9.88
N HIS C 53 8.31 -43.18 -9.40
CA HIS C 53 9.17 -44.31 -9.74
C HIS C 53 9.77 -44.76 -8.43
N PRO C 54 9.03 -45.59 -7.70
CA PRO C 54 9.57 -46.20 -6.48
C PRO C 54 10.90 -46.99 -6.68
N ASP C 55 11.03 -47.68 -7.82
CA ASP C 55 12.31 -48.33 -8.20
C ASP C 55 13.48 -47.35 -8.12
N VAL C 56 13.26 -46.11 -8.54
CA VAL C 56 14.30 -45.07 -8.43
C VAL C 56 14.68 -44.88 -6.95
N LEU C 57 13.67 -44.73 -6.11
CA LEU C 57 13.92 -44.42 -4.71
C LEU C 57 14.64 -45.53 -3.97
N VAL C 58 14.32 -46.79 -4.31
CA VAL C 58 15.08 -47.97 -3.86
C VAL C 58 16.52 -47.95 -4.35
N ARG C 59 16.70 -47.82 -5.67
CA ARG C 59 18.02 -47.77 -6.32
C ARG C 59 18.89 -46.63 -5.76
N ASP C 60 18.28 -45.46 -5.55
CA ASP C 60 18.94 -44.36 -4.82
C ASP C 60 19.72 -44.91 -3.61
N VAL C 61 19.02 -45.58 -2.71
CA VAL C 61 19.57 -45.97 -1.41
C VAL C 61 20.68 -47.01 -1.57
N GLU C 62 20.49 -47.91 -2.52
CA GLU C 62 21.48 -48.93 -2.81
C GLU C 62 22.75 -48.29 -3.28
N MET C 63 22.60 -47.33 -4.18
CA MET C 63 23.75 -46.59 -4.69
C MET C 63 24.38 -45.66 -3.64
N MET C 64 23.57 -45.13 -2.74
CA MET C 64 24.09 -44.30 -1.65
C MET C 64 25.04 -45.04 -0.75
N LYS C 65 24.73 -46.29 -0.45
CA LYS C 65 25.62 -47.11 0.34
C LYS C 65 26.84 -47.56 -0.48
N GLU C 66 26.64 -47.83 -1.75
CA GLU C 66 27.73 -48.27 -2.66
C GLU C 66 28.77 -47.18 -2.88
N ALA C 67 28.36 -45.93 -2.72
CA ALA C 67 29.25 -44.74 -2.78
C ALA C 67 29.74 -44.28 -1.39
N ARG C 68 29.40 -45.02 -0.34
CA ARG C 68 29.71 -44.64 1.02
C ARG C 68 29.27 -43.24 1.37
N CYS C 69 28.03 -42.96 1.05
CA CYS C 69 27.41 -41.71 1.41
C CYS C 69 26.60 -41.98 2.67
N ASN C 70 26.92 -41.31 3.78
CA ASN C 70 26.21 -41.51 5.07
C ASN C 70 25.35 -40.31 5.52
N VAL C 71 25.20 -39.28 4.68
CA VAL C 71 24.29 -38.17 5.00
C VAL C 71 23.61 -37.67 3.76
N MET C 72 22.40 -37.14 3.94
CA MET C 72 21.67 -36.44 2.89
C MET C 72 20.93 -35.27 3.48
N SER C 73 20.82 -34.20 2.72
CA SER C 73 20.03 -33.05 3.15
C SER C 73 18.72 -33.20 2.43
N VAL C 74 17.62 -33.14 3.18
CA VAL C 74 16.28 -33.43 2.67
C VAL C 74 15.31 -32.32 3.08
N GLY C 75 14.45 -31.93 2.12
CA GLY C 75 13.32 -31.03 2.37
C GLY C 75 13.51 -29.59 1.96
N ILE C 76 14.63 -29.30 1.30
CA ILE C 76 15.06 -27.92 1.01
C ILE C 76 14.05 -27.15 0.13
N PHE C 77 13.61 -27.78 -0.96
CA PHE C 77 12.62 -27.19 -1.89
C PHE C 77 11.32 -28.01 -1.93
N SER C 78 10.88 -28.41 -0.74
CA SER C 78 9.77 -29.32 -0.60
C SER C 78 8.48 -28.67 -0.11
N TRP C 79 8.41 -27.34 -0.10
CA TRP C 79 7.23 -26.70 0.47
C TRP C 79 5.98 -27.16 -0.25
N SER C 80 5.95 -27.12 -1.57
CA SER C 80 4.71 -27.49 -2.29
C SER C 80 4.45 -29.01 -2.25
N ALA C 81 5.48 -29.80 -1.92
CA ALA C 81 5.38 -31.24 -1.66
C ALA C 81 4.93 -31.57 -0.24
N LEU C 82 5.00 -30.58 0.64
CA LEU C 82 4.55 -30.69 2.02
C LEU C 82 3.21 -30.00 2.26
N GLU C 83 2.89 -28.94 1.52
CA GLU C 83 1.64 -28.20 1.75
C GLU C 83 1.05 -27.72 0.42
N PRO C 84 0.52 -28.66 -0.38
CA PRO C 84 0.09 -28.36 -1.75
C PRO C 84 -1.13 -27.49 -1.81
N GLU C 85 -1.90 -27.43 -0.72
CA GLU C 85 -2.91 -26.37 -0.50
C GLU C 85 -2.69 -25.79 0.88
N GLU C 86 -3.04 -24.51 1.04
CA GLU C 86 -2.93 -23.82 2.34
C GLU C 86 -3.56 -24.58 3.52
N GLY C 87 -2.79 -24.79 4.58
CA GLY C 87 -3.24 -25.54 5.76
C GLY C 87 -3.26 -27.06 5.61
N ARG C 88 -3.29 -27.56 4.38
CA ARG C 88 -3.42 -28.98 4.13
C ARG C 88 -2.04 -29.60 3.83
N TYR C 89 -1.58 -30.50 4.72
CA TYR C 89 -0.23 -31.09 4.66
C TYR C 89 -0.20 -32.49 4.04
N THR C 90 0.96 -32.92 3.53
CA THR C 90 1.18 -34.28 2.98
C THR C 90 2.59 -34.75 3.34
N PHE C 91 2.77 -35.27 4.57
CA PHE C 91 4.08 -35.70 5.08
C PHE C 91 4.50 -37.16 4.79
N ASP C 92 3.65 -37.93 4.14
CA ASP C 92 3.87 -39.39 4.07
C ASP C 92 5.12 -39.79 3.32
N TRP C 93 5.37 -39.14 2.17
CA TRP C 93 6.60 -39.41 1.37
C TRP C 93 7.90 -39.13 2.18
N MET C 94 7.84 -38.12 3.04
CA MET C 94 8.98 -37.75 3.86
C MET C 94 9.17 -38.76 5.00
N ASP C 95 8.06 -39.17 5.63
CA ASP C 95 8.11 -40.23 6.65
C ASP C 95 8.80 -41.43 6.08
N GLN C 96 8.35 -41.85 4.90
CA GLN C 96 8.96 -42.93 4.10
C GLN C 96 10.48 -42.77 3.96
N VAL C 97 10.87 -41.61 3.43
CA VAL C 97 12.25 -41.30 3.07
C VAL C 97 13.18 -41.36 4.28
N LEU C 98 12.80 -40.64 5.33
CA LEU C 98 13.55 -40.64 6.58
C LEU C 98 13.67 -42.06 7.20
N ASN C 99 12.60 -42.85 7.13
CA ASN C 99 12.63 -44.22 7.63
C ASN C 99 13.58 -45.10 6.84
N ARG C 100 13.53 -44.98 5.51
CA ARG C 100 14.36 -45.77 4.63
C ARG C 100 15.86 -45.42 4.73
N LEU C 101 16.17 -44.13 4.86
CA LEU C 101 17.56 -43.70 5.05
C LEU C 101 18.11 -44.23 6.37
N HIS C 102 17.32 -44.07 7.44
CA HIS C 102 17.68 -44.58 8.76
C HIS C 102 17.90 -46.10 8.76
N GLU C 103 17.00 -46.83 8.11
CA GLU C 103 17.15 -48.29 8.01
C GLU C 103 18.43 -48.71 7.30
N ASN C 104 18.99 -47.81 6.50
CA ASN C 104 20.18 -48.08 5.71
C ASN C 104 21.43 -47.33 6.21
N GLY C 105 21.37 -46.87 7.46
CA GLY C 105 22.52 -46.26 8.12
C GLY C 105 22.95 -44.96 7.48
N ILE C 106 21.97 -44.13 7.11
CA ILE C 106 22.23 -42.81 6.50
C ILE C 106 21.54 -41.71 7.32
N SER C 107 22.31 -40.73 7.77
CA SER C 107 21.75 -39.66 8.57
C SER C 107 21.13 -38.60 7.68
N VAL C 108 20.45 -37.63 8.29
CA VAL C 108 19.77 -36.58 7.55
C VAL C 108 19.92 -35.23 8.20
N PHE C 109 20.27 -34.24 7.40
CA PHE C 109 20.06 -32.86 7.78
C PHE C 109 18.73 -32.56 7.17
N LEU C 110 17.75 -32.41 8.03
CA LEU C 110 16.42 -32.04 7.59
C LEU C 110 16.39 -30.52 7.39
N ALA C 111 15.89 -30.07 6.26
CA ALA C 111 15.80 -28.64 5.97
C ALA C 111 14.44 -28.04 6.29
N THR C 112 14.41 -26.75 6.62
CA THR C 112 13.19 -25.97 6.60
C THR C 112 13.03 -25.43 5.15
N PRO C 113 11.80 -25.49 4.61
CA PRO C 113 11.64 -25.29 3.17
C PRO C 113 11.48 -23.84 2.72
N SER C 114 11.87 -22.88 3.56
CA SER C 114 11.60 -21.45 3.30
C SER C 114 12.33 -20.84 2.09
N GLY C 115 13.23 -21.59 1.45
CA GLY C 115 13.92 -21.12 0.24
C GLY C 115 13.07 -21.01 -1.02
N ALA C 116 11.90 -21.62 -1.02
CA ALA C 116 10.96 -21.45 -2.13
C ALA C 116 9.51 -21.65 -1.66
N ARG C 117 8.80 -20.54 -1.42
CA ARG C 117 7.30 -20.49 -1.28
C ARG C 117 6.53 -21.25 -2.40
N PRO C 118 5.33 -21.79 -2.10
CA PRO C 118 4.52 -22.34 -3.16
C PRO C 118 3.80 -21.26 -3.95
N ALA C 119 3.41 -21.58 -5.18
CA ALA C 119 2.73 -20.64 -6.05
C ALA C 119 1.45 -20.03 -5.44
N TRP C 120 0.65 -20.86 -4.75
CA TRP C 120 -0.59 -20.41 -4.07
C TRP C 120 -0.33 -19.35 -3.00
N MET C 121 0.79 -19.47 -2.29
CA MET C 121 1.13 -18.50 -1.26
C MET C 121 1.45 -17.14 -1.84
N SER C 122 2.18 -17.10 -2.97
CA SER C 122 2.46 -15.84 -3.70
C SER C 122 1.20 -15.20 -4.26
N GLN C 123 0.31 -16.06 -4.74
CA GLN C 123 -0.96 -15.62 -5.33
C GLN C 123 -1.85 -14.99 -4.25
N LYS C 124 -1.96 -15.66 -3.10
CA LYS C 124 -2.87 -15.24 -2.06
C LYS C 124 -2.27 -14.18 -1.13
N TYR C 125 -0.97 -14.22 -0.90
CA TYR C 125 -0.30 -13.21 -0.10
C TYR C 125 0.84 -12.62 -0.89
N PRO C 126 0.55 -11.60 -1.74
CA PRO C 126 1.60 -10.98 -2.57
C PRO C 126 2.67 -10.28 -1.77
N GLN C 127 2.40 -10.03 -0.49
CA GLN C 127 3.37 -9.40 0.40
C GLN C 127 4.62 -10.22 0.69
N VAL C 128 4.58 -11.51 0.37
CA VAL C 128 5.75 -12.42 0.48
C VAL C 128 6.78 -12.23 -0.64
N LEU C 129 6.34 -11.61 -1.73
CA LEU C 129 7.25 -11.25 -2.81
C LEU C 129 8.07 -10.01 -2.43
N ARG C 130 9.23 -9.85 -3.06
CA ARG C 130 10.10 -8.70 -2.85
C ARG C 130 9.76 -7.53 -3.77
N VAL C 131 10.16 -6.34 -3.36
CA VAL C 131 10.24 -5.21 -4.25
C VAL C 131 11.73 -4.95 -4.45
N GLY C 132 12.17 -4.90 -5.72
CA GLY C 132 13.61 -4.66 -6.05
C GLY C 132 14.18 -3.31 -5.65
N ARG C 133 15.51 -3.21 -5.66
CA ARG C 133 16.24 -1.93 -5.49
C ARG C 133 15.74 -0.84 -6.44
N ASP C 134 15.50 -1.22 -7.69
CA ASP C 134 14.87 -0.32 -8.67
C ASP C 134 13.34 -0.04 -8.46
N ARG C 135 12.79 -0.49 -7.32
CA ARG C 135 11.38 -0.37 -6.99
C ARG C 135 10.42 -1.15 -7.87
N VAL C 136 10.94 -2.01 -8.74
CA VAL C 136 10.12 -2.93 -9.54
C VAL C 136 9.69 -4.05 -8.61
N PRO C 137 8.38 -4.34 -8.55
CA PRO C 137 7.88 -5.44 -7.71
C PRO C 137 8.01 -6.81 -8.36
N ALA C 138 8.54 -7.79 -7.63
CA ALA C 138 8.75 -9.12 -8.20
C ALA C 138 7.43 -9.86 -8.42
N LEU C 139 7.37 -10.70 -9.45
CA LEU C 139 6.30 -11.67 -9.55
C LEU C 139 6.76 -12.96 -8.92
N HIS C 140 5.85 -13.90 -8.81
CA HIS C 140 6.21 -15.25 -8.34
C HIS C 140 7.25 -15.90 -9.28
N GLY C 141 8.13 -16.72 -8.71
CA GLY C 141 9.14 -17.47 -9.44
C GLY C 141 10.50 -17.33 -8.79
N GLY C 142 11.47 -18.09 -9.29
CA GLY C 142 12.79 -18.11 -8.69
C GLY C 142 12.82 -18.73 -7.31
N ARG C 143 13.76 -18.25 -6.52
CA ARG C 143 14.04 -18.79 -5.19
C ARG C 143 14.75 -17.75 -4.34
N HIS C 144 14.84 -18.03 -3.05
CA HIS C 144 15.59 -17.25 -2.07
C HIS C 144 15.20 -15.74 -2.09
N ASN C 145 13.98 -15.45 -2.53
CA ASN C 145 13.54 -14.08 -2.89
C ASN C 145 12.25 -13.62 -2.16
N HIS C 146 12.22 -13.95 -0.87
CA HIS C 146 11.11 -13.64 0.00
C HIS C 146 11.38 -12.32 0.70
N CYS C 147 10.34 -11.56 0.96
CA CYS C 147 10.48 -10.36 1.80
C CYS C 147 10.70 -10.83 3.23
N MET C 148 11.59 -10.18 3.94
CA MET C 148 12.03 -10.69 5.24
C MET C 148 11.36 -9.96 6.42
N SER C 149 10.61 -8.91 6.11
CA SER C 149 9.78 -8.24 7.07
C SER C 149 8.38 -8.86 7.07
N SER C 150 7.96 -9.45 5.95
CA SER C 150 6.59 -10.01 5.76
C SER C 150 6.02 -10.83 6.94
N PRO C 151 5.08 -10.25 7.71
CA PRO C 151 4.50 -10.99 8.82
C PRO C 151 3.82 -12.30 8.40
N VAL C 152 3.14 -12.31 7.27
CA VAL C 152 2.53 -13.53 6.76
C VAL C 152 3.57 -14.63 6.49
N TYR C 153 4.69 -14.28 5.85
CA TYR C 153 5.71 -15.31 5.51
C TYR C 153 6.48 -15.83 6.71
N ARG C 154 6.72 -14.96 7.66
CA ARG C 154 7.37 -15.36 8.90
C ARG C 154 6.46 -16.25 9.73
N GLU C 155 5.16 -15.96 9.72
CA GLU C 155 4.19 -16.82 10.41
C GLU C 155 4.05 -18.17 9.70
N LYS C 156 4.02 -18.15 8.37
CA LYS C 156 3.87 -19.40 7.64
C LYS C 156 5.09 -20.27 7.89
N VAL C 157 6.25 -19.63 7.99
CA VAL C 157 7.49 -20.31 8.28
C VAL C 157 7.49 -20.86 9.71
N GLN C 158 6.93 -20.09 10.63
CA GLN C 158 6.70 -20.60 12.01
C GLN C 158 5.84 -21.86 12.01
N LEU C 159 4.69 -21.83 11.34
CA LEU C 159 3.82 -23.01 11.30
C LEU C 159 4.53 -24.19 10.65
N MET C 160 5.03 -24.01 9.43
CA MET C 160 5.69 -25.09 8.72
C MET C 160 6.85 -25.69 9.53
N ASN C 161 7.65 -24.83 10.16
CA ASN C 161 8.80 -25.32 10.93
C ASN C 161 8.34 -26.06 12.18
N GLY C 162 7.29 -25.54 12.82
CA GLY C 162 6.65 -26.19 13.95
C GLY C 162 6.07 -27.55 13.58
N GLN C 163 5.50 -27.68 12.39
CA GLN C 163 5.06 -29.02 11.92
C GLN C 163 6.23 -29.98 11.88
N LEU C 164 7.28 -29.58 11.16
CA LEU C 164 8.46 -30.43 10.87
C LEU C 164 9.10 -30.88 12.15
N ALA C 165 9.22 -29.95 13.09
CA ALA C 165 9.83 -30.19 14.40
C ALA C 165 9.03 -31.15 15.27
N LYS C 166 7.73 -30.95 15.35
CA LYS C 166 6.89 -31.82 16.19
C LYS C 166 6.85 -33.19 15.58
N ARG C 167 6.82 -33.25 14.26
CA ARG C 167 6.82 -34.53 13.58
C ARG C 167 8.18 -35.23 13.64
N TYR C 168 9.29 -34.48 13.44
CA TYR C 168 10.62 -35.11 13.15
C TYR C 168 11.78 -34.79 14.10
N ALA C 169 11.60 -33.91 15.07
CA ALA C 169 12.73 -33.53 15.93
C ALA C 169 13.36 -34.68 16.70
N HIS C 170 12.66 -35.81 16.81
CA HIS C 170 13.17 -36.98 17.50
C HIS C 170 13.30 -38.18 16.60
N HIS C 171 13.22 -37.98 15.29
CA HIS C 171 13.43 -39.06 14.32
C HIS C 171 14.91 -39.44 14.32
N PRO C 172 15.22 -40.73 14.40
CA PRO C 172 16.61 -41.17 14.60
C PRO C 172 17.60 -40.84 13.48
N ALA C 173 17.09 -40.69 12.27
CA ALA C 173 17.87 -40.23 11.07
C ALA C 173 18.44 -38.82 11.17
N VAL C 174 17.66 -37.93 11.78
CA VAL C 174 17.96 -36.51 11.80
C VAL C 174 19.11 -36.21 12.74
N ILE C 175 20.13 -35.52 12.23
CA ILE C 175 21.32 -35.09 13.02
C ILE C 175 21.50 -33.56 13.13
N GLY C 176 20.77 -32.81 12.31
CA GLY C 176 20.79 -31.35 12.37
C GLY C 176 19.72 -30.69 11.53
N TRP C 177 19.64 -29.38 11.65
CA TRP C 177 18.75 -28.57 10.89
C TRP C 177 19.45 -27.71 9.78
N HIS C 178 18.96 -27.81 8.55
CA HIS C 178 19.42 -27.05 7.40
C HIS C 178 18.48 -25.86 7.19
N ILE C 179 18.77 -24.74 7.83
CA ILE C 179 17.83 -23.63 7.87
C ILE C 179 17.73 -22.94 6.50
N SER C 180 16.52 -22.86 5.92
CA SER C 180 16.32 -22.31 4.56
C SER C 180 17.29 -22.90 3.48
N ASN C 181 17.70 -22.08 2.53
CA ASN C 181 18.77 -22.40 1.57
C ASN C 181 19.36 -21.08 1.05
N GLU C 182 20.69 -20.95 1.18
CA GLU C 182 21.45 -19.80 0.71
C GLU C 182 20.70 -18.50 0.79
N TYR C 183 20.48 -18.04 2.01
CA TYR C 183 19.88 -16.73 2.22
C TYR C 183 20.65 -15.72 1.35
N GLY C 184 19.91 -14.80 0.73
CA GLY C 184 20.51 -13.76 -0.12
C GLY C 184 19.50 -12.73 -0.60
N GLY C 185 20.00 -11.57 -1.01
CA GLY C 185 19.23 -10.52 -1.65
C GLY C 185 18.65 -9.56 -0.64
N GLU C 186 17.84 -8.66 -1.16
CA GLU C 186 17.28 -7.58 -0.35
C GLU C 186 15.86 -7.20 -0.82
N CYS C 187 15.08 -6.61 0.08
CA CYS C 187 13.73 -6.16 -0.22
C CYS C 187 13.58 -4.68 0.14
N HIS C 188 12.92 -3.93 -0.76
CA HIS C 188 12.75 -2.47 -0.64
C HIS C 188 11.28 -2.07 -0.58
N CYS C 189 10.38 -3.02 -0.29
CA CYS C 189 8.94 -2.75 -0.12
C CYS C 189 8.69 -1.83 1.09
N ASP C 190 7.52 -1.20 1.13
CA ASP C 190 7.26 -0.18 2.13
C ASP C 190 7.34 -0.66 3.58
N THR C 191 7.11 -1.96 3.78
CA THR C 191 7.25 -2.56 5.11
C THR C 191 8.75 -2.55 5.49
N CYS C 192 9.60 -2.99 4.57
CA CYS C 192 11.08 -2.99 4.80
C CYS C 192 11.72 -1.58 4.98
N GLN C 193 11.13 -0.60 4.32
CA GLN C 193 11.46 0.81 4.51
C GLN C 193 11.11 1.29 5.91
N GLY C 194 9.95 0.84 6.41
CA GLY C 194 9.51 1.20 7.75
C GLY C 194 10.42 0.59 8.77
N GLN C 195 10.68 -0.70 8.55
CA GLN C 195 11.57 -1.51 9.38
C GLN C 195 12.97 -0.84 9.44
N PHE C 196 13.48 -0.46 8.27
CA PHE C 196 14.74 0.28 8.16
C PHE C 196 14.75 1.64 8.93
N ARG C 197 13.72 2.46 8.77
CA ARG C 197 13.62 3.72 9.56
C ARG C 197 13.67 3.49 11.09
N ASP C 198 12.97 2.44 11.56
CA ASP C 198 12.99 2.05 12.99
C ASP C 198 14.35 1.54 13.42
N TRP C 199 15.04 0.84 12.51
CA TRP C 199 16.42 0.40 12.74
C TRP C 199 17.38 1.57 12.92
N LEU C 200 17.31 2.51 11.99
CA LEU C 200 18.19 3.73 12.04
C LEU C 200 17.92 4.61 13.24
N LYS C 201 16.64 4.76 13.58
CA LYS C 201 16.25 5.56 14.75
C LYS C 201 16.74 4.93 16.07
N ALA C 202 16.64 3.61 16.16
CA ALA C 202 17.11 2.87 17.34
C ALA C 202 18.66 2.88 17.50
N ARG C 203 19.36 3.18 16.41
CA ARG C 203 20.80 3.18 16.38
C ARG C 203 21.41 4.58 16.45
N TYR C 204 20.83 5.54 15.77
CA TYR C 204 21.26 6.92 15.90
C TYR C 204 20.58 7.74 16.98
N VAL C 205 19.37 7.34 17.40
CA VAL C 205 18.58 8.09 18.40
C VAL C 205 18.00 9.41 17.86
N THR C 206 18.86 10.31 17.39
CA THR C 206 18.40 11.56 16.78
C THR C 206 18.90 11.73 15.35
N LEU C 207 18.19 12.56 14.58
CA LEU C 207 18.57 12.93 13.21
C LEU C 207 19.85 13.75 13.19
N ASP C 208 20.07 14.49 14.26
CA ASP C 208 21.30 15.22 14.45
C ASP C 208 22.54 14.32 14.27
N ALA C 209 22.56 13.23 15.05
CA ALA C 209 23.64 12.26 15.03
C ALA C 209 23.80 11.63 13.62
N LEU C 210 22.66 11.34 12.98
CA LEU C 210 22.64 10.66 11.70
C LEU C 210 23.23 11.55 10.62
N ASN C 211 22.69 12.75 10.54
CA ASN C 211 23.20 13.74 9.59
C ASN C 211 24.72 13.98 9.73
N LYS C 212 25.20 13.98 10.97
CA LYS C 212 26.63 14.12 11.23
C LYS C 212 27.39 12.91 10.81
N ALA C 213 26.89 11.73 11.12
CA ALA C 213 27.60 10.52 10.74
C ALA C 213 27.77 10.41 9.22
N TRP C 214 26.71 10.75 8.47
CA TRP C 214 26.69 10.58 7.02
C TRP C 214 27.17 11.82 6.25
N TRP C 215 27.48 12.90 6.97
CA TRP C 215 27.91 14.15 6.35
C TRP C 215 26.89 14.60 5.28
N SER C 216 25.62 14.64 5.69
CA SER C 216 24.50 14.86 4.79
C SER C 216 24.27 16.33 4.40
N THR C 217 25.04 17.25 4.95
CA THR C 217 24.96 18.64 4.51
C THR C 217 25.51 18.80 3.07
N PHE C 218 26.39 17.88 2.70
CA PHE C 218 26.83 17.66 1.34
C PHE C 218 25.68 17.45 0.37
N TRP C 219 25.68 18.22 -0.69
CA TRP C 219 24.56 18.28 -1.64
C TRP C 219 23.21 18.43 -0.96
N SER C 220 23.19 19.14 0.16
CA SER C 220 21.93 19.54 0.79
C SER C 220 21.00 18.32 1.06
N HIS C 221 21.59 17.27 1.63
CA HIS C 221 20.86 16.02 1.85
C HIS C 221 20.37 15.90 3.26
N THR C 222 20.44 17.00 4.02
CA THR C 222 20.04 17.02 5.44
C THR C 222 18.61 16.45 5.64
N TYR C 223 18.55 15.34 6.36
CA TYR C 223 17.28 14.76 6.72
C TYR C 223 16.68 15.53 7.90
N THR C 224 15.47 16.05 7.73
CA THR C 224 14.78 16.80 8.82
C THR C 224 13.57 16.04 9.39
N ASP C 225 13.37 14.80 8.93
CA ASP C 225 12.32 13.96 9.45
C ASP C 225 12.64 12.52 9.14
N TRP C 226 12.38 11.63 10.10
CA TRP C 226 12.62 10.21 9.93
C TRP C 226 11.88 9.58 8.75
N SER C 227 10.74 10.15 8.36
CA SER C 227 10.00 9.63 7.20
C SER C 227 10.70 9.89 5.86
N GLN C 228 11.60 10.88 5.83
CA GLN C 228 12.39 11.19 4.64
C GLN C 228 13.40 10.10 4.30
N LEU C 229 13.84 9.33 5.27
CA LEU C 229 14.78 8.27 5.01
C LEU C 229 14.17 7.17 4.14
N GLU C 230 15.01 6.65 3.25
CA GLU C 230 14.66 5.71 2.17
C GLU C 230 15.85 4.80 1.82
N SER C 231 15.57 3.55 1.50
CA SER C 231 16.63 2.64 1.07
C SER C 231 17.15 3.14 -0.26
N PRO C 232 18.40 2.87 -0.58
CA PRO C 232 18.98 3.37 -1.82
C PRO C 232 18.29 2.86 -3.08
N SER C 233 18.49 3.58 -4.17
CA SER C 233 17.89 3.24 -5.45
C SER C 233 18.70 3.93 -6.53
N PRO C 234 18.59 3.45 -7.78
CA PRO C 234 19.29 4.10 -8.90
C PRO C 234 18.59 5.38 -9.42
N GLN C 235 17.25 5.44 -9.35
CA GLN C 235 16.50 6.66 -9.66
C GLN C 235 16.33 7.61 -8.43
N GLY C 236 16.86 7.22 -7.27
CA GLY C 236 16.72 8.03 -6.07
C GLY C 236 18.07 8.42 -5.57
N GLU C 237 18.53 7.79 -4.50
CA GLU C 237 19.75 8.15 -3.81
C GLU C 237 20.62 6.92 -3.72
N ASN C 238 21.80 7.03 -4.28
CA ASN C 238 22.80 5.99 -4.07
C ASN C 238 24.21 6.53 -4.04
N GLY C 239 24.37 7.80 -3.66
CA GLY C 239 25.67 8.41 -3.39
C GLY C 239 25.96 8.78 -1.93
N VAL C 240 25.01 8.48 -1.02
CA VAL C 240 25.22 8.66 0.40
C VAL C 240 25.76 7.31 0.94
N HIS C 241 27.05 7.30 1.19
CA HIS C 241 27.75 6.10 1.64
C HIS C 241 27.24 5.61 2.98
N GLY C 242 26.92 6.55 3.87
CA GLY C 242 26.45 6.20 5.20
C GLY C 242 25.22 5.33 5.13
N LEU C 243 24.36 5.71 4.19
CA LEU C 243 23.09 5.05 3.94
C LEU C 243 23.31 3.73 3.25
N ASN C 244 24.20 3.68 2.29
CA ASN C 244 24.50 2.38 1.59
C ASN C 244 25.09 1.33 2.55
N LEU C 245 26.05 1.77 3.35
CA LEU C 245 26.67 0.95 4.37
C LEU C 245 25.68 0.46 5.43
N ASP C 246 24.87 1.36 6.02
CA ASP C 246 23.84 0.95 7.01
C ASP C 246 22.71 0.11 6.44
N TRP C 247 22.40 0.32 5.17
CA TRP C 247 21.44 -0.54 4.46
C TRP C 247 21.90 -2.00 4.47
N ARG C 248 23.19 -2.22 4.25
CA ARG C 248 23.79 -3.58 4.34
C ARG C 248 23.87 -4.15 5.76
N ARG C 249 24.11 -3.29 6.75
CA ARG C 249 24.07 -3.76 8.12
C ARG C 249 22.65 -4.20 8.49
N PHE C 250 21.66 -3.37 8.10
CA PHE C 250 20.23 -3.65 8.31
C PHE C 250 19.74 -4.95 7.64
N ASN C 251 20.08 -5.17 6.38
CA ASN C 251 19.82 -6.48 5.76
C ASN C 251 20.46 -7.63 6.51
N THR C 252 21.68 -7.42 7.07
CA THR C 252 22.35 -8.47 7.85
C THR C 252 21.52 -8.78 9.10
N ASP C 253 21.12 -7.73 9.83
CA ASP C 253 20.21 -7.87 11.01
C ASP C 253 18.83 -8.48 10.67
N GLN C 254 18.26 -8.09 9.52
CA GLN C 254 17.01 -8.68 9.04
C GLN C 254 17.07 -10.18 8.85
N VAL C 255 18.12 -10.64 8.19
CA VAL C 255 18.30 -12.07 7.92
C VAL C 255 18.72 -12.84 9.17
N THR C 256 19.49 -12.18 10.05
CA THR C 256 19.90 -12.78 11.32
C THR C 256 18.67 -13.07 12.16
N ARG C 257 17.79 -12.06 12.30
CA ARG C 257 16.51 -12.22 12.98
C ARG C 257 15.61 -13.27 12.35
N PHE C 258 15.42 -13.17 11.04
CA PHE C 258 14.67 -14.19 10.29
C PHE C 258 15.17 -15.60 10.55
N CYS C 259 16.48 -15.83 10.50
CA CYS C 259 17.05 -17.16 10.74
C CYS C 259 16.87 -17.62 12.21
N SER C 260 17.00 -16.70 13.20
CA SER C 260 16.69 -17.01 14.63
C SER C 260 15.28 -17.52 14.78
N GLU C 261 14.35 -16.79 14.19
CA GLU C 261 12.93 -17.10 14.22
C GLU C 261 12.60 -18.42 13.57
N GLU C 262 13.31 -18.78 12.51
CA GLU C 262 13.21 -20.14 11.96
C GLU C 262 13.70 -21.21 12.90
N ILE C 263 14.72 -20.91 13.70
CA ILE C 263 15.40 -21.90 14.56
C ILE C 263 14.62 -22.25 15.84
N ARG C 264 13.87 -21.29 16.37
CA ARG C 264 13.29 -21.42 17.71
C ARG C 264 12.21 -22.44 17.94
N PRO C 265 11.25 -22.57 17.00
CA PRO C 265 10.32 -23.71 17.10
C PRO C 265 10.98 -25.10 16.99
N LEU C 266 12.05 -25.19 16.21
CA LEU C 266 12.77 -26.46 16.06
C LEU C 266 13.40 -26.83 17.37
N LYS C 267 14.12 -25.88 17.97
CA LYS C 267 14.79 -26.10 19.26
C LYS C 267 13.79 -26.46 20.38
N ALA C 268 12.69 -25.69 20.45
CA ALA C 268 11.57 -25.92 21.38
C ALA C 268 11.16 -27.39 21.45
N GLU C 269 11.20 -28.12 20.33
CA GLU C 269 10.90 -29.55 20.31
C GLU C 269 12.08 -30.46 20.63
N ASN C 270 13.31 -29.95 20.53
CA ASN C 270 14.53 -30.75 20.74
C ASN C 270 15.77 -29.87 20.77
N PRO C 271 16.10 -29.38 21.96
CA PRO C 271 17.22 -28.45 22.10
C PRO C 271 18.58 -29.03 21.75
N ALA C 272 18.70 -30.35 21.61
CA ALA C 272 19.98 -30.98 21.31
C ALA C 272 20.38 -30.94 19.82
N LEU C 273 19.43 -30.69 18.92
CA LEU C 273 19.72 -30.73 17.48
C LEU C 273 20.34 -29.41 17.01
N PRO C 274 21.57 -29.47 16.46
CA PRO C 274 22.24 -28.28 15.96
C PRO C 274 21.61 -27.76 14.67
N ALA C 275 21.76 -26.47 14.41
CA ALA C 275 21.21 -25.81 13.25
C ALA C 275 22.32 -25.06 12.52
N THR C 276 22.34 -25.20 11.19
CA THR C 276 23.12 -24.33 10.32
C THR C 276 22.25 -23.69 9.22
N THR C 277 22.86 -22.75 8.51
CA THR C 277 22.37 -22.35 7.19
C THR C 277 23.61 -22.35 6.28
N ASN C 278 23.43 -22.70 5.02
CA ASN C 278 24.54 -22.86 4.07
C ASN C 278 25.01 -21.54 3.41
N PHE C 279 26.25 -21.15 3.67
CA PHE C 279 26.85 -19.90 3.17
C PHE C 279 27.45 -20.01 1.77
N MET C 280 27.68 -18.87 1.12
CA MET C 280 28.17 -18.83 -0.27
C MET C 280 29.56 -18.22 -0.38
N GLU C 281 30.14 -18.42 -1.57
CA GLU C 281 31.53 -18.00 -1.89
C GLU C 281 31.75 -16.51 -1.71
N TYR C 282 32.63 -16.12 -0.78
CA TYR C 282 32.86 -14.70 -0.43
C TYR C 282 31.61 -13.79 -0.49
N PHE C 283 30.45 -14.31 -0.07
CA PHE C 283 29.18 -13.64 -0.27
C PHE C 283 29.16 -12.23 0.24
N ASN C 284 28.60 -11.32 -0.54
CA ASN C 284 28.70 -9.90 -0.26
C ASN C 284 27.51 -9.26 0.45
N ASP C 285 26.31 -9.81 0.26
CA ASP C 285 25.09 -9.15 0.78
C ASP C 285 25.05 -9.02 2.31
N TYR C 286 25.50 -10.07 3.01
CA TYR C 286 25.43 -10.15 4.47
C TYR C 286 26.78 -10.35 5.15
N ASP C 287 26.97 -9.67 6.29
CA ASP C 287 28.10 -9.90 7.20
C ASP C 287 27.89 -11.25 7.90
N TYR C 288 28.53 -12.28 7.38
CA TYR C 288 28.45 -13.62 7.96
C TYR C 288 28.92 -13.76 9.41
N TRP C 289 29.73 -12.84 9.91
CA TRP C 289 30.14 -12.84 11.33
C TRP C 289 28.97 -12.56 12.24
N LYS C 290 28.00 -11.78 11.76
CA LYS C 290 26.76 -11.55 12.52
C LYS C 290 25.81 -12.71 12.41
N LEU C 291 25.60 -13.18 11.18
CA LEU C 291 24.69 -14.31 10.90
C LEU C 291 25.11 -15.61 11.56
N ALA C 292 26.42 -15.81 11.69
CA ALA C 292 26.99 -17.02 12.27
C ALA C 292 26.67 -17.09 13.76
N GLY C 293 26.56 -15.94 14.43
CA GLY C 293 26.29 -15.96 15.87
C GLY C 293 25.04 -16.73 16.30
N VAL C 294 24.15 -16.98 15.34
CA VAL C 294 22.86 -17.56 15.57
C VAL C 294 22.87 -19.05 15.26
N LEU C 295 23.96 -19.56 14.68
CA LEU C 295 24.07 -20.97 14.25
C LEU C 295 24.92 -21.78 15.20
N ASP C 296 24.70 -23.08 15.22
CA ASP C 296 25.53 -23.91 16.06
C ASP C 296 26.79 -24.25 15.31
N PHE C 297 26.69 -24.57 14.03
CA PHE C 297 27.87 -24.88 13.23
C PHE C 297 27.75 -24.26 11.84
N ILE C 298 28.92 -24.17 11.19
CA ILE C 298 29.05 -23.44 9.95
C ILE C 298 28.99 -24.41 8.79
N SER C 299 28.36 -23.97 7.71
CA SER C 299 28.33 -24.77 6.50
C SER C 299 28.36 -23.86 5.27
N TRP C 300 28.94 -24.32 4.17
CA TRP C 300 29.02 -23.52 2.94
C TRP C 300 29.11 -24.30 1.63
N ASP C 301 29.00 -23.57 0.54
CA ASP C 301 28.71 -24.13 -0.76
C ASP C 301 29.77 -23.63 -1.71
N SER C 302 30.56 -24.55 -2.26
CA SER C 302 31.75 -24.19 -3.04
C SER C 302 31.70 -24.68 -4.46
N TYR C 303 31.72 -23.78 -5.43
CA TYR C 303 31.83 -24.14 -6.85
C TYR C 303 32.95 -23.39 -7.57
N PRO C 304 34.22 -23.75 -7.30
CA PRO C 304 35.34 -23.16 -8.02
C PRO C 304 35.30 -23.51 -9.50
N MET C 305 35.71 -22.61 -10.38
CA MET C 305 35.75 -22.91 -11.79
C MET C 305 37.07 -23.56 -12.16
N TRP C 306 37.27 -24.78 -11.68
CA TRP C 306 38.53 -25.52 -11.92
C TRP C 306 38.83 -25.68 -13.40
N HIS C 307 40.11 -25.59 -13.74
CA HIS C 307 40.65 -25.81 -15.09
C HIS C 307 40.23 -24.78 -16.12
N THR C 308 39.83 -23.60 -15.68
CA THR C 308 39.45 -22.52 -16.61
C THR C 308 40.54 -21.46 -16.88
N ARG C 309 41.64 -21.47 -16.10
CA ARG C 309 42.71 -20.46 -16.18
C ARG C 309 44.00 -21.15 -16.53
N GLN C 310 45.06 -20.34 -16.67
CA GLN C 310 46.44 -20.82 -16.87
C GLN C 310 46.85 -22.01 -15.98
N ASP C 311 46.40 -21.99 -14.71
CA ASP C 311 46.63 -23.05 -13.76
C ASP C 311 45.64 -22.91 -12.65
N ASP C 312 45.57 -23.91 -11.76
CA ASP C 312 44.58 -23.90 -10.70
C ASP C 312 45.14 -23.53 -9.34
N ILE C 313 46.34 -22.97 -9.30
CA ILE C 313 47.00 -22.72 -8.02
C ILE C 313 46.35 -21.51 -7.30
N GLY C 314 46.26 -20.39 -8.01
CA GLY C 314 45.61 -19.22 -7.48
C GLY C 314 44.18 -19.49 -7.03
N LEU C 315 43.43 -20.19 -7.87
CA LEU C 315 42.07 -20.58 -7.51
C LEU C 315 41.99 -21.48 -6.27
N ALA C 316 42.96 -22.38 -6.16
CA ALA C 316 43.01 -23.25 -5.01
C ALA C 316 43.30 -22.44 -3.71
N ALA C 317 44.27 -21.53 -3.75
CA ALA C 317 44.58 -20.73 -2.54
C ALA C 317 43.37 -19.87 -2.13
N TYR C 318 42.66 -19.38 -3.16
CA TYR C 318 41.48 -18.54 -3.01
C TYR C 318 40.36 -19.31 -2.33
N THR C 319 40.22 -20.59 -2.68
CA THR C 319 39.21 -21.47 -2.08
C THR C 319 39.61 -21.87 -0.65
N ALA C 320 40.87 -22.22 -0.49
CA ALA C 320 41.42 -22.54 0.82
C ALA C 320 41.22 -21.41 1.80
N MET C 321 41.44 -20.19 1.36
CA MET C 321 41.25 -19.07 2.27
C MET C 321 39.83 -19.04 2.80
N TYR C 322 38.87 -19.34 1.94
CA TYR C 322 37.50 -19.26 2.41
C TYR C 322 37.16 -20.39 3.34
N HIS C 323 37.72 -21.58 3.10
CA HIS C 323 37.58 -22.69 4.04
C HIS C 323 38.04 -22.24 5.44
N ASP C 324 39.21 -21.61 5.48
CA ASP C 324 39.78 -21.15 6.71
C ASP C 324 38.88 -20.12 7.33
N LEU C 325 38.28 -19.26 6.52
CA LEU C 325 37.36 -18.30 7.06
C LEU C 325 36.20 -19.03 7.68
N MET C 326 35.68 -20.03 6.98
CA MET C 326 34.52 -20.76 7.51
C MET C 326 34.80 -21.46 8.84
N ARG C 327 36.03 -21.94 8.99
CA ARG C 327 36.45 -22.59 10.23
C ARG C 327 36.62 -21.53 11.35
N THR C 328 37.29 -20.42 11.03
CA THR C 328 37.54 -19.31 11.95
C THR C 328 36.23 -18.68 12.55
N LEU C 329 35.11 -18.73 11.82
CA LEU C 329 33.84 -18.14 12.32
C LEU C 329 33.42 -18.68 13.69
N LYS C 330 33.77 -19.93 13.96
CA LYS C 330 33.56 -20.54 15.29
C LYS C 330 34.85 -21.03 15.98
N GLN C 331 35.86 -20.17 15.93
CA GLN C 331 37.12 -20.37 16.60
C GLN C 331 37.61 -21.82 16.48
N GLY C 332 37.77 -22.27 15.24
CA GLY C 332 38.45 -23.53 14.96
C GLY C 332 37.54 -24.73 14.85
N LYS C 333 36.24 -24.53 15.21
CA LYS C 333 35.21 -25.58 15.13
C LYS C 333 34.96 -26.04 13.69
N PRO C 334 35.15 -27.34 13.41
CA PRO C 334 34.98 -27.85 12.07
C PRO C 334 33.62 -27.48 11.42
N PHE C 335 33.59 -27.45 10.11
CA PHE C 335 32.45 -26.93 9.39
C PHE C 335 31.99 -28.00 8.44
N VAL C 336 30.87 -27.72 7.77
CA VAL C 336 30.33 -28.64 6.81
C VAL C 336 30.45 -28.04 5.42
N LEU C 337 31.03 -28.79 4.49
CA LEU C 337 30.95 -28.45 3.08
C LEU C 337 29.62 -28.95 2.61
N MET C 338 28.59 -28.11 2.71
CA MET C 338 27.21 -28.53 2.44
C MET C 338 26.95 -28.86 0.97
N GLU C 339 27.57 -28.06 0.10
CA GLU C 339 27.44 -28.21 -1.33
C GLU C 339 28.77 -28.03 -2.08
N SER C 340 28.89 -28.80 -3.15
CA SER C 340 29.97 -28.73 -4.12
C SER C 340 29.52 -29.60 -5.29
N THR C 341 30.21 -29.57 -6.42
CA THR C 341 29.81 -30.43 -7.53
C THR C 341 30.75 -31.62 -7.68
N PRO C 342 30.19 -32.79 -8.06
CA PRO C 342 31.06 -33.94 -8.38
C PRO C 342 31.71 -33.83 -9.74
N SER C 343 31.22 -32.87 -10.55
CA SER C 343 31.74 -32.67 -11.89
C SER C 343 31.63 -31.19 -12.25
N PHE C 344 30.58 -30.81 -12.95
CA PHE C 344 30.40 -29.43 -13.47
C PHE C 344 29.13 -28.81 -12.86
N THR C 345 28.97 -27.50 -13.09
CA THR C 345 27.79 -26.78 -12.66
C THR C 345 27.01 -26.49 -13.94
N ASN C 346 25.88 -25.80 -13.78
CA ASN C 346 25.03 -25.38 -14.90
C ASN C 346 25.01 -23.87 -15.16
N TRP C 347 25.59 -23.05 -14.27
CA TRP C 347 25.38 -21.59 -14.30
C TRP C 347 26.62 -20.79 -14.63
N GLN C 348 27.76 -21.44 -14.88
CA GLN C 348 29.01 -20.73 -15.14
C GLN C 348 29.24 -20.59 -16.66
N PRO C 349 30.16 -19.69 -17.10
CA PRO C 349 30.36 -19.51 -18.54
C PRO C 349 30.67 -20.84 -19.27
N THR C 350 31.46 -21.68 -18.62
CA THR C 350 31.73 -23.04 -19.09
C THR C 350 31.32 -24.01 -17.97
N SER C 351 30.95 -25.23 -18.38
CA SER C 351 30.66 -26.38 -17.50
C SER C 351 31.74 -27.44 -17.64
N LYS C 352 32.94 -27.05 -17.25
CA LYS C 352 34.09 -27.89 -17.33
C LYS C 352 33.99 -29.08 -16.43
N LEU C 353 34.46 -30.20 -16.95
CA LEU C 353 34.65 -31.39 -16.19
C LEU C 353 35.87 -31.29 -15.32
N LYS C 354 35.70 -31.64 -14.04
CA LYS C 354 36.81 -31.90 -13.19
C LYS C 354 37.59 -33.05 -13.82
N LYS C 355 38.90 -32.88 -13.90
CA LYS C 355 39.76 -33.86 -14.45
C LYS C 355 39.90 -35.01 -13.46
N PRO C 356 40.34 -36.19 -13.93
CA PRO C 356 40.59 -37.33 -13.04
C PRO C 356 41.51 -37.03 -11.85
N GLY C 357 41.04 -37.31 -10.65
CA GLY C 357 41.75 -36.97 -9.42
C GLY C 357 41.28 -35.70 -8.76
N MET C 358 40.72 -34.75 -9.54
CA MET C 358 40.44 -33.41 -9.03
C MET C 358 39.27 -33.39 -8.04
N HIS C 359 38.31 -34.28 -8.25
CA HIS C 359 37.19 -34.36 -7.33
C HIS C 359 37.64 -34.77 -5.93
N ILE C 360 38.50 -35.74 -5.89
CA ILE C 360 39.10 -36.16 -4.65
C ILE C 360 39.86 -35.00 -3.98
N LEU C 361 40.71 -34.35 -4.77
CA LEU C 361 41.54 -33.27 -4.28
C LEU C 361 40.75 -32.08 -3.78
N SER C 362 39.76 -31.65 -4.56
CA SER C 362 38.93 -30.50 -4.19
C SER C 362 38.08 -30.80 -2.97
N SER C 363 37.61 -32.04 -2.85
CA SER C 363 36.92 -32.47 -1.65
C SER C 363 37.86 -32.58 -0.44
N LEU C 364 39.05 -33.13 -0.64
CA LEU C 364 39.97 -33.31 0.48
C LEU C 364 40.55 -31.96 0.89
N GLN C 365 40.49 -30.99 0.01
CA GLN C 365 40.98 -29.69 0.38
C GLN C 365 40.09 -29.14 1.46
N ALA C 366 38.79 -29.30 1.30
CA ALA C 366 37.83 -28.85 2.32
C ALA C 366 38.09 -29.51 3.68
N VAL C 367 38.33 -30.82 3.65
CA VAL C 367 38.68 -31.57 4.85
C VAL C 367 40.02 -31.09 5.43
N ALA C 368 40.99 -30.85 4.58
CA ALA C 368 42.28 -30.40 5.04
C ALA C 368 42.21 -29.06 5.76
N HIS C 369 41.25 -28.21 5.41
CA HIS C 369 41.09 -26.92 6.07
C HIS C 369 39.99 -26.87 7.12
N GLY C 370 39.38 -28.02 7.44
CA GLY C 370 38.51 -28.10 8.62
C GLY C 370 37.12 -28.61 8.39
N ALA C 371 36.83 -29.13 7.23
CA ALA C 371 35.51 -29.69 6.98
C ALA C 371 35.44 -31.07 7.60
N ASP C 372 34.36 -31.36 8.31
CA ASP C 372 34.10 -32.72 8.81
C ASP C 372 33.06 -33.42 7.95
N SER C 373 32.54 -32.75 6.94
CA SER C 373 31.62 -33.35 5.97
C SER C 373 31.94 -32.83 4.57
N VAL C 374 31.82 -33.73 3.60
CA VAL C 374 31.89 -33.39 2.19
C VAL C 374 30.58 -33.77 1.56
N GLN C 375 29.81 -32.76 1.14
CA GLN C 375 28.53 -32.96 0.47
C GLN C 375 28.40 -32.25 -0.87
N TYR C 376 27.60 -32.84 -1.76
CA TYR C 376 27.40 -32.32 -3.13
C TYR C 376 26.03 -31.75 -3.37
N PHE C 377 25.91 -30.74 -4.23
CA PHE C 377 24.59 -30.44 -4.73
C PHE C 377 24.21 -31.49 -5.73
N GLN C 378 23.11 -32.12 -5.33
CA GLN C 378 22.40 -33.17 -6.01
C GLN C 378 23.07 -34.54 -6.08
N TRP C 379 22.27 -35.45 -5.57
CA TRP C 379 22.53 -36.84 -5.49
C TRP C 379 22.16 -37.41 -6.87
N ARG C 380 20.98 -37.00 -7.37
CA ARG C 380 20.48 -37.42 -8.69
C ARG C 380 20.03 -36.23 -9.53
N LYS C 381 20.53 -36.20 -10.75
CA LYS C 381 20.22 -35.10 -11.62
C LYS C 381 18.72 -34.95 -11.80
N SER C 382 18.18 -33.74 -11.54
CA SER C 382 16.80 -33.39 -11.97
C SER C 382 16.64 -33.61 -13.46
N ARG C 383 15.44 -33.98 -13.85
CA ARG C 383 15.21 -34.38 -15.23
C ARG C 383 14.86 -33.20 -16.14
N GLY C 384 14.43 -32.08 -15.55
CA GLY C 384 13.60 -31.11 -16.23
C GLY C 384 13.83 -29.61 -16.12
N SER C 385 14.20 -29.10 -14.97
CA SER C 385 14.31 -27.63 -14.85
C SER C 385 15.75 -27.11 -15.07
N CYS C 386 16.02 -25.88 -14.63
CA CYS C 386 17.24 -25.20 -14.95
C CYS C 386 18.50 -25.83 -14.44
N GLU C 387 18.39 -26.73 -13.47
CA GLU C 387 19.56 -27.42 -12.94
C GLU C 387 19.68 -28.86 -13.41
N LYS C 388 19.03 -29.18 -14.52
CA LYS C 388 19.09 -30.52 -15.07
C LYS C 388 20.47 -30.91 -15.64
N PHE C 389 21.30 -29.93 -16.00
CA PHE C 389 22.69 -30.17 -16.44
C PHE C 389 23.67 -29.67 -15.39
N HIS C 390 23.25 -29.63 -14.13
CA HIS C 390 24.20 -29.50 -13.01
C HIS C 390 24.63 -30.89 -12.65
N GLY C 391 25.90 -31.04 -12.24
CA GLY C 391 26.48 -32.33 -11.90
C GLY C 391 25.73 -32.97 -10.72
N ALA C 392 25.79 -34.29 -10.67
CA ALA C 392 25.27 -35.09 -9.53
C ALA C 392 25.93 -36.45 -9.52
N VAL C 393 25.73 -37.18 -8.43
CA VAL C 393 26.36 -38.51 -8.29
C VAL C 393 25.73 -39.48 -9.29
N VAL C 394 24.41 -39.37 -9.39
CA VAL C 394 23.62 -40.16 -10.30
C VAL C 394 23.25 -39.33 -11.53
N ASP C 395 23.77 -39.76 -12.66
CA ASP C 395 23.45 -39.12 -13.93
C ASP C 395 22.03 -39.53 -14.42
N HIS C 396 21.56 -38.86 -15.47
CA HIS C 396 20.38 -39.29 -16.19
C HIS C 396 20.43 -40.74 -16.67
N VAL C 397 21.63 -41.26 -16.89
CA VAL C 397 21.84 -42.66 -17.24
C VAL C 397 21.38 -43.62 -16.13
N GLY C 398 21.24 -43.12 -14.90
CA GLY C 398 20.49 -43.83 -13.87
C GLY C 398 21.30 -44.73 -12.97
N HIS C 399 22.62 -44.74 -13.17
CA HIS C 399 23.52 -45.54 -12.35
C HIS C 399 24.79 -44.74 -12.03
N ILE C 400 25.73 -45.33 -11.27
CA ILE C 400 27.01 -44.67 -10.93
C ILE C 400 28.25 -45.44 -11.39
N ASP C 401 28.07 -46.36 -12.32
CA ASP C 401 29.19 -46.88 -13.10
C ASP C 401 29.52 -45.93 -14.27
N THR C 402 29.98 -44.74 -13.86
CA THR C 402 30.43 -43.68 -14.73
C THR C 402 31.72 -43.16 -14.09
N ARG C 403 32.61 -42.57 -14.90
CA ARG C 403 33.82 -41.90 -14.38
C ARG C 403 33.54 -41.06 -13.13
N VAL C 404 32.47 -40.26 -13.18
CA VAL C 404 32.08 -39.37 -12.06
C VAL C 404 31.64 -40.16 -10.84
N GLY C 405 30.78 -41.12 -11.06
CA GLY C 405 30.34 -41.99 -10.00
C GLY C 405 31.52 -42.70 -9.38
N ARG C 406 32.38 -43.29 -10.21
CA ARG C 406 33.48 -44.10 -9.68
C ARG C 406 34.42 -43.27 -8.78
N GLU C 407 34.73 -42.05 -9.24
CA GLU C 407 35.55 -41.15 -8.41
C GLU C 407 34.81 -40.75 -7.13
N VAL C 408 33.49 -40.56 -7.17
CA VAL C 408 32.70 -40.29 -5.95
C VAL C 408 32.79 -41.43 -4.96
N ALA C 409 32.56 -42.64 -5.46
CA ALA C 409 32.69 -43.86 -4.68
C ALA C 409 34.10 -43.99 -4.05
N GLU C 410 35.12 -43.77 -4.86
CA GLU C 410 36.49 -43.83 -4.39
C GLU C 410 36.79 -42.78 -3.30
N LEU C 411 36.19 -41.61 -3.43
CA LEU C 411 36.30 -40.60 -2.38
C LEU C 411 35.55 -41.08 -1.14
N GLY C 412 34.43 -41.78 -1.34
CA GLY C 412 33.71 -42.38 -0.24
C GLY C 412 34.59 -43.26 0.62
N SER C 413 35.29 -44.19 -0.05
CA SER C 413 36.28 -45.04 0.63
C SER C 413 37.28 -44.22 1.44
N ILE C 414 37.92 -43.29 0.76
CA ILE C 414 38.96 -42.46 1.36
C ILE C 414 38.45 -41.76 2.62
N LEU C 415 37.27 -41.18 2.54
CA LEU C 415 36.70 -40.43 3.67
C LEU C 415 36.44 -41.32 4.88
N SER C 416 35.87 -42.50 4.63
CA SER C 416 35.63 -43.47 5.72
C SER C 416 36.97 -43.83 6.36
N ALA C 417 38.01 -44.07 5.54
CA ALA C 417 39.41 -44.32 6.04
C ALA C 417 40.01 -43.18 6.89
N LEU C 418 39.44 -41.98 6.76
CA LEU C 418 39.88 -40.82 7.52
C LEU C 418 38.99 -40.50 8.74
N ALA C 419 38.39 -41.51 9.34
CA ALA C 419 37.57 -41.25 10.49
C ALA C 419 38.31 -40.46 11.58
N PRO C 420 39.60 -40.80 11.88
CA PRO C 420 40.29 -40.07 12.96
C PRO C 420 40.37 -38.54 12.80
N VAL C 421 40.33 -38.06 11.56
CA VAL C 421 40.41 -36.63 11.26
C VAL C 421 39.20 -35.87 11.80
N ALA C 422 38.06 -36.54 11.87
CA ALA C 422 36.82 -35.92 12.34
C ALA C 422 37.06 -35.32 13.68
N GLY C 423 36.80 -34.02 13.78
CA GLY C 423 36.91 -33.30 15.04
C GLY C 423 38.27 -32.70 15.33
N SER C 424 39.30 -33.12 14.59
CA SER C 424 40.63 -32.53 14.71
C SER C 424 40.70 -30.98 14.43
N ARG C 425 41.73 -30.33 14.98
CA ARG C 425 41.81 -28.87 15.04
C ARG C 425 42.87 -28.39 14.08
N VAL C 426 42.77 -27.12 13.70
CA VAL C 426 43.83 -26.46 12.96
C VAL C 426 44.49 -25.47 13.92
N GLU C 427 45.81 -25.54 14.05
CA GLU C 427 46.58 -24.68 14.97
C GLU C 427 47.35 -23.62 14.23
N ALA C 428 46.67 -22.49 14.02
CA ALA C 428 47.22 -21.34 13.25
C ALA C 428 47.78 -20.25 14.16
N LYS C 429 49.04 -19.92 13.97
CA LYS C 429 49.67 -18.77 14.62
C LYS C 429 49.73 -17.50 13.73
N VAL C 430 49.12 -17.56 12.53
CA VAL C 430 48.96 -16.42 11.63
C VAL C 430 47.48 -16.12 11.45
N ALA C 431 47.11 -14.84 11.48
CA ALA C 431 45.73 -14.40 11.21
C ALA C 431 45.71 -13.32 10.13
N ILE C 432 44.83 -13.50 9.16
CA ILE C 432 44.55 -12.48 8.14
C ILE C 432 43.18 -11.89 8.44
N ILE C 433 43.06 -10.57 8.32
CA ILE C 433 41.79 -9.87 8.55
C ILE C 433 41.00 -9.70 7.24
N PHE C 434 39.81 -10.28 7.20
CA PHE C 434 38.84 -10.10 6.13
C PHE C 434 37.59 -9.53 6.80
N ASP C 435 37.34 -8.25 6.59
CA ASP C 435 36.30 -7.55 7.35
C ASP C 435 35.21 -7.08 6.44
N TRP C 436 33.97 -7.53 6.64
CA TRP C 436 32.83 -7.19 5.76
C TRP C 436 32.52 -5.72 5.72
N GLU C 437 32.53 -5.06 6.89
CA GLU C 437 32.11 -3.68 6.94
C GLU C 437 33.11 -2.80 6.23
N SER C 438 34.37 -3.08 6.46
CA SER C 438 35.46 -2.40 5.79
C SER C 438 35.30 -2.55 4.26
N ARG C 439 35.03 -3.77 3.79
CA ARG C 439 34.86 -4.09 2.37
C ARG C 439 33.71 -3.30 1.77
N TRP C 440 32.56 -3.41 2.39
CA TRP C 440 31.41 -2.58 2.00
C TRP C 440 31.72 -1.12 1.80
N ALA C 441 32.28 -0.48 2.82
CA ALA C 441 32.50 0.94 2.78
C ALA C 441 33.55 1.27 1.71
N MET C 442 34.55 0.38 1.61
CA MET C 442 35.66 0.57 0.64
C MET C 442 35.18 0.41 -0.81
N ASP C 443 34.33 -0.60 -1.05
CA ASP C 443 33.81 -0.89 -2.40
C ASP C 443 32.77 0.11 -2.85
N ASP C 444 32.05 0.71 -1.90
CA ASP C 444 31.08 1.75 -2.21
C ASP C 444 31.76 3.10 -2.45
N ALA C 445 32.97 3.31 -1.97
CA ALA C 445 33.60 4.63 -2.09
C ALA C 445 33.86 4.97 -3.55
N MET C 446 33.81 6.25 -3.86
CA MET C 446 34.18 6.74 -5.16
C MET C 446 35.66 7.13 -5.15
N GLY C 447 36.48 6.25 -5.74
CA GLY C 447 37.92 6.35 -5.67
C GLY C 447 38.46 5.52 -4.52
N PRO C 448 39.75 5.24 -4.52
CA PRO C 448 40.70 5.83 -5.44
C PRO C 448 40.91 5.03 -6.73
N ARG C 449 40.10 3.97 -6.93
CA ARG C 449 40.18 3.22 -8.18
C ARG C 449 38.88 2.47 -8.62
N ASN C 450 37.99 3.24 -9.22
CA ASN C 450 36.67 2.73 -9.65
C ASN C 450 36.75 1.61 -10.67
N ALA C 451 37.78 1.63 -11.49
CA ALA C 451 38.09 0.48 -12.36
C ALA C 451 38.18 -0.85 -11.60
N GLY C 452 38.62 -0.82 -10.34
CA GLY C 452 38.60 -2.01 -9.49
C GLY C 452 39.61 -2.00 -8.36
N LEU C 453 39.17 -2.33 -7.15
CA LEU C 453 40.04 -2.50 -6.01
C LEU C 453 40.36 -3.96 -5.75
N HIS C 454 39.46 -4.87 -6.15
CA HIS C 454 39.72 -6.32 -6.07
C HIS C 454 40.11 -6.82 -4.67
N TYR C 455 39.28 -6.51 -3.68
CA TYR C 455 39.59 -6.77 -2.28
C TYR C 455 39.84 -8.23 -1.96
N GLU C 456 38.97 -9.09 -2.43
CA GLU C 456 39.07 -10.52 -2.15
C GLU C 456 40.41 -11.04 -2.70
N ASN C 457 40.69 -10.70 -3.94
CA ASN C 457 41.89 -11.10 -4.59
C ASN C 457 43.18 -10.63 -3.91
N THR C 458 43.14 -9.41 -3.36
CA THR C 458 44.31 -8.81 -2.73
C THR C 458 44.62 -9.52 -1.39
N VAL C 459 43.59 -9.74 -0.59
CA VAL C 459 43.69 -10.48 0.63
C VAL C 459 44.28 -11.86 0.29
N ALA C 460 43.72 -12.52 -0.72
CA ALA C 460 44.12 -13.86 -1.10
C ALA C 460 45.54 -13.85 -1.65
N ASP C 461 45.96 -12.75 -2.24
CA ASP C 461 47.36 -12.67 -2.65
C ASP C 461 48.33 -12.79 -1.49
N HIS C 462 48.01 -12.14 -0.39
CA HIS C 462 48.78 -12.24 0.85
C HIS C 462 48.75 -13.70 1.31
N TYR C 463 47.54 -14.24 1.45
CA TYR C 463 47.33 -15.62 1.91
C TYR C 463 48.17 -16.67 1.19
N ARG C 464 48.28 -16.52 -0.12
CA ARG C 464 48.90 -17.50 -0.96
C ARG C 464 50.37 -17.71 -0.64
N ALA C 465 51.02 -16.62 -0.26
CA ALA C 465 52.44 -16.69 0.11
C ALA C 465 52.66 -17.51 1.35
N LEU C 466 51.66 -17.60 2.20
CA LEU C 466 51.69 -18.44 3.40
C LEU C 466 51.21 -19.84 3.15
N TRP C 467 50.12 -19.95 2.41
CA TRP C 467 49.55 -21.23 2.00
C TRP C 467 50.57 -22.06 1.22
N ALA C 468 51.38 -21.37 0.41
CA ALA C 468 52.42 -21.98 -0.40
C ALA C 468 53.48 -22.68 0.44
N GLN C 469 53.70 -22.13 1.62
CA GLN C 469 54.62 -22.67 2.60
C GLN C 469 53.97 -23.71 3.52
N GLY C 470 52.68 -23.98 3.38
CA GLY C 470 51.97 -24.85 4.31
C GLY C 470 51.79 -24.31 5.70
N ILE C 471 51.77 -22.99 5.85
CA ILE C 471 51.54 -22.31 7.15
C ILE C 471 50.06 -22.03 7.35
N ALA C 472 49.51 -22.48 8.47
CA ALA C 472 48.08 -22.33 8.76
C ALA C 472 47.64 -20.88 9.06
N VAL C 473 46.41 -20.57 8.69
CA VAL C 473 45.90 -19.22 8.79
C VAL C 473 44.43 -19.25 9.22
N ASP C 474 44.11 -18.42 10.21
CA ASP C 474 42.72 -18.14 10.55
C ASP C 474 42.38 -16.87 9.84
N VAL C 475 41.15 -16.78 9.35
CA VAL C 475 40.72 -15.58 8.63
C VAL C 475 39.70 -14.86 9.49
N ILE C 476 40.15 -13.85 10.20
CA ILE C 476 39.31 -13.16 11.18
C ILE C 476 38.74 -11.91 10.58
N ASN C 477 37.78 -11.29 11.25
CA ASN C 477 37.48 -9.87 11.01
C ASN C 477 38.19 -8.99 12.05
N ALA C 478 37.95 -7.68 11.97
CA ALA C 478 38.66 -6.71 12.83
C ALA C 478 38.16 -6.69 14.24
N ASP C 479 37.02 -7.32 14.53
CA ASP C 479 36.56 -7.49 15.92
C ASP C 479 37.14 -8.65 16.74
N CYS C 480 37.85 -9.59 16.11
CA CYS C 480 38.36 -10.76 16.82
C CYS C 480 39.53 -10.44 17.71
N ASP C 481 39.75 -11.30 18.70
CA ASP C 481 40.84 -11.13 19.62
C ASP C 481 42.14 -11.60 18.98
N LEU C 482 43.18 -10.78 19.07
CA LEU C 482 44.44 -11.04 18.36
C LEU C 482 45.49 -11.81 19.18
N GLN C 483 45.26 -11.94 20.49
CA GLN C 483 46.30 -12.39 21.45
C GLN C 483 46.94 -13.72 21.14
N GLY C 484 46.15 -14.68 20.67
CA GLY C 484 46.67 -16.00 20.36
C GLY C 484 47.59 -16.09 19.15
N TYR C 485 47.76 -15.01 18.37
CA TYR C 485 48.55 -15.07 17.15
C TYR C 485 49.91 -14.43 17.32
N ASP C 486 50.84 -14.89 16.51
CA ASP C 486 52.13 -14.26 16.41
C ASP C 486 52.15 -13.20 15.35
N LEU C 487 51.35 -13.41 14.29
CA LEU C 487 51.41 -12.58 13.06
C LEU C 487 50.02 -12.26 12.54
N VAL C 488 49.69 -10.96 12.46
CA VAL C 488 48.38 -10.50 11.98
C VAL C 488 48.58 -9.63 10.74
N ILE C 489 47.82 -9.94 9.70
CA ILE C 489 47.99 -9.31 8.40
C ILE C 489 46.68 -8.64 8.03
N ALA C 490 46.73 -7.34 7.74
CA ALA C 490 45.53 -6.56 7.39
C ALA C 490 45.69 -5.86 6.03
N PRO C 491 45.36 -6.58 4.95
CA PRO C 491 45.36 -5.96 3.65
C PRO C 491 44.19 -5.02 3.55
N MET C 492 44.48 -3.83 3.06
CA MET C 492 43.46 -2.81 2.86
C MET C 492 42.47 -2.76 3.98
N LEU C 493 42.89 -2.50 5.22
CA LEU C 493 41.93 -2.39 6.29
C LEU C 493 41.41 -0.95 6.27
N TYR C 494 40.61 -0.69 5.24
CA TYR C 494 40.14 0.65 4.90
C TYR C 494 39.48 1.27 6.15
N MET C 495 38.56 0.53 6.77
CA MET C 495 37.82 0.96 7.96
C MET C 495 38.50 0.41 9.24
N VAL C 496 38.82 1.35 10.14
CA VAL C 496 39.31 1.03 11.47
C VAL C 496 38.30 1.55 12.53
N ARG C 497 37.45 0.64 12.99
CA ARG C 497 36.41 0.92 14.00
C ARG C 497 37.00 1.04 15.40
N GLU C 498 36.20 1.60 16.31
CA GLU C 498 36.61 1.77 17.70
C GLU C 498 37.15 0.49 18.35
N GLY C 499 38.35 0.59 18.89
CA GLY C 499 38.95 -0.54 19.60
C GLY C 499 39.99 -1.30 18.80
N VAL C 500 39.87 -1.25 17.48
CA VAL C 500 40.65 -2.09 16.63
C VAL C 500 42.10 -1.63 16.63
N GLY C 501 42.30 -0.32 16.40
CA GLY C 501 43.62 0.29 16.45
C GLY C 501 44.29 0.11 17.81
N GLU C 502 43.50 0.16 18.87
CA GLU C 502 44.08 -0.02 20.20
C GLU C 502 44.50 -1.48 20.42
N ARG C 503 43.62 -2.41 20.05
CA ARG C 503 43.95 -3.84 20.10
C ARG C 503 45.16 -4.20 19.27
N ILE C 504 45.21 -3.69 18.05
CA ILE C 504 46.33 -3.98 17.18
C ILE C 504 47.61 -3.47 17.82
N SER C 505 47.58 -2.23 18.31
CA SER C 505 48.75 -1.60 18.93
C SER C 505 49.22 -2.34 20.19
N ALA C 506 48.26 -2.82 20.96
CA ALA C 506 48.54 -3.63 22.15
C ALA C 506 49.20 -4.92 21.71
N PHE C 507 48.58 -5.59 20.74
CA PHE C 507 49.08 -6.83 20.17
C PHE C 507 50.54 -6.73 19.76
N VAL C 508 50.89 -5.68 19.00
CA VAL C 508 52.28 -5.44 18.60
C VAL C 508 53.16 -5.14 19.79
N GLN C 509 52.73 -4.20 20.61
CA GLN C 509 53.48 -3.79 21.78
C GLN C 509 53.92 -4.99 22.63
N ALA C 510 53.01 -5.96 22.78
CA ALA C 510 53.27 -7.21 23.52
C ALA C 510 54.18 -8.19 22.82
N GLY C 511 54.77 -7.82 21.69
CA GLY C 511 55.62 -8.71 20.93
C GLY C 511 55.03 -9.26 19.63
N GLY C 512 53.76 -8.93 19.32
CA GLY C 512 53.12 -9.33 18.07
C GLY C 512 53.75 -8.68 16.85
N ARG C 513 53.56 -9.30 15.68
CA ARG C 513 53.97 -8.68 14.41
C ARG C 513 52.77 -8.41 13.53
N PHE C 514 52.66 -7.17 13.08
CA PHE C 514 51.53 -6.73 12.28
C PHE C 514 52.00 -6.32 10.90
N VAL C 515 51.20 -6.65 9.89
CA VAL C 515 51.46 -6.20 8.50
C VAL C 515 50.22 -5.52 8.00
N ALA C 516 50.40 -4.32 7.45
CA ALA C 516 49.32 -3.57 6.81
C ALA C 516 49.72 -3.07 5.42
N THR C 517 48.70 -2.69 4.65
CA THR C 517 48.94 -2.17 3.32
C THR C 517 48.40 -0.76 3.16
N TYR C 518 48.81 -0.17 2.02
CA TYR C 518 48.10 0.91 1.37
C TYR C 518 46.60 0.82 1.63
N TRP C 519 45.97 1.99 1.76
CA TRP C 519 44.51 2.11 1.93
C TRP C 519 44.04 1.35 3.16
N SER C 520 44.81 1.41 4.24
CA SER C 520 44.36 1.02 5.58
C SER C 520 44.20 2.26 6.50
N GLY C 521 43.22 2.22 7.37
CA GLY C 521 43.08 3.27 8.35
C GLY C 521 42.66 4.59 7.73
N ILE C 522 41.52 4.54 7.04
CA ILE C 522 41.02 5.66 6.28
C ILE C 522 39.76 6.29 6.84
N VAL C 523 38.84 5.43 7.28
CA VAL C 523 37.55 5.85 7.78
C VAL C 523 37.12 5.07 9.02
N ASN C 524 36.09 5.60 9.67
CA ASN C 524 35.48 5.00 10.84
C ASN C 524 34.22 4.23 10.48
N GLU C 525 33.48 3.84 11.51
CA GLU C 525 32.24 3.07 11.42
C GLU C 525 31.21 3.59 10.37
N THR C 526 31.17 4.90 10.09
CA THR C 526 30.16 5.48 9.16
C THR C 526 30.81 6.12 7.92
N ASP C 527 32.02 5.65 7.63
CA ASP C 527 32.77 6.02 6.45
C ASP C 527 33.14 7.52 6.45
N LEU C 528 33.36 8.08 7.66
CA LEU C 528 33.98 9.40 7.82
C LEU C 528 35.47 9.26 7.83
N CYS C 529 36.15 10.11 7.06
CA CYS C 529 37.60 10.06 7.02
C CYS C 529 38.22 10.48 8.34
N PHE C 530 39.34 9.87 8.66
CA PHE C 530 40.16 10.33 9.77
C PHE C 530 40.80 11.63 9.41
N LEU C 531 41.04 12.49 10.43
CA LEU C 531 41.66 13.81 10.25
C LEU C 531 43.06 13.95 10.78
N ASN C 532 43.55 12.99 11.52
CA ASN C 532 44.95 13.12 11.95
C ASN C 532 46.01 12.90 10.80
N GLY C 533 45.64 12.20 9.73
CA GLY C 533 46.59 11.78 8.70
C GLY C 533 46.46 10.29 8.64
N PHE C 534 46.57 9.74 7.44
CA PHE C 534 46.46 8.28 7.26
C PHE C 534 47.81 7.62 7.64
N PRO C 535 47.79 6.43 8.28
CA PRO C 535 46.66 5.56 8.47
C PRO C 535 45.95 5.66 9.80
N GLY C 536 45.64 6.87 10.23
CA GLY C 536 44.68 7.07 11.29
C GLY C 536 45.09 6.41 12.60
N PRO C 537 44.18 5.66 13.19
CA PRO C 537 44.47 4.94 14.40
C PRO C 537 45.69 3.98 14.35
N LEU C 538 46.22 3.65 13.16
CA LEU C 538 47.37 2.76 13.06
C LEU C 538 48.64 3.55 12.79
N ARG C 539 48.53 4.87 12.72
CA ARG C 539 49.69 5.70 12.41
C ARG C 539 50.81 5.59 13.47
N PRO C 540 50.47 5.55 14.77
CA PRO C 540 51.53 5.31 15.78
C PRO C 540 52.25 3.96 15.67
N VAL C 541 51.46 2.89 15.61
CA VAL C 541 52.04 1.56 15.52
C VAL C 541 52.87 1.32 14.23
N LEU C 542 52.44 1.90 13.11
CA LEU C 542 53.13 1.74 11.82
C LEU C 542 54.30 2.71 11.61
N GLY C 543 54.29 3.83 12.33
CA GLY C 543 55.39 4.79 12.29
C GLY C 543 55.66 5.46 10.93
N ILE C 544 54.60 5.62 10.12
CA ILE C 544 54.63 6.29 8.83
C ILE C 544 53.40 7.13 8.68
N TRP C 545 53.48 8.12 7.83
CA TRP C 545 52.32 8.91 7.38
C TRP C 545 52.11 8.66 5.88
N ALA C 546 50.90 8.21 5.52
CA ALA C 546 50.48 8.10 4.07
C ALA C 546 49.78 9.38 3.59
N GLU C 547 50.53 10.23 2.86
CA GLU C 547 50.05 11.54 2.45
C GLU C 547 49.03 11.48 1.33
N GLU C 548 49.25 10.56 0.42
CA GLU C 548 48.43 10.48 -0.75
C GLU C 548 48.58 9.13 -1.42
N ILE C 549 47.55 8.73 -2.16
CA ILE C 549 47.53 7.45 -2.92
C ILE C 549 47.38 7.75 -4.40
N ASP C 550 48.19 7.11 -5.21
CA ASP C 550 48.20 7.27 -6.65
C ASP C 550 47.50 6.06 -7.22
N SER C 551 46.86 6.24 -8.37
CA SER C 551 45.94 5.29 -8.97
C SER C 551 46.44 5.02 -10.37
N LEU C 552 46.63 3.75 -10.73
CA LEU C 552 47.30 3.36 -11.96
C LEU C 552 46.33 2.65 -12.91
N THR C 553 46.41 2.97 -14.20
CA THR C 553 45.64 2.21 -15.17
C THR C 553 46.24 0.80 -15.30
N ASP C 554 45.47 -0.09 -15.92
CA ASP C 554 45.86 -1.49 -16.08
C ASP C 554 47.00 -1.65 -17.02
N GLU C 555 47.32 -0.61 -17.78
CA GLU C 555 48.53 -0.56 -18.59
C GLU C 555 49.78 -0.15 -17.79
N GLN C 556 49.66 0.37 -16.59
CA GLN C 556 50.79 1.02 -15.92
C GLN C 556 51.29 0.18 -14.76
N HIS C 557 52.58 0.31 -14.49
CA HIS C 557 53.20 -0.26 -13.28
C HIS C 557 54.37 0.60 -12.73
N ASN C 558 54.83 0.26 -11.53
CA ASN C 558 56.06 0.83 -10.95
C ASN C 558 56.88 -0.34 -10.51
N SER C 559 57.97 -0.10 -9.80
CA SER C 559 58.76 -1.20 -9.27
C SER C 559 59.18 -0.94 -7.81
N VAL C 560 59.36 -2.02 -7.07
CA VAL C 560 59.80 -1.96 -5.71
C VAL C 560 61.08 -2.79 -5.60
N ALA C 561 62.09 -2.20 -4.98
CA ALA C 561 63.43 -2.75 -4.88
C ALA C 561 63.93 -2.61 -3.43
N GLY C 562 64.55 -3.68 -2.94
CA GLY C 562 64.97 -3.76 -1.58
C GLY C 562 66.14 -2.84 -1.30
N VAL C 563 66.13 -2.22 -0.12
CA VAL C 563 67.28 -1.47 0.37
C VAL C 563 68.35 -2.46 0.83
N GLU C 564 69.60 -2.16 0.50
CA GLU C 564 70.75 -3.04 0.79
C GLU C 564 70.82 -3.28 2.27
N GLY C 565 71.01 -4.55 2.63
CA GLY C 565 70.98 -4.97 4.01
C GLY C 565 69.63 -4.85 4.70
N ASN C 566 68.52 -4.78 3.98
CA ASN C 566 67.21 -4.74 4.68
C ASN C 566 66.96 -6.06 5.39
N ALA C 567 66.28 -5.97 6.55
CA ALA C 567 66.07 -7.10 7.47
C ALA C 567 65.40 -8.33 6.86
N LEU C 568 64.58 -8.13 5.82
CA LEU C 568 63.86 -9.24 5.18
C LEU C 568 64.59 -9.83 3.95
N GLY C 569 65.77 -9.31 3.63
CA GLY C 569 66.49 -9.74 2.43
C GLY C 569 65.67 -9.58 1.15
N LEU C 570 64.78 -8.58 1.13
CA LEU C 570 64.04 -8.22 -0.08
C LEU C 570 65.05 -7.78 -1.11
N SER C 571 64.82 -8.13 -2.36
CA SER C 571 65.70 -7.71 -3.44
C SER C 571 64.88 -7.04 -4.51
N GLY C 572 64.28 -7.81 -5.41
CA GLY C 572 63.58 -7.26 -6.57
C GLY C 572 64.53 -6.76 -7.65
N PRO C 573 64.08 -5.82 -8.48
CA PRO C 573 62.80 -5.20 -8.35
C PRO C 573 61.63 -6.13 -8.59
N TYR C 574 60.54 -5.82 -7.87
CA TYR C 574 59.25 -6.44 -8.03
C TYR C 574 58.39 -5.44 -8.76
N ARG C 575 57.25 -5.94 -9.22
CA ARG C 575 56.33 -5.16 -10.01
C ARG C 575 55.23 -4.70 -9.08
N ALA C 576 54.89 -3.41 -9.16
CA ALA C 576 53.79 -2.81 -8.40
C ALA C 576 52.73 -2.29 -9.36
N SER C 577 51.46 -2.52 -9.04
CA SER C 577 50.35 -2.18 -9.94
C SER C 577 49.25 -1.45 -9.21
N GLN C 578 48.39 -0.81 -9.99
CA GLN C 578 47.11 -0.35 -9.56
C GLN C 578 47.14 0.79 -8.55
N LEU C 579 47.71 0.54 -7.37
CA LEU C 579 47.77 1.51 -6.29
C LEU C 579 49.20 1.59 -5.70
N CYS C 580 49.68 2.84 -5.53
CA CYS C 580 50.96 3.14 -4.92
C CYS C 580 50.73 4.40 -4.07
N GLU C 581 51.02 4.30 -2.76
CA GLU C 581 50.97 5.43 -1.83
C GLU C 581 52.35 6.07 -1.63
N VAL C 582 52.31 7.39 -1.44
CA VAL C 582 53.48 8.16 -1.09
C VAL C 582 53.44 8.26 0.40
N ILE C 583 54.48 7.72 1.07
CA ILE C 583 54.55 7.75 2.53
C ILE C 583 55.76 8.52 3.02
N HIS C 584 55.69 8.88 4.31
CA HIS C 584 56.77 9.57 5.03
C HIS C 584 57.09 8.86 6.33
N LEU C 585 58.38 8.65 6.59
CA LEU C 585 58.83 7.85 7.73
C LEU C 585 58.72 8.68 8.98
N GLU C 586 58.16 8.12 10.04
CA GLU C 586 57.99 8.81 11.32
C GLU C 586 58.41 7.91 12.47
N GLY C 587 59.61 7.36 12.35
CA GLY C 587 60.08 6.29 13.24
C GLY C 587 60.36 4.96 12.57
N ALA C 588 59.71 4.67 11.45
CA ALA C 588 59.84 3.38 10.82
C ALA C 588 61.06 3.45 9.92
N ALA C 589 61.65 2.30 9.61
CA ALA C 589 62.77 2.22 8.63
C ALA C 589 62.32 1.64 7.28
N ALA C 590 62.92 2.12 6.22
CA ALA C 590 62.57 1.61 4.91
C ALA C 590 63.29 0.25 4.60
N LEU C 591 62.51 -0.76 4.25
CA LEU C 591 63.00 -2.03 3.71
C LEU C 591 63.11 -2.03 2.15
N ALA C 592 62.34 -1.17 1.49
CA ALA C 592 62.42 -1.02 0.05
C ALA C 592 61.97 0.35 -0.46
N THR C 593 62.37 0.64 -1.69
CA THR C 593 61.95 1.86 -2.32
C THR C 593 61.36 1.63 -3.70
N TYR C 594 60.62 2.62 -4.17
CA TYR C 594 60.13 2.65 -5.54
C TYR C 594 61.26 2.95 -6.54
N GLY C 595 61.16 2.37 -7.72
CA GLY C 595 62.16 2.54 -8.75
C GLY C 595 61.73 3.46 -9.87
N ASP C 596 60.50 4.00 -9.80
CA ASP C 596 59.95 4.79 -10.91
C ASP C 596 58.95 5.87 -10.51
N ASP C 597 58.60 6.68 -11.51
CA ASP C 597 57.64 7.75 -11.41
C ASP C 597 58.19 8.83 -10.52
N PHE C 598 57.39 9.83 -10.20
CA PHE C 598 57.91 10.96 -9.48
C PHE C 598 58.25 10.63 -8.06
N TYR C 599 57.75 9.52 -7.54
CA TYR C 599 58.10 9.09 -6.17
C TYR C 599 59.21 8.02 -6.17
N ALA C 600 60.00 7.99 -7.22
CA ALA C 600 61.08 7.04 -7.31
C ALA C 600 62.04 7.38 -6.20
N GLY C 601 62.54 6.34 -5.52
CA GLY C 601 63.54 6.49 -4.49
C GLY C 601 62.91 6.65 -3.14
N ASN C 602 61.60 6.91 -3.09
CA ASN C 602 60.85 7.00 -1.83
C ASN C 602 60.61 5.65 -1.21
N PRO C 603 60.42 5.64 0.11
CA PRO C 603 60.10 4.38 0.75
C PRO C 603 58.82 3.77 0.19
N ALA C 604 58.89 2.47 -0.12
CA ALA C 604 57.77 1.67 -0.59
C ALA C 604 57.32 0.58 0.42
N VAL C 605 58.26 0.14 1.26
CA VAL C 605 58.03 -0.89 2.29
C VAL C 605 58.77 -0.44 3.54
N THR C 606 58.12 -0.58 4.69
CA THR C 606 58.66 -0.09 5.92
C THR C 606 58.38 -1.02 7.08
N VAL C 607 59.23 -0.91 8.10
CA VAL C 607 59.03 -1.63 9.35
C VAL C 607 59.26 -0.67 10.52
N ASN C 608 58.48 -0.86 11.56
CA ASN C 608 58.55 -0.01 12.72
C ASN C 608 58.63 -0.86 13.95
N LEU C 609 59.56 -0.51 14.84
CA LEU C 609 59.62 -1.10 16.17
C LEU C 609 58.63 -0.41 17.12
N TYR C 610 57.79 -1.19 17.77
CA TYR C 610 56.77 -0.63 18.64
C TYR C 610 56.57 -1.59 19.77
N GLY C 611 56.99 -1.17 20.97
CA GLY C 611 57.15 -2.08 22.12
C GLY C 611 58.09 -3.21 21.72
N LYS C 612 57.73 -4.44 22.05
CA LYS C 612 58.54 -5.60 21.66
C LYS C 612 58.21 -6.15 20.29
N GLY C 613 57.23 -5.57 19.60
CA GLY C 613 56.86 -6.01 18.25
C GLY C 613 57.37 -5.17 17.09
N GLN C 614 57.01 -5.60 15.89
CA GLN C 614 57.31 -4.87 14.68
C GLN C 614 56.08 -4.83 13.81
N ALA C 615 55.77 -3.64 13.30
CA ALA C 615 54.65 -3.40 12.39
C ALA C 615 55.17 -3.03 11.01
N TYR C 616 54.76 -3.81 10.02
CA TYR C 616 55.18 -3.57 8.62
C TYR C 616 54.09 -2.81 7.82
N TYR C 617 54.52 -1.98 6.88
CA TYR C 617 53.61 -1.29 5.97
C TYR C 617 54.09 -1.49 4.56
N VAL C 618 53.18 -1.92 3.68
CA VAL C 618 53.49 -2.12 2.26
C VAL C 618 52.67 -1.08 1.48
N ALA C 619 53.37 -0.18 0.80
CA ALA C 619 52.76 1.04 0.25
C ALA C 619 52.11 0.89 -1.14
N SER C 620 52.32 -0.26 -1.76
CA SER C 620 51.84 -0.49 -3.10
C SER C 620 51.44 -1.92 -3.28
N ARG C 621 50.55 -2.14 -4.25
CA ARG C 621 50.09 -3.48 -4.56
C ARG C 621 51.13 -4.15 -5.43
N ASN C 622 51.75 -5.17 -4.90
CA ASN C 622 52.88 -5.79 -5.55
C ASN C 622 52.54 -7.20 -6.04
N ASP C 623 53.43 -7.77 -6.84
CA ASP C 623 53.24 -9.05 -7.50
C ASP C 623 53.51 -10.27 -6.58
N GLN C 624 53.31 -11.45 -7.15
CA GLN C 624 53.40 -12.72 -6.42
C GLN C 624 54.78 -12.92 -5.82
N GLN C 625 55.80 -12.60 -6.60
CA GLN C 625 57.17 -12.81 -6.13
C GLN C 625 57.55 -12.01 -4.90
N PHE C 626 57.06 -10.76 -4.82
CA PHE C 626 57.18 -9.93 -3.61
C PHE C 626 56.55 -10.60 -2.41
N HIS C 627 55.33 -11.08 -2.56
CA HIS C 627 54.66 -11.71 -1.44
C HIS C 627 55.44 -12.90 -0.96
N ALA C 628 55.97 -13.68 -1.93
CA ALA C 628 56.72 -14.90 -1.62
C ALA C 628 57.95 -14.55 -0.81
N ASP C 629 58.75 -13.60 -1.33
CA ASP C 629 59.98 -13.16 -0.66
C ASP C 629 59.68 -12.61 0.71
N PHE C 630 58.71 -11.70 0.78
CA PHE C 630 58.29 -11.06 2.02
C PHE C 630 57.88 -12.07 3.03
N PHE C 631 56.93 -12.93 2.67
CA PHE C 631 56.35 -13.82 3.64
C PHE C 631 57.22 -15.01 3.98
N THR C 632 58.08 -15.49 3.05
CA THR C 632 58.99 -16.63 3.37
C THR C 632 60.08 -16.14 4.33
N ALA C 633 60.60 -14.94 4.07
CA ALA C 633 61.62 -14.36 4.96
C ALA C 633 61.02 -14.13 6.35
N LEU C 634 59.86 -13.45 6.40
CA LEU C 634 59.16 -13.21 7.65
C LEU C 634 58.74 -14.46 8.41
N ALA C 635 58.41 -15.53 7.70
CA ALA C 635 58.14 -16.83 8.36
C ALA C 635 59.41 -17.46 9.01
N LYS C 636 60.51 -17.48 8.25
CA LYS C 636 61.79 -18.00 8.74
C LYS C 636 62.29 -17.20 9.95
N GLU C 637 62.22 -15.88 9.85
CA GLU C 637 62.64 -15.05 10.94
C GLU C 637 61.74 -15.27 12.17
N MET C 638 60.44 -15.35 12.00
CA MET C 638 59.56 -15.55 13.15
C MET C 638 59.51 -16.98 13.66
N LYS C 639 60.04 -17.91 12.85
CA LYS C 639 60.03 -19.36 13.12
C LYS C 639 58.60 -19.84 13.26
N LEU C 640 57.79 -19.56 12.23
CA LEU C 640 56.39 -19.93 12.24
C LEU C 640 56.31 -21.42 11.95
N PRO C 641 55.25 -22.07 12.46
CA PRO C 641 55.14 -23.51 12.23
C PRO C 641 54.54 -23.88 10.87
N ARG C 642 55.19 -24.83 10.21
CA ARG C 642 54.76 -25.34 8.93
C ARG C 642 54.07 -26.67 9.14
N ALA C 643 53.19 -27.02 8.22
CA ALA C 643 52.65 -28.34 8.21
C ALA C 643 53.77 -29.39 8.01
N ILE C 644 54.65 -29.17 7.02
CA ILE C 644 55.86 -29.98 6.82
C ILE C 644 57.04 -29.04 6.77
N ASN C 645 58.14 -29.48 7.36
CA ASN C 645 59.37 -28.70 7.38
C ASN C 645 60.28 -29.06 6.20
N THR C 646 59.81 -28.70 5.00
CA THR C 646 60.49 -29.05 3.76
C THR C 646 60.11 -27.94 2.78
N PRO C 647 60.99 -27.66 1.81
CA PRO C 647 60.55 -26.75 0.73
C PRO C 647 59.50 -27.41 -0.18
N LEU C 648 58.38 -26.73 -0.39
CA LEU C 648 57.28 -27.20 -1.26
C LEU C 648 57.45 -26.65 -2.69
N PRO C 649 57.32 -27.50 -3.71
CA PRO C 649 57.29 -26.97 -5.07
C PRO C 649 56.15 -25.98 -5.28
N GLU C 650 56.32 -25.17 -6.30
CA GLU C 650 55.25 -24.27 -6.71
C GLU C 650 53.98 -25.07 -7.06
N GLY C 651 52.86 -24.65 -6.49
CA GLY C 651 51.60 -25.32 -6.71
C GLY C 651 51.37 -26.51 -5.83
N VAL C 652 52.34 -26.83 -4.95
CA VAL C 652 52.19 -27.89 -3.96
C VAL C 652 52.06 -27.23 -2.60
N THR C 653 51.02 -27.60 -1.85
CA THR C 653 50.73 -27.01 -0.53
C THR C 653 50.49 -28.14 0.45
N ALA C 654 50.53 -27.79 1.74
CA ALA C 654 50.36 -28.72 2.82
C ALA C 654 49.46 -28.16 3.94
N ALA C 655 48.51 -28.94 4.44
CA ALA C 655 47.64 -28.48 5.54
C ALA C 655 47.63 -29.48 6.70
N ARG C 656 47.60 -28.97 7.92
CA ARG C 656 47.76 -29.80 9.12
C ARG C 656 46.54 -29.74 10.03
N ARG C 657 45.98 -30.89 10.34
CA ARG C 657 45.05 -30.98 11.46
C ARG C 657 45.64 -31.87 12.55
N THR C 658 45.20 -31.63 13.79
CA THR C 658 45.65 -32.41 14.96
C THR C 658 44.51 -32.71 15.94
N ASP C 659 44.56 -33.89 16.55
CA ASP C 659 43.66 -34.26 17.66
C ASP C 659 44.39 -34.13 19.02
N GLY C 660 45.58 -33.54 19.02
CA GLY C 660 46.39 -33.40 20.22
C GLY C 660 47.38 -34.53 20.38
N GLU C 661 47.15 -35.65 19.72
CA GLU C 661 48.02 -36.81 19.81
C GLU C 661 48.77 -37.05 18.49
N SER C 662 47.99 -37.16 17.42
CA SER C 662 48.51 -37.28 16.08
C SER C 662 48.31 -35.98 15.30
N GLU C 663 49.13 -35.85 14.25
CA GLU C 663 48.93 -34.85 13.21
C GLU C 663 48.61 -35.52 11.85
N PHE C 664 47.63 -34.94 11.17
CA PHE C 664 47.26 -35.33 9.81
C PHE C 664 47.68 -34.24 8.83
N ILE C 665 48.61 -34.59 7.92
CA ILE C 665 49.13 -33.69 6.94
C ILE C 665 48.54 -34.03 5.59
N PHE C 666 47.88 -33.05 4.98
CA PHE C 666 47.31 -33.20 3.64
C PHE C 666 48.24 -32.53 2.62
N LEU C 667 48.98 -33.37 1.90
CA LEU C 667 49.80 -32.92 0.77
C LEU C 667 48.93 -32.81 -0.46
N GLN C 668 49.03 -31.68 -1.15
CA GLN C 668 48.13 -31.36 -2.26
C GLN C 668 48.86 -30.76 -3.44
N ASN C 669 48.71 -31.41 -4.59
CA ASN C 669 49.31 -30.95 -5.83
C ASN C 669 48.27 -30.41 -6.83
N TYR C 670 48.23 -29.10 -6.95
CA TYR C 670 47.34 -28.40 -7.89
C TYR C 670 47.99 -28.13 -9.23
N ASN C 671 49.15 -28.71 -9.47
CA ASN C 671 49.71 -28.73 -10.81
C ASN C 671 49.10 -29.85 -11.62
N ALA C 672 49.17 -29.68 -12.93
CA ALA C 672 48.57 -30.63 -13.86
C ALA C 672 49.64 -31.64 -14.31
N ASP C 673 50.74 -31.73 -13.56
CA ASP C 673 51.75 -32.74 -13.82
C ASP C 673 52.36 -33.17 -12.52
N ASN C 674 53.12 -34.27 -12.59
CA ASN C 674 53.78 -34.89 -11.45
C ASN C 674 54.68 -33.92 -10.73
N GLN C 675 54.74 -34.10 -9.41
CA GLN C 675 55.49 -33.20 -8.56
C GLN C 675 56.04 -33.99 -7.41
N THR C 676 57.33 -33.82 -7.13
CA THR C 676 58.02 -34.64 -6.18
C THR C 676 58.42 -33.81 -4.93
N VAL C 677 58.24 -34.41 -3.75
CA VAL C 677 58.45 -33.74 -2.48
C VAL C 677 59.27 -34.60 -1.50
N ALA C 678 60.21 -33.95 -0.82
CA ALA C 678 61.08 -34.61 0.14
C ALA C 678 60.56 -34.50 1.55
N LEU C 679 60.26 -35.63 2.19
CA LEU C 679 59.75 -35.63 3.56
C LEU C 679 60.94 -35.52 4.51
N PRO C 680 60.86 -34.59 5.48
CA PRO C 680 61.88 -34.44 6.50
C PRO C 680 61.68 -35.36 7.70
N GLN C 681 60.60 -36.16 7.74
CA GLN C 681 60.43 -37.22 8.75
C GLN C 681 59.64 -38.37 8.21
N ASP C 682 59.30 -39.31 9.08
CA ASP C 682 58.62 -40.48 8.66
C ASP C 682 57.17 -40.40 9.08
N TYR C 683 56.28 -40.75 8.15
CA TYR C 683 54.83 -40.71 8.35
C TYR C 683 54.22 -42.02 7.90
N GLN C 684 53.09 -42.37 8.49
CA GLN C 684 52.31 -43.51 8.04
C GLN C 684 51.33 -42.98 6.98
N ASP C 685 51.01 -43.78 5.96
CA ASP C 685 49.88 -43.49 5.05
C ASP C 685 48.62 -43.99 5.71
N ILE C 686 47.86 -43.07 6.28
CA ILE C 686 46.64 -43.39 7.01
C ILE C 686 45.52 -44.00 6.13
N VAL C 687 45.47 -43.61 4.87
CA VAL C 687 44.45 -44.14 3.94
C VAL C 687 44.77 -45.54 3.43
N HIS C 688 45.97 -45.72 2.86
CA HIS C 688 46.40 -46.98 2.20
C HIS C 688 47.26 -47.93 3.05
N GLY C 689 47.70 -47.47 4.23
CA GLY C 689 48.42 -48.29 5.21
C GLY C 689 49.92 -48.11 5.14
N GLY C 690 50.59 -48.57 6.19
CA GLY C 690 52.08 -48.62 6.22
C GLY C 690 52.79 -47.28 6.23
N ASN C 691 54.12 -47.35 6.09
CA ASN C 691 54.99 -46.16 6.16
C ASN C 691 55.40 -45.68 4.80
N LEU C 692 55.53 -44.36 4.70
CA LEU C 692 55.87 -43.71 3.45
C LEU C 692 57.37 -43.46 3.34
N PRO C 693 57.85 -43.28 2.12
CA PRO C 693 59.28 -43.00 2.03
C PRO C 693 59.56 -41.52 2.23
N ARG C 694 60.83 -41.18 2.29
CA ARG C 694 61.27 -39.80 2.34
C ARG C 694 61.24 -39.04 1.01
N LYS C 695 61.00 -39.70 -0.11
CA LYS C 695 60.88 -39.05 -1.41
C LYS C 695 59.54 -39.47 -1.93
N LEU C 696 58.75 -38.52 -2.39
CA LEU C 696 57.38 -38.84 -2.69
C LEU C 696 56.93 -38.03 -3.87
N THR C 697 56.33 -38.73 -4.84
CA THR C 697 55.83 -38.13 -6.06
C THR C 697 54.33 -38.17 -6.12
N LEU C 698 53.72 -36.99 -6.17
CA LEU C 698 52.29 -36.83 -6.24
C LEU C 698 51.90 -36.73 -7.73
N PRO C 699 50.86 -37.47 -8.14
CA PRO C 699 50.38 -37.30 -9.51
C PRO C 699 49.76 -35.92 -9.74
N ALA C 700 49.45 -35.61 -10.99
CA ALA C 700 48.59 -34.44 -11.29
C ALA C 700 47.29 -34.46 -10.47
N PHE C 701 46.94 -33.30 -9.94
CA PHE C 701 45.76 -33.13 -9.07
C PHE C 701 45.76 -34.16 -7.94
N GLY C 702 46.96 -34.51 -7.48
CA GLY C 702 47.14 -35.56 -6.49
C GLY C 702 47.10 -35.04 -5.07
N CYS C 703 46.67 -35.90 -4.16
CA CYS C 703 46.59 -35.61 -2.75
C CYS C 703 47.08 -36.82 -2.00
N GLN C 704 48.01 -36.64 -1.06
CA GLN C 704 48.34 -37.71 -0.13
C GLN C 704 48.29 -37.25 1.31
N ILE C 705 47.74 -38.10 2.18
CA ILE C 705 47.51 -37.78 3.55
C ILE C 705 48.49 -38.57 4.39
N LEU C 706 49.32 -37.83 5.11
CA LEU C 706 50.39 -38.36 5.90
C LEU C 706 50.03 -38.16 7.33
N THR C 707 50.18 -39.22 8.14
CA THR C 707 49.91 -39.09 9.56
C THR C 707 51.08 -39.47 10.41
N ARG C 708 51.06 -38.96 11.63
CA ARG C 708 52.19 -39.16 12.51
C ARG C 708 51.93 -38.67 13.92
N LYS C 709 52.61 -39.29 14.89
CA LYS C 709 52.47 -38.95 16.30
C LYS C 709 53.41 -37.83 16.68
N ILE C 710 52.97 -37.00 17.63
CA ILE C 710 53.65 -35.73 17.96
C ILE C 710 54.64 -35.92 19.11
N THR D 27 -20.93 50.64 -5.14
CA THR D 27 -22.43 50.76 -5.22
C THR D 27 -23.19 49.42 -5.46
N LYS D 28 -22.54 48.47 -6.11
CA LYS D 28 -23.14 47.19 -6.47
C LYS D 28 -22.02 46.21 -6.81
N PHE D 29 -22.15 44.96 -6.39
CA PHE D 29 -21.05 44.03 -6.54
C PHE D 29 -21.04 43.52 -7.97
N PRO D 30 -19.83 43.31 -8.55
CA PRO D 30 -19.74 42.67 -9.85
C PRO D 30 -20.34 41.25 -9.85
N LEU D 31 -20.96 40.87 -10.95
CA LEU D 31 -21.55 39.56 -11.13
C LEU D 31 -20.44 38.56 -11.23
N LEU D 32 -20.77 37.29 -11.09
CA LEU D 32 -19.77 36.20 -11.09
C LEU D 32 -18.89 36.18 -12.32
N SER D 33 -19.47 36.59 -13.46
CA SER D 33 -18.79 36.65 -14.74
C SER D 33 -19.24 37.90 -15.52
N SER D 34 -18.34 38.46 -16.32
CA SER D 34 -18.70 39.54 -17.23
C SER D 34 -19.73 39.07 -18.31
N LYS D 35 -19.70 37.76 -18.61
CA LYS D 35 -20.61 37.11 -19.55
C LYS D 35 -22.08 37.06 -19.15
N ILE D 36 -22.37 37.01 -17.86
CA ILE D 36 -23.76 36.85 -17.40
C ILE D 36 -24.32 38.20 -17.02
N SER D 37 -25.63 38.26 -16.87
CA SER D 37 -26.24 39.54 -16.51
C SER D 37 -27.52 39.42 -15.66
N GLY D 38 -27.76 38.26 -15.04
CA GLY D 38 -28.82 38.13 -14.06
C GLY D 38 -28.48 36.97 -13.16
N LEU D 39 -29.50 36.47 -12.47
CA LEU D 39 -29.34 35.36 -11.56
C LEU D 39 -29.12 34.09 -12.36
N LEU D 40 -28.34 33.18 -11.80
CA LEU D 40 -28.19 31.84 -12.36
C LEU D 40 -29.17 30.87 -11.69
N HIS D 41 -29.58 29.90 -12.50
CA HIS D 41 -30.45 28.82 -12.11
C HIS D 41 -29.86 27.54 -12.66
N GLY D 42 -29.72 26.49 -11.83
CA GLY D 42 -29.00 25.34 -12.33
C GLY D 42 -28.82 24.14 -11.47
N ALA D 43 -27.82 23.31 -11.78
CA ALA D 43 -27.68 22.02 -11.10
C ALA D 43 -26.36 21.32 -11.25
N ASP D 44 -26.07 20.42 -10.32
CA ASP D 44 -25.04 19.43 -10.54
C ASP D 44 -25.54 18.57 -11.70
N TYR D 45 -24.67 18.30 -12.67
CA TYR D 45 -25.04 17.54 -13.86
C TYR D 45 -23.98 16.43 -14.04
N ASN D 46 -24.44 15.18 -14.17
CA ASN D 46 -23.53 14.03 -14.34
C ASN D 46 -23.86 13.23 -15.59
N PRO D 47 -23.67 13.86 -16.75
CA PRO D 47 -23.99 13.22 -18.01
C PRO D 47 -23.19 11.94 -18.29
N GLU D 48 -22.01 11.83 -17.68
CA GLU D 48 -21.17 10.64 -17.82
C GLU D 48 -21.81 9.35 -17.37
N GLN D 49 -22.87 9.42 -16.57
CA GLN D 49 -23.64 8.22 -16.20
C GLN D 49 -24.60 7.78 -17.29
N TRP D 50 -24.80 8.60 -18.32
CA TRP D 50 -25.81 8.36 -19.34
C TRP D 50 -25.26 8.30 -20.79
N LEU D 51 -23.95 8.10 -20.94
CA LEU D 51 -23.35 8.16 -22.28
C LEU D 51 -23.85 7.08 -23.22
N ASP D 52 -24.46 6.03 -22.68
CA ASP D 52 -25.09 5.03 -23.50
C ASP D 52 -26.44 5.43 -24.07
N HIS D 53 -26.97 6.61 -23.74
CA HIS D 53 -28.27 7.03 -24.24
C HIS D 53 -28.15 8.47 -24.70
N PRO D 54 -27.65 8.66 -25.93
CA PRO D 54 -27.52 10.02 -26.50
C PRO D 54 -28.82 10.80 -26.58
N ASP D 55 -29.93 10.11 -26.76
CA ASP D 55 -31.29 10.68 -26.69
C ASP D 55 -31.53 11.37 -25.34
N VAL D 56 -30.94 10.82 -24.28
CA VAL D 56 -31.01 11.42 -22.93
C VAL D 56 -30.22 12.72 -22.88
N LEU D 57 -29.03 12.71 -23.42
CA LEU D 57 -28.20 13.91 -23.38
C LEU D 57 -28.74 15.09 -24.23
N VAL D 58 -29.48 14.79 -25.29
CA VAL D 58 -30.13 15.80 -26.12
C VAL D 58 -31.31 16.37 -25.34
N ARG D 59 -32.12 15.45 -24.82
CA ARG D 59 -33.29 15.80 -24.03
C ARG D 59 -32.95 16.61 -22.79
N ASP D 60 -31.86 16.24 -22.14
CA ASP D 60 -31.38 16.96 -20.96
C ASP D 60 -31.39 18.42 -21.29
N VAL D 61 -30.76 18.76 -22.39
CA VAL D 61 -30.50 20.14 -22.73
C VAL D 61 -31.76 20.88 -23.14
N GLU D 62 -32.65 20.20 -23.86
CA GLU D 62 -33.95 20.76 -24.24
C GLU D 62 -34.66 21.13 -22.95
N MET D 63 -34.62 20.21 -22.00
CA MET D 63 -35.37 20.39 -20.77
C MET D 63 -34.73 21.45 -19.86
N MET D 64 -33.40 21.57 -19.95
CA MET D 64 -32.71 22.64 -19.24
C MET D 64 -33.23 24.00 -19.68
N LYS D 65 -33.45 24.16 -20.97
CA LYS D 65 -33.86 25.48 -21.48
C LYS D 65 -35.30 25.73 -21.17
N GLU D 66 -36.07 24.65 -21.19
CA GLU D 66 -37.48 24.70 -20.90
C GLU D 66 -37.71 25.04 -19.41
N ALA D 67 -36.83 24.60 -18.52
CA ALA D 67 -36.85 24.99 -17.08
C ALA D 67 -36.14 26.32 -16.75
N ARG D 68 -35.55 26.98 -17.77
CA ARG D 68 -34.69 28.15 -17.65
C ARG D 68 -33.54 27.95 -16.68
N CYS D 69 -32.84 26.82 -16.82
CA CYS D 69 -31.56 26.64 -16.16
C CYS D 69 -30.49 27.14 -17.10
N ASN D 70 -29.65 28.05 -16.61
CA ASN D 70 -28.56 28.61 -17.40
C ASN D 70 -27.16 28.26 -16.84
N VAL D 71 -27.08 27.37 -15.85
CA VAL D 71 -25.78 26.96 -15.38
C VAL D 71 -25.81 25.51 -14.97
N MET D 72 -24.70 24.78 -15.21
CA MET D 72 -24.51 23.44 -14.64
C MET D 72 -23.14 23.28 -14.00
N SER D 73 -23.05 22.40 -13.00
CA SER D 73 -21.77 22.02 -12.43
C SER D 73 -21.45 20.65 -12.97
N VAL D 74 -20.33 20.58 -13.69
CA VAL D 74 -19.89 19.40 -14.39
C VAL D 74 -18.55 18.93 -13.85
N GLY D 75 -18.38 17.61 -13.81
CA GLY D 75 -17.09 16.98 -13.61
C GLY D 75 -16.78 16.56 -12.18
N ILE D 76 -17.77 16.74 -11.32
CA ILE D 76 -17.51 16.69 -9.91
C ILE D 76 -17.04 15.32 -9.48
N PHE D 77 -17.66 14.28 -10.04
CA PHE D 77 -17.31 12.91 -9.66
C PHE D 77 -16.85 12.10 -10.85
N SER D 78 -16.12 12.80 -11.73
CA SER D 78 -15.83 12.27 -13.04
C SER D 78 -14.47 11.63 -13.18
N TRP D 79 -13.74 11.40 -12.09
CA TRP D 79 -12.34 10.97 -12.18
C TRP D 79 -12.18 9.70 -13.03
N SER D 80 -13.06 8.71 -12.81
CA SER D 80 -12.90 7.46 -13.48
C SER D 80 -13.43 7.55 -14.92
N ALA D 81 -14.23 8.57 -15.18
CA ALA D 81 -14.68 8.85 -16.53
C ALA D 81 -13.71 9.69 -17.35
N LEU D 82 -12.68 10.25 -16.70
CA LEU D 82 -11.65 11.08 -17.33
C LEU D 82 -10.27 10.42 -17.31
N GLU D 83 -10.01 9.55 -16.34
CA GLU D 83 -8.76 8.81 -16.29
C GLU D 83 -9.05 7.38 -15.83
N PRO D 84 -9.62 6.56 -16.74
CA PRO D 84 -9.97 5.19 -16.37
C PRO D 84 -8.77 4.28 -15.98
N GLU D 85 -7.63 4.47 -16.64
CA GLU D 85 -6.35 3.85 -16.25
C GLU D 85 -5.40 4.96 -15.95
N GLU D 86 -4.42 4.67 -15.11
CA GLU D 86 -3.42 5.66 -14.72
C GLU D 86 -2.77 6.22 -15.97
N GLY D 87 -2.74 7.53 -16.09
CA GLY D 87 -2.03 8.19 -17.19
C GLY D 87 -2.76 8.29 -18.50
N ARG D 88 -3.81 7.49 -18.67
CA ARG D 88 -4.60 7.54 -19.89
C ARG D 88 -5.94 8.31 -19.73
N TYR D 89 -6.10 9.38 -20.50
CA TYR D 89 -7.24 10.25 -20.40
C TYR D 89 -8.28 10.04 -21.49
N THR D 90 -9.54 10.30 -21.15
CA THR D 90 -10.65 10.25 -22.08
C THR D 90 -11.55 11.49 -21.86
N PHE D 91 -11.29 12.56 -22.61
CA PHE D 91 -11.99 13.83 -22.43
C PHE D 91 -13.07 14.08 -23.46
N ASP D 92 -13.27 13.18 -24.41
CA ASP D 92 -14.16 13.48 -25.55
C ASP D 92 -15.56 13.79 -25.07
N TRP D 93 -16.12 12.95 -24.19
CA TRP D 93 -17.49 13.16 -23.72
C TRP D 93 -17.69 14.56 -23.08
N MET D 94 -16.65 15.02 -22.36
CA MET D 94 -16.69 16.30 -21.71
C MET D 94 -16.55 17.42 -22.71
N ASP D 95 -15.65 17.26 -23.68
CA ASP D 95 -15.64 18.18 -24.83
C ASP D 95 -17.07 18.42 -25.36
N GLN D 96 -17.76 17.30 -25.62
CA GLN D 96 -19.12 17.25 -26.22
C GLN D 96 -20.15 18.02 -25.38
N VAL D 97 -20.13 17.69 -24.09
CA VAL D 97 -21.03 18.26 -23.12
C VAL D 97 -20.84 19.79 -23.04
N LEU D 98 -19.59 20.22 -22.86
CA LEU D 98 -19.32 21.63 -22.74
C LEU D 98 -19.67 22.39 -24.01
N ASN D 99 -19.40 21.79 -25.18
CA ASN D 99 -19.86 22.38 -26.44
C ASN D 99 -21.39 22.45 -26.51
N ARG D 100 -22.06 21.37 -26.16
CA ARG D 100 -23.51 21.40 -26.20
C ARG D 100 -24.18 22.42 -25.27
N LEU D 101 -23.64 22.51 -24.06
CA LEU D 101 -24.14 23.50 -23.12
C LEU D 101 -23.90 24.93 -23.63
N HIS D 102 -22.69 25.18 -24.15
CA HIS D 102 -22.36 26.47 -24.75
C HIS D 102 -23.27 26.86 -25.93
N GLU D 103 -23.46 25.92 -26.88
CA GLU D 103 -24.37 26.09 -28.00
C GLU D 103 -25.76 26.46 -27.53
N ASN D 104 -26.18 25.92 -26.39
CA ASN D 104 -27.50 26.20 -25.89
C ASN D 104 -27.62 27.27 -24.79
N GLY D 105 -26.65 28.15 -24.68
CA GLY D 105 -26.73 29.24 -23.71
C GLY D 105 -26.73 28.86 -22.23
N ILE D 106 -25.99 27.82 -21.91
CA ILE D 106 -25.82 27.34 -20.55
C ILE D 106 -24.36 27.43 -20.15
N SER D 107 -24.09 28.24 -19.13
CA SER D 107 -22.77 28.33 -18.52
C SER D 107 -22.40 27.10 -17.72
N VAL D 108 -21.11 26.97 -17.40
CA VAL D 108 -20.62 25.81 -16.62
C VAL D 108 -19.72 26.23 -15.48
N PHE D 109 -19.95 25.66 -14.30
CA PHE D 109 -18.92 25.64 -13.30
C PHE D 109 -18.19 24.32 -13.45
N LEU D 110 -16.96 24.36 -13.95
CA LEU D 110 -16.18 23.14 -14.15
C LEU D 110 -15.48 22.76 -12.85
N ALA D 111 -15.68 21.51 -12.45
CA ALA D 111 -15.19 20.99 -11.20
C ALA D 111 -13.89 20.21 -11.36
N THR D 112 -13.13 20.21 -10.26
CA THR D 112 -12.00 19.36 -10.14
C THR D 112 -12.53 18.11 -9.49
N PRO D 113 -12.08 16.93 -9.97
CA PRO D 113 -12.71 15.67 -9.54
C PRO D 113 -12.21 15.06 -8.21
N SER D 114 -11.44 15.81 -7.41
CA SER D 114 -10.82 15.29 -6.17
C SER D 114 -11.75 14.78 -5.08
N GLY D 115 -13.05 15.01 -5.24
CA GLY D 115 -14.04 14.44 -4.35
C GLY D 115 -14.09 12.91 -4.28
N ALA D 116 -13.60 12.21 -5.32
CA ALA D 116 -13.67 10.72 -5.40
C ALA D 116 -12.62 10.10 -6.37
N ARG D 117 -11.57 9.56 -5.78
CA ARG D 117 -10.51 8.80 -6.47
C ARG D 117 -11.02 7.59 -7.18
N PRO D 118 -10.38 7.19 -8.27
CA PRO D 118 -10.78 5.93 -8.89
C PRO D 118 -10.30 4.77 -8.03
N ALA D 119 -10.88 3.59 -8.26
CA ALA D 119 -10.50 2.36 -7.56
C ALA D 119 -9.08 2.00 -7.86
N TRP D 120 -8.64 2.11 -9.11
CA TRP D 120 -7.23 1.82 -9.44
C TRP D 120 -6.24 2.62 -8.59
N MET D 121 -6.58 3.86 -8.28
CA MET D 121 -5.69 4.69 -7.49
C MET D 121 -5.56 4.24 -6.02
N SER D 122 -6.67 3.79 -5.45
CA SER D 122 -6.63 3.26 -4.12
C SER D 122 -5.79 1.99 -4.05
N GLN D 123 -6.02 1.11 -5.03
CA GLN D 123 -5.39 -0.19 -5.09
C GLN D 123 -3.91 -0.05 -5.21
N LYS D 124 -3.45 0.78 -6.14
CA LYS D 124 -2.00 1.01 -6.36
C LYS D 124 -1.34 1.92 -5.33
N TYR D 125 -2.03 2.98 -4.89
CA TYR D 125 -1.45 3.90 -3.92
C TYR D 125 -2.29 4.02 -2.65
N PRO D 126 -2.26 2.99 -1.78
CA PRO D 126 -3.02 2.97 -0.52
C PRO D 126 -2.81 4.15 0.41
N GLN D 127 -1.75 4.93 0.22
CA GLN D 127 -1.52 6.11 1.06
C GLN D 127 -2.57 7.20 0.84
N VAL D 128 -3.31 7.15 -0.27
CA VAL D 128 -4.35 8.12 -0.54
C VAL D 128 -5.58 7.92 0.33
N LEU D 129 -5.71 6.71 0.88
CA LEU D 129 -6.79 6.39 1.82
C LEU D 129 -6.50 6.96 3.18
N ARG D 130 -7.55 7.16 3.97
CA ARG D 130 -7.40 7.76 5.32
C ARG D 130 -7.16 6.69 6.36
N VAL D 131 -6.59 7.10 7.49
CA VAL D 131 -6.69 6.37 8.73
C VAL D 131 -7.63 7.15 9.68
N GLY D 132 -8.52 6.42 10.34
CA GLY D 132 -9.57 7.00 11.15
C GLY D 132 -9.05 7.46 12.49
N ARG D 133 -9.82 8.31 13.18
CA ARG D 133 -9.58 8.71 14.58
C ARG D 133 -9.30 7.54 15.52
N ASP D 134 -10.06 6.45 15.32
CA ASP D 134 -9.84 5.19 16.03
C ASP D 134 -8.63 4.39 15.51
N ARG D 135 -7.85 4.98 14.59
CA ARG D 135 -6.70 4.35 13.92
C ARG D 135 -7.00 3.12 13.05
N VAL D 136 -8.27 2.86 12.78
CA VAL D 136 -8.66 1.86 11.80
C VAL D 136 -8.39 2.46 10.40
N PRO D 137 -7.67 1.72 9.57
CA PRO D 137 -7.39 2.20 8.20
C PRO D 137 -8.60 2.00 7.27
N ALA D 138 -9.01 3.01 6.51
CA ALA D 138 -10.10 2.87 5.57
C ALA D 138 -9.68 1.96 4.42
N LEU D 139 -10.69 1.34 3.78
CA LEU D 139 -10.53 0.70 2.48
C LEU D 139 -11.18 1.62 1.44
N HIS D 140 -11.00 1.30 0.18
CA HIS D 140 -11.54 2.11 -0.90
C HIS D 140 -13.06 2.15 -0.80
N GLY D 141 -13.65 3.29 -1.14
CA GLY D 141 -15.06 3.45 -1.13
C GLY D 141 -15.48 4.80 -0.61
N GLY D 142 -16.75 5.12 -0.80
CA GLY D 142 -17.33 6.38 -0.38
C GLY D 142 -16.78 7.53 -1.18
N ARG D 143 -16.53 8.63 -0.49
CA ARG D 143 -16.20 9.90 -1.11
C ARG D 143 -15.69 10.84 -0.02
N HIS D 144 -15.07 11.94 -0.48
CA HIS D 144 -14.55 13.01 0.38
C HIS D 144 -13.59 12.53 1.46
N ASN D 145 -12.90 11.42 1.21
CA ASN D 145 -12.21 10.70 2.30
C ASN D 145 -10.77 10.41 1.96
N HIS D 146 -10.12 11.39 1.36
CA HIS D 146 -8.72 11.32 0.96
C HIS D 146 -7.86 11.82 2.10
N CYS D 147 -6.67 11.23 2.22
CA CYS D 147 -5.61 11.76 3.08
C CYS D 147 -5.15 13.11 2.54
N MET D 148 -5.12 14.12 3.40
CA MET D 148 -4.80 15.51 2.99
C MET D 148 -3.28 15.80 2.96
N SER D 149 -2.49 14.86 3.49
CA SER D 149 -1.03 14.92 3.46
C SER D 149 -0.48 14.18 2.24
N SER D 150 -1.14 13.10 1.81
CA SER D 150 -0.61 12.25 0.75
C SER D 150 0.05 12.96 -0.45
N PRO D 151 1.39 12.88 -0.54
CA PRO D 151 2.04 13.43 -1.73
C PRO D 151 1.52 12.84 -3.05
N VAL D 152 1.23 11.55 -3.05
CA VAL D 152 0.74 10.91 -4.27
C VAL D 152 -0.58 11.50 -4.72
N TYR D 153 -1.49 11.75 -3.78
CA TYR D 153 -2.82 12.26 -4.16
C TYR D 153 -2.81 13.73 -4.57
N ARG D 154 -2.03 14.50 -3.86
CA ARG D 154 -1.83 15.89 -4.21
C ARG D 154 -1.20 16.05 -5.58
N GLU D 155 -0.28 15.15 -5.93
CA GLU D 155 0.39 15.19 -7.24
C GLU D 155 -0.59 14.81 -8.33
N LYS D 156 -1.37 13.76 -8.07
CA LYS D 156 -2.34 13.28 -9.05
C LYS D 156 -3.44 14.30 -9.29
N VAL D 157 -3.81 14.99 -8.23
CA VAL D 157 -4.73 16.11 -8.31
C VAL D 157 -4.12 17.25 -9.11
N GLN D 158 -2.87 17.63 -8.84
CA GLN D 158 -2.15 18.61 -9.69
C GLN D 158 -2.22 18.25 -11.17
N LEU D 159 -1.83 17.01 -11.50
CA LEU D 159 -1.78 16.53 -12.88
C LEU D 159 -3.15 16.63 -13.54
N MET D 160 -4.18 16.12 -12.86
CA MET D 160 -5.55 16.18 -13.36
C MET D 160 -6.01 17.65 -13.58
N ASN D 161 -5.85 18.45 -12.54
CA ASN D 161 -6.24 19.82 -12.60
C ASN D 161 -5.49 20.59 -13.67
N GLY D 162 -4.22 20.22 -13.92
CA GLY D 162 -3.47 20.80 -15.03
C GLY D 162 -4.06 20.47 -16.40
N GLN D 163 -4.47 19.22 -16.56
CA GLN D 163 -5.10 18.79 -17.78
C GLN D 163 -6.40 19.58 -18.01
N LEU D 164 -7.28 19.59 -17.01
CA LEU D 164 -8.59 20.31 -17.10
C LEU D 164 -8.41 21.79 -17.37
N ALA D 165 -7.39 22.37 -16.74
CA ALA D 165 -7.05 23.75 -17.00
C ALA D 165 -6.54 23.94 -18.44
N LYS D 166 -5.53 23.19 -18.87
CA LYS D 166 -4.94 23.40 -20.21
C LYS D 166 -5.93 23.13 -21.32
N ARG D 167 -6.89 22.24 -21.10
CA ARG D 167 -7.89 21.94 -22.08
C ARG D 167 -9.10 22.88 -22.02
N TYR D 168 -9.49 23.37 -20.84
CA TYR D 168 -10.79 24.05 -20.71
C TYR D 168 -10.79 25.45 -20.10
N ALA D 169 -9.65 25.95 -19.64
CA ALA D 169 -9.65 27.24 -18.95
C ALA D 169 -10.06 28.42 -19.87
N HIS D 170 -10.18 28.18 -21.18
CA HIS D 170 -10.66 29.16 -22.14
C HIS D 170 -11.80 28.57 -22.94
N HIS D 171 -12.50 27.58 -22.41
CA HIS D 171 -13.71 27.13 -23.07
C HIS D 171 -14.81 28.18 -22.75
N PRO D 172 -15.52 28.68 -23.75
CA PRO D 172 -16.40 29.83 -23.54
C PRO D 172 -17.57 29.57 -22.58
N ALA D 173 -17.97 28.30 -22.46
CA ALA D 173 -19.00 27.90 -21.46
C ALA D 173 -18.58 28.11 -20.02
N VAL D 174 -17.30 27.97 -19.72
CA VAL D 174 -16.80 27.88 -18.35
C VAL D 174 -16.79 29.27 -17.71
N ILE D 175 -17.43 29.40 -16.56
CA ILE D 175 -17.43 30.68 -15.81
C ILE D 175 -16.74 30.60 -14.46
N GLY D 176 -16.32 29.42 -14.04
CA GLY D 176 -15.72 29.31 -12.76
C GLY D 176 -15.39 27.89 -12.45
N TRP D 177 -14.61 27.74 -11.39
CA TRP D 177 -14.09 26.45 -10.91
C TRP D 177 -14.80 25.97 -9.61
N HIS D 178 -15.18 24.71 -9.64
CA HIS D 178 -15.83 24.04 -8.50
C HIS D 178 -14.74 23.12 -7.91
N ILE D 179 -14.06 23.64 -6.91
CA ILE D 179 -12.90 22.93 -6.43
C ILE D 179 -13.38 21.76 -5.55
N SER D 180 -13.10 20.56 -6.01
CA SER D 180 -13.45 19.35 -5.26
C SER D 180 -14.95 19.30 -5.03
N ASN D 181 -15.36 18.65 -3.94
CA ASN D 181 -16.74 18.68 -3.50
C ASN D 181 -16.77 18.44 -2.03
N GLU D 182 -17.34 19.41 -1.28
CA GLU D 182 -17.70 19.26 0.14
C GLU D 182 -16.56 18.69 0.95
N TYR D 183 -15.46 19.43 0.96
CA TYR D 183 -14.34 19.09 1.78
C TYR D 183 -14.81 18.78 3.19
N GLY D 184 -14.31 17.71 3.81
CA GLY D 184 -14.70 17.31 5.15
C GLY D 184 -13.91 16.13 5.69
N GLY D 185 -13.86 16.02 7.02
CA GLY D 185 -13.21 14.92 7.72
C GLY D 185 -11.72 15.13 7.96
N GLU D 186 -11.10 14.10 8.53
CA GLU D 186 -9.76 14.19 9.06
C GLU D 186 -8.99 12.85 8.91
N CYS D 187 -7.66 12.93 8.85
CA CYS D 187 -6.85 11.75 8.70
C CYS D 187 -5.87 11.70 9.82
N HIS D 188 -5.65 10.49 10.33
CA HIS D 188 -4.73 10.24 11.46
C HIS D 188 -3.58 9.30 11.09
N CYS D 189 -3.27 9.12 9.80
CA CYS D 189 -2.13 8.28 9.36
C CYS D 189 -0.82 8.93 9.78
N ASP D 190 0.23 8.13 9.80
CA ASP D 190 1.55 8.59 10.27
C ASP D 190 2.11 9.80 9.54
N THR D 191 1.73 10.00 8.30
CA THR D 191 2.15 11.19 7.55
C THR D 191 1.52 12.41 8.15
N CYS D 192 0.22 12.32 8.43
CA CYS D 192 -0.56 13.44 9.00
C CYS D 192 -0.11 13.76 10.46
N GLN D 193 0.29 12.71 11.18
CA GLN D 193 0.88 12.86 12.52
C GLN D 193 2.16 13.67 12.45
N GLY D 194 3.05 13.29 11.52
CA GLY D 194 4.31 14.00 11.25
C GLY D 194 4.05 15.44 10.94
N GLN D 195 3.12 15.66 10.01
CA GLN D 195 2.74 16.99 9.54
C GLN D 195 2.20 17.89 10.70
N PHE D 196 1.43 17.25 11.57
CA PHE D 196 0.83 17.89 12.73
C PHE D 196 1.89 18.27 13.73
N ARG D 197 2.82 17.34 14.00
CA ARG D 197 3.98 17.65 14.87
C ARG D 197 4.70 18.91 14.40
N ASP D 198 5.03 18.95 13.11
CA ASP D 198 5.72 20.10 12.50
C ASP D 198 4.89 21.35 12.73
N TRP D 199 3.60 21.26 12.45
CA TRP D 199 2.65 22.39 12.59
C TRP D 199 2.68 22.98 14.01
N LEU D 200 2.60 22.12 15.01
CA LEU D 200 2.74 22.50 16.42
C LEU D 200 4.10 23.13 16.73
N LYS D 201 5.17 22.52 16.23
CA LYS D 201 6.52 23.08 16.42
C LYS D 201 6.69 24.47 15.82
N ALA D 202 6.06 24.73 14.68
CA ALA D 202 5.98 26.09 14.13
C ALA D 202 5.22 27.05 15.05
N ARG D 203 4.09 26.59 15.55
CA ARG D 203 3.15 27.46 16.27
C ARG D 203 3.69 27.86 17.62
N TYR D 204 3.94 26.91 18.49
CA TYR D 204 4.64 27.14 19.76
C TYR D 204 6.07 26.84 19.40
N VAL D 205 7.04 27.53 19.97
CA VAL D 205 8.40 27.34 19.45
C VAL D 205 9.13 26.21 20.19
N THR D 206 8.80 26.07 21.47
CA THR D 206 9.42 25.12 22.38
C THR D 206 8.30 24.24 22.96
N LEU D 207 8.70 23.13 23.56
CA LEU D 207 7.76 22.30 24.27
C LEU D 207 7.29 22.95 25.53
N ASP D 208 8.06 23.90 26.00
CA ASP D 208 7.72 24.70 27.19
C ASP D 208 6.47 25.58 27.01
N ALA D 209 6.43 26.27 25.87
CA ALA D 209 5.29 27.05 25.44
C ALA D 209 4.06 26.17 25.32
N LEU D 210 4.27 25.04 24.64
CA LEU D 210 3.22 24.07 24.39
C LEU D 210 2.63 23.59 25.72
N ASN D 211 3.49 23.03 26.57
CA ASN D 211 3.04 22.42 27.81
C ASN D 211 2.31 23.42 28.65
N LYS D 212 2.75 24.68 28.60
CA LYS D 212 2.06 25.73 29.35
C LYS D 212 0.73 26.07 28.78
N ALA D 213 0.64 26.16 27.45
CA ALA D 213 -0.64 26.51 26.77
C ALA D 213 -1.76 25.48 27.05
N TRP D 214 -1.38 24.22 27.10
CA TRP D 214 -2.30 23.14 27.29
C TRP D 214 -2.50 22.73 28.75
N TRP D 215 -1.68 23.26 29.67
CA TRP D 215 -1.71 22.87 31.09
C TRP D 215 -1.47 21.38 31.29
N SER D 216 -0.44 20.85 30.62
CA SER D 216 -0.20 19.40 30.51
C SER D 216 0.39 18.73 31.73
N THR D 217 0.79 19.48 32.73
CA THR D 217 1.21 18.93 34.00
C THR D 217 0.02 18.19 34.69
N PHE D 218 -1.20 18.62 34.41
CA PHE D 218 -2.39 17.93 34.86
C PHE D 218 -2.28 16.51 34.33
N TRP D 219 -2.57 15.55 35.20
CA TRP D 219 -2.43 14.11 34.89
C TRP D 219 -1.10 13.74 34.23
N SER D 220 -0.02 14.40 34.67
CA SER D 220 1.34 14.05 34.24
C SER D 220 1.45 13.84 32.72
N HIS D 221 0.80 14.71 31.95
CA HIS D 221 0.84 14.65 30.47
C HIS D 221 1.95 15.47 29.80
N THR D 222 2.94 15.91 30.60
CA THR D 222 4.05 16.72 30.11
C THR D 222 4.74 16.08 28.90
N TYR D 223 4.71 16.77 27.77
CA TYR D 223 5.40 16.28 26.58
C TYR D 223 6.84 16.70 26.72
N THR D 224 7.78 15.75 26.70
CA THR D 224 9.23 16.04 26.80
C THR D 224 9.97 15.80 25.50
N ASP D 225 9.24 15.52 24.43
CA ASP D 225 9.82 15.39 23.12
C ASP D 225 8.72 15.52 22.09
N TRP D 226 9.01 16.19 20.99
CA TRP D 226 7.99 16.44 19.97
C TRP D 226 7.38 15.15 19.44
N SER D 227 8.17 14.08 19.40
CA SER D 227 7.70 12.82 18.82
C SER D 227 6.57 12.20 19.64
N GLN D 228 6.46 12.62 20.90
CA GLN D 228 5.42 12.16 21.81
C GLN D 228 4.03 12.68 21.45
N LEU D 229 3.97 13.80 20.72
CA LEU D 229 2.67 14.39 20.35
C LEU D 229 2.00 13.52 19.33
N GLU D 230 0.70 13.35 19.53
CA GLU D 230 -0.13 12.46 18.72
C GLU D 230 -1.55 13.07 18.60
N SER D 231 -2.20 12.84 17.47
CA SER D 231 -3.55 13.32 17.26
C SER D 231 -4.42 12.63 18.27
N PRO D 232 -5.57 13.21 18.60
CA PRO D 232 -6.44 12.53 19.57
C PRO D 232 -6.96 11.19 19.10
N SER D 233 -7.32 10.34 20.04
CA SER D 233 -7.92 9.04 19.73
C SER D 233 -8.70 8.54 20.94
N PRO D 234 -9.78 7.76 20.68
CA PRO D 234 -10.55 7.23 21.82
C PRO D 234 -9.75 6.28 22.75
N GLN D 235 -8.78 5.56 22.18
CA GLN D 235 -7.97 4.59 22.97
C GLN D 235 -6.66 5.19 23.49
N GLY D 236 -6.46 6.49 23.25
CA GLY D 236 -5.22 7.17 23.59
C GLY D 236 -5.46 8.39 24.43
N GLU D 237 -5.33 9.56 23.82
CA GLU D 237 -5.58 10.83 24.52
C GLU D 237 -6.69 11.68 23.85
N ASN D 238 -7.78 11.91 24.57
CA ASN D 238 -8.78 12.84 24.09
C ASN D 238 -9.34 13.76 25.18
N GLY D 239 -8.60 13.91 26.28
CA GLY D 239 -8.95 14.83 27.38
C GLY D 239 -8.14 16.13 27.42
N VAL D 240 -7.12 16.27 26.59
CA VAL D 240 -6.31 17.48 26.56
C VAL D 240 -6.89 18.45 25.51
N HIS D 241 -7.59 19.46 26.01
CA HIS D 241 -8.41 20.41 25.22
C HIS D 241 -7.60 21.20 24.26
N GLY D 242 -6.40 21.56 24.69
CA GLY D 242 -5.48 22.29 23.84
C GLY D 242 -5.16 21.53 22.59
N LEU D 243 -4.95 20.20 22.77
CA LEU D 243 -4.59 19.29 21.70
C LEU D 243 -5.75 19.16 20.71
N ASN D 244 -6.95 18.87 21.24
CA ASN D 244 -8.19 18.81 20.45
C ASN D 244 -8.48 20.04 19.65
N LEU D 245 -8.27 21.18 20.28
CA LEU D 245 -8.49 22.44 19.62
C LEU D 245 -7.51 22.60 18.45
N ASP D 246 -6.23 22.45 18.72
CA ASP D 246 -5.23 22.69 17.71
C ASP D 246 -5.30 21.69 16.59
N TRP D 247 -5.78 20.49 16.89
CA TRP D 247 -5.99 19.46 15.86
C TRP D 247 -6.99 19.94 14.80
N ARG D 248 -8.04 20.61 15.27
CA ARG D 248 -9.03 21.27 14.40
C ARG D 248 -8.49 22.47 13.61
N ARG D 249 -7.70 23.29 14.28
CA ARG D 249 -6.95 24.35 13.56
C ARG D 249 -6.04 23.75 12.49
N PHE D 250 -5.31 22.68 12.85
CA PHE D 250 -4.41 22.02 11.91
C PHE D 250 -5.20 21.45 10.72
N ASN D 251 -6.35 20.83 10.97
CA ASN D 251 -7.12 20.26 9.88
C ASN D 251 -7.61 21.31 8.93
N THR D 252 -7.97 22.47 9.50
CA THR D 252 -8.40 23.59 8.73
C THR D 252 -7.26 24.06 7.85
N ASP D 253 -6.04 24.17 8.40
CA ASP D 253 -4.87 24.58 7.59
C ASP D 253 -4.55 23.58 6.50
N GLN D 254 -4.71 22.29 6.81
CA GLN D 254 -4.43 21.22 5.84
C GLN D 254 -5.30 21.33 4.61
N VAL D 255 -6.59 21.58 4.84
CA VAL D 255 -7.57 21.71 3.77
C VAL D 255 -7.42 23.02 3.02
N THR D 256 -7.14 24.10 3.74
CA THR D 256 -6.92 25.39 3.10
C THR D 256 -5.71 25.29 2.12
N ARG D 257 -4.60 24.75 2.61
CA ARG D 257 -3.45 24.44 1.75
C ARG D 257 -3.83 23.50 0.59
N PHE D 258 -4.55 22.42 0.87
CA PHE D 258 -5.00 21.48 -0.18
C PHE D 258 -5.77 22.19 -1.29
N CYS D 259 -6.66 23.08 -0.85
CA CYS D 259 -7.53 23.81 -1.75
C CYS D 259 -6.74 24.86 -2.56
N SER D 260 -5.83 25.61 -1.93
CA SER D 260 -4.89 26.49 -2.68
C SER D 260 -4.17 25.76 -3.77
N GLU D 261 -3.55 24.62 -3.43
CA GLU D 261 -2.80 23.80 -4.38
C GLU D 261 -3.64 23.32 -5.55
N GLU D 262 -4.90 22.95 -5.28
CA GLU D 262 -5.83 22.60 -6.33
C GLU D 262 -6.06 23.76 -7.25
N ILE D 263 -6.17 24.96 -6.67
CA ILE D 263 -6.50 26.17 -7.42
C ILE D 263 -5.39 26.66 -8.39
N ARG D 264 -4.13 26.54 -8.02
CA ARG D 264 -3.05 27.19 -8.75
C ARG D 264 -2.81 26.79 -10.18
N PRO D 265 -2.86 25.48 -10.50
CA PRO D 265 -2.72 25.14 -11.92
C PRO D 265 -3.87 25.66 -12.76
N LEU D 266 -5.02 25.86 -12.15
CA LEU D 266 -6.18 26.41 -12.89
C LEU D 266 -5.96 27.89 -13.20
N LYS D 267 -5.56 28.66 -12.18
CA LYS D 267 -5.29 30.09 -12.36
C LYS D 267 -4.11 30.35 -13.29
N ALA D 268 -3.12 29.46 -13.27
CA ALA D 268 -2.00 29.55 -14.17
C ALA D 268 -2.48 29.65 -15.62
N GLU D 269 -3.52 28.90 -15.99
CA GLU D 269 -4.01 28.90 -17.38
C GLU D 269 -4.99 29.99 -17.71
N ASN D 270 -5.54 30.65 -16.69
CA ASN D 270 -6.52 31.71 -16.87
C ASN D 270 -6.84 32.34 -15.51
N PRO D 271 -6.09 33.40 -15.14
CA PRO D 271 -6.23 34.09 -13.84
C PRO D 271 -7.55 34.80 -13.63
N ALA D 272 -8.36 34.95 -14.69
CA ALA D 272 -9.64 35.61 -14.65
C ALA D 272 -10.83 34.71 -14.27
N LEU D 273 -10.64 33.40 -14.18
CA LEU D 273 -11.75 32.54 -13.78
C LEU D 273 -11.75 32.37 -12.25
N PRO D 274 -12.90 32.70 -11.60
CA PRO D 274 -13.03 32.59 -10.11
C PRO D 274 -13.16 31.14 -9.67
N ALA D 275 -12.74 30.88 -8.44
CA ALA D 275 -12.78 29.55 -7.81
C ALA D 275 -13.54 29.59 -6.50
N THR D 276 -14.37 28.57 -6.30
CA THR D 276 -15.05 28.30 -5.03
C THR D 276 -14.93 26.81 -4.67
N THR D 277 -15.29 26.52 -3.44
CA THR D 277 -15.58 25.16 -3.03
C THR D 277 -16.90 25.21 -2.23
N ASN D 278 -17.67 24.13 -2.28
CA ASN D 278 -19.03 24.17 -1.75
C ASN D 278 -19.10 23.80 -0.27
N PHE D 279 -19.48 24.78 0.55
CA PHE D 279 -19.59 24.59 1.99
C PHE D 279 -20.86 23.84 2.42
N MET D 280 -20.86 23.31 3.64
CA MET D 280 -22.02 22.59 4.23
C MET D 280 -22.66 23.33 5.40
N GLU D 281 -23.84 22.90 5.78
CA GLU D 281 -24.67 23.55 6.82
C GLU D 281 -23.98 23.57 8.20
N TYR D 282 -23.75 24.76 8.76
CA TYR D 282 -23.06 24.93 10.04
C TYR D 282 -21.93 23.91 10.27
N PHE D 283 -21.15 23.63 9.22
CA PHE D 283 -20.21 22.53 9.24
C PHE D 283 -19.19 22.73 10.36
N ASN D 284 -18.83 21.65 11.04
CA ASN D 284 -18.04 21.74 12.26
C ASN D 284 -16.56 21.41 12.08
N ASP D 285 -16.21 20.59 11.09
CA ASP D 285 -14.82 20.09 10.94
C ASP D 285 -13.80 21.21 10.71
N TYR D 286 -14.13 22.18 9.85
CA TYR D 286 -13.20 23.28 9.50
C TYR D 286 -13.75 24.69 9.81
N ASP D 287 -12.83 25.60 10.13
CA ASP D 287 -13.13 27.02 10.32
C ASP D 287 -13.23 27.68 8.94
N TYR D 288 -14.47 27.93 8.52
CA TYR D 288 -14.71 28.43 7.17
C TYR D 288 -14.15 29.82 6.92
N TRP D 289 -13.98 30.62 7.97
CA TRP D 289 -13.28 31.88 7.86
C TRP D 289 -11.86 31.72 7.32
N LYS D 290 -11.18 30.62 7.61
CA LYS D 290 -9.83 30.39 7.10
C LYS D 290 -9.87 29.91 5.69
N LEU D 291 -10.66 28.89 5.47
CA LEU D 291 -10.80 28.30 4.11
C LEU D 291 -11.31 29.30 3.09
N ALA D 292 -12.18 30.21 3.51
CA ALA D 292 -12.72 31.21 2.61
C ALA D 292 -11.70 32.18 2.04
N GLY D 293 -10.61 32.39 2.77
CA GLY D 293 -9.50 33.26 2.32
C GLY D 293 -8.77 32.83 1.04
N VAL D 294 -9.02 31.62 0.56
CA VAL D 294 -8.34 31.05 -0.59
C VAL D 294 -9.28 31.02 -1.82
N LEU D 295 -10.55 31.33 -1.62
CA LEU D 295 -11.57 31.32 -2.70
C LEU D 295 -11.88 32.70 -3.21
N ASP D 296 -12.39 32.79 -4.42
CA ASP D 296 -12.82 34.09 -4.97
C ASP D 296 -14.24 34.48 -4.54
N PHE D 297 -15.12 33.48 -4.47
CA PHE D 297 -16.51 33.64 -4.00
C PHE D 297 -16.97 32.43 -3.23
N ILE D 298 -18.06 32.61 -2.51
CA ILE D 298 -18.57 31.63 -1.56
C ILE D 298 -19.74 30.88 -2.18
N SER D 299 -19.82 29.58 -1.87
CA SER D 299 -20.94 28.75 -2.25
C SER D 299 -21.30 27.76 -1.13
N TRP D 300 -22.57 27.42 -1.04
CA TRP D 300 -22.97 26.33 -0.12
C TRP D 300 -24.18 25.50 -0.47
N ASP D 301 -24.32 24.44 0.28
CA ASP D 301 -25.28 23.37 0.02
C ASP D 301 -26.25 23.26 1.18
N SER D 302 -27.53 23.47 0.90
CA SER D 302 -28.56 23.62 1.93
C SER D 302 -29.71 22.63 1.77
N TYR D 303 -29.92 21.80 2.78
CA TYR D 303 -30.95 20.79 2.78
C TYR D 303 -31.73 20.83 4.09
N PRO D 304 -32.48 21.91 4.33
CA PRO D 304 -33.29 21.99 5.49
C PRO D 304 -34.46 20.96 5.53
N MET D 305 -34.77 20.42 6.71
CA MET D 305 -35.81 19.40 6.81
C MET D 305 -37.18 20.08 6.87
N TRP D 306 -37.61 20.63 5.74
CA TRP D 306 -38.88 21.36 5.71
C TRP D 306 -40.03 20.44 6.11
N HIS D 307 -41.01 21.03 6.77
CA HIS D 307 -42.28 20.40 7.16
C HIS D 307 -42.15 19.21 8.11
N THR D 308 -41.08 19.14 8.89
CA THR D 308 -40.90 18.00 9.83
C THR D 308 -41.17 18.36 11.26
N ARG D 309 -41.46 19.62 11.56
CA ARG D 309 -41.70 20.06 12.92
C ARG D 309 -43.05 20.72 12.98
N GLN D 310 -43.47 21.09 14.19
CA GLN D 310 -44.66 21.94 14.46
C GLN D 310 -44.95 22.95 13.32
N ASP D 311 -43.92 23.70 12.91
CA ASP D 311 -44.01 24.74 11.89
C ASP D 311 -42.60 24.84 11.35
N ASP D 312 -42.39 25.67 10.31
CA ASP D 312 -41.12 25.85 9.60
C ASP D 312 -40.47 27.21 9.91
N ILE D 313 -40.94 27.89 10.96
CA ILE D 313 -40.46 29.26 11.26
C ILE D 313 -39.04 29.21 11.80
N GLY D 314 -38.87 28.46 12.87
CA GLY D 314 -37.54 28.27 13.46
C GLY D 314 -36.52 27.86 12.42
N LEU D 315 -36.89 26.84 11.64
CA LEU D 315 -36.05 26.26 10.63
C LEU D 315 -35.66 27.26 9.57
N ALA D 316 -36.61 28.10 9.21
CA ALA D 316 -36.38 29.15 8.22
C ALA D 316 -35.38 30.18 8.73
N ALA D 317 -35.57 30.63 9.97
CA ALA D 317 -34.65 31.60 10.56
C ALA D 317 -33.23 31.00 10.67
N TYR D 318 -33.15 29.70 10.99
CA TYR D 318 -31.83 28.99 11.10
C TYR D 318 -31.08 28.96 9.77
N THR D 319 -31.80 28.56 8.71
CA THR D 319 -31.30 28.64 7.33
C THR D 319 -30.85 30.06 6.92
N ALA D 320 -31.69 31.05 7.18
CA ALA D 320 -31.43 32.42 6.82
C ALA D 320 -30.17 32.99 7.48
N MET D 321 -29.97 32.63 8.74
CA MET D 321 -28.74 33.01 9.43
C MET D 321 -27.53 32.46 8.69
N TYR D 322 -27.58 31.20 8.24
CA TYR D 322 -26.41 30.62 7.55
C TYR D 322 -26.15 31.25 6.16
N HIS D 323 -27.21 31.56 5.43
CA HIS D 323 -27.09 32.40 4.24
C HIS D 323 -26.35 33.71 4.57
N ASP D 324 -26.74 34.38 5.65
CA ASP D 324 -26.08 35.66 6.00
C ASP D 324 -24.59 35.43 6.29
N LEU D 325 -24.30 34.34 6.97
CA LEU D 325 -22.92 33.95 7.22
C LEU D 325 -22.12 33.83 5.91
N MET D 326 -22.70 33.10 4.95
CA MET D 326 -22.08 32.88 3.66
C MET D 326 -21.85 34.20 2.93
N ARG D 327 -22.81 35.14 3.05
CA ARG D 327 -22.60 36.49 2.46
C ARG D 327 -21.52 37.30 3.21
N THR D 328 -21.51 37.24 4.54
CA THR D 328 -20.57 37.98 5.39
C THR D 328 -19.10 37.51 5.24
N LEU D 329 -18.90 36.24 4.88
CA LEU D 329 -17.57 35.71 4.70
C LEU D 329 -16.74 36.57 3.74
N LYS D 330 -17.34 37.13 2.71
CA LYS D 330 -16.66 38.12 1.84
C LYS D 330 -17.26 39.54 1.86
N GLN D 331 -17.57 40.01 3.06
CA GLN D 331 -18.05 41.36 3.31
C GLN D 331 -19.16 41.84 2.38
N GLY D 332 -20.24 41.07 2.30
CA GLY D 332 -21.42 41.45 1.49
C GLY D 332 -21.50 40.86 0.10
N LYS D 333 -20.38 40.36 -0.40
CA LYS D 333 -20.29 39.83 -1.75
C LYS D 333 -21.30 38.67 -1.85
N PRO D 334 -22.22 38.71 -2.84
CA PRO D 334 -23.16 37.63 -3.13
C PRO D 334 -22.51 36.29 -3.29
N PHE D 335 -23.25 35.23 -2.97
CA PHE D 335 -22.73 33.89 -2.94
C PHE D 335 -23.60 33.04 -3.87
N VAL D 336 -23.15 31.79 -4.09
CA VAL D 336 -23.87 30.81 -4.87
C VAL D 336 -24.50 29.78 -3.92
N LEU D 337 -25.79 29.47 -4.14
CA LEU D 337 -26.40 28.30 -3.55
C LEU D 337 -26.11 27.14 -4.53
N MET D 338 -25.06 26.41 -4.23
CA MET D 338 -24.50 25.44 -5.18
C MET D 338 -25.35 24.20 -5.23
N GLU D 339 -25.91 23.86 -4.08
CA GLU D 339 -26.79 22.72 -4.03
C GLU D 339 -28.00 23.02 -3.16
N SER D 340 -29.05 22.27 -3.43
CA SER D 340 -30.28 22.22 -2.68
C SER D 340 -31.07 21.12 -3.36
N THR D 341 -32.20 20.71 -2.79
CA THR D 341 -33.07 19.76 -3.48
C THR D 341 -34.32 20.48 -3.99
N PRO D 342 -34.75 20.13 -5.22
CA PRO D 342 -36.07 20.56 -5.70
C PRO D 342 -37.23 19.85 -4.99
N SER D 343 -36.95 18.81 -4.19
CA SER D 343 -38.03 18.05 -3.54
C SER D 343 -37.62 17.53 -2.17
N PHE D 344 -36.97 16.36 -2.13
CA PHE D 344 -36.60 15.66 -0.89
C PHE D 344 -35.18 15.25 -1.04
N THR D 345 -34.62 14.76 0.05
CA THR D 345 -33.31 14.16 0.03
C THR D 345 -33.42 12.67 0.22
N ASN D 346 -32.28 11.97 0.14
CA ASN D 346 -32.20 10.53 0.40
C ASN D 346 -31.63 10.09 1.73
N TRP D 347 -31.09 11.00 2.54
CA TRP D 347 -30.24 10.61 3.69
C TRP D 347 -30.78 11.02 5.06
N GLN D 348 -31.92 11.67 5.10
CA GLN D 348 -32.48 12.16 6.34
C GLN D 348 -33.49 11.13 6.85
N PRO D 349 -33.91 11.24 8.12
CA PRO D 349 -34.85 10.26 8.69
C PRO D 349 -36.16 10.06 7.88
N THR D 350 -36.75 11.19 7.44
CA THR D 350 -37.80 11.20 6.43
C THR D 350 -37.32 11.90 5.17
N SER D 351 -37.94 11.58 4.04
CA SER D 351 -37.72 12.23 2.73
C SER D 351 -38.96 13.00 2.29
N LYS D 352 -39.34 13.98 3.13
CA LYS D 352 -40.50 14.85 2.90
C LYS D 352 -40.45 15.64 1.59
N LEU D 353 -41.56 15.60 0.85
CA LEU D 353 -41.80 16.48 -0.26
C LEU D 353 -41.95 17.89 0.25
N LYS D 354 -41.30 18.84 -0.40
CA LYS D 354 -41.61 20.23 -0.29
C LYS D 354 -43.04 20.43 -0.78
N LYS D 355 -43.83 21.15 0.00
CA LYS D 355 -45.20 21.40 -0.30
C LYS D 355 -45.24 22.43 -1.44
N PRO D 356 -46.32 22.45 -2.23
CA PRO D 356 -46.47 23.41 -3.31
C PRO D 356 -46.20 24.85 -2.90
N GLY D 357 -45.32 25.50 -3.64
CA GLY D 357 -44.83 26.84 -3.30
C GLY D 357 -43.55 26.91 -2.50
N MET D 358 -43.26 25.86 -1.71
CA MET D 358 -42.10 25.87 -0.82
C MET D 358 -40.75 25.80 -1.54
N HIS D 359 -40.65 25.10 -2.64
CA HIS D 359 -39.42 25.17 -3.42
C HIS D 359 -39.02 26.57 -3.91
N ILE D 360 -40.02 27.33 -4.34
CA ILE D 360 -39.88 28.72 -4.72
C ILE D 360 -39.48 29.51 -3.52
N LEU D 361 -40.22 29.32 -2.43
CA LEU D 361 -39.92 30.07 -1.22
C LEU D 361 -38.49 29.84 -0.70
N SER D 362 -38.08 28.58 -0.58
CA SER D 362 -36.74 28.23 -0.09
C SER D 362 -35.62 28.76 -0.99
N SER D 363 -35.82 28.61 -2.28
CA SER D 363 -34.90 29.15 -3.23
C SER D 363 -34.84 30.65 -3.13
N LEU D 364 -36.01 31.31 -3.09
CA LEU D 364 -36.04 32.80 -3.04
C LEU D 364 -35.55 33.41 -1.73
N GLN D 365 -35.58 32.61 -0.67
CA GLN D 365 -34.94 32.94 0.59
C GLN D 365 -33.40 32.97 0.41
N ALA D 366 -32.81 32.03 -0.33
CA ALA D 366 -31.38 32.10 -0.57
C ALA D 366 -31.06 33.42 -1.24
N VAL D 367 -31.77 33.67 -2.33
CA VAL D 367 -31.59 34.93 -3.07
C VAL D 367 -31.80 36.16 -2.15
N ALA D 368 -32.86 36.14 -1.36
CA ALA D 368 -33.20 37.25 -0.46
C ALA D 368 -32.05 37.66 0.44
N HIS D 369 -31.21 36.70 0.83
CA HIS D 369 -30.10 36.94 1.77
C HIS D 369 -28.75 37.02 1.06
N GLY D 370 -28.78 37.08 -0.28
CA GLY D 370 -27.58 37.36 -1.06
C GLY D 370 -27.10 36.30 -2.04
N ALA D 371 -27.89 35.27 -2.33
CA ALA D 371 -27.51 34.33 -3.41
C ALA D 371 -27.76 34.95 -4.77
N ASP D 372 -26.74 34.84 -5.62
CA ASP D 372 -26.83 35.28 -7.02
C ASP D 372 -27.05 34.11 -7.95
N SER D 373 -27.01 32.88 -7.41
CA SER D 373 -27.40 31.68 -8.13
C SER D 373 -28.21 30.76 -7.20
N VAL D 374 -29.27 30.11 -7.73
CA VAL D 374 -29.94 28.98 -7.08
C VAL D 374 -29.66 27.71 -7.89
N GLN D 375 -28.97 26.74 -7.30
CA GLN D 375 -28.67 25.48 -7.95
C GLN D 375 -29.05 24.26 -7.09
N TYR D 376 -29.29 23.13 -7.76
CA TYR D 376 -29.69 21.90 -7.09
C TYR D 376 -28.72 20.75 -7.20
N PHE D 377 -28.81 19.83 -6.25
CA PHE D 377 -28.22 18.58 -6.48
C PHE D 377 -29.17 17.72 -7.34
N GLN D 378 -28.51 17.34 -8.44
CA GLN D 378 -28.92 16.59 -9.57
C GLN D 378 -30.01 17.22 -10.43
N TRP D 379 -29.60 17.41 -11.69
CA TRP D 379 -30.43 17.72 -12.80
C TRP D 379 -31.28 16.49 -13.04
N ARG D 380 -30.63 15.31 -13.06
CA ARG D 380 -31.30 14.03 -13.33
C ARG D 380 -30.94 12.98 -12.31
N LYS D 381 -31.97 12.32 -11.78
CA LYS D 381 -31.77 11.26 -10.79
C LYS D 381 -30.94 10.16 -11.36
N SER D 382 -29.88 9.81 -10.65
CA SER D 382 -29.09 8.62 -10.97
C SER D 382 -29.99 7.43 -10.80
N ARG D 383 -29.76 6.43 -11.64
CA ARG D 383 -30.65 5.29 -11.74
C ARG D 383 -30.34 4.24 -10.69
N GLY D 384 -29.08 4.12 -10.32
CA GLY D 384 -28.70 3.20 -9.28
C GLY D 384 -27.88 3.91 -8.23
N SER D 385 -27.45 3.15 -7.22
CA SER D 385 -26.62 3.71 -6.16
C SER D 385 -27.35 4.69 -5.21
N CYS D 386 -26.63 5.12 -4.17
CA CYS D 386 -27.28 5.56 -2.94
C CYS D 386 -28.10 6.86 -2.97
N GLU D 387 -27.93 7.68 -4.00
CA GLU D 387 -28.76 8.86 -4.14
C GLU D 387 -29.71 8.74 -5.32
N LYS D 388 -30.07 7.53 -5.71
CA LYS D 388 -31.13 7.34 -6.72
C LYS D 388 -32.51 7.79 -6.22
N PHE D 389 -32.73 7.89 -4.91
CA PHE D 389 -33.95 8.53 -4.36
C PHE D 389 -33.72 9.93 -3.75
N HIS D 390 -32.71 10.63 -4.25
CA HIS D 390 -32.54 12.05 -3.98
C HIS D 390 -33.31 12.80 -5.04
N GLY D 391 -33.89 13.94 -4.65
CA GLY D 391 -34.63 14.80 -5.57
C GLY D 391 -33.75 15.26 -6.71
N ALA D 392 -34.40 15.51 -7.85
CA ALA D 392 -33.78 16.05 -9.08
C ALA D 392 -34.85 16.74 -9.87
N VAL D 393 -34.42 17.54 -10.83
CA VAL D 393 -35.36 18.19 -11.74
C VAL D 393 -36.03 17.11 -12.58
N VAL D 394 -35.22 16.17 -13.09
CA VAL D 394 -35.71 15.14 -13.98
C VAL D 394 -35.73 13.86 -13.20
N ASP D 395 -36.95 13.40 -12.95
CA ASP D 395 -37.26 12.16 -12.23
C ASP D 395 -36.90 10.98 -13.12
N HIS D 396 -36.98 9.78 -12.59
CA HIS D 396 -36.81 8.56 -13.40
C HIS D 396 -37.77 8.42 -14.54
N VAL D 397 -38.93 9.09 -14.43
CA VAL D 397 -39.94 9.06 -15.45
C VAL D 397 -39.45 9.69 -16.78
N GLY D 398 -38.37 10.46 -16.75
CA GLY D 398 -37.68 10.93 -17.97
C GLY D 398 -38.09 12.28 -18.53
N HIS D 399 -39.01 12.98 -17.89
CA HIS D 399 -39.44 14.31 -18.33
C HIS D 399 -39.65 15.23 -17.12
N ILE D 400 -40.17 16.44 -17.34
CA ILE D 400 -40.38 17.45 -16.27
C ILE D 400 -41.80 17.97 -16.28
N ASP D 401 -42.70 17.26 -16.92
CA ASP D 401 -44.15 17.43 -16.68
C ASP D 401 -44.61 16.64 -15.45
N THR D 402 -44.01 17.01 -14.32
CA THR D 402 -44.31 16.54 -12.97
C THR D 402 -44.48 17.77 -12.06
N ARG D 403 -45.08 17.59 -10.88
CA ARG D 403 -45.31 18.71 -9.96
C ARG D 403 -44.00 19.41 -9.62
N VAL D 404 -42.97 18.60 -9.32
CA VAL D 404 -41.62 19.08 -9.05
C VAL D 404 -41.04 19.84 -10.26
N GLY D 405 -41.01 19.18 -11.42
CA GLY D 405 -40.55 19.82 -12.66
C GLY D 405 -41.24 21.14 -12.94
N ARG D 406 -42.56 21.15 -12.84
CA ARG D 406 -43.34 22.36 -13.07
C ARG D 406 -42.98 23.51 -12.11
N GLU D 407 -42.76 23.20 -10.82
CA GLU D 407 -42.40 24.24 -9.87
C GLU D 407 -40.95 24.74 -10.06
N VAL D 408 -40.07 23.83 -10.49
CA VAL D 408 -38.71 24.23 -10.93
C VAL D 408 -38.77 25.18 -12.12
N ALA D 409 -39.47 24.80 -13.19
CA ALA D 409 -39.68 25.68 -14.36
C ALA D 409 -40.24 27.06 -13.99
N GLU D 410 -41.29 27.09 -13.20
CA GLU D 410 -41.86 28.33 -12.72
C GLU D 410 -40.86 29.18 -11.95
N LEU D 411 -40.02 28.53 -11.12
CA LEU D 411 -38.95 29.26 -10.41
C LEU D 411 -37.94 29.82 -11.39
N GLY D 412 -37.60 29.03 -12.39
CA GLY D 412 -36.76 29.52 -13.46
C GLY D 412 -37.28 30.81 -14.03
N SER D 413 -38.60 30.89 -14.25
CA SER D 413 -39.20 32.09 -14.80
C SER D 413 -39.01 33.26 -13.92
N ILE D 414 -39.32 33.06 -12.63
CA ILE D 414 -39.23 34.08 -11.59
C ILE D 414 -37.83 34.63 -11.49
N LEU D 415 -36.86 33.70 -11.45
CA LEU D 415 -35.44 34.09 -11.42
C LEU D 415 -35.02 34.92 -12.64
N SER D 416 -35.46 34.50 -13.82
CA SER D 416 -35.15 35.25 -15.05
C SER D 416 -35.77 36.65 -15.03
N ALA D 417 -36.89 36.81 -14.32
CA ALA D 417 -37.52 38.11 -14.06
C ALA D 417 -36.90 38.93 -12.92
N LEU D 418 -35.84 38.41 -12.27
CA LEU D 418 -35.17 39.11 -11.13
C LEU D 418 -33.72 39.51 -11.43
N ALA D 419 -33.45 39.84 -12.69
CA ALA D 419 -32.10 40.15 -13.09
C ALA D 419 -31.50 41.30 -12.33
N PRO D 420 -32.27 42.36 -12.08
CA PRO D 420 -31.68 43.49 -11.35
C PRO D 420 -31.13 43.15 -9.95
N VAL D 421 -31.65 42.10 -9.34
CA VAL D 421 -31.19 41.69 -8.03
C VAL D 421 -29.73 41.15 -8.02
N ALA D 422 -29.30 40.51 -9.11
CA ALA D 422 -27.92 40.08 -9.26
C ALA D 422 -26.97 41.20 -8.92
N GLY D 423 -25.95 40.94 -8.09
CA GLY D 423 -25.00 41.96 -7.66
C GLY D 423 -25.42 42.89 -6.52
N SER D 424 -26.72 42.94 -6.20
CA SER D 424 -27.21 43.89 -5.19
C SER D 424 -26.69 43.54 -3.80
N ARG D 425 -26.65 44.56 -2.94
CA ARG D 425 -26.06 44.50 -1.59
C ARG D 425 -27.10 44.33 -0.51
N VAL D 426 -26.64 43.83 0.66
CA VAL D 426 -27.41 43.79 1.88
C VAL D 426 -26.75 44.75 2.84
N GLU D 427 -27.50 45.77 3.25
CA GLU D 427 -27.03 46.77 4.22
C GLU D 427 -27.43 46.47 5.67
N ALA D 428 -26.61 45.69 6.36
CA ALA D 428 -26.88 45.33 7.73
C ALA D 428 -26.16 46.25 8.67
N LYS D 429 -26.91 46.78 9.63
CA LYS D 429 -26.34 47.52 10.74
C LYS D 429 -26.27 46.68 12.02
N VAL D 430 -26.65 45.41 11.95
CA VAL D 430 -26.57 44.50 13.07
C VAL D 430 -25.56 43.38 12.74
N ALA D 431 -24.80 42.96 13.75
CA ALA D 431 -23.82 41.90 13.57
C ALA D 431 -23.96 40.89 14.69
N ILE D 432 -23.97 39.61 14.33
CA ILE D 432 -23.97 38.55 15.32
C ILE D 432 -22.74 37.73 15.14
N ILE D 433 -22.04 37.46 16.24
CA ILE D 433 -20.81 36.71 16.17
C ILE D 433 -21.03 35.18 16.24
N PHE D 434 -20.53 34.50 15.23
CA PHE D 434 -20.51 33.07 15.24
C PHE D 434 -19.06 32.71 14.97
N ASP D 435 -18.41 32.07 15.95
CA ASP D 435 -16.94 31.91 15.94
C ASP D 435 -16.53 30.46 16.11
N TRP D 436 -15.87 29.89 15.10
CA TRP D 436 -15.59 28.45 15.11
C TRP D 436 -14.68 28.04 16.26
N GLU D 437 -13.66 28.85 16.54
CA GLU D 437 -12.67 28.51 17.56
C GLU D 437 -13.31 28.51 18.94
N SER D 438 -14.08 29.57 19.25
CA SER D 438 -14.89 29.59 20.47
C SER D 438 -15.80 28.37 20.55
N ARG D 439 -16.53 28.09 19.46
CA ARG D 439 -17.41 26.94 19.35
C ARG D 439 -16.68 25.65 19.72
N TRP D 440 -15.55 25.42 19.08
CA TRP D 440 -14.78 24.16 19.25
C TRP D 440 -14.38 23.98 20.69
N ALA D 441 -13.74 24.97 21.28
CA ALA D 441 -13.27 24.86 22.66
C ALA D 441 -14.46 24.72 23.59
N MET D 442 -15.52 25.47 23.33
CA MET D 442 -16.72 25.42 24.17
C MET D 442 -17.39 24.05 24.18
N ASP D 443 -17.59 23.46 22.98
CA ASP D 443 -18.18 22.12 22.84
C ASP D 443 -17.27 21.01 23.35
N ASP D 444 -15.95 21.22 23.29
CA ASP D 444 -15.00 20.18 23.72
C ASP D 444 -14.87 20.12 25.22
N ALA D 445 -15.19 21.21 25.92
CA ALA D 445 -14.97 21.28 27.35
C ALA D 445 -15.89 20.32 28.08
N MET D 446 -15.53 20.02 29.33
CA MET D 446 -16.30 19.14 30.16
C MET D 446 -17.04 19.97 31.16
N GLY D 447 -18.30 20.21 30.87
CA GLY D 447 -19.13 21.16 31.58
C GLY D 447 -19.16 22.47 30.81
N PRO D 448 -20.12 23.36 31.17
CA PRO D 448 -20.98 23.21 32.32
C PRO D 448 -22.33 22.55 32.02
N ARG D 449 -22.48 21.91 30.86
CA ARG D 449 -23.69 21.20 30.54
C ARG D 449 -23.47 20.11 29.49
N ASN D 450 -22.81 19.03 29.89
CA ASN D 450 -22.45 17.98 28.92
C ASN D 450 -23.64 17.34 28.22
N ALA D 451 -24.85 17.48 28.79
CA ALA D 451 -26.10 17.05 28.13
C ALA D 451 -26.36 17.88 26.85
N GLY D 452 -25.88 19.13 26.82
CA GLY D 452 -25.84 19.88 25.61
C GLY D 452 -25.89 21.37 25.77
N LEU D 453 -25.02 22.04 24.99
CA LEU D 453 -24.95 23.50 24.92
C LEU D 453 -25.74 24.12 23.75
N HIS D 454 -25.83 23.41 22.62
CA HIS D 454 -26.68 23.80 21.51
C HIS D 454 -26.31 25.20 21.03
N TYR D 455 -25.04 25.39 20.68
CA TYR D 455 -24.52 26.72 20.30
C TYR D 455 -25.24 27.33 19.09
N GLU D 456 -25.28 26.56 18.02
CA GLU D 456 -25.91 27.00 16.78
C GLU D 456 -27.35 27.48 17.06
N ASN D 457 -28.07 26.66 17.81
CA ASN D 457 -29.46 26.96 18.14
C ASN D 457 -29.63 28.20 19.02
N THR D 458 -28.72 28.40 19.97
CA THR D 458 -28.79 29.56 20.84
C THR D 458 -28.51 30.83 20.07
N VAL D 459 -27.52 30.77 19.16
CA VAL D 459 -27.17 31.92 18.38
C VAL D 459 -28.39 32.30 17.54
N ALA D 460 -28.89 31.30 16.81
CA ALA D 460 -30.07 31.46 15.96
C ALA D 460 -31.30 31.97 16.73
N ASP D 461 -31.49 31.54 17.99
CA ASP D 461 -32.55 32.13 18.77
C ASP D 461 -32.40 33.64 18.90
N HIS D 462 -31.17 34.15 19.02
CA HIS D 462 -30.99 35.61 19.05
C HIS D 462 -31.35 36.18 17.70
N TYR D 463 -30.85 35.54 16.66
CA TYR D 463 -31.08 35.98 15.27
C TYR D 463 -32.54 36.10 14.90
N ARG D 464 -33.34 35.14 15.34
CA ARG D 464 -34.73 35.08 14.98
C ARG D 464 -35.55 36.31 15.39
N ALA D 465 -35.22 36.91 16.50
CA ALA D 465 -35.93 38.06 16.99
C ALA D 465 -35.77 39.24 16.06
N LEU D 466 -34.62 39.32 15.35
CA LEU D 466 -34.30 40.40 14.37
C LEU D 466 -34.80 40.09 12.95
N TRP D 467 -34.62 38.84 12.53
CA TRP D 467 -35.19 38.31 11.30
C TRP D 467 -36.72 38.47 11.25
N ALA D 468 -37.38 38.27 12.38
CA ALA D 468 -38.83 38.47 12.53
C ALA D 468 -39.30 39.92 12.28
N GLN D 469 -38.41 40.84 12.55
CA GLN D 469 -38.64 42.26 12.28
C GLN D 469 -38.14 42.69 10.89
N GLY D 470 -37.44 41.80 10.17
CA GLY D 470 -36.88 42.13 8.89
C GLY D 470 -35.69 43.07 8.97
N ILE D 471 -34.90 42.92 10.01
CA ILE D 471 -33.67 43.69 10.19
C ILE D 471 -32.52 42.78 9.73
N ALA D 472 -31.63 43.39 8.96
CA ALA D 472 -30.55 42.69 8.29
C ALA D 472 -29.37 42.49 9.23
N VAL D 473 -28.68 41.38 9.04
CA VAL D 473 -27.69 40.91 10.00
C VAL D 473 -26.54 40.29 9.23
N ASP D 474 -25.33 40.65 9.64
CA ASP D 474 -24.13 39.98 9.18
C ASP D 474 -23.70 39.05 10.26
N VAL D 475 -23.26 37.87 9.86
CA VAL D 475 -22.83 36.88 10.82
C VAL D 475 -21.34 36.77 10.74
N ILE D 476 -20.69 37.58 11.56
CA ILE D 476 -19.22 37.68 11.61
C ILE D 476 -18.61 36.66 12.54
N ASN D 477 -17.29 36.59 12.54
CA ASN D 477 -16.64 35.97 13.68
C ASN D 477 -16.01 37.04 14.57
N ALA D 478 -15.31 36.64 15.63
CA ALA D 478 -14.79 37.59 16.58
C ALA D 478 -13.61 38.40 16.05
N ASP D 479 -13.02 38.00 14.92
CA ASP D 479 -11.90 38.71 14.28
C ASP D 479 -12.36 39.86 13.39
N CYS D 480 -13.63 39.92 13.03
CA CYS D 480 -14.09 40.98 12.14
C CYS D 480 -14.08 42.38 12.75
N ASP D 481 -14.01 43.37 11.89
CA ASP D 481 -13.97 44.74 12.32
C ASP D 481 -15.41 45.13 12.63
N LEU D 482 -15.60 45.78 13.78
CA LEU D 482 -16.92 46.01 14.31
C LEU D 482 -17.49 47.39 13.92
N GLN D 483 -16.70 48.12 13.21
CA GLN D 483 -16.79 49.54 13.21
C GLN D 483 -18.03 50.01 12.50
N GLY D 484 -18.38 49.34 11.40
CA GLY D 484 -19.58 49.69 10.61
C GLY D 484 -20.96 49.36 11.18
N TYR D 485 -21.02 48.69 12.32
CA TYR D 485 -22.27 48.24 12.88
C TYR D 485 -22.73 49.19 13.97
N ASP D 486 -24.02 49.17 14.26
CA ASP D 486 -24.59 49.83 15.40
C ASP D 486 -24.78 48.92 16.61
N LEU D 487 -25.08 47.65 16.33
CA LEU D 487 -25.41 46.67 17.31
C LEU D 487 -24.59 45.39 17.02
N VAL D 488 -23.89 44.89 18.04
CA VAL D 488 -23.13 43.65 17.94
C VAL D 488 -23.60 42.68 19.03
N ILE D 489 -23.83 41.42 18.64
CA ILE D 489 -24.42 40.44 19.52
C ILE D 489 -23.53 39.23 19.56
N ALA D 490 -23.09 38.85 20.77
CA ALA D 490 -22.18 37.70 20.94
C ALA D 490 -22.77 36.72 21.97
N PRO D 491 -23.57 35.75 21.50
CA PRO D 491 -24.10 34.75 22.36
C PRO D 491 -23.02 33.71 22.63
N MET D 492 -22.74 33.50 23.93
CA MET D 492 -21.80 32.47 24.37
C MET D 492 -20.48 32.60 23.65
N LEU D 493 -19.85 33.77 23.73
CA LEU D 493 -18.53 33.95 23.16
C LEU D 493 -17.56 33.47 24.26
N TYR D 494 -17.58 32.15 24.44
CA TYR D 494 -16.74 31.40 25.37
C TYR D 494 -15.26 31.81 25.32
N MET D 495 -14.73 31.91 24.09
CA MET D 495 -13.31 32.27 23.89
C MET D 495 -13.22 33.68 23.43
N VAL D 496 -12.44 34.47 24.13
CA VAL D 496 -12.19 35.85 23.77
C VAL D 496 -10.71 35.96 23.53
N ARG D 497 -10.34 35.96 22.26
CA ARG D 497 -8.92 35.99 21.88
C ARG D 497 -8.34 37.38 22.02
N GLU D 498 -7.02 37.49 21.88
CA GLU D 498 -6.30 38.77 22.01
C GLU D 498 -6.79 39.74 20.98
N GLY D 499 -7.10 40.94 21.45
CA GLY D 499 -7.66 41.99 20.58
C GLY D 499 -9.18 42.10 20.62
N VAL D 500 -9.87 41.01 21.00
CA VAL D 500 -11.32 40.94 20.85
C VAL D 500 -12.06 41.78 21.87
N GLY D 501 -11.64 41.63 23.11
CA GLY D 501 -12.13 42.47 24.19
C GLY D 501 -11.84 43.94 23.94
N GLU D 502 -10.65 44.21 23.38
CA GLU D 502 -10.20 45.61 23.12
C GLU D 502 -11.04 46.24 22.05
N ARG D 503 -11.25 45.53 20.96
CA ARG D 503 -12.13 45.99 19.89
C ARG D 503 -13.57 46.16 20.31
N ILE D 504 -14.10 45.21 21.07
CA ILE D 504 -15.48 45.31 21.53
C ILE D 504 -15.62 46.55 22.41
N SER D 505 -14.68 46.70 23.32
CA SER D 505 -14.71 47.82 24.22
C SER D 505 -14.63 49.13 23.48
N ALA D 506 -13.71 49.28 22.53
CA ALA D 506 -13.61 50.48 21.70
C ALA D 506 -14.89 50.74 20.86
N PHE D 507 -15.44 49.65 20.33
CA PHE D 507 -16.74 49.69 19.65
C PHE D 507 -17.86 50.27 20.56
N VAL D 508 -17.96 49.81 21.79
CA VAL D 508 -18.99 50.35 22.66
C VAL D 508 -18.68 51.81 23.04
N GLN D 509 -17.40 52.05 23.35
CA GLN D 509 -16.94 53.36 23.81
C GLN D 509 -17.27 54.41 22.76
N ALA D 510 -17.06 54.06 21.50
CA ALA D 510 -17.43 54.93 20.38
C ALA D 510 -18.93 55.11 20.09
N GLY D 511 -19.84 54.51 20.88
CA GLY D 511 -21.30 54.70 20.69
C GLY D 511 -22.03 53.44 20.26
N GLY D 512 -21.30 52.32 20.12
CA GLY D 512 -21.88 51.07 19.67
C GLY D 512 -22.66 50.48 20.80
N ARG D 513 -23.54 49.52 20.48
CA ARG D 513 -24.26 48.72 21.48
C ARG D 513 -23.89 47.24 21.42
N PHE D 514 -23.58 46.66 22.56
CA PHE D 514 -23.09 45.28 22.63
C PHE D 514 -24.07 44.43 23.45
N VAL D 515 -24.34 43.19 23.02
CA VAL D 515 -25.11 42.26 23.82
C VAL D 515 -24.33 40.95 23.92
N ALA D 516 -24.14 40.46 25.15
CA ALA D 516 -23.49 39.20 25.36
C ALA D 516 -24.27 38.44 26.37
N THR D 517 -23.99 37.14 26.43
CA THR D 517 -24.73 36.24 27.27
C THR D 517 -23.82 35.49 28.22
N TYR D 518 -24.48 34.78 29.14
CA TYR D 518 -23.88 33.72 29.93
C TYR D 518 -22.80 32.97 29.13
N TRP D 519 -21.78 32.51 29.83
CA TRP D 519 -20.69 31.72 29.27
C TRP D 519 -19.98 32.41 28.12
N SER D 520 -19.83 33.73 28.26
CA SER D 520 -18.95 34.49 27.39
C SER D 520 -17.71 34.87 28.20
N GLY D 521 -16.56 34.95 27.57
CA GLY D 521 -15.35 35.51 28.19
C GLY D 521 -14.73 34.61 29.25
N ILE D 522 -14.50 33.37 28.88
CA ILE D 522 -14.14 32.31 29.82
C ILE D 522 -12.72 31.86 29.62
N VAL D 523 -12.28 31.75 28.38
CA VAL D 523 -10.96 31.21 28.05
C VAL D 523 -10.27 32.02 26.97
N ASN D 524 -9.00 31.71 26.76
CA ASN D 524 -8.18 32.34 25.73
C ASN D 524 -7.91 31.38 24.56
N GLU D 525 -6.97 31.74 23.70
CA GLU D 525 -6.62 30.99 22.48
C GLU D 525 -6.42 29.49 22.67
N THR D 526 -5.95 29.07 23.84
CA THR D 526 -5.66 27.64 24.08
C THR D 526 -6.52 27.06 25.20
N ASP D 527 -7.65 27.68 25.49
CA ASP D 527 -8.63 27.14 26.42
C ASP D 527 -8.09 27.16 27.87
N LEU D 528 -7.29 28.16 28.18
CA LEU D 528 -6.95 28.48 29.56
C LEU D 528 -7.95 29.50 30.08
N CYS D 529 -8.55 29.22 31.24
CA CYS D 529 -9.46 30.14 31.88
C CYS D 529 -8.77 31.41 32.34
N PHE D 530 -9.49 32.52 32.20
CA PHE D 530 -9.06 33.79 32.73
C PHE D 530 -9.09 33.77 34.24
N LEU D 531 -8.21 34.55 34.86
CA LEU D 531 -8.09 34.62 36.30
C LEU D 531 -8.59 35.93 36.92
N ASN D 532 -9.10 36.84 36.10
CA ASN D 532 -9.58 38.14 36.62
C ASN D 532 -11.11 38.21 36.88
N GLY D 533 -11.77 37.06 36.90
CA GLY D 533 -13.21 37.00 37.01
C GLY D 533 -13.89 37.09 35.66
N PHE D 534 -14.85 36.18 35.46
CA PHE D 534 -15.67 36.14 34.26
C PHE D 534 -16.67 37.30 34.25
N PRO D 535 -16.90 37.91 33.08
CA PRO D 535 -16.48 37.46 31.78
C PRO D 535 -15.20 38.04 31.24
N GLY D 536 -14.13 38.01 32.02
CA GLY D 536 -12.77 38.11 31.46
C GLY D 536 -12.45 39.47 30.84
N PRO D 537 -11.78 39.47 29.67
CA PRO D 537 -11.51 40.78 29.03
C PRO D 537 -12.74 41.61 28.72
N LEU D 538 -13.95 41.10 28.94
CA LEU D 538 -15.21 41.86 28.74
C LEU D 538 -15.88 42.32 30.01
N ARG D 539 -15.30 41.96 31.14
CA ARG D 539 -15.81 42.37 32.43
C ARG D 539 -16.00 43.93 32.61
N PRO D 540 -15.01 44.75 32.20
CA PRO D 540 -15.18 46.20 32.24
C PRO D 540 -16.34 46.73 31.39
N VAL D 541 -16.45 46.28 30.15
CA VAL D 541 -17.47 46.83 29.25
C VAL D 541 -18.87 46.43 29.66
N LEU D 542 -18.99 45.23 30.23
CA LEU D 542 -20.30 44.71 30.68
C LEU D 542 -20.71 45.17 32.06
N GLY D 543 -19.71 45.56 32.86
CA GLY D 543 -19.98 46.09 34.19
C GLY D 543 -20.65 45.10 35.12
N ILE D 544 -20.29 43.82 35.01
CA ILE D 544 -20.79 42.75 35.88
C ILE D 544 -19.69 41.72 36.06
N TRP D 545 -19.76 41.01 37.17
CA TRP D 545 -18.97 39.83 37.46
C TRP D 545 -19.88 38.58 37.54
N ALA D 546 -19.52 37.55 36.79
CA ALA D 546 -20.29 36.31 36.74
C ALA D 546 -19.55 35.31 37.56
N GLU D 547 -20.00 35.18 38.81
CA GLU D 547 -19.34 34.39 39.78
C GLU D 547 -19.41 32.93 39.43
N GLU D 548 -20.59 32.47 39.04
CA GLU D 548 -20.76 31.05 38.78
C GLU D 548 -21.93 30.83 37.85
N ILE D 549 -21.92 29.66 37.21
CA ILE D 549 -22.97 29.25 36.28
C ILE D 549 -23.65 28.01 36.81
N ASP D 550 -24.97 28.02 36.83
CA ASP D 550 -25.73 26.88 37.22
C ASP D 550 -26.19 26.18 35.94
N SER D 551 -26.32 24.88 36.02
CA SER D 551 -26.66 24.01 34.93
C SER D 551 -28.02 23.37 35.33
N LEU D 552 -28.98 23.33 34.41
CA LEU D 552 -30.32 22.80 34.68
C LEU D 552 -30.58 21.55 33.83
N THR D 553 -31.20 20.54 34.43
CA THR D 553 -31.66 19.40 33.62
C THR D 553 -32.79 19.91 32.70
N ASP D 554 -33.11 19.08 31.69
CA ASP D 554 -34.25 19.37 30.78
C ASP D 554 -35.59 19.55 31.48
N GLU D 555 -35.71 19.01 32.67
CA GLU D 555 -36.90 19.15 33.44
C GLU D 555 -36.97 20.42 34.27
N GLN D 556 -35.91 21.21 34.38
CA GLN D 556 -35.89 22.32 35.33
C GLN D 556 -35.89 23.65 34.64
N HIS D 557 -36.46 24.65 35.30
CA HIS D 557 -36.64 25.99 34.73
C HIS D 557 -36.53 27.05 35.78
N ASN D 558 -36.38 28.28 35.34
CA ASN D 558 -36.41 29.45 36.22
C ASN D 558 -37.23 30.44 35.46
N SER D 559 -37.40 31.64 35.97
CA SER D 559 -38.09 32.66 35.22
C SER D 559 -37.36 33.99 35.35
N VAL D 560 -37.52 34.81 34.33
CA VAL D 560 -36.98 36.13 34.29
C VAL D 560 -38.12 37.18 34.23
N ALA D 561 -38.02 38.20 35.06
CA ALA D 561 -39.05 39.23 35.12
C ALA D 561 -38.45 40.63 35.17
N GLY D 562 -39.07 41.50 34.37
CA GLY D 562 -38.62 42.86 34.19
C GLY D 562 -38.77 43.74 35.42
N VAL D 563 -37.75 44.57 35.65
CA VAL D 563 -37.78 45.52 36.75
C VAL D 563 -38.66 46.66 36.28
N GLU D 564 -39.63 47.06 37.11
CA GLU D 564 -40.51 48.17 36.77
C GLU D 564 -39.71 49.40 36.32
N GLY D 565 -40.10 49.96 35.18
CA GLY D 565 -39.46 51.11 34.63
C GLY D 565 -38.23 50.79 33.83
N ASN D 566 -37.87 49.51 33.68
CA ASN D 566 -36.64 49.18 32.95
C ASN D 566 -36.66 49.75 31.52
N ALA D 567 -35.46 50.11 31.05
CA ALA D 567 -35.30 50.84 29.78
C ALA D 567 -35.83 50.12 28.52
N LEU D 568 -35.87 48.79 28.53
CA LEU D 568 -36.32 48.06 27.35
C LEU D 568 -37.78 47.68 27.46
N GLY D 569 -38.46 48.13 28.50
CA GLY D 569 -39.83 47.72 28.69
C GLY D 569 -39.98 46.23 28.90
N LEU D 570 -38.91 45.51 29.24
CA LEU D 570 -39.03 44.06 29.49
C LEU D 570 -40.05 43.79 30.59
N SER D 571 -40.95 42.84 30.40
CA SER D 571 -41.98 42.56 31.41
C SER D 571 -41.98 41.10 31.80
N GLY D 572 -42.57 40.22 30.98
CA GLY D 572 -42.58 38.76 31.23
C GLY D 572 -43.70 38.28 32.18
N PRO D 573 -43.45 37.27 33.02
CA PRO D 573 -42.13 36.63 33.08
C PRO D 573 -41.87 35.74 31.89
N TYR D 574 -40.60 35.48 31.62
CA TYR D 574 -40.15 34.60 30.56
C TYR D 574 -39.50 33.41 31.20
N ARG D 575 -39.56 32.28 30.50
CA ARG D 575 -38.96 31.03 30.94
C ARG D 575 -37.44 31.07 30.73
N ALA D 576 -36.71 30.55 31.71
CA ALA D 576 -35.29 30.37 31.57
C ALA D 576 -34.98 28.86 31.74
N SER D 577 -34.12 28.31 30.89
CA SER D 577 -33.80 26.88 30.94
C SER D 577 -32.33 26.64 30.67
N GLN D 578 -31.85 25.52 31.16
CA GLN D 578 -30.49 24.98 30.86
C GLN D 578 -29.27 25.64 31.51
N LEU D 579 -29.13 26.96 31.41
CA LEU D 579 -28.05 27.65 32.03
C LEU D 579 -28.54 28.96 32.68
N CYS D 580 -28.12 29.20 33.94
CA CYS D 580 -28.46 30.44 34.67
C CYS D 580 -27.26 30.81 35.46
N GLU D 581 -26.74 32.00 35.21
CA GLU D 581 -25.56 32.49 35.90
C GLU D 581 -25.96 33.39 37.05
N VAL D 582 -25.08 33.41 38.05
CA VAL D 582 -25.19 34.26 39.21
C VAL D 582 -24.18 35.38 39.03
N ILE D 583 -24.72 36.60 38.86
CA ILE D 583 -23.92 37.76 38.57
C ILE D 583 -24.01 38.85 39.65
N HIS D 584 -23.01 39.71 39.65
CA HIS D 584 -22.93 40.82 40.61
C HIS D 584 -22.76 42.10 39.82
N LEU D 585 -23.54 43.12 40.17
CA LEU D 585 -23.46 44.41 39.49
C LEU D 585 -22.15 45.11 39.82
N GLU D 586 -21.50 45.70 38.81
CA GLU D 586 -20.23 46.40 38.99
C GLU D 586 -20.28 47.65 38.15
N GLY D 587 -21.31 48.46 38.38
CA GLY D 587 -21.61 49.58 37.52
C GLY D 587 -22.85 49.43 36.68
N ALA D 588 -23.15 48.21 36.25
CA ALA D 588 -24.35 48.00 35.47
C ALA D 588 -25.63 48.09 36.36
N ALA D 589 -26.74 48.36 35.70
CA ALA D 589 -28.05 48.40 36.31
C ALA D 589 -28.85 47.17 35.87
N ALA D 590 -29.78 46.74 36.71
CA ALA D 590 -30.52 45.51 36.44
C ALA D 590 -31.75 45.81 35.63
N LEU D 591 -31.84 45.21 34.45
CA LEU D 591 -33.09 45.31 33.66
C LEU D 591 -34.16 44.27 34.08
N ALA D 592 -33.72 43.09 34.51
CA ALA D 592 -34.64 42.07 34.99
C ALA D 592 -33.98 41.13 36.02
N THR D 593 -34.80 40.42 36.81
CA THR D 593 -34.27 39.53 37.86
C THR D 593 -34.84 38.12 37.78
N TYR D 594 -34.18 37.17 38.44
CA TYR D 594 -34.69 35.80 38.47
C TYR D 594 -35.92 35.77 39.35
N GLY D 595 -36.89 34.95 38.99
CA GLY D 595 -38.06 34.73 39.84
C GLY D 595 -38.01 33.54 40.78
N ASP D 596 -36.94 32.72 40.74
CA ASP D 596 -36.94 31.41 41.39
C ASP D 596 -35.55 30.92 41.71
N ASP D 597 -35.50 29.82 42.47
CA ASP D 597 -34.27 29.15 42.96
C ASP D 597 -33.57 30.00 44.01
N PHE D 598 -32.44 29.52 44.51
CA PHE D 598 -31.71 30.27 45.56
C PHE D 598 -31.19 31.61 45.15
N TYR D 599 -31.09 31.83 43.85
CA TYR D 599 -30.73 33.12 43.32
C TYR D 599 -31.93 34.00 42.89
N ALA D 600 -33.12 33.71 43.42
CA ALA D 600 -34.30 34.58 43.19
C ALA D 600 -34.11 36.03 43.63
N GLY D 601 -34.59 36.94 42.79
CA GLY D 601 -34.43 38.37 43.02
C GLY D 601 -33.08 38.93 42.61
N ASN D 602 -32.18 38.07 42.14
CA ASN D 602 -30.89 38.57 41.71
C ASN D 602 -31.01 39.06 40.26
N PRO D 603 -30.13 39.98 39.90
CA PRO D 603 -30.08 40.42 38.50
C PRO D 603 -29.88 39.27 37.53
N ALA D 604 -30.67 39.29 36.47
CA ALA D 604 -30.66 38.30 35.39
C ALA D 604 -30.37 38.93 34.00
N VAL D 605 -30.81 40.18 33.82
CA VAL D 605 -30.52 40.98 32.64
C VAL D 605 -30.05 42.36 33.08
N THR D 606 -28.95 42.82 32.48
CA THR D 606 -28.31 44.06 32.89
C THR D 606 -27.87 44.88 31.71
N VAL D 607 -27.68 46.19 31.97
CA VAL D 607 -27.14 47.14 31.01
C VAL D 607 -26.14 48.06 31.68
N ASN D 608 -25.07 48.38 30.95
CA ASN D 608 -23.97 49.17 31.45
C ASN D 608 -23.62 50.27 30.49
N LEU D 609 -23.49 51.47 31.01
CA LEU D 609 -23.04 52.64 30.26
C LEU D 609 -21.49 52.64 30.20
N TYR D 610 -20.91 52.78 29.01
CA TYR D 610 -19.47 52.64 28.81
C TYR D 610 -19.10 53.48 27.61
N GLY D 611 -18.40 54.59 27.85
CA GLY D 611 -18.22 55.66 26.86
C GLY D 611 -19.59 56.12 26.44
N LYS D 612 -19.83 56.24 25.14
CA LYS D 612 -21.14 56.67 24.63
C LYS D 612 -22.01 55.51 24.30
N GLY D 613 -21.51 54.28 24.41
CA GLY D 613 -22.30 53.06 24.15
C GLY D 613 -22.86 52.34 25.36
N GLN D 614 -23.74 51.37 25.13
CA GLN D 614 -24.30 50.56 26.20
C GLN D 614 -24.05 49.11 25.92
N ALA D 615 -23.71 48.35 26.96
CA ALA D 615 -23.42 46.89 26.89
C ALA D 615 -24.36 46.07 27.79
N TYR D 616 -25.13 45.20 27.16
CA TYR D 616 -26.14 44.44 27.82
C TYR D 616 -25.56 43.10 28.14
N TYR D 617 -26.01 42.50 29.25
CA TYR D 617 -25.67 41.13 29.59
C TYR D 617 -26.94 40.39 29.96
N VAL D 618 -27.11 39.18 29.39
CA VAL D 618 -28.26 38.29 29.66
C VAL D 618 -27.74 37.01 30.29
N ALA D 619 -28.14 36.79 31.54
CA ALA D 619 -27.40 35.87 32.36
C ALA D 619 -27.96 34.48 32.31
N SER D 620 -29.12 34.30 31.66
CA SER D 620 -29.71 32.96 31.47
C SER D 620 -30.27 32.77 30.10
N ARG D 621 -30.25 31.53 29.66
CA ARG D 621 -30.87 31.09 28.40
C ARG D 621 -32.40 31.13 28.45
N ASN D 622 -32.97 32.12 27.76
CA ASN D 622 -34.38 32.48 27.84
C ASN D 622 -35.19 32.20 26.58
N ASP D 623 -36.51 32.24 26.75
CA ASP D 623 -37.47 31.82 25.72
C ASP D 623 -37.63 32.79 24.55
N GLN D 624 -38.32 32.33 23.54
CA GLN D 624 -38.51 33.07 22.31
C GLN D 624 -39.12 34.42 22.57
N GLN D 625 -40.06 34.48 23.50
CA GLN D 625 -40.74 35.75 23.84
C GLN D 625 -39.78 36.79 24.39
N PHE D 626 -38.83 36.33 25.19
CA PHE D 626 -37.79 37.20 25.74
C PHE D 626 -36.99 37.87 24.61
N HIS D 627 -36.52 37.08 23.66
CA HIS D 627 -35.70 37.65 22.61
C HIS D 627 -36.54 38.60 21.74
N ALA D 628 -37.83 38.30 21.56
CA ALA D 628 -38.73 39.21 20.82
C ALA D 628 -38.91 40.53 21.54
N ASP D 629 -39.23 40.49 22.82
CA ASP D 629 -39.40 41.73 23.61
C ASP D 629 -38.09 42.50 23.67
N PHE D 630 -37.02 41.78 23.94
CA PHE D 630 -35.70 42.39 24.14
C PHE D 630 -35.23 43.06 22.87
N PHE D 631 -35.32 42.37 21.75
CA PHE D 631 -34.76 42.91 20.52
C PHE D 631 -35.71 43.80 19.70
N THR D 632 -37.03 43.69 19.87
CA THR D 632 -37.92 44.68 19.26
C THR D 632 -37.81 45.99 20.02
N ALA D 633 -37.70 45.98 21.35
CA ALA D 633 -37.47 47.25 22.11
C ALA D 633 -36.15 47.91 21.75
N LEU D 634 -35.09 47.12 21.82
CA LEU D 634 -33.75 47.59 21.45
C LEU D 634 -33.72 48.17 20.04
N ALA D 635 -34.38 47.53 19.07
CA ALA D 635 -34.40 48.05 17.67
C ALA D 635 -35.20 49.37 17.57
N LYS D 636 -36.35 49.46 18.24
CA LYS D 636 -37.11 50.70 18.32
C LYS D 636 -36.31 51.80 18.96
N GLU D 637 -35.63 51.51 20.05
CA GLU D 637 -34.82 52.52 20.69
C GLU D 637 -33.65 52.96 19.80
N MET D 638 -32.93 51.98 19.26
CA MET D 638 -31.79 52.27 18.38
C MET D 638 -32.17 52.75 16.98
N LYS D 639 -33.44 52.64 16.60
CA LYS D 639 -33.93 53.09 15.27
C LYS D 639 -33.22 52.35 14.15
N LEU D 640 -33.10 51.04 14.32
CA LEU D 640 -32.46 50.21 13.32
C LEU D 640 -33.37 50.15 12.10
N PRO D 641 -32.78 50.21 10.89
CA PRO D 641 -33.57 50.14 9.64
C PRO D 641 -34.16 48.77 9.36
N ARG D 642 -35.40 48.75 8.90
CA ARG D 642 -36.13 47.54 8.64
C ARG D 642 -36.33 47.40 7.15
N ALA D 643 -36.52 46.17 6.70
CA ALA D 643 -36.79 45.93 5.31
C ALA D 643 -38.10 46.67 4.90
N ILE D 644 -39.16 46.52 5.69
CA ILE D 644 -40.38 47.29 5.54
C ILE D 644 -40.72 47.83 6.90
N ASN D 645 -41.27 49.03 6.91
CA ASN D 645 -41.69 49.68 8.11
C ASN D 645 -43.18 49.39 8.40
N THR D 646 -43.46 48.14 8.70
CA THR D 646 -44.80 47.72 9.07
C THR D 646 -44.67 46.50 9.98
N PRO D 647 -45.71 46.24 10.79
CA PRO D 647 -45.63 45.03 11.65
C PRO D 647 -45.75 43.75 10.81
N LEU D 648 -44.86 42.81 11.04
CA LEU D 648 -44.93 41.54 10.36
C LEU D 648 -45.59 40.50 11.28
N PRO D 649 -46.58 39.79 10.78
CA PRO D 649 -47.11 38.68 11.58
C PRO D 649 -46.07 37.58 11.88
N GLU D 650 -46.37 36.80 12.89
CA GLU D 650 -45.46 35.74 13.27
C GLU D 650 -45.28 34.82 12.10
N GLY D 651 -44.04 34.44 11.82
CA GLY D 651 -43.76 33.53 10.69
C GLY D 651 -43.57 34.22 9.34
N VAL D 652 -43.87 35.53 9.30
CA VAL D 652 -43.67 36.35 8.11
C VAL D 652 -42.44 37.21 8.35
N THR D 653 -41.54 37.26 7.38
CA THR D 653 -40.29 37.99 7.49
C THR D 653 -40.11 38.77 6.20
N ALA D 654 -39.09 39.63 6.18
CA ALA D 654 -38.78 40.42 5.00
C ALA D 654 -37.27 40.64 4.95
N ALA D 655 -36.70 40.56 3.76
CA ALA D 655 -35.28 40.76 3.55
C ALA D 655 -35.18 41.79 2.47
N ARG D 656 -34.12 42.60 2.51
CA ARG D 656 -33.92 43.70 1.56
C ARG D 656 -32.55 43.64 0.89
N ARG D 657 -32.52 43.75 -0.42
CA ARG D 657 -31.28 43.95 -1.15
C ARG D 657 -31.40 45.26 -1.92
N THR D 658 -30.26 45.85 -2.27
CA THR D 658 -30.26 47.10 -3.01
C THR D 658 -29.08 47.25 -3.91
N ASP D 659 -29.28 47.95 -5.05
CA ASP D 659 -28.20 48.35 -6.00
C ASP D 659 -27.76 49.83 -5.83
N GLY D 660 -28.29 50.49 -4.81
CA GLY D 660 -27.94 51.88 -4.55
C GLY D 660 -28.94 52.79 -5.20
N GLU D 661 -29.74 52.26 -6.12
CA GLU D 661 -30.77 53.03 -6.77
C GLU D 661 -32.16 52.54 -6.40
N SER D 662 -32.36 51.24 -6.43
CA SER D 662 -33.62 50.64 -6.01
C SER D 662 -33.45 49.72 -4.79
N GLU D 663 -34.53 49.44 -4.09
CA GLU D 663 -34.53 48.40 -3.08
C GLU D 663 -35.44 47.27 -3.55
N PHE D 664 -35.03 46.05 -3.25
CA PHE D 664 -35.81 44.85 -3.53
C PHE D 664 -36.14 44.25 -2.18
N ILE D 665 -37.44 44.09 -1.91
CA ILE D 665 -37.96 43.60 -0.63
C ILE D 665 -38.56 42.23 -0.84
N PHE D 666 -38.02 41.23 -0.15
CA PHE D 666 -38.55 39.89 -0.26
C PHE D 666 -39.46 39.59 0.93
N LEU D 667 -40.76 39.61 0.68
CA LEU D 667 -41.73 39.24 1.70
C LEU D 667 -41.96 37.76 1.71
N GLN D 668 -41.77 37.12 2.85
CA GLN D 668 -41.80 35.66 2.96
C GLN D 668 -42.81 35.19 4.02
N ASN D 669 -43.64 34.24 3.66
CA ASN D 669 -44.57 33.64 4.60
C ASN D 669 -44.24 32.18 4.78
N TYR D 670 -43.74 31.84 5.96
CA TYR D 670 -43.33 30.49 6.29
C TYR D 670 -44.40 29.77 7.06
N ASN D 671 -45.55 30.41 7.24
CA ASN D 671 -46.69 29.75 7.86
C ASN D 671 -47.33 28.84 6.82
N ALA D 672 -48.12 27.87 7.31
CA ALA D 672 -48.82 26.90 6.47
C ALA D 672 -50.23 27.36 6.08
N ASP D 673 -50.58 28.60 6.44
CA ASP D 673 -51.83 29.22 6.03
C ASP D 673 -51.58 30.64 5.53
N ASN D 674 -52.64 31.24 5.01
CA ASN D 674 -52.55 32.59 4.47
C ASN D 674 -52.25 33.60 5.52
N GLN D 675 -51.53 34.64 5.15
CA GLN D 675 -51.12 35.66 6.06
C GLN D 675 -51.18 37.01 5.32
N THR D 676 -51.68 38.05 6.00
CA THR D 676 -51.95 39.36 5.38
C THR D 676 -51.11 40.46 6.00
N VAL D 677 -50.51 41.27 5.15
CA VAL D 677 -49.60 42.34 5.54
C VAL D 677 -50.12 43.69 4.98
N ALA D 678 -49.96 44.76 5.75
CA ALA D 678 -50.27 46.14 5.29
C ALA D 678 -48.99 46.90 4.89
N LEU D 679 -48.97 47.44 3.67
CA LEU D 679 -47.82 48.12 3.13
C LEU D 679 -47.85 49.58 3.59
N PRO D 680 -46.70 50.12 4.01
CA PRO D 680 -46.71 51.53 4.46
C PRO D 680 -46.48 52.55 3.34
N GLN D 681 -46.11 52.09 2.13
CA GLN D 681 -45.88 52.95 0.95
C GLN D 681 -46.18 52.15 -0.30
N ASP D 682 -45.89 52.74 -1.47
CA ASP D 682 -46.15 52.08 -2.75
C ASP D 682 -44.91 51.46 -3.38
N TYR D 683 -45.05 50.20 -3.81
CA TYR D 683 -44.01 49.40 -4.46
C TYR D 683 -44.55 48.93 -5.83
N GLN D 684 -43.67 48.49 -6.71
CA GLN D 684 -44.06 47.82 -7.95
C GLN D 684 -43.88 46.29 -7.76
N ASP D 685 -44.49 45.52 -8.66
CA ASP D 685 -44.16 44.09 -8.85
C ASP D 685 -42.92 44.03 -9.77
N ILE D 686 -41.86 43.46 -9.22
CA ILE D 686 -40.59 43.25 -9.94
C ILE D 686 -40.68 42.01 -10.90
N VAL D 687 -41.69 41.14 -10.71
CA VAL D 687 -42.07 40.12 -11.71
C VAL D 687 -43.17 40.85 -12.54
N HIS D 688 -43.69 40.17 -13.53
CA HIS D 688 -44.85 40.55 -14.39
C HIS D 688 -45.98 41.28 -13.64
N GLY D 689 -45.80 42.58 -13.42
CA GLY D 689 -46.80 43.45 -12.78
C GLY D 689 -46.35 44.89 -12.56
N GLY D 690 -47.33 45.79 -12.49
CA GLY D 690 -47.14 47.23 -12.14
C GLY D 690 -47.15 47.46 -10.64
N ASN D 691 -48.12 48.20 -10.10
CA ASN D 691 -48.15 48.55 -8.64
C ASN D 691 -48.99 47.67 -7.76
N LEU D 692 -48.39 47.19 -6.68
CA LEU D 692 -49.05 46.23 -5.79
C LEU D 692 -50.11 46.93 -4.96
N PRO D 693 -51.15 46.17 -4.52
CA PRO D 693 -52.20 46.75 -3.69
C PRO D 693 -51.66 47.20 -2.34
N ARG D 694 -52.40 48.06 -1.66
CA ARG D 694 -52.05 48.56 -0.31
C ARG D 694 -51.99 47.46 0.78
N LYS D 695 -52.50 46.29 0.46
CA LYS D 695 -52.61 45.28 1.43
C LYS D 695 -52.70 43.94 0.73
N LEU D 696 -51.94 43.00 1.28
CA LEU D 696 -51.34 41.95 0.50
C LEU D 696 -51.49 40.64 1.27
N THR D 697 -52.05 39.64 0.62
CA THR D 697 -52.17 38.36 1.24
C THR D 697 -51.16 37.46 0.59
N LEU D 698 -50.33 36.89 1.46
CA LEU D 698 -49.35 35.93 1.04
C LEU D 698 -49.96 34.55 1.29
N PRO D 699 -49.95 33.70 0.25
CA PRO D 699 -50.41 32.34 0.47
C PRO D 699 -49.47 31.55 1.38
N ALA D 700 -49.96 30.45 1.91
CA ALA D 700 -49.09 29.49 2.62
C ALA D 700 -47.78 29.30 1.84
N PHE D 701 -46.65 29.38 2.51
CA PHE D 701 -45.33 29.21 1.90
C PHE D 701 -45.13 30.14 0.74
N GLY D 702 -45.76 31.32 0.81
CA GLY D 702 -45.75 32.28 -0.28
C GLY D 702 -44.61 33.28 -0.16
N CYS D 703 -44.23 33.87 -1.28
CA CYS D 703 -43.21 34.92 -1.34
C CYS D 703 -43.63 35.98 -2.36
N GLN D 704 -43.54 37.24 -2.01
CA GLN D 704 -43.70 38.30 -3.00
C GLN D 704 -42.60 39.35 -2.95
N ILE D 705 -42.13 39.74 -4.13
CA ILE D 705 -40.99 40.63 -4.21
C ILE D 705 -41.47 42.02 -4.61
N LEU D 706 -41.23 42.98 -3.73
CA LEU D 706 -41.67 44.35 -3.89
C LEU D 706 -40.44 45.10 -4.32
N THR D 707 -40.61 46.07 -5.20
CA THR D 707 -39.47 46.91 -5.62
C THR D 707 -39.86 48.38 -5.59
N ARG D 708 -38.86 49.22 -5.53
CA ARG D 708 -39.12 50.63 -5.33
C ARG D 708 -37.81 51.40 -5.35
N LYS D 709 -37.84 52.65 -5.80
CA LYS D 709 -36.59 53.45 -5.84
C LYS D 709 -36.44 54.25 -4.58
N ILE D 710 -35.19 54.52 -4.20
CA ILE D 710 -34.87 54.96 -2.82
C ILE D 710 -34.94 56.49 -2.66
N THR E 27 -13.44 0.99 73.02
CA THR E 27 -14.34 2.13 73.38
C THR E 27 -14.37 3.26 72.34
N LYS E 28 -13.27 3.44 71.61
CA LYS E 28 -13.13 4.53 70.65
C LYS E 28 -11.93 4.24 69.75
N PHE E 29 -12.15 4.27 68.43
CA PHE E 29 -11.09 3.89 67.49
C PHE E 29 -9.92 4.86 67.50
N PRO E 30 -8.72 4.38 67.12
CA PRO E 30 -7.57 5.32 67.03
C PRO E 30 -7.74 6.35 65.90
N LEU E 31 -7.28 7.59 66.15
CA LEU E 31 -7.19 8.60 65.08
C LEU E 31 -6.21 8.16 63.99
N LEU E 32 -6.23 8.87 62.86
CA LEU E 32 -5.37 8.52 61.70
C LEU E 32 -3.85 8.63 61.97
N SER E 33 -3.47 9.46 62.93
CA SER E 33 -2.07 9.60 63.35
C SER E 33 -2.02 10.09 64.83
N SER E 34 -0.89 9.84 65.51
CA SER E 34 -0.67 10.36 66.89
C SER E 34 -0.70 11.90 67.03
N LYS E 35 -0.45 12.54 65.90
CA LYS E 35 -0.06 13.93 65.77
C LYS E 35 -1.27 14.81 65.32
N ILE E 36 -2.41 14.17 65.05
CA ILE E 36 -3.70 14.85 64.88
C ILE E 36 -4.61 14.61 66.06
N SER E 37 -5.59 15.50 66.17
CA SER E 37 -6.38 15.69 67.36
C SER E 37 -7.90 15.80 67.12
N GLY E 38 -8.32 15.81 65.85
CA GLY E 38 -9.73 16.04 65.52
C GLY E 38 -9.99 15.60 64.10
N LEU E 39 -11.05 16.15 63.52
CA LEU E 39 -11.42 15.77 62.18
C LEU E 39 -10.44 16.45 61.23
N LEU E 40 -10.12 15.78 60.14
CA LEU E 40 -9.36 16.42 59.08
C LEU E 40 -10.27 17.12 58.04
N HIS E 41 -9.74 18.16 57.42
CA HIS E 41 -10.43 18.93 56.37
C HIS E 41 -9.36 19.27 55.36
N GLY E 42 -9.62 19.01 54.09
CA GLY E 42 -8.60 19.26 53.11
C GLY E 42 -8.96 18.94 51.68
N ALA E 43 -7.95 18.59 50.89
CA ALA E 43 -8.11 18.49 49.46
C ALA E 43 -6.95 17.83 48.78
N ASP E 44 -7.20 17.35 47.55
CA ASP E 44 -6.13 17.08 46.62
C ASP E 44 -5.51 18.41 46.22
N TYR E 45 -4.17 18.46 46.25
CA TYR E 45 -3.41 19.69 46.02
C TYR E 45 -2.34 19.42 44.98
N ASN E 46 -2.34 20.23 43.91
CA ASN E 46 -1.41 20.10 42.78
C ASN E 46 -0.61 21.36 42.51
N PRO E 47 0.24 21.77 43.46
CA PRO E 47 1.09 22.95 43.31
C PRO E 47 2.05 22.88 42.11
N GLU E 48 2.46 21.68 41.71
CA GLU E 48 3.38 21.50 40.60
C GLU E 48 2.92 22.15 39.30
N GLN E 49 1.61 22.30 39.15
CA GLN E 49 1.03 23.02 38.00
C GLN E 49 1.18 24.56 38.12
N TRP E 50 1.68 25.05 39.26
CA TRP E 50 1.75 26.50 39.55
C TRP E 50 3.15 27.03 39.93
N LEU E 51 4.20 26.22 39.80
CA LEU E 51 5.58 26.61 40.22
C LEU E 51 6.08 27.90 39.58
N ASP E 52 5.52 28.27 38.43
CA ASP E 52 5.78 29.57 37.82
C ASP E 52 5.08 30.76 38.48
N HIS E 53 4.35 30.56 39.57
CA HIS E 53 3.75 31.69 40.28
C HIS E 53 3.89 31.43 41.77
N PRO E 54 5.06 31.74 42.34
CA PRO E 54 5.27 31.50 43.79
C PRO E 54 4.31 32.30 44.67
N ASP E 55 3.84 33.42 44.16
CA ASP E 55 2.75 34.18 44.77
C ASP E 55 1.52 33.32 45.05
N VAL E 56 1.15 32.50 44.07
CA VAL E 56 0.01 31.63 44.19
C VAL E 56 0.22 30.60 45.28
N LEU E 57 1.43 30.04 45.37
CA LEU E 57 1.76 28.98 46.35
C LEU E 57 1.71 29.50 47.76
N VAL E 58 2.17 30.73 47.95
CA VAL E 58 2.08 31.41 49.24
C VAL E 58 0.60 31.64 49.58
N ARG E 59 -0.12 32.21 48.63
CA ARG E 59 -1.53 32.49 48.79
C ARG E 59 -2.33 31.23 49.08
N ASP E 60 -1.99 30.15 48.38
CA ASP E 60 -2.56 28.84 48.66
C ASP E 60 -2.60 28.58 50.16
N VAL E 61 -1.43 28.54 50.78
CA VAL E 61 -1.30 28.15 52.21
C VAL E 61 -2.06 29.11 53.13
N GLU E 62 -1.97 30.41 52.84
CA GLU E 62 -2.72 31.40 53.61
C GLU E 62 -4.22 31.10 53.60
N MET E 63 -4.77 30.85 52.43
CA MET E 63 -6.23 30.54 52.31
C MET E 63 -6.57 29.17 52.92
N MET E 64 -5.66 28.21 52.74
CA MET E 64 -5.76 26.92 53.40
C MET E 64 -6.01 27.04 54.89
N LYS E 65 -5.28 27.92 55.57
CA LYS E 65 -5.49 28.11 56.99
C LYS E 65 -6.75 28.93 57.21
N GLU E 66 -7.02 29.90 56.35
CA GLU E 66 -8.25 30.67 56.55
C GLU E 66 -9.56 29.85 56.29
N ALA E 67 -9.44 28.76 55.52
CA ALA E 67 -10.52 27.77 55.35
C ALA E 67 -10.48 26.61 56.35
N ARG E 68 -9.51 26.63 57.27
CA ARG E 68 -9.33 25.61 58.29
C ARG E 68 -9.07 24.25 57.67
N CYS E 69 -8.22 24.23 56.67
CA CYS E 69 -7.85 22.98 56.06
C CYS E 69 -6.55 22.51 56.69
N ASN E 70 -6.55 21.33 57.28
CA ASN E 70 -5.37 20.77 57.95
C ASN E 70 -4.77 19.51 57.26
N VAL E 71 -5.28 19.16 56.09
CA VAL E 71 -4.67 18.10 55.30
C VAL E 71 -4.75 18.33 53.79
N MET E 72 -3.71 17.89 53.09
CA MET E 72 -3.69 17.90 51.64
C MET E 72 -3.16 16.58 51.17
N SER E 73 -3.66 16.13 50.01
CA SER E 73 -3.09 15.00 49.31
C SER E 73 -2.16 15.54 48.22
N VAL E 74 -0.90 15.09 48.20
CA VAL E 74 0.10 15.68 47.32
C VAL E 74 0.79 14.56 46.57
N GLY E 75 1.16 14.83 45.33
CA GLY E 75 1.97 13.92 44.55
C GLY E 75 1.25 12.99 43.61
N ILE E 76 -0.07 13.11 43.52
CA ILE E 76 -0.88 12.07 42.91
C ILE E 76 -0.59 11.93 41.42
N PHE E 77 -0.40 13.05 40.74
CA PHE E 77 -0.15 13.02 39.28
C PHE E 77 1.16 13.68 38.95
N SER E 78 2.15 13.42 39.78
CA SER E 78 3.38 14.18 39.79
C SER E 78 4.53 13.47 39.09
N TRP E 79 4.30 12.33 38.47
CA TRP E 79 5.39 11.50 38.02
C TRP E 79 6.30 12.28 37.09
N SER E 80 5.73 12.98 36.12
CA SER E 80 6.55 13.76 35.20
C SER E 80 7.16 15.01 35.84
N ALA E 81 6.57 15.46 36.93
CA ALA E 81 7.16 16.53 37.77
C ALA E 81 8.30 16.07 38.72
N LEU E 82 8.41 14.76 38.92
CA LEU E 82 9.40 14.16 39.78
C LEU E 82 10.48 13.47 38.94
N GLU E 83 10.11 12.84 37.83
CA GLU E 83 11.07 12.14 36.98
C GLU E 83 10.81 12.52 35.51
N PRO E 84 11.25 13.74 35.11
CA PRO E 84 11.04 14.25 33.73
C PRO E 84 11.83 13.51 32.63
N GLU E 85 12.93 12.87 33.01
CA GLU E 85 13.63 11.92 32.13
C GLU E 85 13.89 10.68 32.92
N GLU E 86 14.11 9.58 32.20
CA GLU E 86 14.36 8.30 32.85
C GLU E 86 15.58 8.40 33.76
N GLY E 87 15.46 7.88 34.98
CA GLY E 87 16.55 7.92 35.96
C GLY E 87 16.80 9.26 36.65
N ARG E 88 16.32 10.36 36.10
CA ARG E 88 16.68 11.67 36.62
C ARG E 88 15.55 12.36 37.38
N TYR E 89 15.72 12.50 38.70
CA TYR E 89 14.67 12.98 39.59
C TYR E 89 14.81 14.44 39.96
N THR E 90 13.68 15.09 40.29
CA THR E 90 13.64 16.53 40.59
C THR E 90 12.68 16.77 41.76
N PHE E 91 13.16 16.55 42.97
CA PHE E 91 12.29 16.55 44.17
C PHE E 91 12.16 17.89 44.88
N ASP E 92 12.85 18.92 44.39
CA ASP E 92 13.05 20.13 45.18
C ASP E 92 11.72 20.80 45.47
N TRP E 93 10.90 21.00 44.43
CA TRP E 93 9.54 21.58 44.59
C TRP E 93 8.68 20.85 45.65
N MET E 94 8.78 19.53 45.70
CA MET E 94 8.02 18.78 46.69
C MET E 94 8.56 18.97 48.10
N ASP E 95 9.90 19.05 48.22
CA ASP E 95 10.57 19.35 49.52
C ASP E 95 9.97 20.63 50.05
N GLN E 96 9.87 21.61 49.15
CA GLN E 96 9.44 22.96 49.49
C GLN E 96 8.01 22.90 49.96
N VAL E 97 7.19 22.18 49.19
CA VAL E 97 5.76 22.09 49.45
C VAL E 97 5.50 21.49 50.83
N LEU E 98 6.15 20.35 51.09
CA LEU E 98 5.96 19.63 52.35
C LEU E 98 6.46 20.44 53.53
N ASN E 99 7.59 21.12 53.34
CA ASN E 99 8.11 22.01 54.38
C ASN E 99 7.15 23.13 54.69
N ARG E 100 6.68 23.81 53.66
CA ARG E 100 5.76 24.91 53.83
C ARG E 100 4.45 24.49 54.47
N LEU E 101 3.88 23.38 54.02
CA LEU E 101 2.69 22.84 54.66
C LEU E 101 2.98 22.57 56.16
N HIS E 102 4.07 21.84 56.46
CA HIS E 102 4.42 21.54 57.85
C HIS E 102 4.61 22.77 58.71
N GLU E 103 5.30 23.77 58.17
CA GLU E 103 5.47 25.04 58.87
C GLU E 103 4.15 25.71 59.18
N ASN E 104 3.10 25.40 58.42
CA ASN E 104 1.80 26.05 58.60
C ASN E 104 0.74 25.22 59.29
N GLY E 105 1.16 24.06 59.79
CA GLY E 105 0.28 23.18 60.56
C GLY E 105 -0.69 22.44 59.69
N ILE E 106 -0.21 21.96 58.55
CA ILE E 106 -1.04 21.21 57.60
C ILE E 106 -0.34 19.93 57.27
N SER E 107 -1.01 18.82 57.53
CA SER E 107 -0.49 17.48 57.28
C SER E 107 -0.72 17.07 55.83
N VAL E 108 -0.08 15.97 55.45
CA VAL E 108 -0.06 15.51 54.08
C VAL E 108 -0.33 14.02 53.97
N PHE E 109 -1.22 13.65 53.05
CA PHE E 109 -1.22 12.29 52.54
C PHE E 109 -0.37 12.30 51.28
N LEU E 110 0.82 11.73 51.37
CA LEU E 110 1.74 11.70 50.25
C LEU E 110 1.40 10.51 49.34
N ALA E 111 1.29 10.80 48.05
CA ALA E 111 0.76 9.84 47.10
C ALA E 111 1.87 9.24 46.31
N THR E 112 1.69 7.97 45.95
CA THR E 112 2.54 7.38 44.92
C THR E 112 1.87 7.82 43.63
N PRO E 113 2.69 8.22 42.65
CA PRO E 113 2.20 8.82 41.40
C PRO E 113 1.82 7.81 40.28
N SER E 114 1.58 6.54 40.64
CA SER E 114 1.34 5.46 39.65
C SER E 114 0.10 5.64 38.80
N GLY E 115 -0.82 6.50 39.27
CA GLY E 115 -2.01 6.93 38.53
C GLY E 115 -1.83 7.44 37.11
N ALA E 116 -0.64 7.94 36.77
CA ALA E 116 -0.38 8.43 35.44
C ALA E 116 1.10 8.39 35.07
N ARG E 117 1.48 7.48 34.19
CA ARG E 117 2.85 7.42 33.67
C ARG E 117 3.28 8.71 32.94
N PRO E 118 4.59 8.98 32.88
CA PRO E 118 5.06 9.99 31.96
C PRO E 118 5.06 9.46 30.52
N ALA E 119 4.96 10.41 29.58
CA ALA E 119 4.94 10.11 28.12
C ALA E 119 6.17 9.37 27.63
N TRP E 120 7.35 9.71 28.17
CA TRP E 120 8.63 9.02 27.82
C TRP E 120 8.60 7.52 28.15
N MET E 121 7.93 7.17 29.26
CA MET E 121 7.76 5.77 29.69
C MET E 121 6.82 4.97 28.78
N SER E 122 5.73 5.59 28.33
CA SER E 122 4.90 4.99 27.29
C SER E 122 5.68 4.79 25.98
N GLN E 123 6.38 5.83 25.56
CA GLN E 123 7.11 5.78 24.32
C GLN E 123 8.25 4.71 24.32
N LYS E 124 8.99 4.61 25.42
CA LYS E 124 10.11 3.69 25.52
C LYS E 124 9.64 2.29 25.82
N TYR E 125 8.74 2.13 26.79
CA TYR E 125 8.23 0.83 27.20
C TYR E 125 6.71 0.65 26.97
N PRO E 126 6.30 0.42 25.71
CA PRO E 126 4.90 0.20 25.34
C PRO E 126 4.14 -0.83 26.17
N GLN E 127 4.84 -1.80 26.71
CA GLN E 127 4.22 -2.84 27.53
C GLN E 127 3.44 -2.26 28.75
N VAL E 128 3.73 -1.02 29.15
CA VAL E 128 3.00 -0.41 30.27
C VAL E 128 1.53 0.00 29.93
N LEU E 129 1.26 0.19 28.64
CA LEU E 129 -0.06 0.48 28.12
C LEU E 129 -0.86 -0.79 28.05
N ARG E 130 -2.17 -0.65 28.22
CA ARG E 130 -3.11 -1.79 28.19
C ARG E 130 -3.51 -2.16 26.78
N VAL E 131 -4.09 -3.35 26.71
CA VAL E 131 -4.80 -3.85 25.57
C VAL E 131 -6.23 -4.00 26.06
N GLY E 132 -7.19 -3.40 25.34
CA GLY E 132 -8.60 -3.42 25.76
C GLY E 132 -9.25 -4.78 25.61
N ARG E 133 -10.44 -4.89 26.20
CA ARG E 133 -11.32 -6.07 26.03
C ARG E 133 -11.58 -6.47 24.54
N ASP E 134 -11.81 -5.48 23.68
CA ASP E 134 -11.91 -5.70 22.22
C ASP E 134 -10.54 -5.99 21.57
N ARG E 135 -9.50 -6.18 22.38
CA ARG E 135 -8.14 -6.42 21.91
C ARG E 135 -7.49 -5.24 21.17
N VAL E 136 -8.08 -4.04 21.29
CA VAL E 136 -7.49 -2.83 20.73
C VAL E 136 -6.39 -2.43 21.70
N PRO E 137 -5.17 -2.20 21.18
CA PRO E 137 -4.10 -1.65 22.01
C PRO E 137 -4.31 -0.18 22.25
N ALA E 138 -4.12 0.24 23.51
CA ALA E 138 -4.22 1.65 23.88
C ALA E 138 -2.94 2.35 23.48
N LEU E 139 -3.09 3.65 23.17
CA LEU E 139 -1.99 4.58 22.99
C LEU E 139 -1.79 5.33 24.31
N HIS E 140 -0.73 6.11 24.37
CA HIS E 140 -0.47 6.93 25.56
C HIS E 140 -1.63 7.93 25.80
N GLY E 141 -1.85 8.25 27.06
CA GLY E 141 -2.85 9.21 27.46
C GLY E 141 -3.79 8.71 28.54
N GLY E 142 -4.69 9.60 28.94
CA GLY E 142 -5.64 9.31 30.00
C GLY E 142 -4.99 9.13 31.38
N ARG E 143 -5.58 8.23 32.16
CA ARG E 143 -5.07 7.90 33.47
C ARG E 143 -5.56 6.53 33.94
N HIS E 144 -4.97 6.02 35.01
CA HIS E 144 -5.43 4.79 35.65
C HIS E 144 -5.56 3.60 34.70
N ASN E 145 -4.71 3.58 33.68
CA ASN E 145 -4.86 2.67 32.52
C ASN E 145 -3.55 1.89 32.19
N HIS E 146 -2.83 1.51 33.25
CA HIS E 146 -1.57 0.75 33.17
C HIS E 146 -1.82 -0.77 33.12
N CYS E 147 -0.98 -1.49 32.40
CA CYS E 147 -1.00 -2.95 32.48
C CYS E 147 -0.49 -3.34 33.86
N MET E 148 -1.27 -4.17 34.53
CA MET E 148 -1.01 -4.53 35.93
C MET E 148 -0.13 -5.80 36.07
N SER E 149 0.11 -6.48 34.95
CA SER E 149 1.12 -7.51 34.85
C SER E 149 2.49 -6.90 34.52
N SER E 150 2.56 -5.86 33.69
CA SER E 150 3.86 -5.37 33.16
C SER E 150 5.04 -5.33 34.18
N PRO E 151 6.10 -6.17 33.97
CA PRO E 151 7.27 -6.15 34.87
C PRO E 151 7.97 -4.81 34.91
N VAL E 152 8.13 -4.17 33.75
CA VAL E 152 8.74 -2.83 33.70
C VAL E 152 7.98 -1.78 34.55
N TYR E 153 6.65 -1.73 34.45
CA TYR E 153 5.90 -0.71 35.21
C TYR E 153 6.00 -0.97 36.71
N ARG E 154 5.89 -2.24 37.10
CA ARG E 154 5.95 -2.60 38.52
C ARG E 154 7.31 -2.28 39.09
N GLU E 155 8.35 -2.49 38.30
CA GLU E 155 9.71 -2.12 38.67
C GLU E 155 9.91 -0.61 38.80
N LYS E 156 9.48 0.15 37.82
CA LYS E 156 9.50 1.62 37.87
C LYS E 156 8.69 2.22 39.03
N VAL E 157 7.60 1.53 39.38
CA VAL E 157 6.79 1.91 40.53
C VAL E 157 7.58 1.63 41.82
N GLN E 158 8.25 0.48 41.85
CA GLN E 158 9.13 0.12 42.97
C GLN E 158 10.19 1.19 43.17
N LEU E 159 10.85 1.57 42.08
CA LEU E 159 11.91 2.58 42.14
C LEU E 159 11.41 3.91 42.61
N MET E 160 10.34 4.38 41.99
CA MET E 160 9.78 5.66 42.36
C MET E 160 9.36 5.62 43.81
N ASN E 161 8.56 4.62 44.17
CA ASN E 161 8.06 4.58 45.53
C ASN E 161 9.19 4.54 46.55
N GLY E 162 10.24 3.75 46.22
CA GLY E 162 11.47 3.65 47.03
C GLY E 162 12.19 4.99 47.26
N GLN E 163 12.18 5.85 46.25
CA GLN E 163 12.75 7.19 46.34
C GLN E 163 11.89 8.04 47.26
N LEU E 164 10.58 7.98 47.05
CA LEU E 164 9.65 8.77 47.84
C LEU E 164 9.79 8.42 49.31
N ALA E 165 9.84 7.13 49.59
CA ALA E 165 9.90 6.62 50.97
C ALA E 165 11.24 6.99 51.63
N LYS E 166 12.33 6.77 50.89
CA LYS E 166 13.66 7.09 51.40
C LYS E 166 13.81 8.57 51.65
N ARG E 167 13.23 9.40 50.81
CA ARG E 167 13.29 10.83 51.05
C ARG E 167 12.27 11.38 52.07
N TYR E 168 11.04 10.87 52.12
CA TYR E 168 9.96 11.52 52.90
C TYR E 168 9.27 10.70 54.00
N ALA E 169 9.59 9.41 54.13
CA ALA E 169 8.89 8.57 55.07
C ALA E 169 8.97 9.08 56.50
N HIS E 170 9.97 9.94 56.76
CA HIS E 170 10.10 10.56 58.09
C HIS E 170 9.88 12.05 58.10
N HIS E 171 9.36 12.61 57.02
CA HIS E 171 9.05 14.00 56.98
C HIS E 171 7.86 14.22 57.92
N PRO E 172 7.97 15.21 58.84
CA PRO E 172 6.96 15.39 59.89
C PRO E 172 5.54 15.71 59.39
N ALA E 173 5.45 16.33 58.22
CA ALA E 173 4.17 16.61 57.57
C ALA E 173 3.36 15.35 57.25
N VAL E 174 4.04 14.33 56.71
CA VAL E 174 3.42 13.10 56.18
C VAL E 174 2.72 12.32 57.29
N ILE E 175 1.43 12.03 57.12
CA ILE E 175 0.64 11.22 58.06
C ILE E 175 0.10 9.89 57.46
N GLY E 176 0.36 9.65 56.17
CA GLY E 176 -0.20 8.49 55.48
C GLY E 176 0.16 8.42 54.01
N TRP E 177 -0.12 7.27 53.41
CA TRP E 177 0.19 7.00 52.01
C TRP E 177 -1.12 6.86 51.21
N HIS E 178 -1.20 7.65 50.14
CA HIS E 178 -2.27 7.66 49.14
C HIS E 178 -1.75 6.82 47.99
N ILE E 179 -2.10 5.54 47.98
CA ILE E 179 -1.52 4.61 47.03
C ILE E 179 -2.26 4.76 45.69
N SER E 180 -1.51 5.21 44.69
CA SER E 180 -2.02 5.43 43.35
C SER E 180 -3.22 6.37 43.36
N ASN E 181 -4.08 6.29 42.35
CA ASN E 181 -5.37 7.01 42.39
C ASN E 181 -6.44 6.20 41.71
N GLU E 182 -7.57 5.99 42.41
CA GLU E 182 -8.74 5.30 41.89
C GLU E 182 -8.37 4.16 40.92
N TYR E 183 -7.73 3.12 41.44
CA TYR E 183 -7.47 1.94 40.65
C TYR E 183 -8.77 1.51 39.94
N GLY E 184 -8.64 1.12 38.67
CA GLY E 184 -9.77 0.64 37.88
C GLY E 184 -9.35 0.10 36.52
N GLY E 185 -10.25 -0.66 35.89
CA GLY E 185 -10.06 -1.20 34.53
C GLY E 185 -9.27 -2.51 34.51
N GLU E 186 -9.04 -2.99 33.31
CA GLU E 186 -8.54 -4.33 33.10
C GLU E 186 -7.64 -4.35 31.90
N CYS E 187 -6.83 -5.39 31.79
CA CYS E 187 -5.95 -5.53 30.65
C CYS E 187 -6.10 -6.93 30.11
N HIS E 188 -5.91 -7.07 28.79
CA HIS E 188 -6.12 -8.34 28.08
C HIS E 188 -4.91 -8.65 27.20
N CYS E 189 -3.78 -7.97 27.46
CA CYS E 189 -2.54 -8.19 26.71
C CYS E 189 -2.03 -9.57 27.04
N ASP E 190 -1.20 -10.11 26.14
CA ASP E 190 -0.75 -11.51 26.23
C ASP E 190 -0.11 -11.86 27.56
N THR E 191 0.57 -10.92 28.18
CA THR E 191 1.12 -11.15 29.52
C THR E 191 0.02 -11.36 30.55
N CYS E 192 -1.00 -10.50 30.50
CA CYS E 192 -2.17 -10.67 31.39
C CYS E 192 -2.85 -12.03 31.13
N GLN E 193 -2.96 -12.46 29.88
CA GLN E 193 -3.58 -13.75 29.53
C GLN E 193 -2.81 -14.91 30.18
N GLY E 194 -1.48 -14.89 30.01
CA GLY E 194 -0.56 -15.81 30.67
C GLY E 194 -0.74 -15.84 32.18
N GLN E 195 -0.74 -14.67 32.83
CA GLN E 195 -1.05 -14.62 34.26
C GLN E 195 -2.41 -15.26 34.58
N PHE E 196 -3.41 -14.92 33.76
CA PHE E 196 -4.79 -15.40 33.97
C PHE E 196 -4.87 -16.93 33.80
N ARG E 197 -4.12 -17.48 32.84
CA ARG E 197 -4.02 -18.95 32.74
C ARG E 197 -3.41 -19.60 34.01
N ASP E 198 -2.33 -19.00 34.53
CA ASP E 198 -1.68 -19.49 35.73
C ASP E 198 -2.64 -19.41 36.93
N TRP E 199 -3.33 -18.30 37.06
CA TRP E 199 -4.29 -18.09 38.13
C TRP E 199 -5.38 -19.16 38.16
N LEU E 200 -5.91 -19.47 36.98
CA LEU E 200 -7.00 -20.44 36.82
C LEU E 200 -6.53 -21.81 37.27
N LYS E 201 -5.31 -22.13 36.85
CA LYS E 201 -4.70 -23.43 37.04
C LYS E 201 -4.37 -23.66 38.49
N ALA E 202 -3.91 -22.62 39.17
CA ALA E 202 -3.77 -22.65 40.62
C ALA E 202 -5.13 -22.83 41.33
N ARG E 203 -6.19 -22.19 40.82
CA ARG E 203 -7.52 -22.24 41.45
C ARG E 203 -8.21 -23.60 41.24
N TYR E 204 -8.47 -24.00 40.00
CA TYR E 204 -8.93 -25.38 39.68
C TYR E 204 -7.66 -26.10 39.34
N VAL E 205 -7.45 -27.32 39.80
CA VAL E 205 -6.12 -27.94 39.58
C VAL E 205 -6.09 -28.61 38.21
N THR E 206 -7.24 -29.14 37.80
CA THR E 206 -7.41 -29.83 36.54
C THR E 206 -8.43 -29.13 35.65
N LEU E 207 -8.22 -29.28 34.34
CA LEU E 207 -9.21 -28.87 33.34
C LEU E 207 -10.59 -29.52 33.58
N ASP E 208 -10.59 -30.73 34.14
CA ASP E 208 -11.81 -31.38 34.58
C ASP E 208 -12.67 -30.49 35.46
N ALA E 209 -12.08 -30.03 36.55
CA ALA E 209 -12.77 -29.25 37.58
C ALA E 209 -13.31 -27.92 37.03
N LEU E 210 -12.51 -27.30 36.16
CA LEU E 210 -12.89 -26.07 35.46
C LEU E 210 -14.10 -26.31 34.55
N ASN E 211 -13.96 -27.23 33.60
CA ASN E 211 -15.01 -27.55 32.65
C ASN E 211 -16.34 -27.88 33.30
N LYS E 212 -16.28 -28.57 34.44
CA LYS E 212 -17.46 -28.89 35.21
C LYS E 212 -18.01 -27.67 35.89
N ALA E 213 -17.12 -26.89 36.49
CA ALA E 213 -17.52 -25.68 37.21
C ALA E 213 -18.24 -24.66 36.30
N TRP E 214 -17.76 -24.56 35.05
CA TRP E 214 -18.29 -23.66 34.03
C TRP E 214 -19.30 -24.31 33.07
N TRP E 215 -19.59 -25.61 33.28
CA TRP E 215 -20.56 -26.34 32.47
C TRP E 215 -20.22 -26.22 30.99
N SER E 216 -18.95 -26.34 30.69
CA SER E 216 -18.48 -25.95 29.36
C SER E 216 -18.82 -26.90 28.22
N THR E 217 -19.49 -28.01 28.49
CA THR E 217 -19.94 -28.93 27.44
C THR E 217 -21.03 -28.28 26.59
N PHE E 218 -21.82 -27.40 27.23
CA PHE E 218 -22.77 -26.50 26.56
C PHE E 218 -22.08 -25.76 25.44
N TRP E 219 -22.63 -25.86 24.23
CA TRP E 219 -22.05 -25.29 22.98
C TRP E 219 -20.61 -25.77 22.68
N SER E 220 -20.29 -26.98 23.15
CA SER E 220 -19.07 -27.67 22.76
C SER E 220 -17.82 -26.85 23.13
N HIS E 221 -17.88 -26.16 24.26
CA HIS E 221 -16.82 -25.22 24.71
C HIS E 221 -15.79 -25.91 25.61
N THR E 222 -15.74 -27.23 25.57
CA THR E 222 -14.81 -27.98 26.43
C THR E 222 -13.36 -27.57 26.11
N TYR E 223 -12.68 -27.08 27.17
CA TYR E 223 -11.24 -26.74 27.15
C TYR E 223 -10.42 -28.01 27.39
N THR E 224 -9.58 -28.38 26.44
CA THR E 224 -8.74 -29.57 26.56
C THR E 224 -7.25 -29.22 26.73
N ASP E 225 -6.92 -27.93 26.78
CA ASP E 225 -5.55 -27.48 27.04
C ASP E 225 -5.56 -26.06 27.66
N TRP E 226 -4.66 -25.82 28.61
CA TRP E 226 -4.62 -24.55 29.36
C TRP E 226 -4.39 -23.33 28.48
N SER E 227 -3.63 -23.53 27.41
CA SER E 227 -3.39 -22.51 26.39
C SER E 227 -4.64 -22.07 25.60
N GLN E 228 -5.74 -22.83 25.68
CA GLN E 228 -6.99 -22.47 25.03
C GLN E 228 -7.77 -21.47 25.86
N LEU E 229 -7.43 -21.30 27.12
CA LEU E 229 -8.13 -20.33 27.95
C LEU E 229 -7.72 -18.90 27.64
N GLU E 230 -8.72 -18.03 27.57
CA GLU E 230 -8.59 -16.67 27.05
C GLU E 230 -9.56 -15.78 27.83
N SER E 231 -9.13 -14.56 28.13
CA SER E 231 -10.03 -13.56 28.72
C SER E 231 -11.21 -13.29 27.80
N PRO E 232 -12.33 -12.86 28.35
CA PRO E 232 -13.48 -12.54 27.48
C PRO E 232 -13.22 -11.47 26.40
N SER E 233 -14.01 -11.52 25.33
CA SER E 233 -14.00 -10.52 24.28
C SER E 233 -15.32 -10.51 23.49
N PRO E 234 -15.71 -9.33 22.92
CA PRO E 234 -16.92 -9.28 22.08
C PRO E 234 -16.80 -10.08 20.75
N GLN E 235 -15.60 -10.24 20.23
CA GLN E 235 -15.40 -11.03 19.00
C GLN E 235 -15.05 -12.51 19.28
N GLY E 236 -14.85 -12.86 20.55
CA GLY E 236 -14.43 -14.20 20.93
C GLY E 236 -15.53 -14.82 21.76
N GLU E 237 -15.29 -14.92 23.06
CA GLU E 237 -16.19 -15.63 23.96
C GLU E 237 -16.61 -14.70 25.08
N ASN E 238 -17.91 -14.49 25.24
CA ASN E 238 -18.40 -13.78 26.40
C ASN E 238 -19.76 -14.29 26.87
N GLY E 239 -20.08 -15.54 26.53
CA GLY E 239 -21.26 -16.25 27.03
C GLY E 239 -21.00 -17.23 28.16
N VAL E 240 -19.72 -17.52 28.44
CA VAL E 240 -19.36 -18.46 29.51
C VAL E 240 -19.21 -17.68 30.82
N HIS E 241 -20.26 -17.76 31.63
CA HIS E 241 -20.41 -17.01 32.85
C HIS E 241 -19.31 -17.26 33.85
N GLY E 242 -18.89 -18.52 33.96
CA GLY E 242 -17.85 -18.89 34.91
C GLY E 242 -16.53 -18.21 34.63
N LEU E 243 -16.27 -18.05 33.33
CA LEU E 243 -15.10 -17.33 32.82
C LEU E 243 -15.19 -15.83 33.14
N ASN E 244 -16.33 -15.22 32.85
CA ASN E 244 -16.52 -13.76 33.10
C ASN E 244 -16.34 -13.44 34.58
N LEU E 245 -16.97 -14.27 35.40
CA LEU E 245 -16.90 -14.18 36.85
C LEU E 245 -15.47 -14.29 37.39
N ASP E 246 -14.74 -15.32 36.98
CA ASP E 246 -13.36 -15.52 37.44
C ASP E 246 -12.40 -14.46 36.91
N TRP E 247 -12.68 -13.99 35.70
CA TRP E 247 -11.92 -12.89 35.13
C TRP E 247 -11.97 -11.68 36.07
N ARG E 248 -13.16 -11.40 36.62
CA ARG E 248 -13.31 -10.35 37.62
C ARG E 248 -12.60 -10.63 38.94
N ARG E 249 -12.64 -11.87 39.37
CA ARG E 249 -11.87 -12.29 40.54
C ARG E 249 -10.36 -12.19 40.27
N PHE E 250 -9.94 -12.63 39.09
CA PHE E 250 -8.54 -12.50 38.69
C PHE E 250 -8.03 -11.04 38.67
N ASN E 251 -8.82 -10.14 38.07
CA ASN E 251 -8.57 -8.68 38.13
C ASN E 251 -8.48 -8.13 39.55
N THR E 252 -9.40 -8.52 40.41
CA THR E 252 -9.35 -8.10 41.81
C THR E 252 -8.05 -8.53 42.50
N ASP E 253 -7.63 -9.76 42.26
CA ASP E 253 -6.34 -10.25 42.77
C ASP E 253 -5.18 -9.47 42.14
N GLN E 254 -5.18 -9.28 40.82
CA GLN E 254 -4.11 -8.46 40.15
C GLN E 254 -3.87 -7.10 40.83
N VAL E 255 -4.96 -6.38 41.11
CA VAL E 255 -4.88 -5.04 41.71
C VAL E 255 -4.46 -5.11 43.17
N THR E 256 -4.98 -6.10 43.88
CA THR E 256 -4.58 -6.32 45.26
C THR E 256 -3.05 -6.62 45.38
N ARG E 257 -2.54 -7.56 44.58
CA ARG E 257 -1.10 -7.76 44.50
C ARG E 257 -0.36 -6.47 44.12
N PHE E 258 -0.83 -5.77 43.08
CA PHE E 258 -0.21 -4.50 42.65
C PHE E 258 -0.13 -3.44 43.77
N CYS E 259 -1.22 -3.35 44.53
CA CYS E 259 -1.33 -2.39 45.63
C CYS E 259 -0.39 -2.75 46.77
N SER E 260 -0.26 -4.06 47.06
CA SER E 260 0.67 -4.56 48.10
C SER E 260 2.09 -4.25 47.77
N GLU E 261 2.45 -4.52 46.52
CA GLU E 261 3.80 -4.26 46.02
C GLU E 261 4.11 -2.78 46.08
N GLU E 262 3.11 -1.94 45.83
CA GLU E 262 3.31 -0.51 46.01
C GLU E 262 3.62 -0.17 47.47
N ILE E 263 2.89 -0.79 48.38
CA ILE E 263 3.01 -0.45 49.79
C ILE E 263 4.36 -0.88 50.40
N ARG E 264 4.84 -2.08 50.04
CA ARG E 264 6.01 -2.71 50.68
CA ARG E 264 6.01 -2.70 50.69
C ARG E 264 7.18 -1.74 50.94
N PRO E 265 7.79 -1.17 49.87
CA PRO E 265 8.93 -0.27 50.08
C PRO E 265 8.68 0.96 50.94
N LEU E 266 7.43 1.39 51.02
CA LEU E 266 7.05 2.53 51.87
C LEU E 266 7.06 2.10 53.32
N LYS E 267 6.48 0.93 53.59
CA LYS E 267 6.51 0.33 54.93
C LYS E 267 7.95 0.02 55.40
N ALA E 268 8.77 -0.45 54.46
CA ALA E 268 10.16 -0.73 54.69
C ALA E 268 10.95 0.45 55.25
N GLU E 269 10.61 1.66 54.84
CA GLU E 269 11.26 2.85 55.40
C GLU E 269 10.60 3.38 56.65
N ASN E 270 9.37 2.98 56.91
CA ASN E 270 8.63 3.44 58.08
C ASN E 270 7.36 2.60 58.15
N PRO E 271 7.36 1.64 59.07
CA PRO E 271 6.18 0.79 59.25
C PRO E 271 5.01 1.46 59.98
N ALA E 272 5.21 2.66 60.55
CA ALA E 272 4.17 3.29 61.37
C ALA E 272 3.21 4.16 60.56
N LEU E 273 3.55 4.41 59.28
CA LEU E 273 2.70 5.22 58.38
C LEU E 273 1.64 4.35 57.74
N PRO E 274 0.35 4.74 57.90
CA PRO E 274 -0.72 3.96 57.30
C PRO E 274 -0.79 4.16 55.78
N ALA E 275 -1.41 3.24 55.08
CA ALA E 275 -1.63 3.36 53.65
C ALA E 275 -3.09 3.09 53.29
N THR E 276 -3.58 3.86 52.32
CA THR E 276 -4.92 3.69 51.76
C THR E 276 -4.83 3.85 50.27
N THR E 277 -5.90 3.48 49.59
CA THR E 277 -6.08 3.82 48.18
C THR E 277 -7.55 4.25 48.10
N ASN E 278 -7.83 5.23 47.24
CA ASN E 278 -9.16 5.87 47.20
C ASN E 278 -10.15 5.08 46.32
N PHE E 279 -11.25 4.68 46.93
CA PHE E 279 -12.27 3.86 46.30
C PHE E 279 -13.30 4.72 45.62
N MET E 280 -14.08 4.10 44.72
CA MET E 280 -15.11 4.80 43.94
C MET E 280 -16.54 4.30 44.23
N GLU E 281 -17.51 5.16 43.87
CA GLU E 281 -18.94 4.92 44.12
C GLU E 281 -19.44 3.57 43.57
N TYR E 282 -19.99 2.75 44.47
CA TYR E 282 -20.43 1.41 44.12
C TYR E 282 -19.60 0.68 43.05
N PHE E 283 -18.29 0.89 43.04
CA PHE E 283 -17.41 0.50 41.91
C PHE E 283 -17.50 -0.98 41.57
N ASN E 284 -17.60 -1.30 40.28
CA ASN E 284 -17.91 -2.64 39.84
C ASN E 284 -16.73 -3.53 39.45
N ASP E 285 -15.61 -2.94 39.08
CA ASP E 285 -14.56 -3.72 38.48
C ASP E 285 -13.92 -4.68 39.46
N TYR E 286 -13.81 -4.26 40.73
CA TYR E 286 -13.03 -4.98 41.75
C TYR E 286 -13.85 -5.23 43.03
N ASP E 287 -13.62 -6.42 43.62
CA ASP E 287 -14.17 -6.75 44.93
C ASP E 287 -13.41 -6.00 45.98
N TYR E 288 -13.89 -4.83 46.32
CA TYR E 288 -13.32 -4.05 47.41
C TYR E 288 -13.11 -4.77 48.74
N TRP E 289 -13.90 -5.81 49.04
CA TRP E 289 -13.67 -6.64 50.23
C TRP E 289 -12.29 -7.32 50.24
N LYS E 290 -11.82 -7.71 49.07
CA LYS E 290 -10.47 -8.24 48.93
C LYS E 290 -9.36 -7.18 48.93
N LEU E 291 -9.56 -6.08 48.20
CA LEU E 291 -8.55 -5.02 48.06
C LEU E 291 -8.32 -4.30 49.40
N ALA E 292 -9.36 -4.26 50.24
CA ALA E 292 -9.27 -3.57 51.54
C ALA E 292 -8.33 -4.31 52.51
N GLY E 293 -8.19 -5.63 52.32
CA GLY E 293 -7.32 -6.47 53.15
C GLY E 293 -5.85 -6.10 53.16
N VAL E 294 -5.42 -5.27 52.22
CA VAL E 294 -4.04 -4.85 52.12
C VAL E 294 -3.88 -3.41 52.58
N LEU E 295 -4.96 -2.73 52.95
CA LEU E 295 -4.86 -1.32 53.36
C LEU E 295 -4.98 -1.24 54.87
N ASP E 296 -4.50 -0.14 55.44
CA ASP E 296 -4.63 0.13 56.86
C ASP E 296 -5.94 0.79 57.19
N PHE E 297 -6.33 1.75 56.34
CA PHE E 297 -7.64 2.44 56.45
C PHE E 297 -8.25 2.66 55.04
N ILE E 298 -9.57 2.89 55.06
CA ILE E 298 -10.41 3.00 53.88
C ILE E 298 -10.64 4.47 53.57
N SER E 299 -10.57 4.79 52.30
CA SER E 299 -10.95 6.11 51.81
C SER E 299 -11.75 6.01 50.53
N TRP E 300 -12.68 6.95 50.33
CA TRP E 300 -13.40 7.02 49.04
C TRP E 300 -13.79 8.36 48.47
N ASP E 301 -14.23 8.30 47.20
CA ASP E 301 -14.53 9.47 46.39
C ASP E 301 -16.03 9.55 46.02
N SER E 302 -16.73 10.57 46.51
CA SER E 302 -18.20 10.66 46.42
C SER E 302 -18.60 11.91 45.66
N TYR E 303 -19.25 11.73 44.50
CA TYR E 303 -19.80 12.83 43.72
C TYR E 303 -21.27 12.56 43.39
N PRO E 304 -22.14 12.62 44.38
CA PRO E 304 -23.58 12.43 44.08
C PRO E 304 -24.18 13.58 43.22
N MET E 305 -25.08 13.26 42.29
CA MET E 305 -25.75 14.30 41.46
C MET E 305 -26.91 15.02 42.18
N TRP E 306 -26.53 15.86 43.16
CA TRP E 306 -27.50 16.56 43.98
C TRP E 306 -28.31 17.50 43.14
N HIS E 307 -29.59 17.58 43.49
CA HIS E 307 -30.57 18.52 42.96
C HIS E 307 -30.93 18.26 41.51
N THR E 308 -30.69 17.06 40.99
CA THR E 308 -31.03 16.77 39.63
C THR E 308 -32.33 16.04 39.51
N ARG E 309 -32.86 15.53 40.62
CA ARG E 309 -34.08 14.73 40.60
C ARG E 309 -35.16 15.47 41.34
N GLN E 310 -36.35 14.89 41.30
CA GLN E 310 -37.55 15.32 42.03
C GLN E 310 -37.25 15.83 43.43
N ASP E 311 -36.44 15.07 44.16
CA ASP E 311 -35.96 15.42 45.49
C ASP E 311 -34.61 14.73 45.64
N ASP E 312 -33.91 15.02 46.74
CA ASP E 312 -32.59 14.44 47.00
C ASP E 312 -32.61 13.31 48.04
N ILE E 313 -33.79 12.77 48.37
CA ILE E 313 -33.95 11.88 49.50
C ILE E 313 -33.37 10.51 49.16
N GLY E 314 -33.83 9.95 48.06
CA GLY E 314 -33.31 8.68 47.56
C GLY E 314 -31.82 8.71 47.36
N LEU E 315 -31.34 9.79 46.79
CA LEU E 315 -29.92 9.96 46.55
C LEU E 315 -29.13 9.99 47.89
N ALA E 316 -29.69 10.69 48.88
CA ALA E 316 -29.06 10.80 50.18
C ALA E 316 -28.90 9.43 50.83
N ALA E 317 -29.93 8.61 50.77
CA ALA E 317 -29.89 7.26 51.33
C ALA E 317 -28.88 6.38 50.60
N TYR E 318 -28.89 6.47 49.29
CA TYR E 318 -27.95 5.75 48.42
C TYR E 318 -26.48 6.08 48.73
N THR E 319 -26.21 7.34 48.99
CA THR E 319 -24.85 7.74 49.37
C THR E 319 -24.55 7.23 50.78
N ALA E 320 -25.49 7.47 51.71
CA ALA E 320 -25.36 7.04 53.10
C ALA E 320 -25.05 5.54 53.19
N MET E 321 -25.76 4.75 52.41
CA MET E 321 -25.50 3.33 52.40
C MET E 321 -24.03 3.04 52.03
N TYR E 322 -23.47 3.76 51.06
CA TYR E 322 -22.10 3.48 50.65
C TYR E 322 -21.08 3.94 51.70
N HIS E 323 -21.43 4.99 52.42
CA HIS E 323 -20.65 5.45 53.57
C HIS E 323 -20.57 4.27 54.56
N ASP E 324 -21.72 3.76 54.98
CA ASP E 324 -21.77 2.60 55.90
C ASP E 324 -20.94 1.42 55.41
N LEU E 325 -20.97 1.15 54.11
CA LEU E 325 -20.14 0.12 53.54
C LEU E 325 -18.65 0.39 53.77
N MET E 326 -18.25 1.63 53.53
CA MET E 326 -16.85 1.99 53.66
C MET E 326 -16.36 1.78 55.08
N ARG E 327 -17.20 2.13 56.06
CA ARG E 327 -16.93 1.90 57.48
C ARG E 327 -16.91 0.41 57.77
N THR E 328 -17.85 -0.32 57.20
CA THR E 328 -18.00 -1.73 57.52
C THR E 328 -16.84 -2.56 57.02
N LEU E 329 -16.21 -2.12 55.94
CA LEU E 329 -15.04 -2.78 55.40
C LEU E 329 -13.94 -3.15 56.42
N LYS E 330 -13.76 -2.31 57.44
CA LYS E 330 -12.82 -2.58 58.54
C LYS E 330 -13.50 -2.56 59.91
N GLN E 331 -14.68 -3.16 59.95
CA GLN E 331 -15.47 -3.35 61.16
C GLN E 331 -15.58 -2.13 62.05
N GLY E 332 -16.15 -1.06 61.52
CA GLY E 332 -16.45 0.14 62.31
C GLY E 332 -15.35 1.18 62.32
N LYS E 333 -14.19 0.86 61.74
CA LYS E 333 -13.05 1.77 61.75
C LYS E 333 -13.40 2.94 60.85
N PRO E 334 -13.33 4.19 61.39
CA PRO E 334 -13.58 5.39 60.60
C PRO E 334 -12.80 5.41 59.28
N PHE E 335 -13.36 6.09 58.29
CA PHE E 335 -12.78 6.14 56.96
C PHE E 335 -12.52 7.61 56.61
N VAL E 336 -11.76 7.85 55.53
CA VAL E 336 -11.52 9.18 54.99
C VAL E 336 -12.36 9.38 53.75
N LEU E 337 -13.08 10.50 53.67
CA LEU E 337 -13.69 10.93 52.43
C LEU E 337 -12.58 11.66 51.68
N MET E 338 -11.86 10.91 50.86
CA MET E 338 -10.64 11.42 50.21
C MET E 338 -10.96 12.48 49.18
N GLU E 339 -12.13 12.34 48.53
CA GLU E 339 -12.58 13.26 47.48
C GLU E 339 -14.09 13.55 47.52
N SER E 340 -14.41 14.77 47.16
CA SER E 340 -15.78 15.23 46.92
C SER E 340 -15.66 16.61 46.25
N THR E 341 -16.78 17.20 45.83
CA THR E 341 -16.73 18.52 45.22
C THR E 341 -17.32 19.52 46.16
N PRO E 342 -16.67 20.66 46.28
CA PRO E 342 -17.30 21.75 47.03
C PRO E 342 -18.51 22.34 46.29
N SER E 343 -18.65 22.07 45.00
CA SER E 343 -19.69 22.73 44.24
C SER E 343 -20.22 21.80 43.19
N PHE E 344 -19.55 21.72 42.04
CA PHE E 344 -19.99 20.89 40.91
C PHE E 344 -18.84 20.03 40.38
N THR E 345 -19.17 19.03 39.56
CA THR E 345 -18.13 18.28 38.82
C THR E 345 -18.10 18.76 37.40
N ASN E 346 -17.16 18.19 36.64
CA ASN E 346 -17.00 18.49 35.20
C ASN E 346 -17.62 17.45 34.24
N TRP E 347 -17.93 16.26 34.75
CA TRP E 347 -18.07 15.05 33.91
C TRP E 347 -19.48 14.43 33.88
N GLN E 348 -20.43 14.97 34.63
CA GLN E 348 -21.79 14.46 34.62
C GLN E 348 -22.59 15.20 33.53
N PRO E 349 -23.85 14.75 33.26
CA PRO E 349 -24.74 15.47 32.31
C PRO E 349 -25.02 16.92 32.66
N THR E 350 -25.08 17.24 33.94
CA THR E 350 -25.16 18.61 34.36
C THR E 350 -24.08 18.85 35.41
N SER E 351 -23.74 20.12 35.57
CA SER E 351 -22.78 20.57 36.54
C SER E 351 -23.54 21.47 37.49
N LYS E 352 -24.58 20.92 38.09
CA LYS E 352 -25.36 21.65 39.09
C LYS E 352 -24.56 22.13 40.28
N LEU E 353 -24.92 23.33 40.71
CA LEU E 353 -24.37 23.94 41.88
C LEU E 353 -25.05 23.32 43.10
N LYS E 354 -24.25 23.02 44.13
CA LYS E 354 -24.79 22.72 45.43
C LYS E 354 -25.49 23.97 45.91
N LYS E 355 -26.70 23.78 46.41
CA LYS E 355 -27.46 24.86 46.92
C LYS E 355 -26.88 25.33 48.29
N PRO E 356 -27.20 26.56 48.69
CA PRO E 356 -26.68 27.03 49.98
C PRO E 356 -27.02 26.08 51.14
N GLY E 357 -26.01 25.69 51.90
CA GLY E 357 -26.17 24.70 52.96
C GLY E 357 -25.75 23.27 52.60
N MET E 358 -25.99 22.87 51.35
CA MET E 358 -25.81 21.47 50.93
C MET E 358 -24.39 20.92 51.03
N HIS E 359 -23.40 21.77 50.83
CA HIS E 359 -22.05 21.33 50.94
C HIS E 359 -21.75 20.91 52.38
N ILE E 360 -22.18 21.75 53.30
CA ILE E 360 -22.10 21.42 54.71
C ILE E 360 -22.81 20.10 54.99
N LEU E 361 -24.03 19.97 54.49
CA LEU E 361 -24.83 18.78 54.76
C LEU E 361 -24.25 17.50 54.20
N SER E 362 -23.79 17.54 52.95
CA SER E 362 -23.21 16.37 52.27
C SER E 362 -21.89 15.95 52.86
N SER E 363 -21.09 16.94 53.29
CA SER E 363 -19.84 16.66 54.01
C SER E 363 -20.12 16.06 55.41
N LEU E 364 -20.95 16.75 56.19
CA LEU E 364 -21.36 16.22 57.50
C LEU E 364 -22.05 14.87 57.44
N GLN E 365 -22.72 14.57 56.33
CA GLN E 365 -23.28 13.24 56.14
C GLN E 365 -22.19 12.18 56.15
N ALA E 366 -21.07 12.47 55.49
CA ALA E 366 -19.96 11.55 55.47
C ALA E 366 -19.43 11.32 56.89
N VAL E 367 -19.30 12.43 57.63
CA VAL E 367 -18.86 12.38 59.00
C VAL E 367 -19.81 11.51 59.79
N ALA E 368 -21.09 11.87 59.71
CA ALA E 368 -22.14 11.20 60.48
C ALA E 368 -22.08 9.71 60.36
N HIS E 369 -21.61 9.19 59.23
CA HIS E 369 -21.62 7.74 58.95
C HIS E 369 -20.25 7.09 59.10
N GLY E 370 -19.29 7.84 59.67
CA GLY E 370 -17.98 7.33 59.99
C GLY E 370 -16.77 7.97 59.31
N ALA E 371 -16.93 9.08 58.60
CA ALA E 371 -15.76 9.73 58.08
C ALA E 371 -15.06 10.50 59.22
N ASP E 372 -13.74 10.40 59.26
CA ASP E 372 -12.91 11.24 60.18
C ASP E 372 -12.11 12.31 59.43
N SER E 373 -12.36 12.42 58.12
CA SER E 373 -11.80 13.45 57.25
C SER E 373 -12.82 13.81 56.18
N VAL E 374 -12.90 15.10 55.84
CA VAL E 374 -13.63 15.56 54.68
C VAL E 374 -12.66 16.19 53.71
N GLN E 375 -12.50 15.57 52.56
CA GLN E 375 -11.62 16.12 51.57
C GLN E 375 -12.27 16.21 50.18
N TYR E 376 -11.68 17.08 49.37
CA TYR E 376 -12.27 17.54 48.15
C TYR E 376 -11.36 17.21 47.02
N PHE E 377 -11.91 16.95 45.84
CA PHE E 377 -11.07 16.99 44.68
C PHE E 377 -11.03 18.43 44.24
N GLN E 378 -9.76 18.83 44.24
CA GLN E 378 -9.11 20.09 44.02
C GLN E 378 -9.35 21.20 44.99
N TRP E 379 -8.20 21.75 45.38
CA TRP E 379 -8.04 22.89 46.23
C TRP E 379 -8.16 24.10 45.35
N ARG E 380 -7.40 24.05 44.24
CA ARG E 380 -7.39 25.09 43.24
C ARG E 380 -7.74 24.51 41.87
N LYS E 381 -8.74 25.12 41.24
CA LYS E 381 -9.04 24.74 39.85
C LYS E 381 -7.81 24.77 38.91
N SER E 382 -7.68 23.77 38.08
CA SER E 382 -6.65 23.82 37.05
C SER E 382 -7.10 24.85 36.07
N ARG E 383 -6.16 25.53 35.44
CA ARG E 383 -6.49 26.60 34.53
C ARG E 383 -6.88 26.07 33.14
N GLY E 384 -6.36 24.89 32.82
CA GLY E 384 -6.63 24.22 31.58
C GLY E 384 -6.88 22.75 31.80
N SER E 385 -7.13 22.06 30.70
CA SER E 385 -7.36 20.61 30.71
C SER E 385 -8.72 20.21 31.27
N CYS E 386 -8.98 18.93 31.30
CA CYS E 386 -10.34 18.49 31.30
C CYS E 386 -11.09 18.68 32.59
N GLU E 387 -10.37 18.94 33.68
CA GLU E 387 -11.00 19.23 34.97
C GLU E 387 -10.98 20.72 35.37
N LYS E 388 -10.74 21.61 34.41
CA LYS E 388 -10.66 23.06 34.69
C LYS E 388 -12.00 23.60 35.14
N PHE E 389 -13.10 22.97 34.74
CA PHE E 389 -14.43 23.36 35.23
C PHE E 389 -14.95 22.41 36.30
N HIS E 390 -14.05 21.70 36.97
CA HIS E 390 -14.45 20.93 38.13
C HIS E 390 -14.40 21.90 39.27
N GLY E 391 -15.29 21.73 40.25
CA GLY E 391 -15.27 22.51 41.46
C GLY E 391 -14.01 22.38 42.33
N ALA E 392 -13.70 23.46 43.05
CA ALA E 392 -12.57 23.52 43.96
C ALA E 392 -12.77 24.68 44.92
N VAL E 393 -11.91 24.73 45.93
CA VAL E 393 -12.02 25.73 47.00
C VAL E 393 -11.69 27.08 46.42
N VAL E 394 -10.61 27.11 45.63
CA VAL E 394 -10.11 28.31 44.99
C VAL E 394 -10.54 28.24 43.52
N ASP E 395 -11.44 29.16 43.16
CA ASP E 395 -11.84 29.36 41.79
C ASP E 395 -10.71 30.04 41.02
N HIS E 396 -10.86 30.05 39.70
CA HIS E 396 -10.00 30.83 38.80
C HIS E 396 -9.87 32.28 39.19
N VAL E 397 -10.90 32.80 39.86
CA VAL E 397 -10.83 34.15 40.40
C VAL E 397 -9.74 34.36 41.47
N GLY E 398 -9.11 33.28 41.97
CA GLY E 398 -7.85 33.36 42.74
C GLY E 398 -7.94 33.65 44.24
N HIS E 399 -9.17 33.74 44.76
CA HIS E 399 -9.41 33.93 46.19
C HIS E 399 -10.53 33.02 46.63
N ILE E 400 -10.92 33.07 47.89
CA ILE E 400 -12.06 32.29 48.44
C ILE E 400 -13.16 33.12 49.09
N ASP E 401 -13.18 34.44 48.84
CA ASP E 401 -14.35 35.26 49.09
C ASP E 401 -15.43 35.09 48.02
N THR E 402 -15.83 33.85 47.79
CA THR E 402 -16.91 33.47 46.91
C THR E 402 -17.92 32.65 47.75
N ARG E 403 -19.11 32.43 47.24
CA ARG E 403 -20.13 31.66 47.95
C ARG E 403 -19.60 30.25 48.30
N VAL E 404 -18.95 29.61 47.34
CA VAL E 404 -18.36 28.28 47.57
C VAL E 404 -17.30 28.42 48.64
N GLY E 405 -16.41 29.39 48.45
CA GLY E 405 -15.32 29.64 49.39
C GLY E 405 -15.79 29.86 50.81
N ARG E 406 -16.75 30.76 50.96
CA ARG E 406 -17.35 31.05 52.28
C ARG E 406 -18.02 29.86 52.96
N GLU E 407 -18.64 28.97 52.20
CA GLU E 407 -19.27 27.78 52.77
C GLU E 407 -18.21 26.76 53.11
N VAL E 408 -17.17 26.63 52.30
CA VAL E 408 -16.05 25.73 52.67
C VAL E 408 -15.41 26.14 54.02
N ALA E 409 -15.20 27.45 54.19
CA ALA E 409 -14.56 28.01 55.37
C ALA E 409 -15.44 27.81 56.59
N GLU E 410 -16.73 28.02 56.42
CA GLU E 410 -17.68 27.80 57.49
C GLU E 410 -17.72 26.32 57.89
N LEU E 411 -17.71 25.41 56.91
CA LEU E 411 -17.59 23.98 57.20
C LEU E 411 -16.33 23.66 57.96
N GLY E 412 -15.22 24.28 57.54
CA GLY E 412 -13.96 24.21 58.29
C GLY E 412 -14.11 24.47 59.79
N SER E 413 -14.85 25.55 60.11
CA SER E 413 -15.20 25.96 61.51
C SER E 413 -16.00 24.92 62.26
N ILE E 414 -17.04 24.43 61.60
CA ILE E 414 -17.86 23.42 62.20
C ILE E 414 -16.98 22.17 62.45
N LEU E 415 -16.19 21.75 61.46
CA LEU E 415 -15.38 20.53 61.62
C LEU E 415 -14.35 20.58 62.78
N SER E 416 -13.71 21.76 62.98
CA SER E 416 -12.76 21.94 64.07
C SER E 416 -13.53 21.89 65.39
N ALA E 417 -14.73 22.49 65.40
CA ALA E 417 -15.55 22.39 66.59
C ALA E 417 -16.00 20.95 66.88
N LEU E 418 -15.84 20.02 65.95
CA LEU E 418 -16.30 18.63 66.11
C LEU E 418 -15.15 17.68 66.42
N ALA E 419 -14.10 18.16 67.09
CA ALA E 419 -12.96 17.31 67.43
C ALA E 419 -13.33 16.02 68.22
N PRO E 420 -14.22 16.12 69.24
CA PRO E 420 -14.68 14.92 69.97
C PRO E 420 -15.21 13.77 69.11
N VAL E 421 -15.82 14.06 67.97
CA VAL E 421 -16.37 13.03 67.09
C VAL E 421 -15.29 12.10 66.54
N ALA E 422 -14.10 12.66 66.33
CA ALA E 422 -13.00 11.91 65.78
C ALA E 422 -12.82 10.62 66.55
N GLY E 423 -12.67 9.50 65.84
CA GLY E 423 -12.49 8.19 66.44
C GLY E 423 -13.75 7.51 66.96
N SER E 424 -14.87 8.24 67.06
CA SER E 424 -16.12 7.64 67.56
C SER E 424 -16.66 6.49 66.67
N ARG E 425 -17.51 5.64 67.25
CA ARG E 425 -17.99 4.41 66.65
C ARG E 425 -19.46 4.50 66.29
N VAL E 426 -19.84 3.64 65.34
CA VAL E 426 -21.23 3.48 64.92
C VAL E 426 -21.75 2.11 65.39
N GLU E 427 -22.75 2.11 66.27
CA GLU E 427 -23.23 0.88 66.91
C GLU E 427 -24.48 0.40 66.23
N ALA E 428 -24.29 -0.48 65.23
CA ALA E 428 -25.37 -0.94 64.39
C ALA E 428 -25.70 -2.35 64.78
N LYS E 429 -26.99 -2.57 64.99
CA LYS E 429 -27.55 -3.89 65.22
C LYS E 429 -28.19 -4.50 63.94
N VAL E 430 -28.22 -3.74 62.84
CA VAL E 430 -28.77 -4.19 61.56
C VAL E 430 -27.62 -4.35 60.56
N ALA E 431 -27.69 -5.42 59.77
CA ALA E 431 -26.75 -5.68 58.69
C ALA E 431 -27.51 -5.87 57.36
N ILE E 432 -26.97 -5.32 56.28
CA ILE E 432 -27.49 -5.53 54.93
C ILE E 432 -26.37 -6.13 54.13
N ILE E 433 -26.71 -7.10 53.29
CA ILE E 433 -25.70 -7.75 52.50
C ILE E 433 -25.61 -7.13 51.13
N PHE E 434 -24.44 -6.60 50.83
CA PHE E 434 -24.06 -6.17 49.48
C PHE E 434 -22.84 -6.99 49.12
N ASP E 435 -22.96 -7.85 48.12
CA ASP E 435 -21.93 -8.85 47.82
C ASP E 435 -21.46 -8.81 46.36
N TRP E 436 -20.19 -8.46 46.20
CA TRP E 436 -19.61 -8.29 44.87
C TRP E 436 -19.73 -9.51 43.96
N GLU E 437 -19.47 -10.70 44.50
CA GLU E 437 -19.50 -11.92 43.66
C GLU E 437 -20.92 -12.29 43.23
N SER E 438 -21.87 -12.14 44.16
CA SER E 438 -23.28 -12.31 43.86
C SER E 438 -23.73 -11.31 42.79
N ARG E 439 -23.34 -10.04 42.96
CA ARG E 439 -23.65 -9.00 41.97
C ARG E 439 -23.09 -9.32 40.56
N TRP E 440 -21.81 -9.73 40.48
CA TRP E 440 -21.17 -10.05 39.18
C TRP E 440 -21.85 -11.17 38.43
N ALA E 441 -22.18 -12.23 39.14
CA ALA E 441 -22.78 -13.36 38.51
C ALA E 441 -24.21 -13.02 38.14
N MET E 442 -24.91 -12.35 39.05
CA MET E 442 -26.32 -11.99 38.80
C MET E 442 -26.47 -11.01 37.62
N ASP E 443 -25.57 -10.05 37.52
CA ASP E 443 -25.63 -9.06 36.44
C ASP E 443 -25.22 -9.66 35.12
N ASP E 444 -24.27 -10.60 35.17
CA ASP E 444 -23.79 -11.26 33.95
C ASP E 444 -24.78 -12.29 33.42
N ALA E 445 -25.70 -12.75 34.25
CA ALA E 445 -26.64 -13.82 33.86
C ALA E 445 -27.56 -13.37 32.73
N MET E 446 -27.94 -14.28 31.84
CA MET E 446 -28.86 -13.93 30.77
C MET E 446 -30.25 -14.12 31.32
N GLY E 447 -30.73 -13.02 31.87
CA GLY E 447 -32.05 -12.88 32.38
C GLY E 447 -32.31 -13.54 33.71
N PRO E 448 -33.12 -12.89 34.54
CA PRO E 448 -34.55 -13.16 34.55
C PRO E 448 -35.18 -11.84 33.95
N ARG E 449 -34.40 -10.75 33.83
CA ARG E 449 -34.85 -9.47 33.31
C ARG E 449 -33.68 -8.66 32.73
N ASN E 450 -33.35 -8.96 31.49
CA ASN E 450 -32.23 -8.27 30.83
C ASN E 450 -32.38 -6.75 30.74
N ALA E 451 -33.61 -6.26 30.59
CA ALA E 451 -33.88 -4.82 30.65
C ALA E 451 -33.32 -4.16 31.90
N GLY E 452 -33.22 -4.88 33.00
CA GLY E 452 -32.55 -4.32 34.18
C GLY E 452 -32.96 -4.93 35.52
N LEU E 453 -31.95 -5.29 36.31
CA LEU E 453 -32.09 -5.82 37.67
C LEU E 453 -31.94 -4.74 38.76
N HIS E 454 -31.12 -3.71 38.52
CA HIS E 454 -30.95 -2.60 39.44
C HIS E 454 -30.62 -3.08 40.88
N TYR E 455 -29.51 -3.83 40.99
CA TYR E 455 -29.05 -4.39 42.24
C TYR E 455 -28.76 -3.34 43.32
N GLU E 456 -28.02 -2.32 42.95
CA GLU E 456 -27.59 -1.27 43.90
C GLU E 456 -28.82 -0.51 44.35
N ASN E 457 -29.71 -0.26 43.42
CA ASN E 457 -30.96 0.40 43.74
C ASN E 457 -31.92 -0.39 44.66
N THR E 458 -31.94 -1.70 44.47
CA THR E 458 -32.85 -2.52 45.21
C THR E 458 -32.35 -2.65 46.64
N VAL E 459 -31.04 -2.85 46.78
CA VAL E 459 -30.49 -2.98 48.11
C VAL E 459 -30.76 -1.68 48.84
N ALA E 460 -30.40 -0.57 48.20
CA ALA E 460 -30.67 0.75 48.78
C ALA E 460 -32.14 0.98 49.15
N ASP E 461 -33.06 0.49 48.34
CA ASP E 461 -34.46 0.63 48.65
C ASP E 461 -34.80 0.03 50.02
N HIS E 462 -34.17 -1.08 50.37
CA HIS E 462 -34.31 -1.70 51.70
C HIS E 462 -33.66 -0.81 52.78
N TYR E 463 -32.45 -0.35 52.50
CA TYR E 463 -31.69 0.50 53.41
C TYR E 463 -32.48 1.74 53.81
N ARG E 464 -33.17 2.31 52.84
CA ARG E 464 -33.82 3.60 52.99
C ARG E 464 -34.88 3.59 54.11
N ALA E 465 -35.67 2.52 54.17
CA ALA E 465 -36.72 2.40 55.17
C ALA E 465 -36.17 2.36 56.63
N LEU E 466 -34.93 1.91 56.79
CA LEU E 466 -34.21 1.93 58.07
C LEU E 466 -33.54 3.30 58.32
N TRP E 467 -32.85 3.80 57.29
CA TRP E 467 -32.20 5.10 57.31
C TRP E 467 -33.17 6.21 57.61
N ALA E 468 -34.41 6.08 57.14
CA ALA E 468 -35.46 7.09 57.40
C ALA E 468 -35.87 7.12 58.86
N GLN E 469 -35.71 6.00 59.55
CA GLN E 469 -35.96 5.87 61.01
C GLN E 469 -34.77 6.23 61.92
N GLY E 470 -33.63 6.59 61.33
CA GLY E 470 -32.42 6.82 62.10
C GLY E 470 -31.76 5.56 62.68
N ILE E 471 -31.93 4.42 62.00
CA ILE E 471 -31.42 3.14 62.50
C ILE E 471 -30.13 2.81 61.79
N ALA E 472 -29.08 2.61 62.58
CA ALA E 472 -27.75 2.30 62.08
C ALA E 472 -27.69 0.94 61.36
N VAL E 473 -26.93 0.89 60.28
CA VAL E 473 -26.75 -0.34 59.49
C VAL E 473 -25.32 -0.50 59.07
N ASP E 474 -24.79 -1.70 59.17
CA ASP E 474 -23.54 -2.11 58.54
C ASP E 474 -23.84 -2.80 57.21
N VAL E 475 -22.97 -2.61 56.23
CA VAL E 475 -23.17 -3.16 54.90
C VAL E 475 -22.03 -4.17 54.65
N ILE E 476 -22.35 -5.39 55.04
CA ILE E 476 -21.45 -6.51 55.01
C ILE E 476 -21.62 -7.25 53.70
N ASN E 477 -20.64 -8.09 53.37
CA ASN E 477 -20.85 -9.07 52.32
C ASN E 477 -21.22 -10.38 52.93
N ALA E 478 -21.45 -11.36 52.04
CA ALA E 478 -21.91 -12.67 52.45
C ALA E 478 -20.93 -13.47 53.33
N ASP E 479 -19.63 -13.11 53.30
CA ASP E 479 -18.59 -13.76 54.13
C ASP E 479 -18.42 -13.24 55.58
N CYS E 480 -19.04 -12.11 55.94
CA CYS E 480 -18.92 -11.51 57.26
C CYS E 480 -19.70 -12.25 58.32
N ASP E 481 -19.20 -12.17 59.55
CA ASP E 481 -19.81 -12.86 60.68
C ASP E 481 -21.11 -12.13 61.06
N LEU E 482 -22.16 -12.90 61.31
CA LEU E 482 -23.50 -12.33 61.54
C LEU E 482 -23.89 -12.13 63.00
N GLN E 483 -23.08 -12.69 63.91
CA GLN E 483 -23.59 -12.99 65.24
C GLN E 483 -23.74 -11.79 66.16
N GLY E 484 -23.09 -10.67 65.86
CA GLY E 484 -23.37 -9.43 66.60
C GLY E 484 -24.66 -8.70 66.22
N TYR E 485 -25.33 -9.12 65.16
CA TYR E 485 -26.51 -8.38 64.67
C TYR E 485 -27.78 -9.00 65.17
N ASP E 486 -28.83 -8.21 65.30
CA ASP E 486 -30.17 -8.73 65.54
C ASP E 486 -30.93 -8.97 64.23
N LEU E 487 -30.56 -8.24 63.17
CA LEU E 487 -31.29 -8.22 61.89
C LEU E 487 -30.32 -8.27 60.70
N VAL E 488 -30.60 -9.18 59.79
CA VAL E 488 -29.79 -9.34 58.60
C VAL E 488 -30.72 -9.36 57.39
N ILE E 489 -30.37 -8.55 56.41
CA ILE E 489 -31.19 -8.33 55.26
C ILE E 489 -30.32 -8.65 54.06
N ALA E 490 -30.83 -9.49 53.16
CA ALA E 490 -30.10 -9.93 51.97
C ALA E 490 -31.01 -9.77 50.74
N PRO E 491 -31.06 -8.55 50.18
CA PRO E 491 -31.80 -8.38 48.93
C PRO E 491 -31.04 -9.02 47.79
N MET E 492 -31.72 -9.89 47.05
CA MET E 492 -31.17 -10.57 45.86
C MET E 492 -29.79 -11.18 46.11
N LEU E 493 -29.72 -12.04 47.10
CA LEU E 493 -28.50 -12.79 47.35
C LEU E 493 -28.49 -13.96 46.38
N TYR E 494 -28.22 -13.63 45.14
CA TYR E 494 -28.29 -14.55 44.02
C TYR E 494 -27.35 -15.71 44.21
N MET E 495 -26.13 -15.44 44.68
CA MET E 495 -25.11 -16.46 44.93
C MET E 495 -25.05 -16.73 46.42
N VAL E 496 -25.20 -18.00 46.80
CA VAL E 496 -25.02 -18.41 48.19
C VAL E 496 -23.83 -19.38 48.26
N ARG E 497 -22.68 -18.85 48.64
CA ARG E 497 -21.45 -19.62 48.63
C ARG E 497 -21.41 -20.59 49.82
N GLU E 498 -20.42 -21.48 49.83
CA GLU E 498 -20.29 -22.46 50.90
C GLU E 498 -20.17 -21.78 52.23
N GLY E 499 -20.92 -22.28 53.22
CA GLY E 499 -20.92 -21.72 54.57
C GLY E 499 -21.99 -20.67 54.83
N VAL E 500 -22.47 -20.01 53.78
CA VAL E 500 -23.29 -18.80 53.91
C VAL E 500 -24.66 -19.19 54.45
N GLY E 501 -25.28 -20.18 53.80
CA GLY E 501 -26.57 -20.70 54.21
C GLY E 501 -26.53 -21.28 55.61
N GLU E 502 -25.42 -21.95 55.91
CA GLU E 502 -25.21 -22.56 57.21
C GLU E 502 -25.16 -21.46 58.26
N ARG E 503 -24.26 -20.48 58.06
CA ARG E 503 -24.14 -19.33 58.94
C ARG E 503 -25.50 -18.63 59.13
N ILE E 504 -26.22 -18.37 58.05
CA ILE E 504 -27.49 -17.63 58.16
C ILE E 504 -28.48 -18.44 59.01
N SER E 505 -28.53 -19.74 58.73
CA SER E 505 -29.45 -20.63 59.44
C SER E 505 -29.17 -20.59 60.92
N ALA E 506 -27.88 -20.72 61.25
CA ALA E 506 -27.40 -20.67 62.62
C ALA E 506 -27.78 -19.34 63.26
N PHE E 507 -27.52 -18.26 62.53
CA PHE E 507 -27.83 -16.92 63.01
C PHE E 507 -29.33 -16.79 63.40
N VAL E 508 -30.21 -17.33 62.54
CA VAL E 508 -31.63 -17.32 62.77
C VAL E 508 -32.01 -18.28 63.88
N GLN E 509 -31.31 -19.40 63.96
CA GLN E 509 -31.66 -20.44 64.93
C GLN E 509 -31.38 -19.98 66.33
N ALA E 510 -30.31 -19.22 66.47
CA ALA E 510 -29.95 -18.65 67.74
C ALA E 510 -30.86 -17.47 68.21
N GLY E 511 -31.90 -17.13 67.43
CA GLY E 511 -32.78 -16.00 67.70
C GLY E 511 -32.66 -14.79 66.76
N GLY E 512 -31.77 -14.84 65.75
CA GLY E 512 -31.59 -13.73 64.78
C GLY E 512 -32.78 -13.62 63.84
N ARG E 513 -32.95 -12.46 63.21
CA ARG E 513 -34.01 -12.29 62.20
C ARG E 513 -33.47 -11.95 60.81
N PHE E 514 -33.99 -12.64 59.83
CA PHE E 514 -33.42 -12.64 58.48
C PHE E 514 -34.49 -12.22 57.49
N VAL E 515 -34.10 -11.41 56.51
CA VAL E 515 -35.01 -11.00 55.44
C VAL E 515 -34.33 -11.18 54.07
N ALA E 516 -34.99 -11.94 53.22
CA ALA E 516 -34.47 -12.21 51.88
C ALA E 516 -35.57 -11.95 50.87
N THR E 517 -35.16 -11.67 49.66
CA THR E 517 -36.08 -11.33 48.60
C THR E 517 -35.95 -12.34 47.50
N TYR E 518 -36.91 -12.27 46.60
CA TYR E 518 -36.84 -12.89 45.29
C TYR E 518 -35.42 -12.97 44.74
N TRP E 519 -35.19 -13.96 43.91
CA TRP E 519 -33.90 -14.18 43.31
C TRP E 519 -32.75 -14.22 44.30
N SER E 520 -32.99 -14.88 45.42
CA SER E 520 -31.94 -15.27 46.35
C SER E 520 -31.73 -16.80 46.33
N GLY E 521 -30.52 -17.24 46.57
CA GLY E 521 -30.23 -18.66 46.66
C GLY E 521 -30.44 -19.39 45.35
N ILE E 522 -29.76 -18.91 44.30
CA ILE E 522 -29.91 -19.41 42.95
C ILE E 522 -28.69 -20.15 42.41
N VAL E 523 -27.47 -19.65 42.69
CA VAL E 523 -26.25 -20.30 42.22
C VAL E 523 -25.17 -20.46 43.28
N ASN E 524 -24.15 -21.20 42.92
CA ASN E 524 -22.98 -21.38 43.78
C ASN E 524 -21.79 -20.55 43.25
N GLU E 525 -20.61 -20.84 43.78
CA GLU E 525 -19.40 -20.05 43.57
C GLU E 525 -19.03 -19.77 42.09
N THR E 526 -19.45 -20.67 41.18
CA THR E 526 -19.15 -20.57 39.75
C THR E 526 -20.39 -20.41 38.87
N ASP E 527 -21.50 -19.98 39.46
CA ASP E 527 -22.74 -19.71 38.72
C ASP E 527 -23.50 -20.98 38.25
N LEU E 528 -23.31 -22.10 38.95
CA LEU E 528 -24.11 -23.30 38.71
C LEU E 528 -25.38 -23.20 39.55
N CYS E 529 -26.54 -23.36 38.93
CA CYS E 529 -27.79 -23.30 39.68
C CYS E 529 -27.95 -24.47 40.62
N PHE E 530 -28.48 -24.23 41.79
CA PHE E 530 -28.85 -25.33 42.69
C PHE E 530 -29.97 -26.18 42.07
N LEU E 531 -30.00 -27.47 42.45
CA LEU E 531 -30.99 -28.46 41.99
C LEU E 531 -32.04 -28.87 43.02
N ASN E 532 -31.83 -28.43 44.25
CA ASN E 532 -32.72 -28.76 45.36
C ASN E 532 -33.94 -27.81 45.52
N GLY E 533 -34.41 -27.21 44.41
CA GLY E 533 -35.41 -26.13 44.48
C GLY E 533 -34.88 -24.80 45.05
N PHE E 534 -35.39 -23.69 44.51
CA PHE E 534 -34.91 -22.37 44.89
C PHE E 534 -35.59 -21.76 46.09
N PRO E 535 -34.80 -21.58 47.14
CA PRO E 535 -33.94 -20.54 47.64
C PRO E 535 -32.69 -21.36 48.05
N GLY E 536 -32.56 -22.57 47.53
CA GLY E 536 -31.30 -23.34 47.60
C GLY E 536 -30.89 -23.76 49.00
N PRO E 537 -29.67 -23.37 49.43
CA PRO E 537 -29.30 -23.52 50.83
C PRO E 537 -30.20 -22.74 51.82
N LEU E 538 -30.94 -21.73 51.36
CA LEU E 538 -31.81 -20.91 52.24
C LEU E 538 -33.24 -21.41 52.32
N ARG E 539 -33.54 -22.47 51.58
CA ARG E 539 -34.88 -23.08 51.59
C ARG E 539 -35.40 -23.51 52.96
N PRO E 540 -34.55 -24.25 53.76
CA PRO E 540 -34.96 -24.64 55.11
C PRO E 540 -35.28 -23.46 56.03
N VAL E 541 -34.36 -22.53 56.17
CA VAL E 541 -34.60 -21.41 57.08
C VAL E 541 -35.80 -20.54 56.64
N LEU E 542 -36.02 -20.39 55.34
CA LEU E 542 -37.12 -19.54 54.84
C LEU E 542 -38.46 -20.25 54.83
N GLY E 543 -38.38 -21.58 54.73
CA GLY E 543 -39.56 -22.43 54.75
C GLY E 543 -40.51 -22.23 53.58
N ILE E 544 -39.94 -21.90 52.41
CA ILE E 544 -40.70 -21.67 51.17
C ILE E 544 -39.95 -22.30 49.99
N TRP E 545 -40.70 -22.63 48.96
CA TRP E 545 -40.14 -23.03 47.68
C TRP E 545 -40.55 -22.01 46.63
N ALA E 546 -39.55 -21.43 45.97
CA ALA E 546 -39.76 -20.51 44.89
C ALA E 546 -39.73 -21.23 43.57
N GLU E 547 -40.91 -21.57 43.06
CA GLU E 547 -41.01 -22.37 41.83
C GLU E 547 -40.48 -21.67 40.57
N GLU E 548 -40.94 -20.44 40.38
CA GLU E 548 -40.60 -19.70 39.18
C GLU E 548 -40.68 -18.20 39.45
N ILE E 549 -39.97 -17.45 38.59
CA ILE E 549 -39.88 -15.99 38.70
C ILE E 549 -40.41 -15.39 37.43
N ASP E 550 -41.37 -14.47 37.57
CA ASP E 550 -42.02 -13.81 36.45
C ASP E 550 -41.34 -12.48 36.29
N SER E 551 -41.25 -12.03 35.03
CA SER E 551 -40.50 -10.84 34.63
C SER E 551 -41.48 -9.88 34.02
N LEU E 552 -41.49 -8.63 34.51
CA LEU E 552 -42.43 -7.59 34.04
C LEU E 552 -41.79 -6.41 33.26
N THR E 553 -42.45 -5.98 32.19
CA THR E 553 -41.99 -4.79 31.44
C THR E 553 -42.23 -3.60 32.32
N ASP E 554 -41.59 -2.50 31.97
CA ASP E 554 -41.73 -1.28 32.78
C ASP E 554 -43.15 -0.71 32.87
N GLU E 555 -44.07 -1.18 32.02
CA GLU E 555 -45.49 -0.75 32.03
C GLU E 555 -46.41 -1.64 32.86
N GLN E 556 -45.87 -2.73 33.41
CA GLN E 556 -46.65 -3.74 34.06
C GLN E 556 -46.37 -3.76 35.57
N HIS E 557 -47.44 -3.97 36.32
CA HIS E 557 -47.38 -3.96 37.77
C HIS E 557 -48.33 -5.01 38.38
N ASN E 558 -48.04 -5.46 39.58
CA ASN E 558 -48.96 -6.25 40.36
C ASN E 558 -49.19 -5.48 41.66
N SER E 559 -50.00 -6.00 42.57
CA SER E 559 -50.12 -5.40 43.86
C SER E 559 -49.91 -6.47 44.92
N VAL E 560 -49.47 -6.05 46.09
CA VAL E 560 -49.30 -6.94 47.26
C VAL E 560 -50.22 -6.37 48.36
N ALA E 561 -50.97 -7.26 49.00
CA ALA E 561 -51.93 -6.83 50.03
C ALA E 561 -51.81 -7.66 51.32
N GLY E 562 -51.82 -6.98 52.45
CA GLY E 562 -51.71 -7.65 53.72
C GLY E 562 -52.86 -8.60 54.00
N VAL E 563 -52.51 -9.75 54.55
CA VAL E 563 -53.48 -10.70 55.10
C VAL E 563 -54.00 -10.07 56.38
N GLU E 564 -55.27 -10.29 56.69
CA GLU E 564 -55.85 -9.77 57.93
C GLU E 564 -55.26 -10.44 59.15
N GLY E 565 -54.93 -9.65 60.16
CA GLY E 565 -54.19 -10.13 61.31
C GLY E 565 -52.72 -10.52 61.13
N ASN E 566 -52.05 -10.09 60.05
CA ASN E 566 -50.62 -10.42 59.82
C ASN E 566 -49.75 -9.73 60.87
N ALA E 567 -48.73 -10.46 61.36
CA ALA E 567 -47.87 -10.02 62.48
C ALA E 567 -47.25 -8.62 62.26
N LEU E 568 -46.90 -8.29 61.02
CA LEU E 568 -46.29 -6.98 60.74
C LEU E 568 -47.29 -5.84 60.55
N GLY E 569 -48.58 -6.14 60.51
CA GLY E 569 -49.59 -5.10 60.33
C GLY E 569 -49.56 -4.49 58.94
N LEU E 570 -49.03 -5.23 57.96
CA LEU E 570 -49.03 -4.84 56.52
C LEU E 570 -50.42 -4.65 56.00
N SER E 571 -50.65 -3.69 55.11
CA SER E 571 -52.00 -3.43 54.57
C SER E 571 -52.00 -3.23 53.05
N GLY E 572 -51.73 -2.01 52.62
CA GLY E 572 -51.56 -1.73 51.22
C GLY E 572 -52.89 -1.33 50.60
N PRO E 573 -53.12 -1.69 49.32
CA PRO E 573 -52.19 -2.45 48.49
C PRO E 573 -50.92 -1.70 48.13
N TYR E 574 -49.83 -2.45 47.91
CA TYR E 574 -48.55 -1.90 47.52
C TYR E 574 -48.35 -2.29 46.07
N ARG E 575 -47.63 -1.46 45.34
CA ARG E 575 -47.28 -1.79 43.98
C ARG E 575 -46.08 -2.74 43.97
N ALA E 576 -46.13 -3.76 43.12
CA ALA E 576 -45.02 -4.67 42.85
C ALA E 576 -44.67 -4.41 41.39
N SER E 577 -43.40 -4.52 41.00
CA SER E 577 -43.02 -3.95 39.73
C SER E 577 -42.24 -4.67 38.70
N GLN E 578 -41.19 -5.37 38.98
CA GLN E 578 -40.42 -5.82 37.80
C GLN E 578 -40.15 -7.30 37.79
N LEU E 579 -40.12 -7.87 38.99
CA LEU E 579 -40.05 -9.27 39.20
C LEU E 579 -41.09 -9.68 40.24
N CYS E 580 -41.77 -10.79 39.99
CA CYS E 580 -42.72 -11.36 40.93
C CYS E 580 -42.52 -12.88 40.92
N GLU E 581 -42.20 -13.44 42.09
CA GLU E 581 -41.97 -14.86 42.24
C GLU E 581 -43.24 -15.57 42.67
N VAL E 582 -43.40 -16.80 42.16
CA VAL E 582 -44.45 -17.69 42.59
C VAL E 582 -43.84 -18.69 43.55
N ILE E 583 -44.33 -18.64 44.79
CA ILE E 583 -43.79 -19.48 45.89
C ILE E 583 -44.86 -20.35 46.54
N HIS E 584 -44.35 -21.36 47.24
CA HIS E 584 -45.21 -22.33 47.90
C HIS E 584 -44.75 -22.40 49.33
N LEU E 585 -45.72 -22.46 50.24
CA LEU E 585 -45.43 -22.52 51.66
C LEU E 585 -44.90 -23.92 52.05
N GLU E 586 -43.89 -23.97 52.90
CA GLU E 586 -43.37 -25.24 53.40
C GLU E 586 -43.05 -25.09 54.87
N GLY E 587 -44.00 -24.60 55.66
CA GLY E 587 -43.77 -24.27 57.06
C GLY E 587 -43.98 -22.81 57.33
N ALA E 588 -43.65 -21.95 56.38
CA ALA E 588 -43.85 -20.52 56.55
C ALA E 588 -45.33 -20.16 56.45
N ALA E 589 -45.69 -19.05 57.08
CA ALA E 589 -47.02 -18.42 57.06
C ALA E 589 -47.02 -17.17 56.18
N ALA E 590 -48.14 -16.93 55.49
CA ALA E 590 -48.24 -15.83 54.54
C ALA E 590 -48.59 -14.51 55.24
N LEU E 591 -47.70 -13.52 55.10
CA LEU E 591 -47.96 -12.16 55.61
C LEU E 591 -48.78 -11.27 54.66
N ALA E 592 -48.64 -11.55 53.36
CA ALA E 592 -49.38 -10.81 52.34
C ALA E 592 -49.49 -11.59 51.05
N THR E 593 -50.48 -11.26 50.23
CA THR E 593 -50.73 -11.98 48.96
C THR E 593 -50.77 -11.06 47.75
N TYR E 594 -50.58 -11.65 46.57
CA TYR E 594 -50.68 -10.91 45.31
C TYR E 594 -52.12 -10.54 44.95
N GLY E 595 -52.34 -9.32 44.49
CA GLY E 595 -53.67 -8.89 44.11
C GLY E 595 -54.09 -9.25 42.69
N ASP E 596 -53.13 -9.58 41.83
CA ASP E 596 -53.38 -9.61 40.38
C ASP E 596 -52.67 -10.70 39.59
N ASP E 597 -52.94 -10.77 38.29
CA ASP E 597 -52.32 -11.76 37.37
C ASP E 597 -52.74 -13.17 37.79
N PHE E 598 -52.23 -14.19 37.08
CA PHE E 598 -52.64 -15.56 37.37
C PHE E 598 -52.25 -16.08 38.73
N TYR E 599 -51.25 -15.47 39.39
CA TYR E 599 -50.85 -15.87 40.76
C TYR E 599 -51.53 -14.99 41.81
N ALA E 600 -52.67 -14.38 41.46
CA ALA E 600 -53.42 -13.56 42.41
C ALA E 600 -53.89 -14.43 43.54
N GLY E 601 -53.83 -13.90 44.75
CA GLY E 601 -54.20 -14.66 45.91
C GLY E 601 -53.12 -15.55 46.44
N ASN E 602 -52.05 -15.81 45.69
CA ASN E 602 -50.93 -16.60 46.22
C ASN E 602 -50.09 -15.80 47.22
N PRO E 603 -49.31 -16.48 48.07
CA PRO E 603 -48.45 -15.76 49.02
C PRO E 603 -47.39 -14.95 48.30
N ALA E 604 -47.22 -13.70 48.74
CA ALA E 604 -46.22 -12.76 48.22
C ALA E 604 -45.18 -12.32 49.25
N VAL E 605 -45.54 -12.37 50.53
CA VAL E 605 -44.67 -12.07 51.67
C VAL E 605 -44.91 -13.12 52.72
N THR E 606 -43.80 -13.67 53.25
CA THR E 606 -43.87 -14.74 54.23
C THR E 606 -42.92 -14.56 55.43
N VAL E 607 -43.29 -15.19 56.54
CA VAL E 607 -42.40 -15.36 57.69
C VAL E 607 -42.32 -16.83 58.10
N ASN E 608 -41.14 -17.24 58.57
CA ASN E 608 -40.92 -18.63 59.01
C ASN E 608 -40.21 -18.73 60.35
N LEU E 609 -40.76 -19.54 61.25
CA LEU E 609 -40.20 -19.73 62.58
C LEU E 609 -39.13 -20.79 62.48
N TYR E 610 -37.92 -20.45 62.89
CA TYR E 610 -36.82 -21.38 62.75
C TYR E 610 -35.94 -21.18 63.97
N GLY E 611 -35.88 -22.21 64.81
CA GLY E 611 -35.23 -22.12 66.13
C GLY E 611 -35.99 -21.10 66.95
N LYS E 612 -35.28 -20.13 67.52
CA LYS E 612 -35.91 -19.00 68.21
C LYS E 612 -36.10 -17.78 67.28
N GLY E 613 -35.56 -17.83 66.06
CA GLY E 613 -35.60 -16.69 65.13
C GLY E 613 -36.64 -16.82 64.06
N GLN E 614 -36.80 -15.74 63.30
CA GLN E 614 -37.77 -15.66 62.23
C GLN E 614 -37.13 -15.19 60.95
N ALA E 615 -37.52 -15.84 59.85
CA ALA E 615 -36.99 -15.56 58.54
C ALA E 615 -38.11 -15.17 57.60
N TYR E 616 -37.94 -13.98 57.01
CA TYR E 616 -38.94 -13.39 56.16
C TYR E 616 -38.51 -13.52 54.70
N TYR E 617 -39.48 -13.68 53.82
CA TYR E 617 -39.20 -13.70 52.39
C TYR E 617 -40.19 -12.85 51.65
N VAL E 618 -39.65 -11.96 50.82
CA VAL E 618 -40.42 -11.02 50.02
C VAL E 618 -40.23 -11.40 48.57
N ALA E 619 -41.32 -11.85 47.95
CA ALA E 619 -41.28 -12.54 46.67
C ALA E 619 -41.35 -11.62 45.45
N SER E 620 -41.64 -10.33 45.67
CA SER E 620 -41.77 -9.36 44.61
C SER E 620 -41.16 -7.99 45.01
N ARG E 621 -40.79 -7.23 43.97
CA ARG E 621 -40.09 -5.96 44.10
C ARG E 621 -41.14 -4.91 44.34
N ASN E 622 -41.21 -4.41 45.56
CA ASN E 622 -42.29 -3.57 45.98
C ASN E 622 -41.89 -2.12 46.18
N ASP E 623 -42.89 -1.25 46.35
CA ASP E 623 -42.66 0.19 46.39
C ASP E 623 -42.12 0.67 47.71
N GLN E 624 -41.77 1.95 47.75
CA GLN E 624 -41.21 2.59 48.93
C GLN E 624 -42.12 2.44 50.16
N GLN E 625 -43.43 2.54 49.94
CA GLN E 625 -44.38 2.46 51.04
C GLN E 625 -44.33 1.10 51.73
N PHE E 626 -44.29 0.05 50.93
CA PHE E 626 -44.11 -1.31 51.44
C PHE E 626 -42.89 -1.40 52.36
N HIS E 627 -41.73 -0.96 51.88
CA HIS E 627 -40.48 -1.03 52.65
C HIS E 627 -40.60 -0.26 53.95
N ALA E 628 -41.21 0.93 53.84
CA ALA E 628 -41.50 1.74 55.02
C ALA E 628 -42.40 1.04 56.07
N ASP E 629 -43.52 0.43 55.63
CA ASP E 629 -44.37 -0.33 56.56
C ASP E 629 -43.66 -1.54 57.14
N PHE E 630 -43.10 -2.34 56.25
CA PHE E 630 -42.38 -3.57 56.63
C PHE E 630 -41.34 -3.30 57.67
N PHE E 631 -40.46 -2.35 57.39
CA PHE E 631 -39.31 -2.17 58.25
C PHE E 631 -39.61 -1.35 59.48
N THR E 632 -40.55 -0.41 59.43
CA THR E 632 -40.92 0.27 60.66
C THR E 632 -41.62 -0.70 61.64
N ALA E 633 -42.51 -1.55 61.12
CA ALA E 633 -43.17 -2.60 61.94
C ALA E 633 -42.18 -3.57 62.53
N LEU E 634 -41.24 -3.99 61.71
CA LEU E 634 -40.22 -4.91 62.15
C LEU E 634 -39.36 -4.25 63.19
N ALA E 635 -38.96 -3.01 62.96
CA ALA E 635 -38.11 -2.29 63.92
C ALA E 635 -38.84 -2.06 65.26
N LYS E 636 -40.11 -1.69 65.20
CA LYS E 636 -40.91 -1.50 66.40
C LYS E 636 -40.99 -2.78 67.24
N GLU E 637 -41.35 -3.87 66.59
CA GLU E 637 -41.41 -5.18 67.23
C GLU E 637 -40.08 -5.58 67.81
N MET E 638 -39.02 -5.44 67.02
CA MET E 638 -37.69 -5.91 67.44
C MET E 638 -37.05 -4.94 68.39
N LYS E 639 -37.64 -3.76 68.57
CA LYS E 639 -37.14 -2.72 69.46
C LYS E 639 -35.71 -2.27 69.13
N LEU E 640 -35.45 -2.14 67.83
CA LEU E 640 -34.13 -1.74 67.35
C LEU E 640 -33.84 -0.33 67.85
N PRO E 641 -32.58 -0.04 68.23
CA PRO E 641 -32.24 1.31 68.67
C PRO E 641 -32.24 2.34 67.51
N ARG E 642 -32.81 3.51 67.78
CA ARG E 642 -32.77 4.66 66.86
C ARG E 642 -31.83 5.75 67.37
N ALA E 643 -31.29 6.55 66.46
CA ALA E 643 -30.51 7.72 66.86
C ALA E 643 -31.34 8.68 67.74
N ILE E 644 -32.61 8.92 67.39
CA ILE E 644 -33.52 9.73 68.22
C ILE E 644 -34.88 9.13 68.33
N ASN E 645 -35.41 9.17 69.53
CA ASN E 645 -36.66 8.55 69.80
C ASN E 645 -37.77 9.55 69.58
N THR E 646 -37.88 10.01 68.34
CA THR E 646 -38.93 10.94 67.90
C THR E 646 -39.24 10.69 66.41
N PRO E 647 -40.43 11.12 65.95
CA PRO E 647 -40.78 10.81 64.56
C PRO E 647 -40.09 11.76 63.63
N LEU E 648 -39.37 11.21 62.65
CA LEU E 648 -38.59 11.99 61.67
C LEU E 648 -39.41 12.19 60.42
N PRO E 649 -39.66 13.43 60.06
CA PRO E 649 -40.44 13.69 58.86
C PRO E 649 -39.75 13.10 57.63
N GLU E 650 -40.52 12.85 56.58
CA GLU E 650 -39.95 12.27 55.36
C GLU E 650 -38.81 13.18 54.88
N GLY E 651 -37.67 12.57 54.59
CA GLY E 651 -36.51 13.31 54.09
C GLY E 651 -35.64 13.92 55.17
N VAL E 652 -36.02 13.68 56.44
CA VAL E 652 -35.16 14.00 57.55
C VAL E 652 -34.67 12.69 58.08
N THR E 653 -33.38 12.62 58.37
CA THR E 653 -32.75 11.40 58.92
C THR E 653 -31.86 11.74 60.13
N ALA E 654 -31.40 10.69 60.81
CA ALA E 654 -30.54 10.87 62.00
C ALA E 654 -29.53 9.74 62.01
N ALA E 655 -28.30 10.09 62.33
CA ALA E 655 -27.21 9.16 62.45
C ALA E 655 -26.54 9.39 63.82
N ARG E 656 -26.01 8.33 64.40
CA ARG E 656 -25.41 8.38 65.73
C ARG E 656 -23.98 7.87 65.73
N ARG E 657 -23.14 8.63 66.40
CA ARG E 657 -21.79 8.17 66.70
C ARG E 657 -21.56 8.27 68.21
N THR E 658 -20.61 7.48 68.71
CA THR E 658 -20.38 7.43 70.15
C THR E 658 -18.93 7.08 70.49
N ASP E 659 -18.40 7.76 71.52
CA ASP E 659 -17.10 7.43 72.12
C ASP E 659 -17.23 6.49 73.34
N GLY E 660 -18.44 6.02 73.62
CA GLY E 660 -18.71 5.24 74.81
C GLY E 660 -19.17 6.11 75.96
N GLU E 661 -18.97 7.42 75.88
CA GLU E 661 -19.35 8.29 76.97
C GLU E 661 -20.45 9.24 76.53
N SER E 662 -20.20 9.94 75.41
CA SER E 662 -21.20 10.79 74.78
C SER E 662 -21.71 10.16 73.50
N GLU E 663 -22.87 10.62 73.07
CA GLU E 663 -23.39 10.34 71.73
C GLU E 663 -23.46 11.62 70.93
N PHE E 664 -23.21 11.53 69.64
CA PHE E 664 -23.33 12.66 68.73
C PHE E 664 -24.35 12.28 67.70
N ILE E 665 -25.46 13.02 67.73
CA ILE E 665 -26.59 12.82 66.84
C ILE E 665 -26.55 13.87 65.72
N PHE E 666 -26.47 13.40 64.48
CA PHE E 666 -26.48 14.25 63.30
C PHE E 666 -27.88 14.20 62.71
N LEU E 667 -28.62 15.28 62.87
CA LEU E 667 -29.92 15.49 62.26
C LEU E 667 -29.71 16.10 60.88
N GLN E 668 -30.28 15.48 59.85
CA GLN E 668 -30.07 15.90 58.46
C GLN E 668 -31.37 16.08 57.69
N ASN E 669 -31.60 17.28 57.15
CA ASN E 669 -32.78 17.57 56.36
C ASN E 669 -32.38 17.67 54.90
N TYR E 670 -32.77 16.69 54.11
CA TYR E 670 -32.45 16.68 52.67
C TYR E 670 -33.56 17.32 51.83
N ASN E 671 -34.63 17.77 52.47
CA ASN E 671 -35.69 18.47 51.77
C ASN E 671 -35.24 19.87 51.40
N ALA E 672 -35.93 20.47 50.46
CA ALA E 672 -35.63 21.85 50.00
C ALA E 672 -36.44 22.92 50.73
N ASP E 673 -37.10 22.57 51.82
CA ASP E 673 -37.77 23.57 52.65
C ASP E 673 -37.51 23.23 54.09
N ASN E 674 -37.93 24.13 54.97
CA ASN E 674 -37.82 23.93 56.41
C ASN E 674 -38.58 22.75 56.96
N GLN E 675 -37.95 22.16 57.96
CA GLN E 675 -38.47 20.99 58.60
C GLN E 675 -38.24 21.14 60.12
N THR E 676 -39.30 20.98 60.92
CA THR E 676 -39.28 21.13 62.39
C THR E 676 -39.58 19.82 63.11
N VAL E 677 -38.69 19.49 64.03
CA VAL E 677 -38.60 18.20 64.67
C VAL E 677 -38.67 18.49 66.17
N ALA E 678 -39.39 17.64 66.91
CA ALA E 678 -39.36 17.67 68.38
C ALA E 678 -38.28 16.73 68.93
N LEU E 679 -37.53 17.24 69.90
CA LEU E 679 -36.53 16.47 70.68
C LEU E 679 -37.09 15.76 71.91
N PRO E 680 -36.93 14.42 72.03
CA PRO E 680 -37.55 13.76 73.17
C PRO E 680 -36.87 14.10 74.50
N GLN E 681 -35.59 14.48 74.47
CA GLN E 681 -34.78 14.72 75.67
C GLN E 681 -34.12 16.06 75.46
N ASP E 682 -33.08 16.33 76.25
CA ASP E 682 -32.30 17.55 76.12
C ASP E 682 -30.90 17.23 75.65
N TYR E 683 -30.40 18.08 74.75
CA TYR E 683 -29.09 17.90 74.13
C TYR E 683 -28.33 19.22 74.14
N GLN E 684 -27.02 19.12 74.03
CA GLN E 684 -26.13 20.28 73.99
C GLN E 684 -25.69 20.52 72.54
N ASP E 685 -25.20 21.73 72.27
CA ASP E 685 -24.67 22.13 70.97
C ASP E 685 -23.13 22.18 71.00
N ILE E 686 -22.46 21.18 70.39
CA ILE E 686 -20.96 21.16 70.31
C ILE E 686 -20.37 22.41 69.67
N VAL E 687 -20.98 22.84 68.58
CA VAL E 687 -20.42 23.89 67.73
C VAL E 687 -20.69 25.24 68.39
N HIS E 688 -21.97 25.59 68.55
CA HIS E 688 -22.36 26.94 68.92
C HIS E 688 -22.44 27.14 70.44
N GLY E 689 -22.41 26.06 71.24
CA GLY E 689 -22.55 26.16 72.71
C GLY E 689 -23.99 26.15 73.24
N GLY E 690 -24.15 25.69 74.50
CA GLY E 690 -25.42 25.71 75.20
C GLY E 690 -26.30 24.54 74.88
N ASN E 691 -27.49 24.57 75.45
CA ASN E 691 -28.49 23.54 75.23
C ASN E 691 -29.38 23.96 74.11
N LEU E 692 -29.77 22.99 73.29
CA LEU E 692 -30.70 23.23 72.22
C LEU E 692 -32.14 23.37 72.75
N PRO E 693 -33.03 24.03 71.98
CA PRO E 693 -34.46 24.06 72.36
C PRO E 693 -35.12 22.69 72.20
N ARG E 694 -36.27 22.50 72.84
CA ARG E 694 -37.02 21.26 72.74
C ARG E 694 -37.55 21.02 71.29
N LYS E 695 -37.57 22.09 70.49
CA LYS E 695 -38.29 22.17 69.22
C LYS E 695 -37.32 22.83 68.26
N LEU E 696 -37.08 22.20 67.11
CA LEU E 696 -35.90 22.56 66.34
C LEU E 696 -36.26 22.56 64.88
N THR E 697 -36.03 23.72 64.27
CA THR E 697 -36.30 23.91 62.86
C THR E 697 -35.01 23.77 62.09
N LEU E 698 -34.90 22.71 61.30
CA LEU E 698 -33.80 22.56 60.39
C LEU E 698 -34.13 23.29 59.10
N PRO E 699 -33.14 24.06 58.62
CA PRO E 699 -33.32 24.73 57.33
C PRO E 699 -33.23 23.75 56.18
N ALA E 700 -33.62 24.23 55.00
CA ALA E 700 -33.53 23.45 53.78
C ALA E 700 -32.07 23.05 53.62
N PHE E 701 -31.85 21.77 53.30
CA PHE E 701 -30.48 21.22 53.26
C PHE E 701 -29.70 21.50 54.54
N GLY E 702 -30.39 21.43 55.67
CA GLY E 702 -29.81 21.76 56.98
C GLY E 702 -29.26 20.55 57.71
N CYS E 703 -28.37 20.80 58.67
CA CYS E 703 -27.80 19.77 59.51
C CYS E 703 -27.55 20.30 60.88
N GLN E 704 -28.07 19.66 61.91
CA GLN E 704 -27.65 20.04 63.26
C GLN E 704 -27.10 18.87 64.06
N ILE E 705 -26.09 19.14 64.87
CA ILE E 705 -25.38 18.10 65.62
C ILE E 705 -25.62 18.22 67.11
N LEU E 706 -26.35 17.25 67.62
CA LEU E 706 -26.80 17.29 68.99
C LEU E 706 -25.85 16.40 69.73
N THR E 707 -25.47 16.79 70.94
CA THR E 707 -24.67 15.90 71.75
C THR E 707 -25.24 15.65 73.14
N ARG E 708 -24.84 14.54 73.73
CA ARG E 708 -25.43 14.16 75.00
C ARG E 708 -24.69 13.03 75.64
N LYS E 709 -24.72 13.00 76.97
CA LYS E 709 -24.09 11.92 77.72
C LYS E 709 -25.04 10.76 77.95
N ILE E 710 -24.53 9.54 77.76
CA ILE E 710 -25.34 8.34 77.74
C ILE E 710 -25.67 7.88 79.18
N THR F 27 -53.93 -36.29 -1.99
CA THR F 27 -55.04 -36.13 -0.97
C THR F 27 -54.59 -35.81 0.48
N LYS F 28 -53.37 -36.24 0.81
CA LYS F 28 -52.80 -36.02 2.13
C LYS F 28 -51.28 -36.18 2.01
N PHE F 29 -50.53 -35.34 2.71
CA PHE F 29 -49.07 -35.41 2.63
C PHE F 29 -48.58 -36.64 3.39
N PRO F 30 -47.42 -37.18 2.96
CA PRO F 30 -46.80 -38.23 3.77
C PRO F 30 -46.35 -37.70 5.14
N LEU F 31 -46.24 -38.59 6.12
CA LEU F 31 -45.68 -38.25 7.42
C LEU F 31 -44.17 -38.19 7.26
N LEU F 32 -43.50 -37.59 8.24
CA LEU F 32 -42.04 -37.49 8.23
C LEU F 32 -41.34 -38.84 8.17
N SER F 33 -41.94 -39.86 8.80
CA SER F 33 -41.42 -41.24 8.81
C SER F 33 -42.52 -42.25 8.48
N SER F 34 -42.11 -43.37 7.89
CA SER F 34 -42.98 -44.55 7.82
C SER F 34 -43.20 -45.13 9.24
N LYS F 35 -42.26 -44.89 10.17
CA LYS F 35 -42.38 -45.35 11.56
C LYS F 35 -43.42 -44.67 12.43
N ILE F 36 -43.71 -43.40 12.15
CA ILE F 36 -44.60 -42.62 13.00
C ILE F 36 -45.99 -42.61 12.45
N SER F 37 -46.96 -42.35 13.34
CA SER F 37 -48.36 -42.41 12.97
C SER F 37 -49.17 -41.18 13.41
N GLY F 38 -48.52 -40.16 13.96
CA GLY F 38 -49.21 -38.95 14.39
C GLY F 38 -48.27 -37.79 14.57
N LEU F 39 -48.72 -36.82 15.35
CA LEU F 39 -47.95 -35.58 15.63
C LEU F 39 -46.80 -35.89 16.55
N LEU F 40 -45.63 -35.34 16.26
CA LEU F 40 -44.48 -35.50 17.16
C LEU F 40 -44.47 -34.39 18.23
N HIS F 41 -43.93 -34.77 19.39
CA HIS F 41 -43.86 -33.88 20.55
C HIS F 41 -42.48 -34.10 21.14
N GLY F 42 -41.69 -33.05 21.30
CA GLY F 42 -40.31 -33.27 21.70
C GLY F 42 -39.43 -32.09 22.07
N ALA F 43 -38.12 -32.29 21.99
CA ALA F 43 -37.21 -31.28 22.49
C ALA F 43 -35.78 -31.51 22.08
N ASP F 44 -35.01 -30.42 22.00
CA ASP F 44 -33.55 -30.52 21.94
C ASP F 44 -33.10 -31.20 23.23
N TYR F 45 -32.21 -32.18 23.11
CA TYR F 45 -31.83 -32.98 24.26
C TYR F 45 -30.32 -33.05 24.33
N ASN F 46 -29.78 -32.68 25.48
CA ASN F 46 -28.34 -32.55 25.67
C ASN F 46 -27.87 -33.44 26.83
N PRO F 47 -28.01 -34.77 26.69
CA PRO F 47 -27.62 -35.68 27.78
C PRO F 47 -26.13 -35.65 28.07
N GLU F 48 -25.31 -35.31 27.08
CA GLU F 48 -23.86 -35.23 27.25
C GLU F 48 -23.37 -34.28 28.35
N GLN F 49 -24.22 -33.35 28.78
CA GLN F 49 -23.88 -32.45 29.86
C GLN F 49 -24.05 -33.13 31.20
N TRP F 50 -24.71 -34.29 31.22
CA TRP F 50 -25.20 -34.96 32.44
C TRP F 50 -24.66 -36.40 32.63
N LEU F 51 -23.55 -36.75 31.96
CA LEU F 51 -23.05 -38.16 31.97
C LEU F 51 -22.51 -38.63 33.33
N ASP F 52 -22.20 -37.68 34.21
CA ASP F 52 -21.85 -37.99 35.60
C ASP F 52 -23.01 -38.33 36.51
N HIS F 53 -24.24 -38.30 36.01
CA HIS F 53 -25.44 -38.60 36.82
C HIS F 53 -26.34 -39.49 35.99
N PRO F 54 -26.06 -40.80 35.99
CA PRO F 54 -26.90 -41.78 35.26
C PRO F 54 -28.38 -41.85 35.74
N ASP F 55 -28.61 -41.55 37.02
CA ASP F 55 -29.97 -41.38 37.55
C ASP F 55 -30.76 -40.28 36.81
N VAL F 56 -30.07 -39.20 36.41
CA VAL F 56 -30.70 -38.12 35.63
C VAL F 56 -31.17 -38.69 34.29
N LEU F 57 -30.28 -39.44 33.63
CA LEU F 57 -30.53 -39.93 32.28
C LEU F 57 -31.65 -40.93 32.21
N VAL F 58 -31.71 -41.79 33.21
CA VAL F 58 -32.83 -42.70 33.43
C VAL F 58 -34.13 -41.95 33.66
N ARG F 59 -34.08 -40.97 34.55
CA ARG F 59 -35.25 -40.12 34.89
C ARG F 59 -35.75 -39.21 33.78
N ASP F 60 -34.80 -38.68 33.00
CA ASP F 60 -35.14 -38.01 31.75
C ASP F 60 -36.17 -38.87 31.00
N VAL F 61 -35.78 -40.10 30.64
CA VAL F 61 -36.59 -40.94 29.77
C VAL F 61 -37.95 -41.23 30.40
N GLU F 62 -37.95 -41.48 31.70
CA GLU F 62 -39.20 -41.71 32.44
C GLU F 62 -40.13 -40.55 32.24
N MET F 63 -39.61 -39.36 32.56
CA MET F 63 -40.38 -38.13 32.41
C MET F 63 -40.78 -37.85 30.97
N MET F 64 -39.89 -38.15 30.01
CA MET F 64 -40.22 -38.01 28.59
C MET F 64 -41.50 -38.77 28.21
N LYS F 65 -41.66 -39.99 28.72
CA LYS F 65 -42.86 -40.76 28.42
C LYS F 65 -44.04 -40.23 29.18
N GLU F 66 -43.80 -39.81 30.40
CA GLU F 66 -44.83 -39.16 31.22
C GLU F 66 -45.43 -37.92 30.57
N ALA F 67 -44.61 -37.17 29.84
CA ALA F 67 -45.08 -35.96 29.14
C ALA F 67 -45.56 -36.22 27.70
N ARG F 68 -45.51 -37.49 27.27
CA ARG F 68 -45.86 -37.86 25.89
C ARG F 68 -45.01 -37.14 24.86
N CYS F 69 -43.71 -37.19 25.08
CA CYS F 69 -42.73 -36.73 24.12
C CYS F 69 -42.21 -37.96 23.39
N ASN F 70 -42.36 -37.98 22.06
CA ASN F 70 -41.92 -39.10 21.23
C ASN F 70 -40.77 -38.76 20.29
N VAL F 71 -40.20 -37.57 20.40
CA VAL F 71 -38.99 -37.22 19.61
C VAL F 71 -38.02 -36.35 20.41
N MET F 72 -36.75 -36.42 20.06
CA MET F 72 -35.74 -35.57 20.64
C MET F 72 -34.72 -35.26 19.58
N SER F 73 -34.19 -34.05 19.60
CA SER F 73 -33.09 -33.73 18.73
C SER F 73 -31.77 -33.93 19.51
N VAL F 74 -30.84 -34.70 18.95
CA VAL F 74 -29.62 -35.13 19.68
C VAL F 74 -28.33 -34.86 18.86
N GLY F 75 -27.29 -34.43 19.56
CA GLY F 75 -25.98 -34.22 18.98
C GLY F 75 -25.70 -32.84 18.43
N ILE F 76 -26.55 -31.86 18.73
CA ILE F 76 -26.46 -30.54 18.11
C ILE F 76 -25.14 -29.83 18.48
N PHE F 77 -24.79 -29.85 19.77
CA PHE F 77 -23.59 -29.18 20.26
C PHE F 77 -22.61 -30.17 20.89
N SER F 78 -22.48 -31.30 20.22
CA SER F 78 -21.77 -32.43 20.79
C SER F 78 -20.38 -32.66 20.23
N TRP F 79 -19.85 -31.72 19.46
CA TRP F 79 -18.62 -32.01 18.75
C TRP F 79 -17.53 -32.40 19.73
N SER F 80 -17.29 -31.57 20.73
CA SER F 80 -16.23 -31.87 21.69
C SER F 80 -16.58 -33.09 22.55
N ALA F 81 -17.86 -33.45 22.64
CA ALA F 81 -18.28 -34.71 23.27
C ALA F 81 -18.09 -35.91 22.37
N LEU F 82 -17.93 -35.69 21.06
CA LEU F 82 -17.68 -36.75 20.09
C LEU F 82 -16.22 -36.88 19.65
N GLU F 83 -15.46 -35.79 19.67
CA GLU F 83 -14.06 -35.78 19.18
C GLU F 83 -13.22 -34.88 20.09
N PRO F 84 -12.99 -35.31 21.35
CA PRO F 84 -12.29 -34.47 22.35
C PRO F 84 -10.82 -34.19 22.06
N GLU F 85 -10.22 -34.99 21.18
CA GLU F 85 -8.95 -34.67 20.53
C GLU F 85 -9.06 -34.96 19.06
N GLU F 86 -8.24 -34.28 18.26
CA GLU F 86 -8.30 -34.42 16.81
C GLU F 86 -8.16 -35.90 16.39
N GLY F 87 -9.09 -36.36 15.54
CA GLY F 87 -9.08 -37.72 15.05
C GLY F 87 -9.58 -38.78 16.03
N ARG F 88 -9.67 -38.47 17.32
CA ARG F 88 -9.96 -39.50 18.31
C ARG F 88 -11.41 -39.36 18.79
N TYR F 89 -12.23 -40.36 18.48
CA TYR F 89 -13.69 -40.30 18.69
C TYR F 89 -14.20 -41.00 19.96
N THR F 90 -15.35 -40.57 20.48
CA THR F 90 -15.95 -41.14 21.72
C THR F 90 -17.48 -41.24 21.60
N PHE F 91 -17.94 -42.21 20.80
CA PHE F 91 -19.37 -42.36 20.46
C PHE F 91 -20.24 -43.13 21.46
N ASP F 92 -19.65 -43.65 22.53
CA ASP F 92 -20.35 -44.63 23.37
C ASP F 92 -21.60 -44.05 24.00
N TRP F 93 -21.46 -42.88 24.63
CA TRP F 93 -22.58 -42.19 25.32
C TRP F 93 -23.77 -41.97 24.38
N MET F 94 -23.48 -41.67 23.11
CA MET F 94 -24.52 -41.53 22.12
C MET F 94 -25.14 -42.88 21.75
N ASP F 95 -24.32 -43.92 21.61
CA ASP F 95 -24.84 -45.30 21.36
C ASP F 95 -25.86 -45.61 22.43
N GLN F 96 -25.47 -45.36 23.68
CA GLN F 96 -26.33 -45.53 24.85
C GLN F 96 -27.65 -44.79 24.74
N VAL F 97 -27.55 -43.51 24.42
CA VAL F 97 -28.68 -42.59 24.40
C VAL F 97 -29.70 -42.95 23.31
N LEU F 98 -29.20 -43.22 22.11
CA LEU F 98 -30.04 -43.66 21.00
C LEU F 98 -30.69 -45.01 21.29
N ASN F 99 -29.99 -45.86 22.04
CA ASN F 99 -30.52 -47.17 22.43
C ASN F 99 -31.65 -47.09 23.44
N ARG F 100 -31.54 -46.24 24.48
CA ARG F 100 -32.68 -46.07 25.41
C ARG F 100 -33.84 -45.34 24.81
N LEU F 101 -33.56 -44.32 24.00
CA LEU F 101 -34.68 -43.59 23.43
C LEU F 101 -35.52 -44.57 22.61
N HIS F 102 -34.86 -45.38 21.78
CA HIS F 102 -35.53 -46.38 20.99
C HIS F 102 -36.29 -47.40 21.82
N GLU F 103 -35.58 -48.03 22.77
CA GLU F 103 -36.19 -49.00 23.67
C GLU F 103 -37.46 -48.42 24.25
N ASN F 104 -37.48 -47.12 24.53
CA ASN F 104 -38.64 -46.45 25.16
C ASN F 104 -39.64 -45.78 24.20
N GLY F 105 -39.59 -46.17 22.91
CA GLY F 105 -40.51 -45.66 21.89
C GLY F 105 -40.38 -44.18 21.65
N ILE F 106 -39.13 -43.68 21.60
CA ILE F 106 -38.84 -42.27 21.33
C ILE F 106 -37.92 -42.20 20.11
N SER F 107 -38.35 -41.45 19.07
CA SER F 107 -37.54 -41.25 17.86
C SER F 107 -36.51 -40.13 18.05
N VAL F 108 -35.62 -39.99 17.07
CA VAL F 108 -34.54 -39.03 17.16
C VAL F 108 -34.29 -38.37 15.83
N PHE F 109 -34.23 -37.04 15.84
CA PHE F 109 -33.54 -36.32 14.80
C PHE F 109 -32.11 -36.25 15.29
N LEU F 110 -31.22 -36.94 14.60
CA LEU F 110 -29.80 -36.86 14.92
C LEU F 110 -29.23 -35.63 14.22
N ALA F 111 -28.49 -34.79 14.95
CA ALA F 111 -27.92 -33.60 14.35
C ALA F 111 -26.51 -33.82 13.85
N THR F 112 -26.08 -33.01 12.89
CA THR F 112 -24.66 -32.84 12.62
C THR F 112 -24.21 -31.72 13.59
N PRO F 113 -22.99 -31.80 14.16
CA PRO F 113 -22.56 -30.89 15.25
C PRO F 113 -21.77 -29.65 14.81
N SER F 114 -21.92 -29.27 13.55
CA SER F 114 -21.19 -28.16 12.96
C SER F 114 -21.55 -26.79 13.50
N GLY F 115 -22.62 -26.66 14.28
CA GLY F 115 -22.94 -25.40 14.96
C GLY F 115 -21.94 -24.86 16.00
N ALA F 116 -21.02 -25.70 16.44
CA ALA F 116 -20.00 -25.29 17.38
C ALA F 116 -18.78 -26.20 17.31
N ARG F 117 -17.69 -25.64 16.76
CA ARG F 117 -16.38 -26.29 16.74
C ARG F 117 -15.82 -26.51 18.15
N PRO F 118 -14.96 -27.52 18.33
CA PRO F 118 -14.23 -27.59 19.59
C PRO F 118 -13.11 -26.56 19.62
N ALA F 119 -12.73 -26.19 20.84
CA ALA F 119 -11.68 -25.24 21.07
C ALA F 119 -10.37 -25.62 20.38
N TRP F 120 -9.99 -26.91 20.44
CA TRP F 120 -8.73 -27.42 19.81
C TRP F 120 -8.65 -27.18 18.31
N MET F 121 -9.80 -27.27 17.64
CA MET F 121 -9.89 -26.97 16.20
C MET F 121 -9.72 -25.47 15.91
N SER F 122 -10.24 -24.60 16.79
CA SER F 122 -10.02 -23.15 16.66
C SER F 122 -8.53 -22.81 16.80
N GLN F 123 -7.91 -23.44 17.80
CA GLN F 123 -6.49 -23.27 18.11
C GLN F 123 -5.57 -23.79 16.99
N LYS F 124 -5.86 -24.97 16.46
CA LYS F 124 -5.01 -25.55 15.46
C LYS F 124 -5.26 -25.01 14.04
N TYR F 125 -6.51 -24.80 13.67
CA TYR F 125 -6.82 -24.28 12.36
C TYR F 125 -7.60 -23.00 12.45
N PRO F 126 -6.91 -21.84 12.66
CA PRO F 126 -7.62 -20.56 12.87
C PRO F 126 -8.48 -20.08 11.69
N GLN F 127 -8.24 -20.64 10.48
CA GLN F 127 -9.05 -20.36 9.31
C GLN F 127 -10.54 -20.77 9.40
N VAL F 128 -10.91 -21.53 10.43
CA VAL F 128 -12.32 -21.87 10.68
C VAL F 128 -13.05 -20.74 11.40
N LEU F 129 -12.32 -19.79 11.99
CA LEU F 129 -12.92 -18.60 12.61
C LEU F 129 -13.21 -17.54 11.57
N ARG F 130 -14.22 -16.71 11.86
CA ARG F 130 -14.70 -15.68 10.92
C ARG F 130 -13.92 -14.38 10.99
N VAL F 131 -13.88 -13.67 9.88
CA VAL F 131 -13.53 -12.26 9.88
C VAL F 131 -14.81 -11.45 9.77
N GLY F 132 -15.01 -10.49 10.71
CA GLY F 132 -16.17 -9.59 10.71
C GLY F 132 -16.25 -8.65 9.52
N ARG F 133 -17.47 -8.14 9.26
CA ARG F 133 -17.74 -7.02 8.34
C ARG F 133 -16.74 -5.89 8.53
N ASP F 134 -16.53 -5.51 9.79
CA ASP F 134 -15.57 -4.44 10.15
C ASP F 134 -14.09 -4.90 10.05
N ARG F 135 -13.88 -6.11 9.52
CA ARG F 135 -12.58 -6.71 9.30
C ARG F 135 -11.84 -7.07 10.60
N VAL F 136 -12.58 -7.14 11.69
CA VAL F 136 -12.03 -7.61 12.94
C VAL F 136 -12.11 -9.14 12.85
N PRO F 137 -10.98 -9.85 13.07
CA PRO F 137 -10.97 -11.34 13.14
C PRO F 137 -11.48 -11.83 14.49
N ALA F 138 -12.42 -12.77 14.44
CA ALA F 138 -13.02 -13.36 15.65
C ALA F 138 -12.01 -14.31 16.35
N LEU F 139 -12.12 -14.38 17.67
CA LEU F 139 -11.44 -15.39 18.43
C LEU F 139 -12.44 -16.55 18.60
N HIS F 140 -11.92 -17.67 19.09
CA HIS F 140 -12.76 -18.80 19.45
C HIS F 140 -13.81 -18.35 20.50
N GLY F 141 -14.97 -19.00 20.45
CA GLY F 141 -16.12 -18.75 21.31
C GLY F 141 -17.46 -18.71 20.57
N GLY F 142 -18.54 -18.59 21.33
CA GLY F 142 -19.86 -18.48 20.75
C GLY F 142 -20.24 -19.70 19.93
N ARG F 143 -21.10 -19.49 18.94
CA ARG F 143 -21.61 -20.56 18.10
C ARG F 143 -21.98 -20.01 16.74
N HIS F 144 -22.27 -20.92 15.80
CA HIS F 144 -22.82 -20.58 14.48
C HIS F 144 -21.94 -19.58 13.73
N ASN F 145 -20.64 -19.60 14.00
CA ASN F 145 -19.76 -18.51 13.57
C ASN F 145 -18.51 -19.03 12.86
N HIS F 146 -18.73 -20.04 12.02
CA HIS F 146 -17.69 -20.66 11.21
C HIS F 146 -17.53 -19.95 9.86
N CYS F 147 -16.30 -19.87 9.37
CA CYS F 147 -16.05 -19.43 7.98
C CYS F 147 -16.53 -20.54 7.02
N MET F 148 -17.34 -20.12 6.06
CA MET F 148 -18.08 -21.06 5.24
C MET F 148 -17.33 -21.44 3.97
N SER F 149 -16.20 -20.77 3.70
CA SER F 149 -15.27 -21.12 2.60
C SER F 149 -14.15 -22.01 3.09
N SER F 150 -13.86 -21.96 4.39
CA SER F 150 -12.77 -22.73 4.99
C SER F 150 -12.77 -24.21 4.56
N PRO F 151 -11.77 -24.60 3.76
CA PRO F 151 -11.64 -26.00 3.34
C PRO F 151 -11.42 -26.97 4.52
N VAL F 152 -10.58 -26.61 5.48
CA VAL F 152 -10.36 -27.42 6.67
C VAL F 152 -11.66 -27.70 7.46
N TYR F 153 -12.49 -26.66 7.68
CA TYR F 153 -13.76 -26.86 8.38
C TYR F 153 -14.76 -27.67 7.57
N ARG F 154 -14.80 -27.46 6.26
CA ARG F 154 -15.66 -28.25 5.39
C ARG F 154 -15.21 -29.72 5.28
N GLU F 155 -13.90 -29.95 5.31
CA GLU F 155 -13.36 -31.30 5.33
C GLU F 155 -13.62 -31.98 6.65
N LYS F 156 -13.46 -31.21 7.74
CA LYS F 156 -13.68 -31.72 9.09
C LYS F 156 -15.16 -32.05 9.34
N VAL F 157 -16.06 -31.28 8.74
CA VAL F 157 -17.48 -31.58 8.77
C VAL F 157 -17.80 -32.79 7.90
N GLN F 158 -17.07 -32.96 6.78
CA GLN F 158 -17.20 -34.19 5.97
C GLN F 158 -16.84 -35.45 6.75
N LEU F 159 -15.73 -35.42 7.48
CA LEU F 159 -15.31 -36.55 8.30
C LEU F 159 -16.31 -36.84 9.38
N MET F 160 -16.61 -35.84 10.20
CA MET F 160 -17.54 -36.02 11.31
C MET F 160 -18.89 -36.53 10.84
N ASN F 161 -19.43 -35.95 9.77
CA ASN F 161 -20.71 -36.39 9.22
C ASN F 161 -20.70 -37.82 8.61
N GLY F 162 -19.56 -38.21 8.00
CA GLY F 162 -19.35 -39.61 7.57
C GLY F 162 -19.35 -40.61 8.73
N GLN F 163 -18.68 -40.26 9.83
CA GLN F 163 -18.68 -41.07 11.04
C GLN F 163 -20.10 -41.28 11.54
N LEU F 164 -20.82 -40.18 11.75
CA LEU F 164 -22.19 -40.24 12.29
C LEU F 164 -23.08 -41.06 11.37
N ALA F 165 -22.90 -40.89 10.07
CA ALA F 165 -23.70 -41.55 9.05
C ALA F 165 -23.46 -43.06 9.05
N LYS F 166 -22.18 -43.42 8.95
CA LYS F 166 -21.80 -44.83 8.88
C LYS F 166 -22.18 -45.56 10.14
N ARG F 167 -22.05 -44.92 11.29
CA ARG F 167 -22.44 -45.54 12.55
C ARG F 167 -23.98 -45.57 12.77
N TYR F 168 -24.71 -44.52 12.38
CA TYR F 168 -26.09 -44.39 12.85
C TYR F 168 -27.14 -44.28 11.78
N ALA F 169 -26.78 -44.20 10.50
CA ALA F 169 -27.80 -44.03 9.44
C ALA F 169 -28.89 -45.11 9.42
N HIS F 170 -28.58 -46.28 9.98
CA HIS F 170 -29.52 -47.37 10.09
C HIS F 170 -30.00 -47.68 11.50
N HIS F 171 -29.66 -46.82 12.46
CA HIS F 171 -30.17 -46.96 13.82
C HIS F 171 -31.69 -46.73 13.87
N PRO F 172 -32.44 -47.68 14.42
CA PRO F 172 -33.92 -47.66 14.36
C PRO F 172 -34.65 -46.47 15.03
N ALA F 173 -33.98 -45.81 15.96
CA ALA F 173 -34.41 -44.53 16.56
C ALA F 173 -34.44 -43.35 15.59
N VAL F 174 -33.47 -43.29 14.68
CA VAL F 174 -33.24 -42.11 13.86
C VAL F 174 -34.29 -41.97 12.76
N ILE F 175 -35.00 -40.84 12.72
CA ILE F 175 -36.02 -40.56 11.68
C ILE F 175 -35.65 -39.43 10.71
N GLY F 176 -34.57 -38.70 11.00
CA GLY F 176 -34.18 -37.59 10.15
C GLY F 176 -32.86 -36.97 10.60
N TRP F 177 -32.33 -36.10 9.74
CA TRP F 177 -31.12 -35.36 10.03
C TRP F 177 -31.37 -33.86 10.34
N HIS F 178 -30.77 -33.38 11.42
CA HIS F 178 -30.85 -32.00 11.87
C HIS F 178 -29.53 -31.36 11.48
N ILE F 179 -29.49 -30.78 10.30
CA ILE F 179 -28.24 -30.25 9.75
C ILE F 179 -27.77 -28.99 10.49
N SER F 180 -26.58 -29.03 11.08
CA SER F 180 -26.03 -27.90 11.86
C SER F 180 -27.03 -27.34 12.91
N ASN F 181 -26.95 -26.06 13.23
CA ASN F 181 -27.97 -25.38 14.03
C ASN F 181 -28.03 -23.89 13.71
N GLU F 182 -29.22 -23.42 13.30
CA GLU F 182 -29.50 -22.02 12.99
C GLU F 182 -28.37 -21.38 12.23
N TYR F 183 -28.20 -21.84 11.00
CA TYR F 183 -27.20 -21.25 10.16
C TYR F 183 -27.46 -19.74 10.15
N GLY F 184 -26.40 -18.93 10.33
CA GLY F 184 -26.47 -17.47 10.32
C GLY F 184 -25.11 -16.77 10.31
N GLY F 185 -25.11 -15.50 9.86
CA GLY F 185 -23.93 -14.64 9.85
C GLY F 185 -23.20 -14.67 8.52
N GLU F 186 -22.09 -13.96 8.46
CA GLU F 186 -21.31 -13.83 7.23
C GLU F 186 -19.80 -13.80 7.55
N CYS F 187 -18.95 -14.19 6.61
CA CYS F 187 -17.51 -14.07 6.79
C CYS F 187 -16.90 -13.20 5.71
N HIS F 188 -15.92 -12.37 6.12
CA HIS F 188 -15.25 -11.42 5.22
C HIS F 188 -13.75 -11.66 5.12
N CYS F 189 -13.30 -12.87 5.46
CA CYS F 189 -11.87 -13.22 5.33
C CYS F 189 -11.45 -13.30 3.87
N ASP F 190 -10.15 -13.29 3.64
CA ASP F 190 -9.62 -13.24 2.25
C ASP F 190 -10.02 -14.43 1.34
N THR F 191 -10.30 -15.56 1.96
CA THR F 191 -10.84 -16.69 1.23
C THR F 191 -12.25 -16.34 0.76
N CYS F 192 -13.09 -15.88 1.68
CA CYS F 192 -14.47 -15.47 1.33
C CYS F 192 -14.55 -14.35 0.27
N GLN F 193 -13.57 -13.46 0.31
CA GLN F 193 -13.42 -12.38 -0.66
C GLN F 193 -13.13 -12.95 -2.03
N GLY F 194 -12.24 -13.93 -2.08
CA GLY F 194 -11.90 -14.61 -3.34
C GLY F 194 -13.09 -15.35 -3.91
N GLN F 195 -13.74 -16.09 -3.01
CA GLN F 195 -14.95 -16.83 -3.34
C GLN F 195 -16.01 -15.87 -3.91
N PHE F 196 -16.14 -14.70 -3.30
CA PHE F 196 -17.06 -13.67 -3.77
C PHE F 196 -16.71 -13.12 -5.17
N ARG F 197 -15.45 -12.80 -5.39
CA ARG F 197 -15.03 -12.32 -6.72
C ARG F 197 -15.35 -13.35 -7.80
N ASP F 198 -15.04 -14.62 -7.52
CA ASP F 198 -15.32 -15.72 -8.47
C ASP F 198 -16.82 -15.82 -8.73
N TRP F 199 -17.62 -15.70 -7.67
CA TRP F 199 -19.08 -15.67 -7.78
C TRP F 199 -19.55 -14.51 -8.67
N LEU F 200 -19.03 -13.31 -8.44
CA LEU F 200 -19.42 -12.14 -9.25
C LEU F 200 -19.00 -12.27 -10.72
N LYS F 201 -17.85 -12.93 -10.96
CA LYS F 201 -17.37 -13.10 -12.33
C LYS F 201 -18.21 -14.10 -13.09
N ALA F 202 -18.68 -15.14 -12.38
CA ALA F 202 -19.54 -16.13 -13.00
C ALA F 202 -20.85 -15.50 -13.36
N ARG F 203 -21.30 -14.57 -12.51
CA ARG F 203 -22.62 -13.96 -12.63
C ARG F 203 -22.69 -12.83 -13.65
N TYR F 204 -21.68 -11.96 -13.73
CA TYR F 204 -21.74 -10.85 -14.71
C TYR F 204 -20.91 -11.11 -15.95
N VAL F 205 -19.86 -11.93 -15.83
CA VAL F 205 -18.99 -12.29 -16.98
C VAL F 205 -17.99 -11.16 -17.33
N THR F 206 -18.49 -9.96 -17.59
CA THR F 206 -17.64 -8.78 -17.76
C THR F 206 -17.80 -7.78 -16.61
N LEU F 207 -16.74 -7.03 -16.40
CA LEU F 207 -16.80 -5.84 -15.57
C LEU F 207 -17.81 -4.83 -16.09
N ASP F 208 -17.82 -4.69 -17.40
CA ASP F 208 -18.82 -3.88 -18.11
C ASP F 208 -20.26 -4.11 -17.60
N ALA F 209 -20.68 -5.36 -17.58
CA ALA F 209 -22.07 -5.68 -17.18
C ALA F 209 -22.30 -5.29 -15.69
N LEU F 210 -21.28 -5.51 -14.86
CA LEU F 210 -21.30 -5.25 -13.42
C LEU F 210 -21.34 -3.75 -13.13
N ASN F 211 -20.44 -3.01 -13.78
CA ASN F 211 -20.42 -1.56 -13.68
C ASN F 211 -21.75 -0.93 -14.10
N LYS F 212 -22.39 -1.44 -15.15
CA LYS F 212 -23.71 -0.96 -15.55
C LYS F 212 -24.81 -1.36 -14.61
N ALA F 213 -24.77 -2.60 -14.13
CA ALA F 213 -25.81 -3.10 -13.21
C ALA F 213 -25.82 -2.33 -11.90
N TRP F 214 -24.64 -1.96 -11.39
CA TRP F 214 -24.52 -1.26 -10.10
C TRP F 214 -24.46 0.26 -10.24
N TRP F 215 -24.41 0.76 -11.49
CA TRP F 215 -24.36 2.20 -11.77
C TRP F 215 -23.13 2.84 -11.08
N SER F 216 -21.97 2.21 -11.28
CA SER F 216 -20.75 2.49 -10.51
C SER F 216 -20.02 3.75 -10.94
N THR F 217 -20.44 4.35 -12.04
CA THR F 217 -19.85 5.61 -12.46
C THR F 217 -20.18 6.73 -11.42
N PHE F 218 -21.34 6.60 -10.78
CA PHE F 218 -21.67 7.37 -9.61
C PHE F 218 -20.52 7.33 -8.61
N TRP F 219 -20.15 8.51 -8.13
CA TRP F 219 -18.95 8.71 -7.26
C TRP F 219 -17.68 8.04 -7.76
N SER F 220 -17.53 7.93 -9.09
CA SER F 220 -16.31 7.40 -9.67
C SER F 220 -15.90 6.05 -9.04
N HIS F 221 -16.85 5.11 -8.97
CA HIS F 221 -16.60 3.79 -8.35
C HIS F 221 -16.37 2.74 -9.40
N THR F 222 -16.18 3.15 -10.66
CA THR F 222 -15.94 2.19 -11.72
C THR F 222 -14.83 1.16 -11.37
N TYR F 223 -15.23 -0.09 -11.37
CA TYR F 223 -14.28 -1.17 -11.18
C TYR F 223 -13.60 -1.50 -12.54
N THR F 224 -12.29 -1.41 -12.58
CA THR F 224 -11.50 -1.71 -13.78
C THR F 224 -10.69 -3.01 -13.68
N ASP F 225 -10.82 -3.74 -12.55
CA ASP F 225 -10.18 -5.02 -12.34
C ASP F 225 -10.91 -5.82 -11.27
N TRP F 226 -11.13 -7.11 -11.53
CA TRP F 226 -11.84 -8.02 -10.61
C TRP F 226 -11.25 -8.03 -9.22
N SER F 227 -9.94 -7.82 -9.11
CA SER F 227 -9.29 -7.77 -7.80
C SER F 227 -9.70 -6.55 -6.95
N GLN F 228 -10.26 -5.51 -7.58
CA GLN F 228 -10.76 -4.34 -6.84
C GLN F 228 -12.07 -4.57 -6.09
N LEU F 229 -12.83 -5.60 -6.44
CA LEU F 229 -14.06 -5.92 -5.72
C LEU F 229 -13.73 -6.43 -4.32
N GLU F 230 -14.60 -6.08 -3.39
CA GLU F 230 -14.42 -6.33 -1.97
C GLU F 230 -15.78 -6.34 -1.30
N SER F 231 -15.96 -7.22 -0.35
CA SER F 231 -17.21 -7.28 0.40
C SER F 231 -17.38 -5.94 1.09
N PRO F 232 -18.62 -5.53 1.38
CA PRO F 232 -18.82 -4.23 2.03
C PRO F 232 -18.12 -4.10 3.38
N SER F 233 -18.00 -2.87 3.86
CA SER F 233 -17.44 -2.62 5.19
C SER F 233 -17.80 -1.20 5.61
N PRO F 234 -17.82 -0.92 6.93
CA PRO F 234 -18.15 0.44 7.40
C PRO F 234 -16.99 1.45 7.19
N GLN F 235 -15.76 0.95 7.10
CA GLN F 235 -14.60 1.81 6.81
C GLN F 235 -14.26 1.87 5.33
N GLY F 236 -14.99 1.10 4.52
CA GLY F 236 -14.68 0.94 3.11
C GLY F 236 -15.85 1.40 2.27
N GLU F 237 -16.55 0.46 1.64
CA GLU F 237 -17.70 0.73 0.79
C GLU F 237 -18.98 0.04 1.28
N ASN F 238 -19.96 0.85 1.62
CA ASN F 238 -21.26 0.30 1.93
C ASN F 238 -22.40 1.21 1.42
N GLY F 239 -22.13 1.95 0.33
CA GLY F 239 -23.12 2.79 -0.38
C GLY F 239 -23.51 2.33 -1.80
N VAL F 240 -22.86 1.26 -2.28
CA VAL F 240 -23.15 0.67 -3.57
C VAL F 240 -24.16 -0.44 -3.30
N HIS F 241 -25.41 -0.17 -3.63
CA HIS F 241 -26.51 -1.09 -3.35
C HIS F 241 -26.43 -2.44 -4.04
N GLY F 242 -25.93 -2.41 -5.27
CA GLY F 242 -25.71 -3.61 -6.05
C GLY F 242 -24.81 -4.57 -5.32
N LEU F 243 -23.74 -4.02 -4.73
CA LEU F 243 -22.75 -4.80 -4.00
C LEU F 243 -23.33 -5.41 -2.73
N ASN F 244 -24.07 -4.59 -1.96
CA ASN F 244 -24.74 -5.08 -0.74
C ASN F 244 -25.75 -6.21 -1.02
N LEU F 245 -26.56 -6.00 -2.06
CA LEU F 245 -27.53 -6.96 -2.50
C LEU F 245 -26.91 -8.26 -2.95
N ASP F 246 -25.85 -8.18 -3.75
CA ASP F 246 -25.23 -9.38 -4.28
C ASP F 246 -24.43 -10.09 -3.21
N TRP F 247 -23.99 -9.33 -2.21
CA TRP F 247 -23.25 -9.91 -1.09
C TRP F 247 -24.18 -10.82 -0.26
N ARG F 248 -25.42 -10.40 -0.10
CA ARG F 248 -26.43 -11.27 0.53
C ARG F 248 -26.83 -12.46 -0.34
N ARG F 249 -26.87 -12.27 -1.65
CA ARG F 249 -27.08 -13.37 -2.56
C ARG F 249 -25.96 -14.43 -2.49
N PHE F 250 -24.73 -13.93 -2.43
CA PHE F 250 -23.55 -14.77 -2.34
C PHE F 250 -23.48 -15.53 -1.01
N ASN F 251 -23.76 -14.87 0.09
CA ASN F 251 -23.91 -15.58 1.36
C ASN F 251 -24.96 -16.66 1.30
N THR F 252 -26.10 -16.40 0.70
CA THR F 252 -27.14 -17.40 0.59
C THR F 252 -26.59 -18.64 -0.14
N ASP F 253 -25.97 -18.40 -1.30
CA ASP F 253 -25.31 -19.47 -2.07
C ASP F 253 -24.25 -20.21 -1.25
N GLN F 254 -23.44 -19.50 -0.48
CA GLN F 254 -22.46 -20.12 0.42
C GLN F 254 -23.08 -21.15 1.37
N VAL F 255 -24.11 -20.71 2.07
CA VAL F 255 -24.71 -21.56 3.08
C VAL F 255 -25.41 -22.73 2.40
N THR F 256 -26.13 -22.41 1.31
CA THR F 256 -26.80 -23.43 0.51
C THR F 256 -25.85 -24.56 0.16
N ARG F 257 -24.71 -24.23 -0.44
CA ARG F 257 -23.73 -25.25 -0.79
CA ARG F 257 -23.66 -25.20 -0.77
C ARG F 257 -23.21 -25.92 0.48
N PHE F 258 -22.89 -25.12 1.49
CA PHE F 258 -22.38 -25.68 2.76
C PHE F 258 -23.31 -26.77 3.31
N CYS F 259 -24.61 -26.48 3.26
CA CYS F 259 -25.62 -27.40 3.74
C CYS F 259 -25.73 -28.65 2.84
N SER F 260 -25.68 -28.49 1.51
CA SER F 260 -25.62 -29.64 0.58
C SER F 260 -24.48 -30.55 0.93
N GLU F 261 -23.30 -29.95 1.11
CA GLU F 261 -22.09 -30.68 1.40
C GLU F 261 -22.19 -31.44 2.70
N GLU F 262 -22.86 -30.83 3.67
CA GLU F 262 -23.20 -31.53 4.92
C GLU F 262 -24.11 -32.72 4.71
N ILE F 263 -25.09 -32.57 3.81
CA ILE F 263 -26.13 -33.57 3.62
C ILE F 263 -25.64 -34.85 2.95
N ARG F 264 -24.74 -34.73 1.97
CA ARG F 264 -24.55 -35.87 1.06
C ARG F 264 -23.87 -37.10 1.64
N PRO F 265 -22.90 -36.93 2.54
CA PRO F 265 -22.37 -38.19 3.10
C PRO F 265 -23.42 -38.93 3.91
N LEU F 266 -24.36 -38.21 4.50
CA LEU F 266 -25.43 -38.81 5.27
C LEU F 266 -26.38 -39.58 4.37
N LYS F 267 -26.68 -39.00 3.21
CA LYS F 267 -27.55 -39.63 2.20
C LYS F 267 -26.86 -40.83 1.55
N ALA F 268 -25.53 -40.72 1.35
CA ALA F 268 -24.71 -41.82 0.86
C ALA F 268 -24.95 -43.11 1.67
N GLU F 269 -25.04 -43.00 3.00
CA GLU F 269 -25.27 -44.17 3.85
C GLU F 269 -26.73 -44.65 3.90
N ASN F 270 -27.68 -43.77 3.59
CA ASN F 270 -29.12 -44.09 3.71
C ASN F 270 -29.94 -42.99 3.04
N PRO F 271 -30.34 -43.24 1.79
CA PRO F 271 -31.01 -42.21 1.01
C PRO F 271 -32.43 -42.00 1.42
N ALA F 272 -32.93 -42.83 2.32
CA ALA F 272 -34.29 -42.72 2.78
C ALA F 272 -34.49 -41.77 3.97
N LEU F 273 -33.43 -41.42 4.71
CA LEU F 273 -33.57 -40.44 5.79
C LEU F 273 -33.66 -39.02 5.23
N PRO F 274 -34.71 -38.27 5.64
CA PRO F 274 -34.87 -36.87 5.26
C PRO F 274 -33.98 -35.94 6.12
N ALA F 275 -33.58 -34.81 5.53
CA ALA F 275 -32.78 -33.80 6.20
C ALA F 275 -33.50 -32.45 6.24
N THR F 276 -33.31 -31.77 7.37
CA THR F 276 -33.72 -30.37 7.56
C THR F 276 -32.61 -29.57 8.24
N THR F 277 -32.81 -28.26 8.27
CA THR F 277 -32.01 -27.37 9.13
C THR F 277 -33.03 -26.40 9.69
N ASN F 278 -32.79 -26.01 10.94
CA ASN F 278 -33.74 -25.12 11.65
C ASN F 278 -33.60 -23.61 11.32
N PHE F 279 -34.69 -23.08 10.80
CA PHE F 279 -34.82 -21.69 10.37
C PHE F 279 -35.22 -20.76 11.51
N MET F 280 -34.97 -19.47 11.34
CA MET F 280 -35.25 -18.47 12.39
C MET F 280 -36.32 -17.47 11.97
N GLU F 281 -36.84 -16.76 12.97
CA GLU F 281 -37.98 -15.83 12.83
C GLU F 281 -37.68 -14.74 11.84
N TYR F 282 -38.48 -14.64 10.77
CA TYR F 282 -38.26 -13.67 9.68
C TYR F 282 -36.77 -13.36 9.37
N PHE F 283 -35.91 -14.39 9.43
CA PHE F 283 -34.47 -14.25 9.39
C PHE F 283 -34.00 -13.53 8.15
N ASN F 284 -33.10 -12.58 8.33
CA ASN F 284 -32.72 -11.64 7.29
C ASN F 284 -31.50 -12.03 6.47
N ASP F 285 -30.56 -12.72 7.07
CA ASP F 285 -29.24 -12.98 6.42
C ASP F 285 -29.29 -13.79 5.11
N TYR F 286 -30.19 -14.79 5.07
CA TYR F 286 -30.29 -15.71 3.94
C TYR F 286 -31.68 -15.79 3.33
N ASP F 287 -31.72 -15.87 2.00
CA ASP F 287 -32.97 -16.13 1.25
C ASP F 287 -33.35 -17.58 1.47
N TYR F 288 -34.31 -17.79 2.36
CA TYR F 288 -34.71 -19.16 2.69
C TYR F 288 -35.31 -19.96 1.50
N TRP F 289 -35.83 -19.27 0.49
CA TRP F 289 -36.38 -19.94 -0.68
C TRP F 289 -35.30 -20.71 -1.38
N LYS F 290 -34.07 -20.22 -1.31
CA LYS F 290 -32.94 -20.90 -1.92
C LYS F 290 -32.46 -22.07 -1.05
N LEU F 291 -32.22 -21.77 0.22
CA LEU F 291 -31.74 -22.77 1.18
C LEU F 291 -32.71 -23.99 1.35
N ALA F 292 -34.01 -23.72 1.23
CA ALA F 292 -35.04 -24.75 1.29
C ALA F 292 -34.91 -25.79 0.16
N GLY F 293 -34.41 -25.37 -1.00
CA GLY F 293 -34.30 -26.25 -2.15
C GLY F 293 -33.44 -27.48 -1.93
N VAL F 294 -32.62 -27.43 -0.89
CA VAL F 294 -31.68 -28.49 -0.60
C VAL F 294 -32.19 -29.38 0.54
N LEU F 295 -33.29 -29.00 1.18
CA LEU F 295 -33.82 -29.73 2.34
C LEU F 295 -34.98 -30.58 1.94
N ASP F 296 -35.22 -31.65 2.69
CA ASP F 296 -36.37 -32.52 2.42
C ASP F 296 -37.63 -31.96 3.03
N PHE F 297 -37.51 -31.43 4.23
CA PHE F 297 -38.63 -30.78 4.92
C PHE F 297 -38.13 -29.58 5.73
N ILE F 298 -39.09 -28.71 6.03
CA ILE F 298 -38.85 -27.41 6.60
C ILE F 298 -39.05 -27.51 8.09
N SER F 299 -38.25 -26.76 8.84
CA SER F 299 -38.40 -26.70 10.28
C SER F 299 -37.94 -25.33 10.75
N TRP F 300 -38.55 -24.79 11.79
CA TRP F 300 -38.13 -23.50 12.35
C TRP F 300 -38.29 -23.33 13.84
N ASP F 301 -37.77 -22.20 14.32
CA ASP F 301 -37.62 -21.91 15.76
C ASP F 301 -38.36 -20.64 16.14
N SER F 302 -39.35 -20.75 17.02
CA SER F 302 -40.25 -19.62 17.32
C SER F 302 -40.25 -19.19 18.78
N TYR F 303 -39.92 -17.94 19.02
CA TYR F 303 -39.92 -17.40 20.36
C TYR F 303 -40.61 -16.04 20.42
N PRO F 304 -41.92 -16.00 20.17
CA PRO F 304 -42.64 -14.75 20.27
C PRO F 304 -42.64 -14.21 21.71
N MET F 305 -42.50 -12.91 21.90
CA MET F 305 -42.54 -12.31 23.24
C MET F 305 -43.96 -12.12 23.75
N TRP F 306 -44.58 -13.24 24.16
CA TRP F 306 -46.00 -13.20 24.56
C TRP F 306 -46.25 -12.33 25.78
N HIS F 307 -47.40 -11.67 25.81
CA HIS F 307 -47.82 -10.88 26.96
C HIS F 307 -46.97 -9.64 27.23
N THR F 308 -46.17 -9.19 26.27
CA THR F 308 -45.34 -7.99 26.47
C THR F 308 -45.94 -6.69 25.89
N ARG F 309 -47.06 -6.76 25.18
CA ARG F 309 -47.71 -5.58 24.58
C ARG F 309 -49.12 -5.48 25.10
N GLN F 310 -49.80 -4.42 24.66
CA GLN F 310 -51.24 -4.18 24.91
C GLN F 310 -52.12 -5.44 24.81
N ASP F 311 -51.86 -6.29 23.82
CA ASP F 311 -52.56 -7.57 23.64
C ASP F 311 -51.65 -8.48 22.82
N ASP F 312 -52.05 -9.74 22.66
CA ASP F 312 -51.23 -10.67 21.90
C ASP F 312 -51.73 -10.96 20.50
N ILE F 313 -52.69 -10.16 20.01
CA ILE F 313 -53.36 -10.44 18.74
C ILE F 313 -52.41 -10.19 17.58
N GLY F 314 -51.86 -9.00 17.50
CA GLY F 314 -50.90 -8.68 16.43
C GLY F 314 -49.74 -9.63 16.38
N LEU F 315 -49.17 -9.89 17.55
CA LEU F 315 -48.09 -10.87 17.65
C LEU F 315 -48.48 -12.30 17.14
N ALA F 316 -49.71 -12.71 17.45
CA ALA F 316 -50.18 -14.02 17.03
C ALA F 316 -50.31 -14.07 15.53
N ALA F 317 -50.86 -13.00 14.95
CA ALA F 317 -51.00 -12.91 13.50
C ALA F 317 -49.66 -12.94 12.80
N TYR F 318 -48.70 -12.23 13.41
CA TYR F 318 -47.34 -12.10 12.90
C TYR F 318 -46.65 -13.46 12.85
N THR F 319 -46.84 -14.23 13.93
CA THR F 319 -46.29 -15.59 14.07
C THR F 319 -46.99 -16.54 13.07
N ALA F 320 -48.31 -16.44 13.03
CA ALA F 320 -49.11 -17.26 12.11
C ALA F 320 -48.68 -17.11 10.69
N MET F 321 -48.40 -15.88 10.28
CA MET F 321 -47.92 -15.63 8.93
C MET F 321 -46.63 -16.38 8.65
N TYR F 322 -45.71 -16.40 9.61
CA TYR F 322 -44.44 -17.06 9.36
C TYR F 322 -44.61 -18.57 9.26
N HIS F 323 -45.47 -19.15 10.11
CA HIS F 323 -45.84 -20.56 10.00
C HIS F 323 -46.29 -20.89 8.57
N ASP F 324 -47.25 -20.12 8.07
CA ASP F 324 -47.76 -20.25 6.71
C ASP F 324 -46.59 -20.19 5.74
N LEU F 325 -45.69 -19.24 5.94
CA LEU F 325 -44.52 -19.14 5.04
C LEU F 325 -43.75 -20.43 5.09
N MET F 326 -43.54 -20.98 6.29
CA MET F 326 -42.74 -22.22 6.44
C MET F 326 -43.40 -23.40 5.74
N ARG F 327 -44.73 -23.46 5.82
CA ARG F 327 -45.51 -24.44 5.08
C ARG F 327 -45.42 -24.20 3.56
N THR F 328 -45.51 -22.93 3.15
CA THR F 328 -45.51 -22.56 1.74
C THR F 328 -44.18 -22.89 1.05
N LEU F 329 -43.06 -22.90 1.78
CA LEU F 329 -41.74 -23.19 1.15
C LEU F 329 -41.68 -24.51 0.39
N LYS F 330 -42.41 -25.51 0.85
CA LYS F 330 -42.60 -26.77 0.11
C LYS F 330 -44.06 -27.07 -0.28
N GLN F 331 -44.70 -26.06 -0.85
CA GLN F 331 -46.05 -26.16 -1.44
C GLN F 331 -47.01 -26.99 -0.59
N GLY F 332 -47.16 -26.58 0.66
CA GLY F 332 -48.18 -27.11 1.52
C GLY F 332 -47.70 -28.21 2.41
N LYS F 333 -46.48 -28.72 2.16
CA LYS F 333 -45.90 -29.81 2.96
C LYS F 333 -45.81 -29.42 4.44
N PRO F 334 -46.26 -30.31 5.34
CA PRO F 334 -46.11 -29.94 6.73
C PRO F 334 -44.65 -29.71 7.14
N PHE F 335 -44.49 -28.94 8.20
CA PHE F 335 -43.17 -28.56 8.69
C PHE F 335 -43.06 -28.93 10.16
N VAL F 336 -41.84 -28.81 10.66
CA VAL F 336 -41.55 -29.11 12.04
C VAL F 336 -41.31 -27.83 12.83
N LEU F 337 -42.02 -27.62 13.92
CA LEU F 337 -41.61 -26.58 14.85
C LEU F 337 -40.47 -27.14 15.70
N MET F 338 -39.25 -26.91 15.22
CA MET F 338 -38.06 -27.54 15.81
C MET F 338 -37.77 -27.01 17.19
N GLU F 339 -38.00 -25.71 17.40
CA GLU F 339 -37.78 -25.05 18.67
C GLU F 339 -38.86 -24.04 19.05
N SER F 340 -39.05 -23.94 20.35
CA SER F 340 -39.98 -23.03 20.99
C SER F 340 -39.66 -23.12 22.47
N THR F 341 -40.26 -22.27 23.31
CA THR F 341 -40.03 -22.37 24.74
C THR F 341 -41.31 -22.81 25.43
N PRO F 342 -41.17 -23.70 26.44
CA PRO F 342 -42.32 -24.06 27.27
C PRO F 342 -42.76 -22.93 28.16
N SER F 343 -41.85 -21.97 28.38
CA SER F 343 -42.17 -20.89 29.30
C SER F 343 -41.52 -19.58 28.80
N PHE F 344 -40.32 -19.26 29.27
CA PHE F 344 -39.64 -18.02 28.90
C PHE F 344 -38.31 -18.37 28.21
N THR F 345 -37.70 -17.32 27.67
CA THR F 345 -36.37 -17.41 27.10
C THR F 345 -35.41 -16.71 28.05
N ASN F 346 -34.14 -16.66 27.64
CA ASN F 346 -33.08 -16.05 28.43
C ASN F 346 -32.45 -14.79 27.80
N TRP F 347 -32.77 -14.52 26.53
CA TRP F 347 -32.08 -13.48 25.73
C TRP F 347 -32.93 -12.24 25.40
N GLN F 348 -34.19 -12.19 25.81
CA GLN F 348 -35.07 -11.07 25.47
C GLN F 348 -35.02 -10.01 26.59
N PRO F 349 -35.54 -8.78 26.34
CA PRO F 349 -35.56 -7.79 27.43
C PRO F 349 -36.26 -8.25 28.71
N THR F 350 -37.31 -9.05 28.55
CA THR F 350 -38.00 -9.65 29.68
C THR F 350 -38.11 -11.12 29.39
N SER F 351 -38.17 -11.91 30.47
CA SER F 351 -38.38 -13.37 30.45
C SER F 351 -39.77 -13.73 31.02
N LYS F 352 -40.79 -13.21 30.34
CA LYS F 352 -42.17 -13.43 30.71
C LYS F 352 -42.57 -14.85 30.66
N LEU F 353 -43.31 -15.24 31.70
CA LEU F 353 -43.98 -16.53 31.76
C LEU F 353 -45.15 -16.53 30.84
N LYS F 354 -45.25 -17.57 30.03
CA LYS F 354 -46.48 -17.87 29.35
C LYS F 354 -47.53 -18.08 30.43
N LYS F 355 -48.64 -17.38 30.32
CA LYS F 355 -49.76 -17.53 31.20
C LYS F 355 -50.40 -18.92 30.98
N PRO F 356 -51.13 -19.43 32.00
CA PRO F 356 -51.86 -20.71 31.88
C PRO F 356 -52.74 -20.83 30.60
N GLY F 357 -52.55 -21.89 29.83
CA GLY F 357 -53.29 -22.07 28.58
C GLY F 357 -52.51 -21.61 27.36
N MET F 358 -51.58 -20.65 27.52
CA MET F 358 -50.81 -20.08 26.38
C MET F 358 -49.80 -21.02 25.73
N HIS F 359 -49.16 -21.83 26.53
CA HIS F 359 -48.28 -22.83 25.95
C HIS F 359 -49.02 -23.78 24.99
N ILE F 360 -50.19 -24.22 25.42
CA ILE F 360 -51.03 -25.05 24.59
C ILE F 360 -51.41 -24.30 23.28
N LEU F 361 -51.89 -23.09 23.45
CA LEU F 361 -52.37 -22.31 22.35
C LEU F 361 -51.29 -22.01 21.35
N SER F 362 -50.16 -21.51 21.84
CA SER F 362 -49.04 -21.22 20.95
C SER F 362 -48.49 -22.45 20.26
N SER F 363 -48.50 -23.60 20.93
CA SER F 363 -48.03 -24.82 20.28
C SER F 363 -49.05 -25.27 19.24
N LEU F 364 -50.34 -25.21 19.60
CA LEU F 364 -51.42 -25.60 18.70
C LEU F 364 -51.54 -24.64 17.52
N GLN F 365 -51.05 -23.42 17.69
CA GLN F 365 -51.05 -22.51 16.57
C GLN F 365 -50.14 -23.04 15.51
N ALA F 366 -48.96 -23.49 15.90
CA ALA F 366 -48.02 -24.11 14.95
C ALA F 366 -48.67 -25.26 14.20
N VAL F 367 -49.38 -26.10 14.94
CA VAL F 367 -50.11 -27.23 14.36
C VAL F 367 -51.17 -26.76 13.37
N ALA F 368 -51.98 -25.81 13.83
CA ALA F 368 -53.07 -25.29 13.02
C ALA F 368 -52.64 -24.80 11.66
N HIS F 369 -51.42 -24.24 11.56
CA HIS F 369 -50.89 -23.69 10.29
C HIS F 369 -49.92 -24.63 9.54
N GLY F 370 -49.82 -25.88 10.01
CA GLY F 370 -49.17 -26.93 9.23
C GLY F 370 -48.03 -27.62 9.92
N ALA F 371 -47.79 -27.37 11.20
CA ALA F 371 -46.74 -28.10 11.91
C ALA F 371 -47.24 -29.49 12.24
N ASP F 372 -46.43 -30.50 11.89
CA ASP F 372 -46.69 -31.90 12.26
C ASP F 372 -45.87 -32.33 13.48
N SER F 373 -45.10 -31.39 14.05
CA SER F 373 -44.32 -31.64 15.28
C SER F 373 -44.24 -30.35 16.07
N VAL F 374 -44.34 -30.49 17.39
CA VAL F 374 -44.16 -29.40 18.31
C VAL F 374 -43.02 -29.75 19.22
N GLN F 375 -41.89 -29.06 19.04
CA GLN F 375 -40.69 -29.29 19.85
C GLN F 375 -40.21 -28.00 20.52
N TYR F 376 -39.47 -28.18 21.61
CA TYR F 376 -39.00 -27.06 22.42
C TYR F 376 -37.51 -26.98 22.43
N PHE F 377 -36.98 -25.82 22.81
CA PHE F 377 -35.58 -25.80 23.11
C PHE F 377 -35.48 -26.23 24.54
N GLN F 378 -34.88 -27.41 24.63
CA GLN F 378 -34.32 -28.01 25.79
C GLN F 378 -35.35 -28.75 26.62
N TRP F 379 -35.03 -30.02 26.75
CA TRP F 379 -35.72 -30.92 27.61
C TRP F 379 -35.44 -30.56 29.08
N ARG F 380 -34.16 -30.37 29.40
CA ARG F 380 -33.72 -30.14 30.77
C ARG F 380 -32.83 -28.94 30.84
N LYS F 381 -33.12 -28.03 31.75
CA LYS F 381 -32.33 -26.83 31.83
C LYS F 381 -30.85 -27.17 32.05
N SER F 382 -29.97 -26.54 31.26
CA SER F 382 -28.54 -26.53 31.55
C SER F 382 -28.27 -25.90 32.90
N ARG F 383 -27.19 -26.32 33.53
CA ARG F 383 -26.96 -25.93 34.91
C ARG F 383 -26.13 -24.64 35.04
N GLY F 384 -25.29 -24.41 34.05
CA GLY F 384 -24.40 -23.25 34.00
C GLY F 384 -24.42 -22.80 32.58
N SER F 385 -23.59 -21.81 32.29
CA SER F 385 -23.55 -21.15 30.96
C SER F 385 -24.86 -20.41 30.57
N CYS F 386 -24.80 -19.68 29.45
CA CYS F 386 -25.73 -18.58 29.21
C CYS F 386 -27.21 -18.93 29.05
N GLU F 387 -27.52 -20.19 28.79
CA GLU F 387 -28.91 -20.60 28.65
C GLU F 387 -29.40 -21.41 29.84
N LYS F 388 -28.77 -21.24 30.98
CA LYS F 388 -29.22 -21.89 32.19
C LYS F 388 -30.60 -21.38 32.66
N PHE F 389 -30.96 -20.11 32.36
CA PHE F 389 -32.31 -19.56 32.63
C PHE F 389 -33.20 -19.43 31.38
N HIS F 390 -33.00 -20.32 30.40
CA HIS F 390 -33.97 -20.48 29.30
C HIS F 390 -34.94 -21.55 29.76
N GLY F 391 -36.19 -21.49 29.30
CA GLY F 391 -37.24 -22.44 29.71
C GLY F 391 -36.94 -23.84 29.20
N ALA F 392 -37.44 -24.84 29.90
CA ALA F 392 -37.32 -26.26 29.50
C ALA F 392 -38.40 -27.05 30.19
N VAL F 393 -38.56 -28.29 29.76
CA VAL F 393 -39.61 -29.10 30.35
C VAL F 393 -39.25 -29.47 31.80
N VAL F 394 -37.95 -29.75 31.98
CA VAL F 394 -37.41 -30.14 33.26
C VAL F 394 -36.61 -28.98 33.86
N ASP F 395 -37.16 -28.42 34.91
CA ASP F 395 -36.54 -27.33 35.63
C ASP F 395 -35.32 -27.85 36.43
N HIS F 396 -34.53 -26.94 37.01
CA HIS F 396 -33.44 -27.28 37.94
C HIS F 396 -33.92 -28.08 39.10
N VAL F 397 -35.18 -27.87 39.47
CA VAL F 397 -35.81 -28.67 40.51
C VAL F 397 -35.80 -30.18 40.23
N GLY F 398 -35.56 -30.60 38.99
CA GLY F 398 -35.30 -32.00 38.66
C GLY F 398 -36.52 -32.87 38.31
N HIS F 399 -37.75 -32.34 38.40
CA HIS F 399 -38.97 -33.12 38.08
C HIS F 399 -39.88 -32.32 37.13
N ILE F 400 -41.06 -32.83 36.77
CA ILE F 400 -42.04 -32.09 35.95
C ILE F 400 -43.40 -31.91 36.64
N ASP F 401 -43.47 -32.14 37.93
CA ASP F 401 -44.61 -31.69 38.72
C ASP F 401 -44.48 -30.21 39.06
N THR F 402 -44.47 -29.39 38.01
CA THR F 402 -44.46 -27.94 38.08
C THR F 402 -45.59 -27.48 37.16
N ARG F 403 -46.09 -26.25 37.32
CA ARG F 403 -47.06 -25.66 36.38
C ARG F 403 -46.68 -25.83 34.91
N VAL F 404 -45.41 -25.57 34.60
CA VAL F 404 -44.86 -25.69 33.24
C VAL F 404 -44.82 -27.14 32.79
N GLY F 405 -44.44 -28.01 33.71
CA GLY F 405 -44.40 -29.43 33.42
C GLY F 405 -45.79 -29.93 33.12
N ARG F 406 -46.72 -29.62 34.01
CA ARG F 406 -48.10 -30.10 33.85
C ARG F 406 -48.79 -29.56 32.60
N GLU F 407 -48.47 -28.32 32.20
CA GLU F 407 -49.01 -27.83 30.92
C GLU F 407 -48.38 -28.52 29.74
N VAL F 408 -47.10 -28.88 29.82
CA VAL F 408 -46.43 -29.62 28.71
C VAL F 408 -47.04 -31.02 28.54
N ALA F 409 -47.13 -31.73 29.66
CA ALA F 409 -47.74 -33.05 29.71
C ALA F 409 -49.19 -33.08 29.17
N GLU F 410 -49.98 -32.09 29.54
CA GLU F 410 -51.34 -31.92 29.04
C GLU F 410 -51.39 -31.65 27.52
N LEU F 411 -50.44 -30.84 27.04
CA LEU F 411 -50.31 -30.62 25.62
C LEU F 411 -49.89 -31.95 24.95
N GLY F 412 -49.04 -32.73 25.61
CA GLY F 412 -48.69 -34.03 25.10
C GLY F 412 -49.91 -34.91 24.85
N SER F 413 -50.82 -34.96 25.82
CA SER F 413 -52.08 -35.68 25.65
C SER F 413 -52.88 -35.20 24.43
N ILE F 414 -53.07 -33.89 24.33
CA ILE F 414 -53.83 -33.29 23.26
C ILE F 414 -53.25 -33.69 21.91
N LEU F 415 -51.93 -33.56 21.79
CA LEU F 415 -51.21 -33.89 20.55
C LEU F 415 -51.35 -35.33 20.14
N SER F 416 -51.23 -36.26 21.09
CA SER F 416 -51.46 -37.66 20.78
C SER F 416 -52.90 -37.84 20.31
N ALA F 417 -53.84 -37.12 20.93
CA ALA F 417 -55.26 -37.16 20.53
C ALA F 417 -55.53 -36.53 19.17
N LEU F 418 -54.56 -35.84 18.60
CA LEU F 418 -54.74 -35.23 17.30
C LEU F 418 -54.04 -35.97 16.17
N ALA F 419 -53.84 -37.28 16.33
CA ALA F 419 -53.09 -38.04 15.34
C ALA F 419 -53.57 -37.86 13.92
N PRO F 420 -54.92 -37.86 13.67
CA PRO F 420 -55.42 -37.72 12.27
C PRO F 420 -54.95 -36.43 11.53
N VAL F 421 -54.60 -35.40 12.29
CA VAL F 421 -54.14 -34.12 11.74
C VAL F 421 -52.81 -34.29 11.02
N ALA F 422 -51.96 -35.18 11.52
CA ALA F 422 -50.67 -35.38 10.93
C ALA F 422 -50.87 -35.63 9.47
N GLY F 423 -50.14 -34.87 8.65
CA GLY F 423 -50.14 -35.02 7.19
C GLY F 423 -51.19 -34.25 6.43
N SER F 424 -52.22 -33.76 7.13
CA SER F 424 -53.31 -33.05 6.52
C SER F 424 -52.83 -31.73 5.89
N ARG F 425 -53.62 -31.16 4.99
CA ARG F 425 -53.25 -30.06 4.12
C ARG F 425 -53.93 -28.77 4.52
N VAL F 426 -53.35 -27.65 4.09
CA VAL F 426 -54.01 -26.35 4.20
C VAL F 426 -54.34 -25.94 2.78
N GLU F 427 -55.60 -25.60 2.52
CA GLU F 427 -56.07 -25.22 1.18
C GLU F 427 -56.35 -23.73 1.19
N ALA F 428 -55.35 -22.98 0.73
CA ALA F 428 -55.43 -21.52 0.67
C ALA F 428 -55.63 -21.08 -0.78
N LYS F 429 -56.66 -20.25 -0.99
CA LYS F 429 -56.87 -19.56 -2.27
C LYS F 429 -56.39 -18.09 -2.25
N VAL F 430 -55.71 -17.69 -1.17
CA VAL F 430 -55.10 -16.38 -1.03
C VAL F 430 -53.59 -16.55 -0.94
N ALA F 431 -52.88 -15.68 -1.65
CA ALA F 431 -51.43 -15.66 -1.62
C ALA F 431 -50.94 -14.27 -1.25
N ILE F 432 -50.05 -14.20 -0.27
CA ILE F 432 -49.28 -12.96 0.06
C ILE F 432 -47.80 -13.13 -0.30
N ILE F 433 -47.26 -12.12 -0.98
CA ILE F 433 -45.86 -12.16 -1.40
C ILE F 433 -44.99 -11.56 -0.33
N PHE F 434 -44.02 -12.37 0.11
CA PHE F 434 -42.92 -11.93 0.97
C PHE F 434 -41.66 -12.32 0.21
N ASP F 435 -40.89 -11.34 -0.23
CA ASP F 435 -39.75 -11.61 -1.10
C ASP F 435 -38.47 -11.09 -0.55
N TRP F 436 -37.50 -11.98 -0.34
CA TRP F 436 -36.24 -11.61 0.32
C TRP F 436 -35.43 -10.62 -0.49
N GLU F 437 -35.35 -10.84 -1.77
CA GLU F 437 -34.52 -9.98 -2.55
C GLU F 437 -35.10 -8.58 -2.54
N SER F 438 -36.40 -8.46 -2.76
CA SER F 438 -37.07 -7.17 -2.69
C SER F 438 -36.83 -6.49 -1.32
N ARG F 439 -37.02 -7.25 -0.26
CA ARG F 439 -36.82 -6.72 1.06
C ARG F 439 -35.39 -6.17 1.24
N TRP F 440 -34.40 -6.97 0.84
CA TRP F 440 -32.98 -6.57 0.89
C TRP F 440 -32.63 -5.26 0.19
N ALA F 441 -33.01 -5.13 -1.06
CA ALA F 441 -32.78 -3.94 -1.83
C ALA F 441 -33.60 -2.76 -1.28
N MET F 442 -34.81 -3.04 -0.78
CA MET F 442 -35.65 -1.96 -0.27
C MET F 442 -35.13 -1.40 1.06
N ASP F 443 -34.63 -2.30 1.92
CA ASP F 443 -34.16 -1.90 3.26
C ASP F 443 -32.81 -1.21 3.15
N ASP F 444 -31.99 -1.64 2.20
CA ASP F 444 -30.69 -1.03 1.96
C ASP F 444 -30.80 0.34 1.31
N ALA F 445 -31.85 0.60 0.57
CA ALA F 445 -31.95 1.85 -0.16
C ALA F 445 -31.92 3.06 0.78
N MET F 446 -31.58 4.22 0.25
CA MET F 446 -31.63 5.44 1.05
C MET F 446 -32.88 6.20 0.64
N GLY F 447 -33.87 6.17 1.52
CA GLY F 447 -35.20 6.63 1.20
C GLY F 447 -36.16 5.50 0.83
N PRO F 448 -37.46 5.75 0.93
CA PRO F 448 -37.98 7.09 1.16
C PRO F 448 -38.32 7.37 2.63
N ARG F 449 -37.86 6.49 3.52
CA ARG F 449 -38.06 6.67 4.94
C ARG F 449 -37.01 5.88 5.79
N ASN F 450 -35.83 6.48 5.91
CA ASN F 450 -34.70 5.90 6.64
C ASN F 450 -35.04 5.64 8.08
N ALA F 451 -35.88 6.49 8.68
CA ALA F 451 -36.42 6.24 10.03
C ALA F 451 -37.06 4.87 10.18
N GLY F 452 -37.63 4.34 9.09
CA GLY F 452 -38.14 2.97 9.08
C GLY F 452 -39.23 2.65 8.06
N LEU F 453 -39.02 1.60 7.27
CA LEU F 453 -40.06 1.04 6.38
C LEU F 453 -40.95 -0.07 7.02
N HIS F 454 -40.41 -0.84 7.97
CA HIS F 454 -41.17 -1.89 8.71
C HIS F 454 -41.87 -2.89 7.78
N TYR F 455 -41.09 -3.52 6.89
CA TYR F 455 -41.62 -4.39 5.84
C TYR F 455 -42.39 -5.58 6.38
N GLU F 456 -41.81 -6.26 7.34
CA GLU F 456 -42.43 -7.47 7.91
C GLU F 456 -43.80 -7.11 8.52
N ASN F 457 -43.82 -6.05 9.30
CA ASN F 457 -45.01 -5.53 9.93
C ASN F 457 -46.10 -5.09 8.97
N THR F 458 -45.70 -4.49 7.85
CA THR F 458 -46.63 -3.98 6.83
C THR F 458 -47.30 -5.18 6.16
N VAL F 459 -46.48 -6.15 5.77
CA VAL F 459 -47.01 -7.37 5.14
C VAL F 459 -47.97 -8.04 6.12
N ALA F 460 -47.56 -8.16 7.38
CA ALA F 460 -48.36 -8.76 8.44
C ALA F 460 -49.62 -7.98 8.68
N ASP F 461 -49.59 -6.67 8.52
CA ASP F 461 -50.84 -5.92 8.65
C ASP F 461 -51.91 -6.32 7.64
N HIS F 462 -51.52 -6.57 6.40
CA HIS F 462 -52.41 -7.09 5.37
C HIS F 462 -52.91 -8.47 5.82
N TYR F 463 -51.98 -9.38 6.08
CA TYR F 463 -52.30 -10.74 6.57
C TYR F 463 -53.35 -10.80 7.68
N ARG F 464 -53.26 -9.90 8.63
CA ARG F 464 -54.10 -9.92 9.79
C ARG F 464 -55.57 -9.80 9.46
N ALA F 465 -55.87 -8.96 8.48
CA ALA F 465 -57.25 -8.75 8.11
C ALA F 465 -57.87 -10.02 7.58
N LEU F 466 -57.06 -10.90 6.99
CA LEU F 466 -57.53 -12.22 6.49
C LEU F 466 -57.58 -13.30 7.56
N TRP F 467 -56.48 -13.41 8.30
CA TRP F 467 -56.37 -14.25 9.47
C TRP F 467 -57.53 -13.96 10.46
N ALA F 468 -57.90 -12.69 10.60
CA ALA F 468 -59.03 -12.32 11.49
C ALA F 468 -60.36 -12.93 11.06
N GLN F 469 -60.48 -13.21 9.77
CA GLN F 469 -61.63 -13.88 9.19
C GLN F 469 -61.45 -15.40 9.03
N GLY F 470 -60.33 -15.97 9.48
CA GLY F 470 -60.08 -17.41 9.30
C GLY F 470 -59.89 -17.87 7.86
N ILE F 471 -59.41 -16.97 7.02
CA ILE F 471 -59.11 -17.28 5.63
C ILE F 471 -57.66 -17.68 5.51
N ALA F 472 -57.42 -18.85 4.94
CA ALA F 472 -56.07 -19.38 4.77
C ALA F 472 -55.25 -18.58 3.74
N VAL F 473 -53.94 -18.50 3.98
CA VAL F 473 -53.00 -17.76 3.15
C VAL F 473 -51.68 -18.52 2.95
N ASP F 474 -51.21 -18.58 1.72
CA ASP F 474 -49.84 -19.00 1.46
C ASP F 474 -48.95 -17.80 1.36
N VAL F 475 -47.77 -17.87 1.95
CA VAL F 475 -46.80 -16.76 1.87
C VAL F 475 -45.70 -17.15 0.86
N ILE F 476 -45.91 -16.70 -0.36
CA ILE F 476 -45.02 -17.03 -1.46
C ILE F 476 -43.99 -15.94 -1.61
N ASN F 477 -42.98 -16.18 -2.43
CA ASN F 477 -42.18 -15.05 -2.96
C ASN F 477 -42.59 -14.77 -4.41
N ALA F 478 -41.90 -13.86 -5.07
CA ALA F 478 -42.37 -13.36 -6.35
C ALA F 478 -42.09 -14.33 -7.49
N ASP F 479 -41.19 -15.28 -7.23
CA ASP F 479 -40.91 -16.37 -8.17
C ASP F 479 -41.93 -17.52 -8.25
N CYS F 480 -42.90 -17.57 -7.31
CA CYS F 480 -43.89 -18.65 -7.26
C CYS F 480 -44.98 -18.51 -8.32
N ASP F 481 -45.52 -19.67 -8.72
CA ASP F 481 -46.58 -19.69 -9.68
C ASP F 481 -47.86 -19.22 -9.02
N LEU F 482 -48.64 -18.40 -9.71
CA LEU F 482 -49.78 -17.71 -9.09
C LEU F 482 -51.14 -18.35 -9.38
N GLN F 483 -51.15 -19.37 -10.24
CA GLN F 483 -52.37 -19.66 -11.01
C GLN F 483 -53.39 -20.48 -10.18
N GLY F 484 -52.92 -21.18 -9.15
CA GLY F 484 -53.80 -21.75 -8.13
C GLY F 484 -54.57 -20.78 -7.22
N TYR F 485 -54.24 -19.49 -7.21
CA TYR F 485 -54.87 -18.55 -6.27
C TYR F 485 -55.93 -17.70 -6.91
N ASP F 486 -56.91 -17.30 -6.12
CA ASP F 486 -57.89 -16.34 -6.58
C ASP F 486 -57.42 -14.95 -6.30
N LEU F 487 -56.63 -14.78 -5.23
CA LEU F 487 -56.23 -13.46 -4.72
C LEU F 487 -54.78 -13.46 -4.33
N VAL F 488 -54.02 -12.55 -4.96
CA VAL F 488 -52.60 -12.35 -4.63
C VAL F 488 -52.38 -10.92 -4.14
N ILE F 489 -51.71 -10.81 -3.00
CA ILE F 489 -51.49 -9.51 -2.37
C ILE F 489 -49.99 -9.31 -2.30
N ALA F 490 -49.51 -8.16 -2.81
CA ALA F 490 -48.08 -7.78 -2.79
C ALA F 490 -47.83 -6.40 -2.10
N PRO F 491 -47.64 -6.40 -0.78
CA PRO F 491 -47.28 -5.18 -0.10
C PRO F 491 -45.86 -4.86 -0.43
N MET F 492 -45.64 -3.60 -0.79
CA MET F 492 -44.31 -3.07 -1.09
C MET F 492 -43.44 -4.06 -1.87
N LEU F 493 -43.89 -4.44 -3.06
CA LEU F 493 -43.09 -5.29 -3.93
C LEU F 493 -42.13 -4.35 -4.68
N TYR F 494 -41.20 -3.80 -3.92
CA TYR F 494 -40.27 -2.79 -4.36
C TYR F 494 -39.50 -3.24 -5.63
N MET F 495 -38.95 -4.45 -5.60
CA MET F 495 -38.27 -5.06 -6.74
C MET F 495 -39.23 -6.00 -7.51
N VAL F 496 -39.39 -5.71 -8.80
CA VAL F 496 -40.11 -6.57 -9.73
C VAL F 496 -39.12 -7.18 -10.76
N ARG F 497 -38.71 -8.43 -10.49
CA ARG F 497 -37.78 -9.15 -11.37
C ARG F 497 -38.42 -9.64 -12.69
N GLU F 498 -37.58 -9.99 -13.65
CA GLU F 498 -38.05 -10.44 -14.96
C GLU F 498 -38.99 -11.59 -14.81
N GLY F 499 -40.12 -11.52 -15.49
CA GLY F 499 -41.12 -12.58 -15.38
C GLY F 499 -42.27 -12.31 -14.43
N VAL F 500 -41.99 -11.57 -13.37
CA VAL F 500 -42.94 -11.36 -12.31
C VAL F 500 -44.12 -10.56 -12.80
N GLY F 501 -43.85 -9.40 -13.39
CA GLY F 501 -44.91 -8.53 -13.88
C GLY F 501 -45.71 -9.20 -14.98
N GLU F 502 -45.04 -10.01 -15.79
CA GLU F 502 -45.75 -10.71 -16.84
C GLU F 502 -46.68 -11.71 -16.22
N ARG F 503 -46.13 -12.54 -15.32
CA ARG F 503 -46.93 -13.51 -14.57
C ARG F 503 -48.08 -12.92 -13.82
N ILE F 504 -47.84 -11.83 -13.08
CA ILE F 504 -48.94 -11.15 -12.35
C ILE F 504 -50.02 -10.74 -13.34
N SER F 505 -49.61 -10.07 -14.40
CA SER F 505 -50.57 -9.56 -15.39
C SER F 505 -51.42 -10.67 -16.02
N ALA F 506 -50.79 -11.80 -16.32
CA ALA F 506 -51.47 -12.99 -16.87
C ALA F 506 -52.51 -13.46 -15.85
N PHE F 507 -52.07 -13.58 -14.60
CA PHE F 507 -52.92 -13.99 -13.49
C PHE F 507 -54.17 -13.15 -13.39
N VAL F 508 -54.03 -11.82 -13.48
CA VAL F 508 -55.21 -10.93 -13.43
C VAL F 508 -56.09 -11.07 -14.66
N GLN F 509 -55.46 -11.04 -15.83
CA GLN F 509 -56.17 -11.18 -17.09
C GLN F 509 -57.07 -12.43 -17.14
N ALA F 510 -56.52 -13.54 -16.67
CA ALA F 510 -57.27 -14.80 -16.55
C ALA F 510 -58.39 -14.81 -15.49
N GLY F 511 -58.66 -13.69 -14.84
CA GLY F 511 -59.66 -13.61 -13.79
C GLY F 511 -59.12 -13.51 -12.35
N GLY F 512 -57.80 -13.45 -12.16
CA GLY F 512 -57.23 -13.33 -10.81
C GLY F 512 -57.52 -11.95 -10.30
N ARG F 513 -57.45 -11.77 -8.97
CA ARG F 513 -57.47 -10.43 -8.37
C ARG F 513 -56.18 -10.11 -7.61
N PHE F 514 -55.64 -8.92 -7.87
CA PHE F 514 -54.30 -8.53 -7.40
C PHE F 514 -54.38 -7.26 -6.56
N VAL F 515 -53.64 -7.22 -5.46
CA VAL F 515 -53.56 -6.03 -4.64
C VAL F 515 -52.12 -5.65 -4.40
N ALA F 516 -51.81 -4.39 -4.67
CA ALA F 516 -50.49 -3.87 -4.45
C ALA F 516 -50.58 -2.54 -3.74
N THR F 517 -49.46 -2.20 -3.11
CA THR F 517 -49.35 -0.98 -2.36
C THR F 517 -48.31 -0.04 -2.99
N TYR F 518 -48.33 1.18 -2.45
CA TYR F 518 -47.23 2.09 -2.49
C TYR F 518 -45.89 1.36 -2.42
N TRP F 519 -44.91 1.94 -3.09
CA TRP F 519 -43.54 1.46 -3.13
C TRP F 519 -43.46 0.07 -3.70
N SER F 520 -44.29 -0.22 -4.70
CA SER F 520 -44.18 -1.43 -5.48
C SER F 520 -43.74 -1.10 -6.93
N GLY F 521 -42.90 -1.96 -7.50
CA GLY F 521 -42.52 -1.80 -8.91
C GLY F 521 -41.63 -0.60 -9.14
N ILE F 522 -40.50 -0.64 -8.44
CA ILE F 522 -39.54 0.46 -8.37
C ILE F 522 -38.21 0.16 -9.06
N VAL F 523 -37.70 -1.04 -8.83
CA VAL F 523 -36.40 -1.44 -9.32
C VAL F 523 -36.40 -2.86 -9.88
N ASN F 524 -35.31 -3.22 -10.56
CA ASN F 524 -35.11 -4.55 -11.12
C ASN F 524 -34.17 -5.36 -10.22
N GLU F 525 -33.65 -6.47 -10.77
CA GLU F 525 -32.73 -7.42 -10.12
C GLU F 525 -31.53 -6.82 -9.38
N THR F 526 -30.96 -5.72 -9.88
CA THR F 526 -29.74 -5.12 -9.30
C THR F 526 -30.00 -3.72 -8.70
N ASP F 527 -31.25 -3.45 -8.42
CA ASP F 527 -31.69 -2.24 -7.75
C ASP F 527 -31.62 -0.99 -8.65
N LEU F 528 -31.70 -1.20 -9.96
CA LEU F 528 -31.83 -0.10 -10.90
C LEU F 528 -33.29 0.30 -11.04
N CYS F 529 -33.56 1.59 -10.84
CA CYS F 529 -34.91 2.10 -11.06
C CYS F 529 -35.44 1.88 -12.48
N PHE F 530 -36.74 1.67 -12.58
CA PHE F 530 -37.45 1.68 -13.84
C PHE F 530 -37.63 3.10 -14.33
N LEU F 531 -37.54 3.27 -15.65
CA LEU F 531 -37.67 4.57 -16.31
C LEU F 531 -39.01 4.80 -16.97
N ASN F 532 -39.88 3.80 -16.97
CA ASN F 532 -41.19 3.95 -17.61
C ASN F 532 -42.30 4.54 -16.69
N GLY F 533 -41.95 5.15 -15.56
CA GLY F 533 -42.94 5.61 -14.58
C GLY F 533 -43.29 4.50 -13.59
N PHE F 534 -43.50 4.91 -12.33
CA PHE F 534 -43.67 3.93 -11.24
C PHE F 534 -45.08 3.47 -11.03
N PRO F 535 -45.27 2.18 -11.28
CA PRO F 535 -45.30 0.90 -10.61
C PRO F 535 -44.58 -0.04 -11.61
N GLY F 536 -43.94 0.53 -12.63
CA GLY F 536 -43.04 -0.20 -13.51
C GLY F 536 -43.74 -1.23 -14.37
N PRO F 537 -43.21 -2.46 -14.39
CA PRO F 537 -43.88 -3.61 -15.03
C PRO F 537 -45.33 -3.94 -14.52
N LEU F 538 -45.80 -3.32 -13.43
CA LEU F 538 -47.18 -3.45 -12.95
C LEU F 538 -48.06 -2.26 -13.35
N ARG F 539 -47.47 -1.26 -14.00
CA ARG F 539 -48.20 -0.06 -14.38
C ARG F 539 -49.41 -0.40 -15.25
N PRO F 540 -49.24 -1.29 -16.26
CA PRO F 540 -50.42 -1.61 -17.09
C PRO F 540 -51.54 -2.23 -16.27
N VAL F 541 -51.20 -3.28 -15.53
CA VAL F 541 -52.20 -4.03 -14.79
C VAL F 541 -52.94 -3.21 -13.73
N LEU F 542 -52.23 -2.30 -13.07
CA LEU F 542 -52.80 -1.47 -12.01
C LEU F 542 -53.53 -0.25 -12.54
N GLY F 543 -53.11 0.20 -13.73
CA GLY F 543 -53.78 1.29 -14.46
C GLY F 543 -53.69 2.64 -13.78
N ILE F 544 -52.55 2.86 -13.12
CA ILE F 544 -52.22 4.11 -12.42
C ILE F 544 -50.77 4.43 -12.64
N TRP F 545 -50.44 5.71 -12.51
CA TRP F 545 -49.05 6.18 -12.45
C TRP F 545 -48.75 6.82 -11.08
N ALA F 546 -47.79 6.23 -10.35
CA ALA F 546 -47.28 6.82 -9.09
C ALA F 546 -46.12 7.79 -9.38
N GLU F 547 -46.43 9.08 -9.29
CA GLU F 547 -45.48 10.13 -9.65
C GLU F 547 -44.40 10.32 -8.59
N GLU F 548 -44.82 10.32 -7.34
CA GLU F 548 -43.95 10.61 -6.24
C GLU F 548 -44.54 10.00 -4.98
N ILE F 549 -43.66 9.76 -4.01
CA ILE F 549 -44.01 9.24 -2.66
C ILE F 549 -43.62 10.27 -1.61
N ASP F 550 -44.53 10.52 -0.69
CA ASP F 550 -44.32 11.49 0.37
C ASP F 550 -43.98 10.70 1.63
N SER F 551 -43.18 11.30 2.51
CA SER F 551 -42.59 10.65 3.69
C SER F 551 -43.02 11.38 4.93
N LEU F 552 -43.56 10.65 5.90
CA LEU F 552 -44.20 11.24 7.08
C LEU F 552 -43.43 10.90 8.36
N THR F 553 -43.27 11.88 9.24
CA THR F 553 -42.66 11.69 10.56
C THR F 553 -43.69 10.94 11.37
N ASP F 554 -43.25 10.41 12.51
CA ASP F 554 -44.10 9.59 13.33
C ASP F 554 -45.17 10.37 14.01
N GLU F 555 -45.04 11.70 14.03
CA GLU F 555 -46.07 12.55 14.59
C GLU F 555 -47.14 12.93 13.53
N GLN F 556 -47.06 12.47 12.28
CA GLN F 556 -47.90 12.96 11.18
C GLN F 556 -48.75 11.88 10.62
N HIS F 557 -49.86 12.28 10.05
CA HIS F 557 -50.78 11.33 9.42
C HIS F 557 -51.66 12.05 8.40
N ASN F 558 -52.30 11.28 7.54
CA ASN F 558 -53.30 11.82 6.63
C ASN F 558 -54.52 10.96 6.90
N SER F 559 -55.56 11.11 6.08
CA SER F 559 -56.75 10.27 6.17
C SER F 559 -57.21 9.81 4.77
N VAL F 560 -57.73 8.59 4.70
CA VAL F 560 -58.32 8.02 3.48
C VAL F 560 -59.81 7.79 3.68
N ALA F 561 -60.62 8.30 2.76
CA ALA F 561 -62.09 8.31 2.87
C ALA F 561 -62.74 7.76 1.58
N GLY F 562 -63.76 6.95 1.77
CA GLY F 562 -64.36 6.20 0.68
C GLY F 562 -65.11 7.12 -0.26
N VAL F 563 -65.02 6.85 -1.56
CA VAL F 563 -65.82 7.54 -2.53
C VAL F 563 -67.25 6.98 -2.48
N GLU F 564 -68.23 7.86 -2.56
CA GLU F 564 -69.62 7.41 -2.47
C GLU F 564 -69.98 6.36 -3.55
N GLY F 565 -70.62 5.28 -3.12
CA GLY F 565 -70.89 4.18 -4.02
C GLY F 565 -69.69 3.38 -4.49
N ASN F 566 -68.59 3.37 -3.75
CA ASN F 566 -67.43 2.58 -4.18
C ASN F 566 -67.73 1.13 -4.00
N ALA F 567 -67.16 0.31 -4.88
CA ALA F 567 -67.42 -1.16 -4.95
C ALA F 567 -67.18 -1.96 -3.67
N LEU F 568 -66.25 -1.48 -2.84
CA LEU F 568 -65.85 -2.20 -1.62
C LEU F 568 -66.57 -1.67 -0.38
N GLY F 569 -67.42 -0.66 -0.54
CA GLY F 569 -68.11 -0.09 0.60
C GLY F 569 -67.17 0.51 1.64
N LEU F 570 -66.00 0.98 1.19
CA LEU F 570 -65.06 1.68 2.05
C LEU F 570 -65.71 3.00 2.52
N SER F 571 -65.39 3.41 3.73
CA SER F 571 -66.02 4.55 4.38
C SER F 571 -64.96 5.44 4.99
N GLY F 572 -64.54 5.15 6.20
CA GLY F 572 -63.58 5.98 6.88
C GLY F 572 -64.16 7.32 7.37
N PRO F 573 -63.33 8.32 7.56
CA PRO F 573 -61.91 8.25 7.26
C PRO F 573 -61.12 7.25 8.07
N TYR F 574 -60.12 6.70 7.40
CA TYR F 574 -59.11 5.85 7.99
C TYR F 574 -57.81 6.63 8.12
N ARG F 575 -56.94 6.20 9.03
CA ARG F 575 -55.71 6.91 9.23
C ARG F 575 -54.63 6.29 8.36
N ALA F 576 -53.81 7.19 7.77
CA ALA F 576 -52.68 6.90 6.88
C ALA F 576 -51.45 7.53 7.50
N SER F 577 -50.35 6.80 7.59
CA SER F 577 -49.15 7.35 8.17
C SER F 577 -47.95 6.84 7.44
N GLN F 578 -46.82 7.49 7.70
CA GLN F 578 -45.50 7.07 7.26
C GLN F 578 -45.19 7.31 5.79
N LEU F 579 -46.01 6.75 4.90
CA LEU F 579 -45.87 6.92 3.47
C LEU F 579 -47.20 7.18 2.78
N CYS F 580 -47.22 8.19 1.87
CA CYS F 580 -48.40 8.51 1.01
C CYS F 580 -47.92 8.81 -0.39
N GLU F 581 -48.39 8.06 -1.39
CA GLU F 581 -48.05 8.32 -2.79
C GLU F 581 -49.10 9.20 -3.47
N VAL F 582 -48.63 10.07 -4.37
CA VAL F 582 -49.53 10.84 -5.20
C VAL F 582 -49.62 10.10 -6.51
N ILE F 583 -50.83 9.64 -6.86
CA ILE F 583 -51.04 8.84 -8.06
C ILE F 583 -51.94 9.49 -9.08
N HIS F 584 -51.91 8.97 -10.30
CA HIS F 584 -52.72 9.46 -11.46
C HIS F 584 -53.44 8.30 -12.15
N LEU F 585 -54.75 8.42 -12.30
CA LEU F 585 -55.57 7.36 -12.90
C LEU F 585 -55.30 7.24 -14.39
N GLU F 586 -55.05 6.03 -14.86
CA GLU F 586 -54.84 5.77 -16.28
C GLU F 586 -55.67 4.59 -16.72
N GLY F 587 -56.97 4.64 -16.40
CA GLY F 587 -57.84 3.46 -16.55
C GLY F 587 -58.46 2.90 -15.28
N ALA F 588 -57.81 3.09 -14.15
CA ALA F 588 -58.36 2.60 -12.90
C ALA F 588 -59.38 3.60 -12.41
N ALA F 589 -60.35 3.18 -11.61
CA ALA F 589 -61.25 4.12 -10.92
C ALA F 589 -60.87 4.25 -9.44
N ALA F 590 -61.20 5.40 -8.88
CA ALA F 590 -60.92 5.67 -7.47
C ALA F 590 -61.97 5.07 -6.54
N LEU F 591 -61.54 4.24 -5.60
CA LEU F 591 -62.39 3.75 -4.49
C LEU F 591 -62.33 4.70 -3.25
N ALA F 592 -61.19 5.37 -3.06
CA ALA F 592 -61.07 6.35 -1.98
C ALA F 592 -60.06 7.47 -2.30
N THR F 593 -60.17 8.54 -1.53
CA THR F 593 -59.33 9.69 -1.69
C THR F 593 -58.72 10.11 -0.35
N TYR F 594 -57.64 10.86 -0.42
CA TYR F 594 -57.03 11.52 0.72
C TYR F 594 -57.97 12.65 1.23
N GLY F 595 -57.91 12.90 2.53
CA GLY F 595 -58.64 13.99 3.16
C GLY F 595 -57.81 15.19 3.54
N ASP F 596 -56.48 15.05 3.54
CA ASP F 596 -55.58 16.11 3.97
C ASP F 596 -54.30 16.31 3.18
N ASP F 597 -53.60 17.41 3.50
CA ASP F 597 -52.33 17.83 2.89
C ASP F 597 -52.55 18.32 1.46
N PHE F 598 -51.50 18.58 0.70
CA PHE F 598 -51.71 19.20 -0.58
C PHE F 598 -52.32 18.26 -1.59
N TYR F 599 -52.22 16.97 -1.34
CA TYR F 599 -52.84 15.98 -2.20
C TYR F 599 -54.27 15.56 -1.71
N ALA F 600 -54.89 16.37 -0.86
CA ALA F 600 -56.26 16.14 -0.44
C ALA F 600 -57.16 16.14 -1.65
N GLY F 601 -58.14 15.24 -1.65
CA GLY F 601 -59.04 15.05 -2.78
C GLY F 601 -58.52 14.12 -3.85
N ASN F 602 -57.23 13.75 -3.83
CA ASN F 602 -56.64 12.87 -4.83
C ASN F 602 -56.93 11.42 -4.56
N PRO F 603 -56.86 10.59 -5.59
CA PRO F 603 -57.07 9.19 -5.39
C PRO F 603 -56.06 8.57 -4.44
N ALA F 604 -56.56 7.80 -3.48
CA ALA F 604 -55.75 7.07 -2.51
C ALA F 604 -55.87 5.54 -2.63
N VAL F 605 -57.02 5.08 -3.10
CA VAL F 605 -57.23 3.66 -3.33
C VAL F 605 -57.92 3.57 -4.68
N THR F 606 -57.54 2.56 -5.45
CA THR F 606 -58.02 2.43 -6.80
C THR F 606 -58.14 0.98 -7.16
N VAL F 607 -58.98 0.75 -8.17
CA VAL F 607 -59.18 -0.58 -8.78
C VAL F 607 -59.19 -0.44 -10.28
N ASN F 608 -58.60 -1.41 -10.93
CA ASN F 608 -58.51 -1.43 -12.38
C ASN F 608 -59.01 -2.72 -12.97
N LEU F 609 -59.75 -2.60 -14.08
CA LEU F 609 -60.26 -3.79 -14.78
C LEU F 609 -59.25 -4.22 -15.81
N TYR F 610 -58.82 -5.46 -15.75
CA TYR F 610 -57.73 -5.91 -16.61
C TYR F 610 -58.00 -7.35 -16.94
N GLY F 611 -58.36 -7.59 -18.22
CA GLY F 611 -58.93 -8.88 -18.66
C GLY F 611 -60.19 -9.15 -17.84
N LYS F 612 -60.31 -10.37 -17.35
CA LYS F 612 -61.45 -10.70 -16.49
C LYS F 612 -61.18 -10.47 -15.02
N GLY F 613 -60.01 -9.91 -14.68
CA GLY F 613 -59.67 -9.65 -13.29
C GLY F 613 -59.75 -8.19 -12.90
N GLN F 614 -59.45 -7.96 -11.63
CA GLN F 614 -59.28 -6.63 -11.08
C GLN F 614 -57.97 -6.58 -10.31
N ALA F 615 -57.25 -5.47 -10.47
CA ALA F 615 -56.04 -5.17 -9.72
C ALA F 615 -56.28 -3.88 -8.93
N TYR F 616 -56.03 -3.95 -7.62
CA TYR F 616 -56.22 -2.82 -6.70
C TYR F 616 -54.87 -2.19 -6.35
N TYR F 617 -54.89 -0.89 -6.09
CA TYR F 617 -53.71 -0.17 -5.61
C TYR F 617 -54.05 0.63 -4.39
N VAL F 618 -53.26 0.47 -3.34
CA VAL F 618 -53.43 1.24 -2.10
C VAL F 618 -52.22 2.17 -1.94
N ALA F 619 -52.46 3.48 -2.03
CA ALA F 619 -51.39 4.47 -2.24
C ALA F 619 -50.67 4.93 -0.98
N SER F 620 -51.25 4.59 0.18
CA SER F 620 -50.72 4.98 1.47
C SER F 620 -50.82 3.84 2.47
N ARG F 621 -49.98 3.94 3.50
CA ARG F 621 -49.97 2.98 4.59
C ARG F 621 -51.09 3.30 5.55
N ASN F 622 -52.07 2.43 5.62
CA ASN F 622 -53.26 2.72 6.38
C ASN F 622 -53.41 1.84 7.62
N ASP F 623 -54.33 2.25 8.49
CA ASP F 623 -54.54 1.59 9.78
C ASP F 623 -55.27 0.23 9.68
N GLN F 624 -55.39 -0.42 10.84
CA GLN F 624 -56.03 -1.74 11.00
C GLN F 624 -57.45 -1.79 10.48
N GLN F 625 -58.21 -0.76 10.81
CA GLN F 625 -59.58 -0.67 10.38
C GLN F 625 -59.77 -0.63 8.84
N PHE F 626 -58.85 0.04 8.13
CA PHE F 626 -58.85 0.05 6.67
C PHE F 626 -58.62 -1.35 6.16
N HIS F 627 -57.60 -2.02 6.66
CA HIS F 627 -57.34 -3.38 6.19
C HIS F 627 -58.54 -4.31 6.41
N ALA F 628 -59.21 -4.12 7.55
CA ALA F 628 -60.39 -4.87 7.94
C ALA F 628 -61.54 -4.66 6.96
N ASP F 629 -61.95 -3.41 6.75
CA ASP F 629 -63.00 -3.08 5.79
C ASP F 629 -62.64 -3.54 4.40
N PHE F 630 -61.44 -3.17 3.96
CA PHE F 630 -60.92 -3.54 2.64
C PHE F 630 -60.97 -5.01 2.36
N PHE F 631 -60.40 -5.83 3.26
CA PHE F 631 -60.30 -7.28 3.05
C PHE F 631 -61.54 -8.09 3.39
N THR F 632 -62.44 -7.57 4.24
CA THR F 632 -63.69 -8.29 4.53
C THR F 632 -64.63 -8.07 3.34
N ALA F 633 -64.67 -6.84 2.84
CA ALA F 633 -65.48 -6.55 1.66
C ALA F 633 -65.03 -7.38 0.47
N LEU F 634 -63.74 -7.37 0.22
CA LEU F 634 -63.18 -8.13 -0.87
C LEU F 634 -63.44 -9.61 -0.69
N ALA F 635 -63.33 -10.11 0.54
CA ALA F 635 -63.56 -11.55 0.78
C ALA F 635 -65.01 -11.98 0.52
N LYS F 636 -65.93 -11.13 0.96
CA LYS F 636 -67.35 -11.31 0.71
C LYS F 636 -67.66 -11.27 -0.76
N GLU F 637 -67.16 -10.25 -1.44
CA GLU F 637 -67.35 -10.16 -2.86
C GLU F 637 -66.74 -11.33 -3.63
N MET F 638 -65.53 -11.74 -3.28
CA MET F 638 -64.87 -12.83 -4.00
C MET F 638 -65.36 -14.20 -3.60
N LYS F 639 -66.08 -14.27 -2.46
CA LYS F 639 -66.58 -15.52 -1.88
C LYS F 639 -65.40 -16.45 -1.56
N LEU F 640 -64.44 -15.92 -0.81
CA LEU F 640 -63.31 -16.72 -0.46
C LEU F 640 -63.73 -17.64 0.68
N PRO F 641 -63.22 -18.89 0.68
CA PRO F 641 -63.56 -19.82 1.74
C PRO F 641 -62.95 -19.43 3.11
N ARG F 642 -63.68 -19.73 4.16
CA ARG F 642 -63.27 -19.43 5.49
C ARG F 642 -63.06 -20.77 6.14
N ALA F 643 -62.38 -20.77 7.27
CA ALA F 643 -62.34 -21.94 8.10
C ALA F 643 -63.75 -22.21 8.68
N ILE F 644 -64.37 -21.20 9.28
CA ILE F 644 -65.74 -21.29 9.80
C ILE F 644 -66.52 -20.16 9.17
N ASN F 645 -67.78 -20.44 8.84
CA ASN F 645 -68.59 -19.46 8.17
C ASN F 645 -69.47 -18.70 9.16
N THR F 646 -68.81 -17.98 10.06
CA THR F 646 -69.47 -17.24 11.13
C THR F 646 -68.63 -15.98 11.34
N PRO F 647 -69.24 -14.91 11.91
CA PRO F 647 -68.40 -13.78 12.34
C PRO F 647 -67.54 -14.13 13.57
N LEU F 648 -66.22 -13.90 13.49
CA LEU F 648 -65.29 -14.15 14.61
C LEU F 648 -65.08 -12.86 15.43
N PRO F 649 -65.12 -12.94 16.76
CA PRO F 649 -64.76 -11.74 17.54
C PRO F 649 -63.30 -11.33 17.33
N GLU F 650 -63.02 -10.08 17.68
CA GLU F 650 -61.67 -9.55 17.60
C GLU F 650 -60.78 -10.39 18.48
N GLY F 651 -59.64 -10.76 17.93
CA GLY F 651 -58.67 -11.57 18.65
C GLY F 651 -58.92 -13.07 18.59
N VAL F 652 -60.04 -13.49 18.00
CA VAL F 652 -60.35 -14.90 17.83
C VAL F 652 -60.14 -15.22 16.39
N THR F 653 -59.43 -16.29 16.12
CA THR F 653 -59.15 -16.68 14.76
C THR F 653 -59.46 -18.16 14.60
N ALA F 654 -59.45 -18.62 13.35
CA ALA F 654 -59.74 -20.01 13.00
C ALA F 654 -58.85 -20.48 11.84
N ALA F 655 -58.25 -21.66 11.98
CA ALA F 655 -57.43 -22.24 10.90
C ALA F 655 -57.93 -23.64 10.57
N ARG F 656 -57.83 -24.02 9.29
CA ARG F 656 -58.40 -25.25 8.78
C ARG F 656 -57.35 -26.11 8.16
N ARG F 657 -57.35 -27.37 8.56
CA ARG F 657 -56.60 -28.40 7.85
C ARG F 657 -57.57 -29.46 7.31
N THR F 658 -57.12 -30.27 6.36
CA THR F 658 -57.99 -31.32 5.80
C THR F 658 -57.14 -32.48 5.27
N ASP F 659 -57.63 -33.70 5.45
CA ASP F 659 -57.05 -34.92 4.87
C ASP F 659 -57.83 -35.37 3.62
N GLY F 660 -58.79 -34.54 3.20
CA GLY F 660 -59.58 -34.79 2.00
C GLY F 660 -60.92 -35.38 2.34
N GLU F 661 -61.10 -35.81 3.59
CA GLU F 661 -62.35 -36.41 4.01
C GLU F 661 -62.93 -35.67 5.20
N SER F 662 -62.12 -35.46 6.22
CA SER F 662 -62.49 -34.56 7.33
C SER F 662 -61.72 -33.24 7.27
N GLU F 663 -62.30 -32.22 7.91
CA GLU F 663 -61.63 -30.96 8.18
C GLU F 663 -61.42 -30.76 9.71
N PHE F 664 -60.26 -30.22 10.08
CA PHE F 664 -59.93 -29.90 11.47
C PHE F 664 -59.83 -28.38 11.63
N ILE F 665 -60.74 -27.82 12.41
CA ILE F 665 -60.82 -26.39 12.59
C ILE F 665 -60.28 -26.02 13.95
N PHE F 666 -59.20 -25.21 13.96
CA PHE F 666 -58.54 -24.73 15.17
C PHE F 666 -59.04 -23.32 15.55
N LEU F 667 -59.98 -23.28 16.49
CA LEU F 667 -60.49 -22.04 17.05
C LEU F 667 -59.56 -21.53 18.14
N GLN F 668 -59.10 -20.30 18.01
CA GLN F 668 -58.04 -19.77 18.86
C GLN F 668 -58.42 -18.38 19.36
N ASN F 669 -58.38 -18.22 20.67
CA ASN F 669 -58.69 -16.95 21.34
C ASN F 669 -57.41 -16.39 21.97
N TYR F 670 -56.84 -15.39 21.31
CA TYR F 670 -55.65 -14.68 21.83
C TYR F 670 -55.98 -13.47 22.76
N ASN F 671 -57.25 -13.29 23.12
CA ASN F 671 -57.61 -12.33 24.12
C ASN F 671 -57.33 -12.92 25.47
N ALA F 672 -57.16 -12.02 26.44
CA ALA F 672 -56.90 -12.38 27.83
C ALA F 672 -58.20 -12.50 28.65
N ASP F 673 -59.36 -12.62 27.98
CA ASP F 673 -60.61 -12.93 28.64
C ASP F 673 -61.50 -13.80 27.77
N ASN F 674 -62.60 -14.27 28.37
CA ASN F 674 -63.55 -15.19 27.72
C ASN F 674 -64.21 -14.60 26.51
N GLN F 675 -64.36 -15.42 25.48
CA GLN F 675 -64.87 -14.97 24.21
C GLN F 675 -65.78 -16.05 23.71
N THR F 676 -66.92 -15.67 23.18
CA THR F 676 -67.98 -16.61 22.78
C THR F 676 -68.24 -16.53 21.28
N VAL F 677 -68.33 -17.70 20.65
CA VAL F 677 -68.50 -17.85 19.20
C VAL F 677 -69.70 -18.75 18.86
N ALA F 678 -70.45 -18.36 17.83
CA ALA F 678 -71.56 -19.17 17.28
C ALA F 678 -71.12 -20.08 16.15
N LEU F 679 -71.27 -21.39 16.32
CA LEU F 679 -70.96 -22.31 15.22
C LEU F 679 -72.18 -22.32 14.27
N PRO F 680 -71.94 -22.23 12.95
CA PRO F 680 -72.97 -22.30 11.93
C PRO F 680 -73.28 -23.74 11.46
N GLN F 681 -72.57 -24.74 12.00
CA GLN F 681 -72.89 -26.16 11.79
C GLN F 681 -72.44 -26.94 12.98
N ASP F 682 -72.52 -28.26 12.88
CA ASP F 682 -72.18 -29.13 13.98
C ASP F 682 -70.86 -29.85 13.76
N TYR F 683 -70.06 -29.88 14.82
CA TYR F 683 -68.76 -30.49 14.81
C TYR F 683 -68.62 -31.39 16.00
N GLN F 684 -67.77 -32.41 15.83
CA GLN F 684 -67.31 -33.25 16.95
C GLN F 684 -66.07 -32.58 17.63
N ASP F 685 -65.89 -32.78 18.94
CA ASP F 685 -64.63 -32.42 19.62
C ASP F 685 -63.66 -33.58 19.46
N ILE F 686 -62.73 -33.46 18.52
CA ILE F 686 -61.74 -34.52 18.27
C ILE F 686 -60.87 -34.85 19.49
N VAL F 687 -60.57 -33.83 20.29
CA VAL F 687 -59.72 -34.01 21.47
C VAL F 687 -60.51 -34.63 22.60
N HIS F 688 -61.60 -33.97 23.01
CA HIS F 688 -62.40 -34.33 24.21
C HIS F 688 -63.59 -35.30 23.98
N GLY F 689 -64.01 -35.49 22.74
CA GLY F 689 -65.05 -36.45 22.38
C GLY F 689 -66.41 -35.81 22.22
N GLY F 690 -67.30 -36.51 21.53
CA GLY F 690 -68.71 -36.12 21.39
C GLY F 690 -68.91 -34.84 20.59
N ASN F 691 -70.17 -34.40 20.51
CA ASN F 691 -70.53 -33.30 19.63
C ASN F 691 -70.51 -32.03 20.40
N LEU F 692 -70.06 -30.96 19.73
CA LEU F 692 -69.89 -29.69 20.39
C LEU F 692 -71.17 -28.87 20.41
N PRO F 693 -71.32 -28.10 21.49
CA PRO F 693 -72.52 -27.29 21.56
C PRO F 693 -72.60 -26.37 20.35
N ARG F 694 -73.69 -25.64 20.26
CA ARG F 694 -73.84 -24.59 19.22
C ARG F 694 -73.23 -23.24 19.45
N LYS F 695 -72.98 -22.95 20.72
CA LYS F 695 -72.17 -21.84 21.11
C LYS F 695 -71.10 -22.39 21.97
N LEU F 696 -70.00 -21.68 21.93
CA LEU F 696 -68.81 -22.15 22.51
C LEU F 696 -68.25 -20.93 23.16
N THR F 697 -67.81 -21.08 24.40
CA THR F 697 -67.02 -20.06 25.04
C THR F 697 -65.62 -20.58 25.13
N LEU F 698 -64.69 -19.79 24.60
CA LEU F 698 -63.30 -20.11 24.70
C LEU F 698 -62.75 -19.36 25.90
N PRO F 699 -62.03 -20.05 26.79
CA PRO F 699 -61.39 -19.30 27.89
C PRO F 699 -60.32 -18.33 27.38
N ALA F 700 -59.78 -17.48 28.24
CA ALA F 700 -58.59 -16.70 27.86
C ALA F 700 -57.51 -17.65 27.35
N PHE F 701 -56.85 -17.26 26.26
CA PHE F 701 -55.78 -18.04 25.62
C PHE F 701 -56.24 -19.48 25.30
N GLY F 702 -57.54 -19.62 25.06
CA GLY F 702 -58.14 -20.91 24.87
C GLY F 702 -58.05 -21.33 23.42
N CYS F 703 -57.98 -22.64 23.20
CA CYS F 703 -57.99 -23.20 21.88
C CYS F 703 -58.97 -24.35 21.92
N GLN F 704 -59.87 -24.45 20.95
CA GLN F 704 -60.69 -25.65 20.75
C GLN F 704 -60.66 -26.21 19.33
N ILE F 705 -60.40 -27.52 19.18
CA ILE F 705 -60.31 -28.15 17.89
C ILE F 705 -61.62 -28.87 17.55
N LEU F 706 -62.22 -28.42 16.45
CA LEU F 706 -63.50 -28.87 15.95
C LEU F 706 -63.24 -29.73 14.73
N THR F 707 -63.93 -30.86 14.62
CA THR F 707 -63.75 -31.69 13.43
C THR F 707 -65.09 -32.04 12.81
N ARG F 708 -65.04 -32.41 11.55
CA ARG F 708 -66.24 -32.67 10.79
C ARG F 708 -65.93 -33.21 9.43
N LYS F 709 -66.85 -34.02 8.87
CA LYS F 709 -66.70 -34.58 7.51
C LYS F 709 -67.27 -33.64 6.46
N ILE F 710 -66.70 -33.68 5.26
CA ILE F 710 -66.94 -32.65 4.24
C ILE F 710 -68.08 -33.07 3.32
ZN ZN G . 9.03 17.75 -15.74
C ACT H . 31.19 19.20 -9.04
O ACT H . 30.63 20.15 -8.46
OXT ACT H . 31.18 19.11 -10.27
CH3 ACT H . 31.89 18.13 -8.25
ZN ZN I . -1.33 -8.61 -25.45
C ACT J . 12.45 -3.17 -43.47
O ACT J . 12.60 -4.35 -43.07
OXT ACT J . 11.36 -2.83 -43.99
CH3 ACT J . 13.56 -2.15 -43.28
ZN ZN K . 9.90 -6.16 2.22
C ACT L . 22.54 -24.69 -6.06
O ACT L . 21.53 -24.84 -5.33
OXT ACT L . 23.47 -23.92 -5.74
CH3 ACT L . 22.71 -25.46 -7.33
ZN ZN M . -3.17 11.17 6.38
C ACT N . -24.23 16.16 -2.20
O ACT N . -24.42 16.97 -1.29
OXT ACT N . -23.18 16.23 -2.91
CH3 ACT N . -25.32 15.15 -2.35
ZN ZN O . -1.53 -6.54 30.44
C ACT P . -11.50 13.29 39.76
O ACT P . -11.75 12.28 40.46
OXT ACT P . -10.35 13.77 39.60
CH3 ACT P . -12.69 13.89 39.10
ZN ZN Q . -14.29 -16.67 5.44
C ACT R . -31.48 -21.57 20.73
O ACT R . -30.81 -22.58 20.38
OXT ACT R . -31.99 -20.77 19.91
CH3 ACT R . -31.71 -21.29 22.18
#